data_8AS0
#
_entry.id   8AS0
#
_cell.length_a   81.195
_cell.length_b   187.092
_cell.length_c   190.845
_cell.angle_alpha   90.00
_cell.angle_beta   90.24
_cell.angle_gamma   90.00
#
_symmetry.space_group_name_H-M   'P 1 21 1'
#
loop_
_entity.id
_entity.type
_entity.pdbx_description
1 polymer 'D12 antibody light chain, Fab fragment'
2 polymer 'D12 antibody heavy chain, Fab fragment'
3 polymer 'Programmed cell death protein 1'
4 branched alpha-D-mannopyranose-(1-3)-beta-D-mannopyranose-(1-4)-2-acetamido-2-deoxy-beta-D-glucopyranose-(1-4)-2-acetamido-2-deoxy-beta-D-glucopyranose
5 branched beta-D-mannopyranose-(1-4)-2-acetamido-2-deoxy-beta-D-glucopyranose-(1-4)-[alpha-L-fucopyranose-(1-6)]2-acetamido-2-deoxy-beta-D-glucopyranose
6 branched 2-acetamido-2-deoxy-beta-D-glucopyranose-(1-4)-[alpha-L-fucopyranose-(1-6)]2-acetamido-2-deoxy-beta-D-glucopyranose
7 branched 2-acetamido-2-deoxy-beta-D-glucopyranose-(1-4)-2-acetamido-2-deoxy-beta-D-glucopyranose
8 branched beta-D-mannopyranose-(1-3)-2-acetamido-2-deoxy-beta-D-glucopyranose-(1-4)-[alpha-L-fucopyranose-(1-6)]2-acetamido-2-deoxy-beta-D-glucopyranose
9 branched alpha-L-fucopyranose-(1-6)-2-acetamido-2-deoxy-beta-D-glucopyranose
10 branched alpha-D-mannopyranose-(1-3)-[alpha-D-mannopyranose-(1-6)]beta-D-mannopyranose-(1-3)-2-acetamido-2-deoxy-beta-D-glucopyranose-(1-4)-[alpha-L-fucopyranose-(1-6)]2-acetamido-2-deoxy-beta-D-glucopyranose
11 non-polymer 2-acetamido-2-deoxy-beta-D-glucopyranose
#
loop_
_entity_poly.entity_id
_entity_poly.type
_entity_poly.pdbx_seq_one_letter_code
_entity_poly.pdbx_strand_id
1 'polypeptide(L)'
;DIQMTQSPSSLSASVGDRVTITCRASQSISSYLNWYQQKPGKAPKLLIYAASSLQSGVPSRFSGSGSGTDFTLTISSLQP
EDFATYYCQQDYGLPFTFGQGTKVEIKRTVAAPSVFIFPPSDEQLKSGTASVVCLLNNFYPREAKVQWKVDNALQSGNSQ
ESVTEQDSKDSTYSLSSTLTLSKADYEKHKVYACEVTHQGLSSPVTKSFNRGEC
;
C,D,G,J,M,P,V,S
2 'polypeptide(L)'
;EVQLLESGGGLVQPGGSLRLSCAASGFTFSSYAMSWVRQAPGKGLEWVSAISGSGGSTYYADSVKGRFTISRDNSKNTLY
LQMNSLRAEDTAVYYCAKSYNHPMFDYWGQGTLVTVSSASTKGPSVFPLAPSSKSTSGGTAALGCLVKDYFPEPVTVSWN
SGALTSGVHTFPAVLQSSGLYSLSSVVTVPSSSLGTQTYICNVNHKPSNTKVDKKVEPKSCDKTH
;
B,E,H,K,N,Q,W,T
3 'polypeptide(L)'
;FLDSPDRPWNPPTFSPALLVVTEGDNATFTCSFSNTSESFVLNWYRMSPSNQTDKLAAFPEDRSQPGQDCRFRVTQLPNG
RDFHMSVVRARRNDSGTYLCGAISLAPKAQIKESLRAELRVTERRAEVPTAHPSPSPRPAGQFQTLVGLNDIFEAQKIEW
HEHHHHHH
;
A,F,I,L,O,R,X,Y
#
loop_
_chem_comp.id
_chem_comp.type
_chem_comp.name
_chem_comp.formula
BMA D-saccharide, beta linking beta-D-mannopyranose 'C6 H12 O6'
FUC L-saccharide, alpha linking alpha-L-fucopyranose 'C6 H12 O5'
MAN D-saccharide, alpha linking alpha-D-mannopyranose 'C6 H12 O6'
NAG D-saccharide, beta linking 2-acetamido-2-deoxy-beta-D-glucopyranose 'C8 H15 N O6'
#
# COMPACT_ATOMS: atom_id res chain seq x y z
N ASP A 1 4.14 -26.71 10.59
CA ASP A 1 4.64 -25.93 11.72
C ASP A 1 3.92 -26.34 13.00
N ILE A 2 4.41 -25.86 14.14
CA ILE A 2 3.75 -26.07 15.42
C ILE A 2 2.81 -24.89 15.63
N GLN A 3 1.54 -25.08 15.29
CA GLN A 3 0.57 -24.00 15.35
C GLN A 3 0.33 -23.59 16.80
N MET A 4 0.52 -22.31 17.10
CA MET A 4 0.31 -21.76 18.44
C MET A 4 -0.95 -20.91 18.46
N THR A 5 -1.94 -21.35 19.24
CA THR A 5 -3.16 -20.60 19.47
C THR A 5 -3.19 -20.18 20.93
N GLN A 6 -3.47 -18.91 21.19
CA GLN A 6 -3.32 -18.32 22.51
C GLN A 6 -4.65 -17.71 22.91
N SER A 7 -5.22 -18.17 24.03
CA SER A 7 -6.54 -17.78 24.45
C SER A 7 -6.51 -17.26 25.88
N PRO A 8 -7.19 -16.15 26.16
CA PRO A 8 -8.00 -15.36 25.22
C PRO A 8 -7.13 -14.39 24.42
N SER A 9 -7.73 -13.61 23.52
CA SER A 9 -6.96 -12.60 22.79
C SER A 9 -6.76 -11.35 23.63
N SER A 10 -7.75 -10.98 24.44
CA SER A 10 -7.63 -9.86 25.35
C SER A 10 -8.41 -10.17 26.62
N LEU A 11 -8.09 -9.44 27.68
CA LEU A 11 -8.78 -9.62 28.95
C LEU A 11 -8.59 -8.38 29.81
N SER A 12 -9.55 -8.12 30.67
CA SER A 12 -9.55 -6.96 31.56
C SER A 12 -9.84 -7.42 32.98
N ALA A 13 -8.95 -7.11 33.91
CA ALA A 13 -9.11 -7.46 35.31
C ALA A 13 -8.60 -6.30 36.17
N SER A 14 -9.11 -6.23 37.39
CA SER A 14 -8.73 -5.15 38.30
C SER A 14 -7.47 -5.53 39.06
N VAL A 15 -7.01 -4.61 39.91
CA VAL A 15 -5.78 -4.83 40.66
C VAL A 15 -5.99 -5.93 41.69
N GLY A 16 -5.15 -6.95 41.63
CA GLY A 16 -5.22 -8.05 42.57
C GLY A 16 -6.02 -9.24 42.12
N ASP A 17 -6.34 -9.33 40.83
CA ASP A 17 -7.15 -10.42 40.31
C ASP A 17 -6.26 -11.49 39.67
N ARG A 18 -6.71 -12.75 39.77
CA ARG A 18 -6.01 -13.86 39.15
C ARG A 18 -6.40 -13.93 37.69
N VAL A 19 -5.44 -13.70 36.80
CA VAL A 19 -5.67 -13.79 35.36
C VAL A 19 -5.08 -15.09 34.85
N THR A 20 -5.68 -15.62 33.79
CA THR A 20 -5.27 -16.90 33.23
C THR A 20 -5.22 -16.79 31.72
N ILE A 21 -4.08 -17.17 31.14
CA ILE A 21 -3.87 -17.15 29.70
C ILE A 21 -3.50 -18.57 29.26
N THR A 22 -4.21 -19.07 28.25
CA THR A 22 -4.03 -20.43 27.77
C THR A 22 -3.25 -20.42 26.46
N CYS A 23 -2.18 -21.21 26.40
CA CYS A 23 -1.41 -21.41 25.18
C CYS A 23 -1.57 -22.85 24.73
N ARG A 24 -2.08 -23.04 23.51
CA ARG A 24 -2.36 -24.36 22.96
C ARG A 24 -1.53 -24.58 21.69
N ALA A 25 -0.82 -25.70 21.65
CA ALA A 25 0.07 -26.02 20.55
C ALA A 25 -0.53 -27.11 19.67
N SER A 26 -0.19 -27.05 18.38
CA SER A 26 -0.61 -28.11 17.46
C SER A 26 0.01 -29.44 17.84
N GLN A 27 1.34 -29.50 17.83
CA GLN A 27 2.09 -30.67 18.25
C GLN A 27 2.61 -30.45 19.66
N SER A 28 2.93 -31.56 20.34
CA SER A 28 3.48 -31.45 21.68
C SER A 28 4.91 -30.92 21.62
N ILE A 29 5.22 -30.00 22.53
CA ILE A 29 6.51 -29.33 22.57
C ILE A 29 7.29 -29.69 23.85
N SER A 30 6.91 -30.79 24.49
CA SER A 30 7.53 -31.25 25.74
C SER A 30 7.39 -30.15 26.77
N SER A 31 8.48 -29.60 27.33
CA SER A 31 8.41 -28.47 28.24
C SER A 31 9.04 -27.22 27.64
N TYR A 32 9.24 -27.21 26.32
CA TYR A 32 9.96 -26.14 25.65
C TYR A 32 8.96 -25.05 25.26
N LEU A 33 8.57 -24.25 26.26
CA LEU A 33 7.70 -23.10 26.02
C LEU A 33 8.11 -21.96 26.92
N ASN A 34 8.07 -20.76 26.37
CA ASN A 34 8.50 -19.56 27.07
C ASN A 34 7.42 -18.49 26.97
N TRP A 35 7.33 -17.67 28.00
CA TRP A 35 6.38 -16.56 28.05
C TRP A 35 7.14 -15.24 28.01
N TYR A 36 6.59 -14.27 27.29
CA TYR A 36 7.25 -12.99 27.08
C TYR A 36 6.30 -11.84 27.36
N GLN A 37 6.81 -10.82 28.05
CA GLN A 37 6.07 -9.60 28.33
C GLN A 37 6.54 -8.51 27.38
N GLN A 38 5.62 -7.96 26.59
CA GLN A 38 5.92 -6.85 25.69
C GLN A 38 5.02 -5.67 26.09
N LYS A 39 5.56 -4.75 26.88
CA LYS A 39 4.87 -3.51 27.14
C LYS A 39 4.75 -2.71 25.84
N PRO A 40 3.74 -1.85 25.72
CA PRO A 40 3.51 -1.16 24.44
C PRO A 40 4.69 -0.28 24.06
N GLY A 41 5.11 -0.41 22.81
CA GLY A 41 6.24 0.36 22.31
C GLY A 41 7.57 0.01 22.96
N LYS A 42 7.76 -1.23 23.36
CA LYS A 42 8.99 -1.68 24.01
C LYS A 42 9.35 -3.07 23.50
N ALA A 43 10.55 -3.52 23.88
CA ALA A 43 11.01 -4.84 23.53
C ALA A 43 10.38 -5.90 24.43
N PRO A 44 10.26 -7.14 23.96
CA PRO A 44 9.71 -8.20 24.80
C PRO A 44 10.64 -8.52 25.96
N LYS A 45 10.04 -8.99 27.05
CA LYS A 45 10.75 -9.35 28.27
C LYS A 45 10.45 -10.80 28.59
N LEU A 46 11.51 -11.58 28.86
CA LEU A 46 11.32 -12.97 29.22
C LEU A 46 10.76 -13.08 30.63
N LEU A 47 9.65 -13.81 30.76
CA LEU A 47 9.00 -14.03 32.04
C LEU A 47 9.18 -15.45 32.54
N ILE A 48 8.64 -16.43 31.82
CA ILE A 48 8.69 -17.84 32.20
C ILE A 48 9.48 -18.59 31.15
N TYR A 49 10.40 -19.44 31.59
CA TYR A 49 11.14 -20.31 30.70
C TYR A 49 10.97 -21.75 31.16
N ALA A 50 11.14 -22.68 30.22
CA ALA A 50 10.95 -24.11 30.47
C ALA A 50 9.56 -24.38 31.06
N ALA A 51 8.55 -23.78 30.42
CA ALA A 51 7.14 -23.99 30.75
C ALA A 51 6.74 -23.41 32.11
N SER A 52 7.60 -23.57 33.12
CA SER A 52 7.21 -23.19 34.48
C SER A 52 8.29 -22.48 35.29
N SER A 53 9.54 -22.45 34.85
CA SER A 53 10.58 -21.78 35.62
C SER A 53 10.45 -20.27 35.50
N LEU A 54 10.83 -19.57 36.57
CA LEU A 54 10.71 -18.12 36.64
C LEU A 54 12.05 -17.46 36.37
N GLN A 55 12.06 -16.53 35.42
CA GLN A 55 13.26 -15.77 35.10
C GLN A 55 13.61 -14.82 36.24
N SER A 56 14.91 -14.64 36.44
CA SER A 56 15.40 -13.71 37.45
C SER A 56 14.96 -12.29 37.12
N GLY A 57 14.71 -11.50 38.16
CA GLY A 57 14.24 -10.15 38.00
C GLY A 57 12.77 -10.02 37.66
N VAL A 58 12.07 -11.12 37.46
CA VAL A 58 10.64 -11.12 37.18
C VAL A 58 9.90 -11.33 38.49
N PRO A 59 8.88 -10.52 38.81
CA PRO A 59 8.20 -10.68 40.09
C PRO A 59 7.56 -12.05 40.21
N SER A 60 7.55 -12.57 41.45
CA SER A 60 7.11 -13.94 41.69
C SER A 60 5.64 -14.16 41.38
N ARG A 61 4.86 -13.09 41.23
CA ARG A 61 3.43 -13.27 40.97
C ARG A 61 3.16 -13.97 39.65
N PHE A 62 4.05 -13.84 38.66
CA PHE A 62 3.85 -14.55 37.41
C PHE A 62 4.25 -16.01 37.59
N SER A 63 3.35 -16.92 37.21
CA SER A 63 3.56 -18.36 37.39
C SER A 63 3.26 -19.08 36.09
N GLY A 64 4.06 -20.09 35.80
CA GLY A 64 3.87 -20.91 34.61
C GLY A 64 3.56 -22.35 34.98
N SER A 65 2.66 -22.97 34.22
CA SER A 65 2.27 -24.36 34.45
C SER A 65 1.79 -24.96 33.14
N GLY A 66 2.30 -26.14 32.81
CA GLY A 66 1.88 -26.80 31.58
C GLY A 66 2.72 -27.99 31.20
N SER A 67 2.07 -29.02 30.66
CA SER A 67 2.73 -30.22 30.17
C SER A 67 2.09 -30.66 28.87
N GLY A 68 2.92 -31.03 27.91
CA GLY A 68 2.41 -31.49 26.63
C GLY A 68 2.07 -30.37 25.67
N THR A 69 0.77 -30.10 25.49
CA THR A 69 0.31 -29.13 24.51
C THR A 69 -0.20 -27.83 25.13
N ASP A 70 -1.03 -27.89 26.16
CA ASP A 70 -1.62 -26.69 26.73
C ASP A 70 -0.84 -26.26 27.97
N PHE A 71 -0.32 -25.04 27.96
CA PHE A 71 0.37 -24.47 29.10
C PHE A 71 -0.39 -23.23 29.53
N THR A 72 -0.09 -22.73 30.73
CA THR A 72 -0.87 -21.64 31.31
C THR A 72 0.03 -20.65 32.02
N LEU A 73 -0.17 -19.36 31.75
CA LEU A 73 0.42 -18.28 32.52
C LEU A 73 -0.61 -17.75 33.52
N THR A 74 -0.15 -17.42 34.72
CA THR A 74 -1.04 -16.93 35.78
C THR A 74 -0.33 -15.85 36.57
N ILE A 75 -0.96 -14.69 36.68
CA ILE A 75 -0.49 -13.60 37.52
C ILE A 75 -1.23 -13.67 38.84
N SER A 76 -0.49 -13.80 39.94
CA SER A 76 -1.07 -13.92 41.27
C SER A 76 -1.93 -12.70 41.60
N SER A 77 -1.29 -11.55 41.78
CA SER A 77 -1.96 -10.30 42.08
C SER A 77 -1.61 -9.30 40.99
N LEU A 78 -2.56 -9.03 40.10
CA LEU A 78 -2.29 -8.13 38.97
C LEU A 78 -1.99 -6.73 39.46
N GLN A 79 -1.00 -6.10 38.84
CA GLN A 79 -0.52 -4.78 39.23
C GLN A 79 -0.71 -3.78 38.09
N PRO A 80 -0.80 -2.48 38.41
CA PRO A 80 -1.07 -1.50 37.35
C PRO A 80 -0.01 -1.46 36.26
N GLU A 81 1.27 -1.64 36.60
CA GLU A 81 2.32 -1.60 35.59
C GLU A 81 2.42 -2.89 34.78
N ASP A 82 1.57 -3.88 35.05
CA ASP A 82 1.56 -5.12 34.29
C ASP A 82 0.78 -5.00 32.98
N PHE A 83 0.38 -3.79 32.60
CA PHE A 83 -0.24 -3.58 31.29
C PHE A 83 0.75 -3.87 30.18
N ALA A 84 0.56 -4.99 29.48
CA ALA A 84 1.44 -5.39 28.39
C ALA A 84 0.74 -6.50 27.62
N THR A 85 1.36 -6.92 26.53
CA THR A 85 0.88 -8.04 25.72
C THR A 85 1.82 -9.22 25.90
N TYR A 86 1.24 -10.41 26.08
CA TYR A 86 1.99 -11.60 26.48
C TYR A 86 1.89 -12.65 25.39
N TYR A 87 3.04 -13.17 24.95
CA TYR A 87 3.10 -14.18 23.91
C TYR A 87 3.70 -15.45 24.46
N CYS A 88 3.30 -16.59 23.88
CA CYS A 88 3.90 -17.88 24.17
C CYS A 88 4.62 -18.42 22.94
N GLN A 89 5.75 -19.07 23.17
CA GLN A 89 6.65 -19.51 22.11
C GLN A 89 7.24 -20.87 22.47
N GLN A 90 7.44 -21.72 21.47
CA GLN A 90 8.00 -23.03 21.73
C GLN A 90 9.49 -23.03 21.37
N ASP A 91 10.23 -23.92 22.03
CA ASP A 91 11.64 -24.13 21.73
C ASP A 91 11.89 -25.52 21.17
N TYR A 92 10.83 -26.24 20.83
CA TYR A 92 10.97 -27.64 20.44
C TYR A 92 11.63 -27.78 19.08
N GLY A 93 11.12 -27.08 18.06
CA GLY A 93 11.63 -27.25 16.72
C GLY A 93 11.44 -26.04 15.82
N LEU A 94 12.06 -26.11 14.65
CA LEU A 94 12.01 -25.08 13.62
C LEU A 94 10.77 -25.28 12.74
N PRO A 95 10.14 -24.19 12.25
CA PRO A 95 10.46 -22.77 12.54
C PRO A 95 9.96 -22.41 13.93
N PHE A 96 10.60 -21.44 14.59
CA PHE A 96 10.15 -21.03 15.91
C PHE A 96 8.86 -20.22 15.76
N THR A 97 7.84 -20.60 16.51
CA THR A 97 6.50 -20.05 16.35
C THR A 97 6.04 -19.40 17.65
N PHE A 98 5.35 -18.27 17.54
CA PHE A 98 4.78 -17.62 18.70
C PHE A 98 3.25 -17.69 18.60
N GLY A 99 2.59 -17.37 19.72
CA GLY A 99 1.14 -17.26 19.72
C GLY A 99 0.69 -15.93 19.14
N GLN A 100 -0.64 -15.81 18.98
CA GLN A 100 -1.20 -14.56 18.47
C GLN A 100 -0.91 -13.40 19.40
N GLY A 101 -0.95 -13.64 20.69
CA GLY A 101 -0.74 -12.60 21.69
C GLY A 101 -2.00 -12.31 22.48
N THR A 102 -1.83 -12.07 23.77
CA THR A 102 -2.93 -11.76 24.67
C THR A 102 -2.66 -10.42 25.33
N LYS A 103 -3.56 -9.45 25.12
CA LYS A 103 -3.42 -8.12 25.68
C LYS A 103 -4.15 -8.05 27.02
N VAL A 104 -3.39 -7.90 28.10
CA VAL A 104 -3.96 -7.76 29.44
C VAL A 104 -4.13 -6.28 29.75
N GLU A 105 -5.35 -5.89 30.12
CA GLU A 105 -5.69 -4.50 30.40
C GLU A 105 -6.09 -4.36 31.86
N ILE A 106 -5.66 -3.26 32.48
CA ILE A 106 -5.96 -3.02 33.88
C ILE A 106 -7.35 -2.39 33.98
N LYS A 107 -8.08 -2.74 35.04
CA LYS A 107 -9.42 -2.22 35.28
C LYS A 107 -9.39 -1.18 36.38
N ARG A 108 -10.11 -0.08 36.17
CA ARG A 108 -10.10 1.06 37.08
C ARG A 108 -11.53 1.55 37.27
N THR A 109 -11.71 2.36 38.33
CA THR A 109 -12.94 3.14 38.48
C THR A 109 -13.09 4.11 37.32
N VAL A 110 -14.34 4.48 37.04
CA VAL A 110 -14.64 5.34 35.89
C VAL A 110 -14.07 6.73 36.12
N ALA A 111 -13.29 7.22 35.16
CA ALA A 111 -12.64 8.51 35.23
C ALA A 111 -13.28 9.49 34.24
N ALA A 112 -13.50 10.72 34.68
CA ALA A 112 -14.09 11.74 33.82
C ALA A 112 -13.01 12.35 32.92
N PRO A 113 -13.27 12.47 31.62
CA PRO A 113 -12.25 13.02 30.71
C PRO A 113 -12.07 14.51 30.90
N SER A 114 -10.81 14.94 30.96
CA SER A 114 -10.46 16.35 30.86
C SER A 114 -10.29 16.70 29.38
N VAL A 115 -11.06 17.66 28.90
CA VAL A 115 -11.22 17.90 27.47
C VAL A 115 -10.77 19.31 27.13
N PHE A 116 -9.74 19.43 26.28
CA PHE A 116 -9.26 20.73 25.85
C PHE A 116 -9.32 20.76 24.32
N ILE A 117 -9.33 21.96 23.76
CA ILE A 117 -9.34 22.14 22.31
C ILE A 117 -8.29 23.17 21.93
N PHE A 118 -7.50 22.88 20.91
CA PHE A 118 -6.44 23.79 20.50
C PHE A 118 -6.71 24.32 19.09
N PRO A 119 -6.59 25.62 18.87
CA PRO A 119 -6.73 26.15 17.50
C PRO A 119 -5.44 25.94 16.72
N PRO A 120 -5.50 25.94 15.39
CA PRO A 120 -4.27 25.80 14.60
C PRO A 120 -3.41 27.06 14.71
N SER A 121 -2.11 26.85 14.79
CA SER A 121 -1.20 27.98 14.91
C SER A 121 -1.12 28.75 13.59
N ASP A 122 -0.80 30.04 13.70
CA ASP A 122 -0.65 30.86 12.51
C ASP A 122 0.45 30.34 11.59
N GLU A 123 1.42 29.61 12.15
CA GLU A 123 2.46 29.00 11.34
C GLU A 123 1.88 27.97 10.37
N GLN A 124 0.96 27.13 10.84
CA GLN A 124 0.37 26.11 9.99
C GLN A 124 -0.54 26.72 8.93
N LEU A 125 -1.21 27.82 9.24
CA LEU A 125 -2.00 28.51 8.22
C LEU A 125 -1.13 28.98 7.07
N LYS A 126 0.09 29.43 7.37
CA LYS A 126 1.02 29.78 6.30
C LYS A 126 1.40 28.55 5.48
N SER A 127 1.36 27.36 6.10
CA SER A 127 1.70 26.13 5.38
C SER A 127 0.62 25.76 4.36
N GLY A 128 -0.63 26.13 4.62
CA GLY A 128 -1.74 25.88 3.71
C GLY A 128 -2.88 25.08 4.30
N THR A 129 -2.63 24.30 5.35
CA THR A 129 -3.67 23.53 6.03
C THR A 129 -3.87 24.04 7.45
N ALA A 130 -4.99 23.65 8.04
CA ALA A 130 -5.31 24.00 9.42
C ALA A 130 -5.74 22.75 10.17
N SER A 131 -5.31 22.64 11.42
CA SER A 131 -5.60 21.47 12.24
C SER A 131 -6.02 21.92 13.63
N VAL A 132 -7.29 21.72 13.96
CA VAL A 132 -7.78 21.87 15.32
C VAL A 132 -7.65 20.52 16.02
N VAL A 133 -7.06 20.53 17.21
CA VAL A 133 -6.79 19.31 17.97
C VAL A 133 -7.62 19.35 19.24
N CYS A 134 -8.30 18.24 19.53
CA CYS A 134 -9.12 18.10 20.73
C CYS A 134 -8.54 17.00 21.59
N LEU A 135 -8.29 17.31 22.86
CA LEU A 135 -7.55 16.44 23.77
C LEU A 135 -8.47 15.89 24.85
N LEU A 136 -8.34 14.59 25.11
CA LEU A 136 -9.02 13.91 26.21
C LEU A 136 -7.94 13.29 27.09
N ASN A 137 -7.75 13.83 28.28
CA ASN A 137 -6.66 13.44 29.16
C ASN A 137 -7.17 12.63 30.34
N ASN A 138 -6.49 11.52 30.62
CA ASN A 138 -6.69 10.73 31.84
C ASN A 138 -8.17 10.38 32.07
N PHE A 139 -8.65 9.44 31.25
CA PHE A 139 -10.03 9.00 31.34
C PHE A 139 -10.09 7.49 31.24
N TYR A 140 -11.12 6.91 31.84
CA TYR A 140 -11.40 5.49 31.81
C TYR A 140 -12.90 5.33 31.95
N PRO A 141 -13.55 4.44 31.20
CA PRO A 141 -13.00 3.46 30.24
C PRO A 141 -12.39 4.06 28.96
N ARG A 142 -11.86 3.19 28.10
CA ARG A 142 -11.18 3.64 26.88
C ARG A 142 -12.13 4.30 25.90
N GLU A 143 -13.37 3.79 25.81
CA GLU A 143 -14.27 4.17 24.75
C GLU A 143 -14.90 5.54 25.01
N ALA A 144 -14.85 6.40 24.00
CA ALA A 144 -15.43 7.73 24.06
C ALA A 144 -15.85 8.15 22.66
N LYS A 145 -16.81 9.07 22.59
CA LYS A 145 -17.38 9.54 21.33
C LYS A 145 -16.99 11.00 21.14
N VAL A 146 -16.17 11.27 20.13
CA VAL A 146 -15.69 12.62 19.83
C VAL A 146 -16.42 13.13 18.59
N GLN A 147 -17.02 14.31 18.72
CA GLN A 147 -17.78 14.93 17.64
C GLN A 147 -17.23 16.33 17.34
N TRP A 148 -17.03 16.61 16.06
CA TRP A 148 -16.61 17.93 15.60
C TRP A 148 -17.82 18.67 15.04
N LYS A 149 -17.99 19.92 15.46
CA LYS A 149 -19.12 20.75 15.04
C LYS A 149 -18.58 22.08 14.51
N VAL A 150 -18.31 22.12 13.20
CA VAL A 150 -17.92 23.36 12.54
C VAL A 150 -19.21 24.10 12.18
N ASP A 151 -19.42 25.25 12.82
CA ASP A 151 -20.68 26.00 12.70
C ASP A 151 -21.87 25.14 13.12
N ASN A 152 -21.70 24.39 14.21
CA ASN A 152 -22.74 23.49 14.73
C ASN A 152 -23.16 22.48 13.68
N ALA A 153 -22.24 22.10 12.80
CA ALA A 153 -22.47 21.10 11.77
C ALA A 153 -21.47 19.97 11.96
N LEU A 154 -22.00 18.75 12.12
CA LEU A 154 -21.16 17.60 12.39
C LEU A 154 -20.23 17.31 11.21
N GLN A 155 -18.95 17.13 11.51
CA GLN A 155 -17.94 16.86 10.50
C GLN A 155 -17.76 15.36 10.32
N SER A 156 -17.48 14.95 9.08
CA SER A 156 -17.30 13.54 8.76
C SER A 156 -16.15 13.41 7.77
N GLY A 157 -15.29 12.41 8.00
CA GLY A 157 -14.18 12.11 7.12
C GLY A 157 -13.01 13.05 7.19
N ASN A 158 -13.07 14.09 8.03
CA ASN A 158 -11.99 15.06 8.16
C ASN A 158 -11.28 14.96 9.50
N SER A 159 -11.64 13.96 10.29
CA SER A 159 -11.08 13.77 11.61
C SER A 159 -10.42 12.39 11.72
N GLN A 160 -9.36 12.35 12.56
CA GLN A 160 -8.54 11.18 12.82
C GLN A 160 -8.15 11.09 14.27
N GLU A 161 -8.20 9.87 14.83
CA GLU A 161 -8.02 9.76 16.28
C GLU A 161 -6.89 8.80 16.61
N SER A 162 -6.29 8.99 17.77
CA SER A 162 -5.32 8.05 18.31
C SER A 162 -5.43 8.00 19.82
N VAL A 163 -5.35 6.79 20.38
CA VAL A 163 -5.59 6.57 21.80
C VAL A 163 -4.30 6.13 22.46
N THR A 164 -3.97 6.74 23.59
CA THR A 164 -2.77 6.36 24.33
C THR A 164 -3.01 5.03 25.02
N GLU A 165 -1.94 4.25 25.14
CA GLU A 165 -2.00 3.00 25.89
C GLU A 165 -2.24 3.29 27.36
N GLN A 166 -2.64 2.25 28.09
CA GLN A 166 -3.03 2.42 29.49
C GLN A 166 -1.83 2.79 30.33
N ASP A 167 -1.99 3.82 31.16
CA ASP A 167 -0.90 4.31 31.98
C ASP A 167 -0.55 3.30 33.06
N SER A 168 0.76 3.13 33.30
CA SER A 168 1.20 2.17 34.30
C SER A 168 0.95 2.66 35.73
N LYS A 169 0.89 3.97 35.93
CA LYS A 169 0.77 4.49 37.29
C LYS A 169 -0.67 4.60 37.77
N ASP A 170 -1.59 5.09 36.93
CA ASP A 170 -2.96 5.30 37.34
C ASP A 170 -4.01 4.60 36.48
N SER A 171 -3.58 3.88 35.44
CA SER A 171 -4.49 3.04 34.64
C SER A 171 -5.58 3.87 33.96
N THR A 172 -5.19 5.00 33.39
CA THR A 172 -6.09 5.86 32.62
C THR A 172 -5.56 5.97 31.19
N TYR A 173 -6.43 6.36 30.26
CA TYR A 173 -6.01 6.52 28.87
C TYR A 173 -6.14 7.98 28.46
N SER A 174 -5.67 8.28 27.26
CA SER A 174 -5.75 9.62 26.70
C SER A 174 -6.04 9.53 25.20
N LEU A 175 -6.89 10.44 24.71
CA LEU A 175 -7.30 10.45 23.32
C LEU A 175 -7.15 11.86 22.74
N SER A 176 -6.79 11.93 21.46
CA SER A 176 -6.77 13.20 20.72
C SER A 176 -7.36 12.99 19.35
N SER A 177 -8.26 13.89 18.95
CA SER A 177 -8.82 13.91 17.62
C SER A 177 -8.35 15.16 16.90
N THR A 178 -7.96 15.01 15.64
CA THR A 178 -7.41 16.10 14.85
C THR A 178 -8.29 16.30 13.62
N LEU A 179 -8.92 17.46 13.52
CA LEU A 179 -9.75 17.82 12.38
C LEU A 179 -8.91 18.63 11.41
N THR A 180 -8.67 18.08 10.22
CA THR A 180 -7.83 18.70 9.22
C THR A 180 -8.70 19.41 8.18
N LEU A 181 -8.45 20.70 7.98
CA LEU A 181 -9.17 21.50 7.01
C LEU A 181 -8.17 22.33 6.21
N SER A 182 -8.65 22.94 5.13
CA SER A 182 -7.82 23.83 4.35
C SER A 182 -7.73 25.20 5.04
N LYS A 183 -6.82 26.04 4.55
CA LYS A 183 -6.72 27.39 5.09
C LYS A 183 -8.00 28.17 4.84
N ALA A 184 -8.57 28.05 3.64
CA ALA A 184 -9.82 28.72 3.34
C ALA A 184 -10.97 28.16 4.16
N ASP A 185 -10.92 26.87 4.48
CA ASP A 185 -11.96 26.28 5.31
C ASP A 185 -11.90 26.84 6.73
N TYR A 186 -10.69 27.08 7.24
CA TYR A 186 -10.56 27.68 8.56
C TYR A 186 -10.96 29.15 8.54
N GLU A 187 -10.72 29.83 7.42
CA GLU A 187 -11.07 31.24 7.30
C GLU A 187 -12.56 31.47 7.08
N LYS A 188 -13.29 30.47 6.57
CA LYS A 188 -14.72 30.64 6.33
C LYS A 188 -15.49 30.70 7.64
N HIS A 189 -15.24 29.75 8.53
CA HIS A 189 -16.02 29.57 9.74
C HIS A 189 -15.27 30.18 10.93
N LYS A 190 -15.99 30.43 12.02
CA LYS A 190 -15.37 31.08 13.18
C LYS A 190 -15.39 30.26 14.45
N VAL A 191 -16.48 29.56 14.75
CA VAL A 191 -16.60 28.82 16.01
C VAL A 191 -16.53 27.33 15.70
N TYR A 192 -15.58 26.64 16.33
CA TYR A 192 -15.42 25.20 16.17
C TYR A 192 -15.59 24.55 17.53
N ALA A 193 -16.31 23.43 17.56
CA ALA A 193 -16.67 22.78 18.81
C ALA A 193 -16.20 21.34 18.81
N CYS A 194 -15.95 20.81 20.01
CA CYS A 194 -15.58 19.41 20.21
C CYS A 194 -16.50 18.85 21.30
N GLU A 195 -17.48 18.05 20.90
CA GLU A 195 -18.45 17.47 21.82
C GLU A 195 -18.05 16.03 22.10
N VAL A 196 -17.86 15.72 23.38
CA VAL A 196 -17.46 14.39 23.84
C VAL A 196 -18.52 13.85 24.79
N THR A 197 -18.95 12.62 24.56
CA THR A 197 -19.89 11.93 25.44
C THR A 197 -19.20 10.71 26.03
N HIS A 198 -19.09 10.68 27.35
CA HIS A 198 -18.39 9.62 28.05
C HIS A 198 -19.24 9.19 29.25
N GLN A 199 -18.95 7.99 29.77
CA GLN A 199 -19.72 7.49 30.91
C GLN A 199 -19.47 8.34 32.16
N GLY A 200 -18.25 8.79 32.35
CA GLY A 200 -17.92 9.62 33.50
C GLY A 200 -18.36 11.07 33.39
N LEU A 201 -19.21 11.39 32.41
CA LEU A 201 -19.72 12.74 32.22
C LEU A 201 -21.23 12.72 32.43
N SER A 202 -21.72 13.55 33.35
CA SER A 202 -23.16 13.66 33.55
C SER A 202 -23.85 14.26 32.33
N SER A 203 -23.32 15.37 31.82
CA SER A 203 -23.79 15.99 30.61
C SER A 203 -22.66 16.06 29.59
N PRO A 204 -22.97 15.97 28.30
CA PRO A 204 -21.92 16.02 27.28
C PRO A 204 -21.14 17.33 27.36
N VAL A 205 -19.82 17.22 27.28
CA VAL A 205 -18.94 18.38 27.37
C VAL A 205 -18.63 18.86 25.96
N THR A 206 -18.76 20.16 25.73
CA THR A 206 -18.52 20.77 24.43
C THR A 206 -17.56 21.94 24.63
N LYS A 207 -16.31 21.74 24.24
CA LYS A 207 -15.31 22.81 24.27
C LYS A 207 -15.25 23.46 22.90
N SER A 208 -15.24 24.78 22.87
CA SER A 208 -15.30 25.53 21.63
C SER A 208 -14.42 26.77 21.75
N PHE A 209 -14.10 27.34 20.59
CA PHE A 209 -13.35 28.59 20.54
C PHE A 209 -13.83 29.38 19.33
N ASN A 210 -13.61 30.68 19.38
CA ASN A 210 -13.95 31.56 18.27
C ASN A 210 -12.67 31.99 17.57
N ARG A 211 -12.72 32.01 16.24
CA ARG A 211 -11.53 32.27 15.43
C ARG A 211 -11.00 33.69 15.64
N GLY A 212 -11.86 34.65 16.00
CA GLY A 212 -11.41 36.02 16.11
C GLY A 212 -10.57 36.34 17.33
N GLU A 213 -10.63 35.51 18.37
CA GLU A 213 -9.83 35.78 19.56
C GLU A 213 -8.55 34.95 19.57
N GLU B 1 24.65 -7.42 32.86
CA GLU B 1 23.54 -6.74 32.20
C GLU B 1 23.76 -6.74 30.68
N VAL B 2 23.24 -7.77 30.02
CA VAL B 2 23.32 -7.87 28.57
C VAL B 2 22.70 -6.65 27.92
N GLN B 3 23.41 -6.06 26.96
CA GLN B 3 22.92 -4.93 26.18
C GLN B 3 22.93 -5.29 24.70
N LEU B 4 21.79 -5.07 24.05
CA LEU B 4 21.66 -5.28 22.61
C LEU B 4 20.97 -4.07 22.00
N LEU B 5 21.53 -3.55 20.90
CA LEU B 5 20.95 -2.43 20.20
C LEU B 5 21.07 -2.66 18.70
N GLU B 6 20.02 -2.30 17.97
CA GLU B 6 19.98 -2.43 16.53
C GLU B 6 20.33 -1.10 15.86
N SER B 7 20.61 -1.18 14.56
CA SER B 7 20.95 -0.01 13.76
C SER B 7 20.83 -0.39 12.29
N GLY B 8 20.63 0.64 11.45
CA GLY B 8 20.57 0.44 10.02
C GLY B 8 19.17 0.44 9.44
N GLY B 9 18.15 0.58 10.27
CA GLY B 9 16.78 0.57 9.77
C GLY B 9 16.37 1.93 9.24
N GLY B 10 15.58 1.91 8.18
CA GLY B 10 15.15 3.15 7.56
C GLY B 10 14.19 2.86 6.43
N LEU B 11 13.97 3.87 5.59
CA LEU B 11 13.08 3.72 4.45
C LEU B 11 13.80 2.96 3.35
N VAL B 12 13.21 1.85 2.92
CA VAL B 12 13.73 1.09 1.79
C VAL B 12 12.59 0.90 0.80
N GLN B 13 12.91 0.89 -0.44
CA GLN B 13 12.07 0.70 -1.61
C GLN B 13 11.86 -0.79 -1.91
N PRO B 14 10.74 -1.11 -2.56
CA PRO B 14 10.50 -2.49 -2.98
C PRO B 14 11.66 -2.99 -3.83
N GLY B 15 12.14 -4.18 -3.51
CA GLY B 15 13.39 -4.66 -4.07
C GLY B 15 14.55 -4.13 -3.26
N GLY B 16 15.70 -3.95 -3.91
CA GLY B 16 16.86 -3.42 -3.24
C GLY B 16 17.30 -4.19 -2.04
N SER B 17 18.19 -3.60 -1.23
CA SER B 17 18.72 -4.28 -0.05
C SER B 17 18.84 -3.30 1.11
N LEU B 18 19.11 -3.85 2.30
CA LEU B 18 19.35 -3.06 3.50
C LEU B 18 20.02 -3.98 4.52
N ARG B 19 21.03 -3.44 5.22
CA ARG B 19 21.80 -4.21 6.20
C ARG B 19 21.48 -3.74 7.61
N LEU B 20 21.26 -4.69 8.51
CA LEU B 20 20.99 -4.41 9.91
C LEU B 20 22.13 -4.96 10.76
N SER B 21 22.41 -4.27 11.87
CA SER B 21 23.45 -4.67 12.80
C SER B 21 22.91 -4.72 14.21
N CYS B 22 23.54 -5.55 15.05
CA CYS B 22 23.18 -5.68 16.47
C CYS B 22 24.45 -5.70 17.30
N ALA B 23 24.73 -4.62 18.01
CA ALA B 23 25.92 -4.54 18.85
C ALA B 23 25.64 -5.24 20.17
N ALA B 24 26.55 -6.13 20.56
CA ALA B 24 26.36 -6.98 21.73
C ALA B 24 27.39 -6.64 22.80
N SER B 25 26.95 -6.65 24.06
CA SER B 25 27.83 -6.43 25.19
C SER B 25 27.19 -7.04 26.43
N GLY B 26 28.01 -7.25 27.46
CA GLY B 26 27.56 -7.84 28.69
C GLY B 26 27.72 -9.35 28.77
N PHE B 27 28.03 -10.01 27.66
CA PHE B 27 28.23 -11.45 27.66
C PHE B 27 29.25 -11.80 26.58
N THR B 28 29.69 -13.05 26.59
CA THR B 28 30.59 -13.55 25.55
C THR B 28 29.77 -13.84 24.31
N PHE B 29 29.98 -13.04 23.26
CA PHE B 29 29.11 -13.06 22.09
C PHE B 29 29.17 -14.39 21.36
N SER B 30 30.32 -15.06 21.36
CA SER B 30 30.45 -16.33 20.65
C SER B 30 29.76 -17.48 21.36
N SER B 31 29.52 -17.36 22.67
CA SER B 31 29.06 -18.51 23.44
C SER B 31 27.59 -18.84 23.20
N TYR B 32 26.76 -17.86 22.85
CA TYR B 32 25.33 -18.10 22.71
C TYR B 32 24.93 -17.72 21.30
N ALA B 33 23.97 -18.45 20.74
CA ALA B 33 23.49 -18.18 19.40
C ALA B 33 22.67 -16.90 19.36
N MET B 34 22.52 -16.35 18.16
CA MET B 34 21.77 -15.11 17.94
C MET B 34 20.68 -15.34 16.92
N SER B 35 19.61 -14.53 17.01
CA SER B 35 18.46 -14.69 16.15
C SER B 35 17.85 -13.32 15.86
N TRP B 36 17.07 -13.25 14.79
CA TRP B 36 16.27 -12.08 14.47
C TRP B 36 14.79 -12.42 14.56
N VAL B 37 13.99 -11.44 14.98
CA VAL B 37 12.54 -11.58 15.07
C VAL B 37 11.91 -10.27 14.62
N ARG B 38 10.96 -10.35 13.69
CA ARG B 38 10.28 -9.18 13.17
C ARG B 38 8.84 -9.14 13.64
N GLN B 39 8.28 -7.93 13.64
CA GLN B 39 6.91 -7.71 14.09
C GLN B 39 6.34 -6.52 13.34
N ALA B 40 5.44 -6.77 12.39
CA ALA B 40 4.73 -5.69 11.75
C ALA B 40 3.83 -4.98 12.77
N PRO B 41 3.56 -3.69 12.58
CA PRO B 41 2.72 -2.98 13.55
C PRO B 41 1.32 -3.57 13.64
N GLY B 42 0.84 -3.74 14.87
CA GLY B 42 -0.43 -4.39 15.08
C GLY B 42 -0.47 -5.85 14.74
N LYS B 43 0.69 -6.52 14.69
CA LYS B 43 0.80 -7.92 14.36
C LYS B 43 1.59 -8.63 15.44
N GLY B 44 1.61 -9.96 15.39
CA GLY B 44 2.38 -10.74 16.34
C GLY B 44 3.84 -10.82 15.96
N LEU B 45 4.61 -11.46 16.84
CA LEU B 45 6.03 -11.64 16.60
C LEU B 45 6.26 -12.82 15.67
N GLU B 46 7.27 -12.70 14.81
CA GLU B 46 7.57 -13.69 13.79
C GLU B 46 9.05 -13.99 13.77
N TRP B 47 9.41 -15.26 13.89
CA TRP B 47 10.79 -15.66 13.72
C TRP B 47 11.18 -15.54 12.26
N VAL B 48 12.40 -15.06 12.01
CA VAL B 48 12.87 -14.84 10.64
C VAL B 48 14.19 -15.54 10.38
N SER B 49 15.17 -15.37 11.29
CA SER B 49 16.49 -15.94 11.05
C SER B 49 17.14 -16.30 12.38
N ALA B 50 18.16 -17.14 12.29
CA ALA B 50 18.96 -17.56 13.44
C ALA B 50 20.30 -18.09 12.94
N ILE B 51 21.34 -17.86 13.74
CA ILE B 51 22.69 -18.28 13.41
C ILE B 51 23.32 -18.91 14.64
N SER B 52 24.17 -19.91 14.42
CA SER B 52 24.84 -20.59 15.50
C SER B 52 25.91 -19.69 16.13
N GLY B 53 26.43 -20.15 17.26
CA GLY B 53 27.43 -19.35 17.98
C GLY B 53 28.68 -19.08 17.15
N SER B 54 29.26 -20.14 16.59
CA SER B 54 30.41 -19.95 15.71
C SER B 54 30.00 -19.38 14.37
N GLY B 55 28.75 -19.59 13.95
CA GLY B 55 28.29 -19.18 12.65
C GLY B 55 28.34 -20.27 11.59
N GLY B 56 28.73 -21.49 11.96
CA GLY B 56 28.82 -22.57 11.00
C GLY B 56 27.50 -22.96 10.39
N SER B 57 26.39 -22.64 11.06
CA SER B 57 25.06 -23.00 10.57
C SER B 57 24.15 -21.79 10.68
N THR B 58 23.44 -21.49 9.60
CA THR B 58 22.46 -20.41 9.56
C THR B 58 21.08 -21.01 9.32
N TYR B 59 20.06 -20.39 9.90
CA TYR B 59 18.69 -20.88 9.82
C TYR B 59 17.79 -19.76 9.34
N TYR B 60 16.89 -20.07 8.39
CA TYR B 60 16.02 -19.07 7.80
C TYR B 60 14.60 -19.60 7.73
N ALA B 61 13.63 -18.71 7.95
CA ALA B 61 12.24 -19.07 7.73
C ALA B 61 11.96 -19.18 6.23
N ASP B 62 10.88 -19.90 5.91
CA ASP B 62 10.55 -20.14 4.51
C ASP B 62 10.14 -18.87 3.79
N SER B 63 9.61 -17.88 4.51
CA SER B 63 9.17 -16.64 3.86
C SER B 63 10.36 -15.82 3.39
N VAL B 64 11.42 -15.75 4.21
CA VAL B 64 12.61 -14.98 3.87
C VAL B 64 13.70 -15.86 3.27
N LYS B 65 13.40 -17.12 3.00
CA LYS B 65 14.38 -18.03 2.43
C LYS B 65 14.79 -17.58 1.04
N GLY B 66 16.09 -17.63 0.77
CA GLY B 66 16.62 -17.19 -0.50
C GLY B 66 16.68 -15.69 -0.69
N ARG B 67 16.29 -14.91 0.31
CA ARG B 67 16.35 -13.45 0.21
C ARG B 67 17.16 -12.82 1.33
N PHE B 68 16.97 -13.27 2.57
CA PHE B 68 17.73 -12.73 3.69
C PHE B 68 18.90 -13.65 4.01
N THR B 69 20.00 -13.05 4.44
CA THR B 69 21.19 -13.78 4.87
C THR B 69 21.62 -13.25 6.22
N ILE B 70 21.73 -14.14 7.20
CA ILE B 70 22.17 -13.80 8.54
C ILE B 70 23.66 -14.09 8.62
N SER B 71 24.38 -13.25 9.35
CA SER B 71 25.83 -13.38 9.42
C SER B 71 26.31 -12.85 10.76
N ARG B 72 27.50 -13.29 11.15
CA ARG B 72 28.07 -12.96 12.44
C ARG B 72 29.52 -12.57 12.31
N ASP B 73 29.95 -11.59 13.10
CA ASP B 73 31.36 -11.29 13.32
C ASP B 73 31.65 -11.46 14.81
N ASN B 74 32.65 -12.28 15.12
CA ASN B 74 32.96 -12.58 16.52
C ASN B 74 33.96 -11.59 17.12
N SER B 75 34.84 -11.02 16.30
CA SER B 75 35.78 -10.03 16.82
C SER B 75 35.10 -8.69 17.13
N LYS B 76 34.08 -8.33 16.37
CA LYS B 76 33.35 -7.08 16.59
C LYS B 76 32.15 -7.25 17.49
N ASN B 77 31.77 -8.50 17.81
CA ASN B 77 30.61 -8.80 18.65
C ASN B 77 29.35 -8.15 18.10
N THR B 78 29.02 -8.50 16.86
CA THR B 78 27.87 -7.88 16.20
C THR B 78 27.21 -8.89 15.26
N LEU B 79 25.88 -8.91 15.29
CA LEU B 79 25.07 -9.75 14.41
C LEU B 79 24.55 -8.93 13.23
N TYR B 80 24.64 -9.50 12.03
CA TYR B 80 24.21 -8.80 10.83
C TYR B 80 23.10 -9.59 10.15
N LEU B 81 22.17 -8.86 9.54
CA LEU B 81 21.13 -9.47 8.70
C LEU B 81 21.09 -8.71 7.37
N GLN B 82 21.60 -9.33 6.32
CA GLN B 82 21.57 -8.74 4.98
C GLN B 82 20.26 -9.12 4.30
N MET B 83 19.41 -8.13 4.09
CA MET B 83 18.08 -8.33 3.53
C MET B 83 18.11 -7.96 2.05
N ASN B 84 17.66 -8.89 1.20
CA ASN B 84 17.67 -8.67 -0.24
C ASN B 84 16.27 -8.87 -0.80
N SER B 85 16.03 -8.23 -1.95
CA SER B 85 14.76 -8.31 -2.66
C SER B 85 13.59 -8.00 -1.73
N LEU B 86 13.69 -6.88 -1.03
CA LEU B 86 12.71 -6.52 -0.01
C LEU B 86 11.35 -6.24 -0.62
N ARG B 87 10.30 -6.63 0.09
CA ARG B 87 8.92 -6.45 -0.34
C ARG B 87 8.16 -5.66 0.73
N ALA B 88 6.97 -5.18 0.34
CA ALA B 88 6.17 -4.38 1.25
C ALA B 88 5.82 -5.14 2.53
N GLU B 89 5.69 -6.47 2.44
CA GLU B 89 5.42 -7.26 3.63
C GLU B 89 6.56 -7.13 4.66
N ASP B 90 7.79 -6.95 4.19
CA ASP B 90 8.95 -6.96 5.06
C ASP B 90 8.98 -5.79 6.02
N THR B 91 8.08 -4.82 5.86
CA THR B 91 8.00 -3.69 6.77
C THR B 91 7.66 -4.16 8.19
N ALA B 92 8.62 -4.01 9.10
CA ALA B 92 8.47 -4.45 10.48
C ALA B 92 9.67 -3.96 11.26
N VAL B 93 9.52 -3.93 12.57
CA VAL B 93 10.62 -3.66 13.48
C VAL B 93 11.30 -4.99 13.84
N TYR B 94 12.58 -5.11 13.52
CA TYR B 94 13.31 -6.36 13.69
C TYR B 94 14.15 -6.28 14.96
N TYR B 95 14.09 -7.33 15.78
CA TYR B 95 14.82 -7.35 17.03
C TYR B 95 15.88 -8.44 16.97
N CYS B 96 17.05 -8.17 17.51
CA CYS B 96 18.09 -9.18 17.67
C CYS B 96 17.95 -9.78 19.07
N ALA B 97 17.89 -11.11 19.13
CA ALA B 97 17.63 -11.82 20.38
C ALA B 97 18.66 -12.92 20.57
N LYS B 98 19.35 -12.87 21.70
CA LYS B 98 20.29 -13.94 22.04
C LYS B 98 19.53 -15.24 22.32
N SER B 99 20.20 -16.36 22.06
CA SER B 99 19.60 -17.68 22.16
C SER B 99 20.37 -18.56 23.11
N TYR B 100 19.69 -19.11 24.11
CA TYR B 100 20.30 -20.08 25.00
C TYR B 100 20.08 -21.49 24.46
N ASN B 101 20.36 -21.70 23.18
CA ASN B 101 19.91 -22.90 22.45
C ASN B 101 18.41 -23.09 22.66
N HIS B 102 18.00 -24.06 23.50
CA HIS B 102 16.56 -24.21 23.72
C HIS B 102 15.95 -22.90 24.22
N PRO B 103 16.23 -22.39 25.45
CA PRO B 103 15.62 -21.11 25.83
C PRO B 103 15.99 -20.00 24.85
N MET B 104 15.32 -19.99 23.70
CA MET B 104 15.60 -18.99 22.69
C MET B 104 15.12 -17.62 23.15
N PHE B 105 15.59 -16.59 22.46
CA PHE B 105 15.11 -15.22 22.65
C PHE B 105 15.20 -14.79 24.11
N ASP B 106 16.33 -15.14 24.74
CA ASP B 106 16.47 -14.89 26.17
C ASP B 106 16.54 -13.39 26.48
N TYR B 107 17.20 -12.60 25.63
CA TYR B 107 17.23 -11.16 25.76
C TYR B 107 16.87 -10.52 24.42
N TRP B 108 16.28 -9.33 24.48
CA TRP B 108 15.71 -8.67 23.31
C TRP B 108 16.23 -7.25 23.22
N GLY B 109 16.72 -6.87 22.03
CA GLY B 109 17.00 -5.47 21.78
C GLY B 109 15.74 -4.68 21.48
N GLN B 110 15.85 -3.35 21.58
CA GLN B 110 14.70 -2.50 21.33
C GLN B 110 14.21 -2.60 19.89
N GLY B 111 15.10 -2.91 18.96
CA GLY B 111 14.66 -3.14 17.59
C GLY B 111 14.69 -1.87 16.76
N THR B 112 15.00 -2.06 15.49
CA THR B 112 14.99 -0.98 14.51
C THR B 112 13.88 -1.24 13.49
N LEU B 113 13.27 -0.15 13.02
CA LEU B 113 12.10 -0.25 12.15
C LEU B 113 12.56 -0.15 10.70
N VAL B 114 12.09 -1.07 9.87
CA VAL B 114 12.38 -1.09 8.45
C VAL B 114 11.08 -0.84 7.70
N THR B 115 11.05 0.26 6.93
CA THR B 115 9.88 0.62 6.13
C THR B 115 10.18 0.29 4.68
N VAL B 116 9.31 -0.53 4.07
CA VAL B 116 9.51 -0.89 2.67
C VAL B 116 8.46 -0.18 1.84
N SER B 117 8.79 1.02 1.36
CA SER B 117 7.88 1.84 0.59
C SER B 117 8.65 2.57 -0.50
N SER B 118 7.94 2.93 -1.57
CA SER B 118 8.54 3.67 -2.66
C SER B 118 8.58 5.17 -2.40
N ALA B 119 7.74 5.67 -1.48
CA ALA B 119 7.72 7.10 -1.19
C ALA B 119 9.05 7.56 -0.61
N SER B 120 9.32 8.86 -0.78
CA SER B 120 10.58 9.45 -0.35
C SER B 120 10.51 9.91 1.10
N THR B 121 11.67 9.97 1.74
CA THR B 121 11.77 10.47 3.10
C THR B 121 11.45 11.96 3.16
N LYS B 122 10.51 12.33 4.04
CA LYS B 122 10.13 13.72 4.26
C LYS B 122 10.33 14.08 5.73
N GLY B 123 10.85 15.28 5.97
CA GLY B 123 11.06 15.77 7.31
C GLY B 123 9.78 16.25 7.96
N PRO B 124 9.70 16.14 9.28
CA PRO B 124 8.49 16.54 9.99
C PRO B 124 8.38 18.06 10.11
N SER B 125 7.13 18.51 10.19
CA SER B 125 6.81 19.91 10.45
C SER B 125 6.17 19.99 11.84
N VAL B 126 6.85 20.64 12.77
CA VAL B 126 6.42 20.72 14.15
C VAL B 126 5.67 22.03 14.34
N PHE B 127 4.37 21.94 14.65
CA PHE B 127 3.58 23.13 14.89
C PHE B 127 3.20 23.23 16.36
N PRO B 128 3.22 24.44 16.94
CA PRO B 128 2.97 24.57 18.38
C PRO B 128 1.49 24.40 18.69
N LEU B 129 1.21 23.58 19.71
CA LEU B 129 -0.13 23.41 20.25
C LEU B 129 -0.17 24.12 21.60
N ALA B 130 -0.25 25.44 21.55
CA ALA B 130 -0.12 26.30 22.70
C ALA B 130 -1.39 26.30 23.54
N PRO B 131 -1.28 26.58 24.83
CA PRO B 131 -2.47 26.79 25.66
C PRO B 131 -3.26 28.00 25.17
N SER B 132 -4.46 28.16 25.74
CA SER B 132 -5.47 29.09 25.23
C SER B 132 -4.93 30.48 24.87
N GLY B 139 -5.96 25.73 37.93
CA GLY B 139 -6.46 24.58 37.19
C GLY B 139 -5.36 23.82 36.50
N THR B 140 -5.73 23.07 35.46
CA THR B 140 -4.80 22.29 34.65
C THR B 140 -4.81 22.81 33.22
N ALA B 141 -3.62 23.15 32.71
CA ALA B 141 -3.45 23.56 31.33
C ALA B 141 -2.78 22.43 30.54
N ALA B 142 -2.88 22.51 29.23
CA ALA B 142 -2.26 21.53 28.35
C ALA B 142 -1.39 22.25 27.33
N LEU B 143 -0.13 21.87 27.26
CA LEU B 143 0.82 22.37 26.28
C LEU B 143 1.21 21.22 25.37
N GLY B 144 1.33 21.50 24.08
CA GLY B 144 1.62 20.42 23.16
C GLY B 144 2.29 20.90 21.89
N CYS B 145 2.63 19.94 21.04
CA CYS B 145 3.19 20.22 19.72
C CYS B 145 2.71 19.15 18.74
N LEU B 146 2.57 19.56 17.48
CA LEU B 146 2.05 18.71 16.42
C LEU B 146 3.20 18.38 15.46
N VAL B 147 3.70 17.14 15.54
CA VAL B 147 4.69 16.64 14.59
C VAL B 147 3.91 16.08 13.39
N LYS B 148 3.98 16.78 12.26
CA LYS B 148 3.09 16.53 11.14
C LYS B 148 3.89 16.40 9.84
N ASP B 149 3.39 15.54 8.96
CA ASP B 149 3.85 15.40 7.57
C ASP B 149 5.29 14.88 7.51
N TYR B 150 5.49 13.69 8.09
CA TYR B 150 6.78 13.04 8.10
C TYR B 150 6.64 11.60 7.63
N PHE B 151 7.68 11.09 7.00
CA PHE B 151 7.73 9.73 6.51
C PHE B 151 9.17 9.31 6.29
N PRO B 152 9.57 8.14 6.77
CA PRO B 152 8.76 7.20 7.55
C PRO B 152 8.87 7.46 9.05
N GLU B 153 8.08 6.73 9.83
CA GLU B 153 8.23 6.73 11.28
C GLU B 153 9.52 5.99 11.66
N PRO B 154 10.02 6.17 12.89
CA PRO B 154 9.46 6.88 14.06
C PRO B 154 9.94 8.32 14.25
N VAL B 155 9.36 8.98 15.27
CA VAL B 155 9.80 10.29 15.74
C VAL B 155 9.83 10.27 17.26
N THR B 156 10.93 10.72 17.84
CA THR B 156 11.07 10.81 19.29
C THR B 156 10.70 12.22 19.74
N VAL B 157 9.80 12.31 20.73
CA VAL B 157 9.36 13.59 21.27
C VAL B 157 9.58 13.58 22.77
N SER B 158 10.32 14.56 23.28
CA SER B 158 10.53 14.76 24.70
C SER B 158 10.33 16.22 25.04
N TRP B 159 10.24 16.51 26.33
CA TRP B 159 9.98 17.85 26.82
C TRP B 159 11.11 18.27 27.75
N ASN B 160 11.68 19.45 27.49
CA ASN B 160 12.79 19.99 28.27
C ASN B 160 13.97 19.03 28.31
N SER B 161 14.29 18.46 27.14
CA SER B 161 15.41 17.53 26.99
C SER B 161 15.29 16.36 27.95
N GLY B 162 14.06 15.88 28.15
CA GLY B 162 13.80 14.77 29.04
C GLY B 162 13.60 15.12 30.50
N ALA B 163 13.79 16.40 30.86
CA ALA B 163 13.58 16.80 32.25
C ALA B 163 12.11 16.83 32.63
N LEU B 164 11.21 16.97 31.66
CA LEU B 164 9.77 17.03 31.88
C LEU B 164 9.16 15.72 31.40
N THR B 165 8.90 14.81 32.34
CA THR B 165 8.26 13.53 32.03
C THR B 165 6.97 13.32 32.80
N SER B 166 6.46 14.35 33.46
CA SER B 166 5.26 14.24 34.28
C SER B 166 4.04 14.61 33.44
N GLY B 167 3.09 13.68 33.33
CA GLY B 167 1.87 13.94 32.59
C GLY B 167 2.06 14.14 31.11
N VAL B 168 3.14 13.62 30.53
CA VAL B 168 3.43 13.78 29.11
C VAL B 168 2.81 12.60 28.36
N HIS B 169 1.94 12.91 27.40
CA HIS B 169 1.27 11.90 26.58
C HIS B 169 1.67 12.11 25.13
N THR B 170 2.47 11.20 24.59
CA THR B 170 2.88 11.23 23.19
C THR B 170 2.09 10.15 22.45
N PHE B 171 1.21 10.58 21.54
CA PHE B 171 0.31 9.58 21.00
C PHE B 171 0.95 8.86 19.81
N PRO B 172 0.48 7.65 19.50
CA PRO B 172 1.03 6.92 18.36
C PRO B 172 0.82 7.65 17.05
N ALA B 173 1.73 7.42 16.11
CA ALA B 173 1.63 8.02 14.78
C ALA B 173 0.43 7.47 14.02
N VAL B 174 -0.36 8.36 13.44
CA VAL B 174 -1.49 7.99 12.60
C VAL B 174 -1.19 8.42 11.17
N LEU B 175 -1.34 7.49 10.24
CA LEU B 175 -1.09 7.78 8.83
C LEU B 175 -2.30 8.54 8.26
N GLN B 176 -2.11 9.81 7.93
CA GLN B 176 -3.17 10.62 7.35
C GLN B 176 -3.19 10.47 5.83
N SER B 177 -4.26 11.02 5.24
CA SER B 177 -4.62 10.75 3.86
C SER B 177 -3.51 11.17 2.89
N SER B 178 -2.68 12.14 3.27
CA SER B 178 -1.60 12.56 2.39
C SER B 178 -0.54 11.46 2.19
N GLY B 179 -0.57 10.41 2.99
CA GLY B 179 0.45 9.39 2.97
C GLY B 179 1.59 9.64 3.92
N LEU B 180 1.44 10.59 4.83
CA LEU B 180 2.47 10.98 5.79
C LEU B 180 1.94 10.77 7.20
N TYR B 181 2.81 10.37 8.11
CA TYR B 181 2.38 10.20 9.48
C TYR B 181 2.29 11.56 10.18
N SER B 182 1.60 11.58 11.32
CA SER B 182 1.48 12.79 12.12
C SER B 182 1.04 12.41 13.52
N LEU B 183 1.76 12.88 14.53
CA LEU B 183 1.41 12.66 15.92
C LEU B 183 1.40 13.99 16.66
N SER B 184 0.83 13.97 17.87
CA SER B 184 0.80 15.13 18.74
C SER B 184 1.13 14.67 20.16
N SER B 185 2.02 15.41 20.82
CA SER B 185 2.42 15.12 22.19
C SER B 185 2.05 16.29 23.08
N VAL B 186 1.40 16.02 24.20
CA VAL B 186 0.88 17.04 25.09
C VAL B 186 1.38 16.80 26.51
N VAL B 187 1.41 17.88 27.30
CA VAL B 187 1.80 17.83 28.70
C VAL B 187 0.77 18.59 29.52
N THR B 188 0.37 18.01 30.65
CA THR B 188 -0.64 18.58 31.54
C THR B 188 0.06 19.13 32.79
N VAL B 189 -0.03 20.44 32.99
CA VAL B 189 0.63 21.10 34.11
C VAL B 189 -0.34 22.07 34.77
N PRO B 190 -0.07 22.45 36.02
CA PRO B 190 -0.91 23.45 36.69
C PRO B 190 -0.98 24.76 35.90
N SER B 191 -2.11 25.46 36.04
CA SER B 191 -2.36 26.67 35.26
C SER B 191 -1.32 27.75 35.57
N SER B 192 -0.99 27.95 36.85
CA SER B 192 -0.07 29.02 37.22
C SER B 192 1.35 28.75 36.75
N SER B 193 1.70 27.50 36.48
CA SER B 193 3.05 27.16 36.06
C SER B 193 3.40 27.69 34.67
N LEU B 194 2.41 28.18 33.92
CA LEU B 194 2.67 28.67 32.56
C LEU B 194 3.50 29.94 32.58
N GLY B 195 3.40 30.73 33.63
CA GLY B 195 4.21 31.93 33.77
C GLY B 195 5.53 31.73 34.47
N THR B 196 5.82 30.51 34.93
CA THR B 196 7.05 30.24 35.66
C THR B 196 7.96 29.44 34.75
N GLN B 197 7.92 28.11 34.78
CA GLN B 197 8.79 27.30 33.94
C GLN B 197 8.49 27.52 32.46
N THR B 198 9.40 27.04 31.62
CA THR B 198 9.34 27.21 30.18
C THR B 198 9.45 25.83 29.55
N TYR B 199 8.50 25.50 28.67
CA TYR B 199 8.33 24.12 28.23
C TYR B 199 8.79 24.01 26.79
N ILE B 200 9.85 23.23 26.56
CA ILE B 200 10.47 23.08 25.26
C ILE B 200 10.13 21.68 24.73
N CYS B 201 9.87 21.60 23.43
CA CYS B 201 9.57 20.32 22.78
C CYS B 201 10.78 19.88 21.97
N ASN B 202 11.17 18.61 22.13
CA ASN B 202 12.35 18.06 21.48
C ASN B 202 11.90 16.97 20.51
N VAL B 203 11.96 17.27 19.21
CA VAL B 203 11.48 16.38 18.17
C VAL B 203 12.68 15.87 17.37
N ASN B 204 12.74 14.56 17.17
CA ASN B 204 13.80 13.91 16.41
C ASN B 204 13.19 13.01 15.35
N HIS B 205 13.67 13.15 14.11
CA HIS B 205 13.29 12.29 13.00
C HIS B 205 14.59 11.85 12.31
N LYS B 206 15.09 10.67 12.67
CA LYS B 206 16.39 10.18 12.19
C LYS B 206 16.44 9.92 10.69
N PRO B 207 15.39 9.35 10.07
CA PRO B 207 15.47 9.14 8.60
C PRO B 207 15.73 10.40 7.82
N SER B 208 15.23 11.55 8.27
CA SER B 208 15.57 12.82 7.65
C SER B 208 16.63 13.58 8.43
N ASN B 209 17.00 13.10 9.62
CA ASN B 209 18.03 13.73 10.46
C ASN B 209 17.71 15.21 10.69
N THR B 210 16.48 15.47 11.12
CA THR B 210 16.02 16.82 11.41
C THR B 210 15.57 16.89 12.87
N LYS B 211 16.21 17.78 13.63
CA LYS B 211 15.90 17.97 15.05
C LYS B 211 15.40 19.39 15.25
N VAL B 212 14.16 19.53 15.71
CA VAL B 212 13.51 20.82 15.90
C VAL B 212 13.12 20.97 17.36
N ASP B 213 13.47 22.10 17.96
CA ASP B 213 13.11 22.43 19.33
C ASP B 213 12.27 23.70 19.33
N LYS B 214 11.01 23.60 19.76
CA LYS B 214 10.10 24.73 19.76
C LYS B 214 9.53 24.97 21.16
N LYS B 215 9.53 26.23 21.57
CA LYS B 215 8.92 26.63 22.83
C LYS B 215 7.41 26.65 22.71
N VAL B 216 6.73 26.39 23.82
CA VAL B 216 5.27 26.46 23.84
C VAL B 216 4.86 27.67 24.66
N GLU B 217 4.68 28.80 23.99
CA GLU B 217 4.31 30.06 24.62
C GLU B 217 2.81 30.25 24.55
N PRO B 218 2.15 30.64 25.64
CA PRO B 218 0.69 30.89 25.56
C PRO B 218 0.32 31.93 24.52
N LYS B 219 1.15 32.97 24.37
CA LYS B 219 0.96 34.00 23.35
C LYS B 219 -0.44 34.60 23.42
N SER B 220 -0.73 35.21 24.57
CA SER B 220 -2.04 35.80 24.82
C SER B 220 -2.32 36.96 23.87
N ARG C 7 14.09 -29.36 11.38
CA ARG C 7 12.71 -29.36 11.84
C ARG C 7 12.59 -29.70 13.34
N PRO C 8 13.33 -30.72 13.82
CA PRO C 8 13.46 -30.87 15.28
C PRO C 8 14.67 -30.13 15.81
N TRP C 9 14.43 -29.09 16.63
CA TRP C 9 15.53 -28.35 17.24
C TRP C 9 16.03 -29.15 18.43
N ASN C 10 17.11 -29.90 18.22
CA ASN C 10 17.70 -30.77 19.23
C ASN C 10 19.13 -30.33 19.54
N PRO C 11 19.33 -29.13 20.07
CA PRO C 11 20.69 -28.70 20.40
C PRO C 11 21.22 -29.53 21.54
N PRO C 12 22.34 -30.24 21.34
CA PRO C 12 22.87 -31.08 22.41
C PRO C 12 23.18 -30.26 23.66
N THR C 13 23.16 -30.93 24.80
CA THR C 13 23.55 -30.31 26.05
C THR C 13 24.99 -30.69 26.37
N PHE C 14 25.71 -29.76 27.01
CA PHE C 14 27.14 -29.92 27.18
C PHE C 14 27.52 -29.48 28.59
N SER C 15 27.73 -30.45 29.47
CA SER C 15 27.95 -30.22 30.89
C SER C 15 29.24 -30.88 31.34
N PRO C 16 29.88 -30.35 32.40
CA PRO C 16 29.51 -29.15 33.16
C PRO C 16 29.93 -27.83 32.52
N ALA C 17 29.50 -26.71 33.12
CA ALA C 17 29.84 -25.40 32.57
C ALA C 17 31.30 -25.07 32.78
N LEU C 18 31.85 -25.44 33.93
CA LEU C 18 33.25 -25.16 34.26
C LEU C 18 33.89 -26.40 34.85
N LEU C 19 35.15 -26.66 34.47
CA LEU C 19 35.87 -27.84 34.92
C LEU C 19 37.25 -27.42 35.39
N VAL C 20 37.58 -27.74 36.63
CA VAL C 20 38.91 -27.54 37.18
C VAL C 20 39.53 -28.89 37.45
N VAL C 21 40.67 -29.16 36.81
CA VAL C 21 41.43 -30.38 37.02
C VAL C 21 42.90 -30.01 37.14
N THR C 22 43.64 -30.77 37.93
CA THR C 22 45.06 -30.56 38.09
C THR C 22 45.80 -31.09 36.87
N GLU C 23 46.92 -30.44 36.53
CA GLU C 23 47.66 -30.79 35.33
C GLU C 23 48.14 -32.24 35.40
N GLY C 24 47.95 -32.97 34.31
CA GLY C 24 48.27 -34.37 34.25
C GLY C 24 47.09 -35.29 34.49
N ASP C 25 46.00 -34.76 35.06
CA ASP C 25 44.81 -35.56 35.33
C ASP C 25 43.92 -35.54 34.11
N ASN C 26 43.24 -36.66 33.86
CA ASN C 26 42.30 -36.70 32.74
C ASN C 26 41.05 -35.87 33.06
N ALA C 27 40.60 -35.12 32.07
CA ALA C 27 39.38 -34.32 32.16
C ALA C 27 38.36 -34.81 31.15
N THR C 28 37.13 -35.02 31.59
CA THR C 28 36.06 -35.58 30.78
C THR C 28 34.84 -34.70 30.84
N PHE C 29 34.22 -34.43 29.69
CA PHE C 29 32.96 -33.71 29.64
C PHE C 29 31.87 -34.68 29.22
N THR C 30 30.63 -34.20 29.17
CA THR C 30 29.49 -35.03 28.77
C THR C 30 28.66 -34.28 27.74
N CYS C 31 28.61 -34.82 26.52
CA CYS C 31 27.79 -34.27 25.45
C CYS C 31 26.62 -35.22 25.19
N SER C 32 25.40 -34.73 25.41
CA SER C 32 24.18 -35.52 25.29
C SER C 32 23.36 -35.00 24.11
N PHE C 33 23.03 -35.89 23.18
CA PHE C 33 22.26 -35.54 21.99
C PHE C 33 21.18 -36.58 21.75
N SER C 34 19.92 -36.14 21.72
CA SER C 34 18.80 -37.01 21.43
C SER C 34 18.56 -37.01 19.93
N ASN C 35 19.01 -38.07 19.26
CA ASN C 35 18.92 -38.16 17.80
C ASN C 35 17.49 -38.37 17.33
N THR C 36 17.22 -37.92 16.11
CA THR C 36 16.03 -38.29 15.36
C THR C 36 16.31 -39.35 14.29
N SER C 37 17.56 -39.42 13.81
CA SER C 37 17.99 -40.45 12.87
C SER C 37 19.32 -41.01 13.34
N GLU C 38 19.74 -42.13 12.74
CA GLU C 38 21.03 -42.69 13.07
C GLU C 38 22.15 -42.16 12.17
N SER C 39 21.81 -41.35 11.17
CA SER C 39 22.81 -40.71 10.32
C SER C 39 23.17 -39.38 10.96
N PHE C 40 24.10 -39.44 11.91
CA PHE C 40 24.51 -38.26 12.65
C PHE C 40 25.90 -38.49 13.22
N VAL C 41 26.64 -37.40 13.38
CA VAL C 41 27.96 -37.43 13.99
C VAL C 41 28.00 -36.40 15.10
N LEU C 42 28.84 -36.63 16.09
CA LEU C 42 29.09 -35.65 17.15
C LEU C 42 30.54 -35.20 17.04
N ASN C 43 30.74 -33.89 17.07
CA ASN C 43 32.06 -33.32 16.94
C ASN C 43 32.47 -32.65 18.25
N TRP C 44 33.77 -32.53 18.43
CA TRP C 44 34.36 -32.06 19.68
C TRP C 44 35.23 -30.85 19.37
N TYR C 45 34.81 -29.67 19.84
CA TYR C 45 35.34 -28.41 19.37
C TYR C 45 35.97 -27.61 20.51
N ARG C 46 37.08 -26.95 20.20
CA ARG C 46 37.71 -25.94 21.05
C ARG C 46 37.95 -24.66 20.26
N MET C 47 37.86 -23.52 20.94
CA MET C 47 38.14 -22.22 20.34
C MET C 47 39.64 -21.97 20.35
N SER C 48 40.28 -22.20 19.21
CA SER C 48 41.72 -22.06 19.10
C SER C 48 42.10 -20.59 19.28
N PRO C 49 43.41 -20.29 19.43
CA PRO C 49 43.83 -18.89 19.39
C PRO C 49 43.45 -18.18 18.09
N SER C 50 43.20 -18.93 17.01
CA SER C 50 42.65 -18.40 15.77
C SER C 50 41.18 -18.01 15.90
N ASN C 51 40.59 -18.15 17.10
CA ASN C 51 39.19 -17.83 17.34
C ASN C 51 38.27 -18.63 16.41
N GLN C 52 38.47 -19.94 16.41
CA GLN C 52 37.74 -20.82 15.50
C GLN C 52 37.47 -22.15 16.20
N THR C 53 36.34 -22.75 15.86
CA THR C 53 35.96 -24.05 16.41
C THR C 53 36.86 -25.12 15.82
N ASP C 54 37.82 -25.58 16.61
CA ASP C 54 38.76 -26.60 16.16
C ASP C 54 38.21 -27.98 16.50
N LYS C 55 38.00 -28.80 15.47
CA LYS C 55 37.44 -30.13 15.68
C LYS C 55 38.50 -30.97 16.36
N LEU C 56 38.33 -31.16 17.67
CA LEU C 56 39.30 -31.88 18.47
C LEU C 56 39.22 -33.38 18.23
N ALA C 57 38.01 -33.91 18.22
CA ALA C 57 37.74 -35.32 17.92
C ALA C 57 36.31 -35.42 17.43
N ALA C 58 35.92 -36.62 17.02
CA ALA C 58 34.57 -36.82 16.50
C ALA C 58 34.28 -38.32 16.49
N PHE C 59 33.02 -38.65 16.71
CA PHE C 59 32.59 -40.04 16.61
C PHE C 59 31.18 -40.14 16.04
N PRO C 60 31.00 -40.84 14.91
CA PRO C 60 31.98 -41.67 14.17
C PRO C 60 33.21 -40.92 13.65
N GLU C 61 34.33 -41.64 13.61
CA GLU C 61 35.63 -41.08 13.23
C GLU C 61 35.60 -40.47 11.83
N GLN C 68 44.76 -37.61 14.02
CA GLN C 68 44.39 -36.61 15.02
C GLN C 68 45.17 -36.84 16.32
N ASP C 69 45.11 -35.86 17.21
CA ASP C 69 45.69 -36.00 18.54
C ASP C 69 44.83 -36.97 19.35
N CYS C 70 45.39 -38.14 19.67
CA CYS C 70 44.69 -39.09 20.52
C CYS C 70 44.52 -38.60 21.94
N ARG C 71 45.09 -37.43 22.26
CA ARG C 71 44.97 -36.86 23.59
C ARG C 71 43.58 -36.29 23.84
N PHE C 72 42.79 -36.02 22.80
CA PHE C 72 41.38 -35.67 22.93
C PHE C 72 40.57 -36.83 22.35
N ARG C 73 39.72 -37.44 23.17
CA ARG C 73 38.96 -38.62 22.79
C ARG C 73 37.47 -38.45 23.04
N VAL C 74 36.68 -39.22 22.30
CA VAL C 74 35.22 -39.22 22.40
C VAL C 74 34.72 -40.66 22.47
N THR C 75 33.93 -40.96 23.51
CA THR C 75 33.42 -42.30 23.77
C THR C 75 31.89 -42.27 23.84
N GLN C 76 31.24 -43.24 23.19
CA GLN C 76 29.78 -43.37 23.25
C GLN C 76 29.40 -44.24 24.44
N LEU C 77 28.70 -43.63 25.39
CA LEU C 77 28.12 -44.40 26.48
C LEU C 77 27.02 -45.31 25.94
N PRO C 78 26.88 -46.51 26.50
CA PRO C 78 25.91 -47.48 25.96
C PRO C 78 24.46 -47.14 26.26
N ASN C 79 24.20 -45.93 26.76
CA ASN C 79 22.83 -45.51 27.05
C ASN C 79 22.08 -45.02 25.82
N GLY C 80 22.80 -44.68 24.76
CA GLY C 80 22.18 -44.33 23.49
C GLY C 80 22.06 -42.85 23.21
N ARG C 81 22.46 -41.99 24.15
CA ARG C 81 22.30 -40.55 24.00
C ARG C 81 23.49 -39.74 24.50
N ASP C 82 24.24 -40.24 25.48
CA ASP C 82 25.30 -39.48 26.13
C ASP C 82 26.65 -39.94 25.59
N PHE C 83 27.48 -38.98 25.20
CA PHE C 83 28.86 -39.30 24.81
C PHE C 83 29.79 -38.57 25.77
N HIS C 84 30.96 -39.15 26.01
CA HIS C 84 31.96 -38.55 26.88
C HIS C 84 33.06 -37.93 26.06
N MET C 85 33.20 -36.61 26.15
CA MET C 85 34.29 -35.88 25.53
C MET C 85 35.41 -35.77 26.56
N SER C 86 36.52 -36.45 26.31
CA SER C 86 37.57 -36.59 27.30
C SER C 86 38.90 -36.13 26.72
N VAL C 87 39.66 -35.41 27.54
CA VAL C 87 41.00 -34.94 27.21
C VAL C 87 41.95 -35.63 28.18
N VAL C 88 42.71 -36.58 27.70
CA VAL C 88 43.63 -37.28 28.58
C VAL C 88 44.82 -36.39 28.89
N ARG C 89 45.46 -36.65 30.04
CA ARG C 89 46.68 -35.97 30.46
C ARG C 89 46.58 -34.45 30.22
N ALA C 90 45.61 -33.85 30.90
CA ALA C 90 45.29 -32.44 30.67
C ALA C 90 46.51 -31.56 30.93
N ARG C 91 46.75 -30.62 30.02
CA ARG C 91 47.87 -29.69 30.10
C ARG C 91 47.37 -28.26 30.24
N ARG C 92 48.26 -27.39 30.73
CA ARG C 92 47.89 -25.99 30.95
C ARG C 92 47.46 -25.31 29.67
N ASN C 93 48.02 -25.75 28.53
CA ASN C 93 47.59 -25.23 27.24
C ASN C 93 46.15 -25.63 26.92
N ASP C 94 45.67 -26.73 27.51
CA ASP C 94 44.34 -27.23 27.20
C ASP C 94 43.24 -26.34 27.76
N SER C 95 43.57 -25.41 28.65
CA SER C 95 42.56 -24.53 29.21
C SER C 95 41.95 -23.66 28.12
N GLY C 96 40.65 -23.43 28.22
CA GLY C 96 39.95 -22.64 27.21
C GLY C 96 38.47 -22.94 27.24
N THR C 97 37.80 -22.56 26.16
CA THR C 97 36.36 -22.74 26.01
C THR C 97 36.09 -23.81 24.97
N TYR C 98 35.32 -24.84 25.35
CA TYR C 98 35.04 -25.95 24.45
C TYR C 98 33.54 -26.05 24.23
N LEU C 99 33.16 -26.89 23.27
CA LEU C 99 31.75 -27.22 23.03
C LEU C 99 31.71 -28.50 22.20
N CYS C 100 30.51 -29.06 22.08
CA CYS C 100 30.25 -30.19 21.19
C CYS C 100 29.13 -29.83 20.22
N GLY C 101 29.12 -30.52 19.09
CA GLY C 101 28.11 -30.29 18.09
C GLY C 101 27.71 -31.55 17.35
N ALA C 102 26.42 -31.71 17.10
CA ALA C 102 25.89 -32.89 16.41
C ALA C 102 25.41 -32.49 15.02
N ILE C 103 25.81 -33.25 14.02
CA ILE C 103 25.45 -32.98 12.63
C ILE C 103 24.67 -34.19 12.12
N SER C 104 23.36 -34.05 11.98
CA SER C 104 22.56 -35.08 11.34
C SER C 104 22.92 -35.17 9.86
N LEU C 105 23.18 -36.40 9.38
CA LEU C 105 23.51 -36.62 7.97
C LEU C 105 22.22 -36.58 7.14
N ALA C 106 21.62 -35.40 7.11
CA ALA C 106 20.45 -35.10 6.31
C ALA C 106 20.84 -34.18 5.17
N PRO C 107 20.08 -34.16 4.06
CA PRO C 107 20.58 -33.50 2.84
C PRO C 107 21.06 -32.06 3.03
N LYS C 108 20.28 -31.24 3.73
CA LYS C 108 20.69 -29.86 3.98
C LYS C 108 21.04 -29.57 5.43
N ALA C 109 21.03 -30.57 6.30
CA ALA C 109 21.25 -30.35 7.72
C ALA C 109 22.66 -29.80 7.98
N GLN C 110 22.84 -29.26 9.17
CA GLN C 110 24.06 -28.53 9.54
C GLN C 110 24.39 -28.86 10.99
N ILE C 111 25.16 -27.99 11.64
CA ILE C 111 25.72 -28.24 12.95
C ILE C 111 24.79 -27.62 13.99
N LYS C 112 24.44 -28.40 15.01
CA LYS C 112 23.72 -27.89 16.18
C LYS C 112 24.75 -27.73 17.29
N GLU C 113 25.06 -26.50 17.64
CA GLU C 113 26.14 -26.21 18.58
C GLU C 113 25.59 -26.18 19.99
N SER C 114 26.16 -27.00 20.87
CA SER C 114 25.80 -26.98 22.27
C SER C 114 26.34 -25.72 22.93
N LEU C 115 25.86 -25.44 24.14
CA LEU C 115 26.43 -24.34 24.89
C LEU C 115 27.88 -24.64 25.25
N ARG C 116 28.65 -23.57 25.46
CA ARG C 116 30.07 -23.73 25.67
C ARG C 116 30.38 -24.04 27.13
N ALA C 117 31.56 -24.60 27.35
CA ALA C 117 32.05 -24.90 28.69
C ALA C 117 33.52 -24.51 28.77
N GLU C 118 33.99 -24.34 30.00
CA GLU C 118 35.37 -23.94 30.25
C GLU C 118 36.13 -25.07 30.95
N LEU C 119 37.38 -25.24 30.56
CA LEU C 119 38.30 -26.17 31.20
C LEU C 119 39.46 -25.39 31.78
N ARG C 120 39.80 -25.66 33.04
CA ARG C 120 40.86 -24.96 33.75
C ARG C 120 41.83 -25.98 34.30
N VAL C 121 43.10 -25.87 33.90
CA VAL C 121 44.16 -26.77 34.34
C VAL C 121 45.00 -26.06 35.39
N THR C 122 45.15 -26.71 36.55
CA THR C 122 45.86 -26.16 37.69
C THR C 122 47.28 -26.72 37.72
N GLU C 123 48.00 -26.49 38.80
CA GLU C 123 49.34 -27.04 39.04
C GLU C 123 49.45 -28.52 38.66
N ASP D 1 -8.84 27.46 -11.50
CA ASP D 1 -8.46 26.41 -12.43
C ASP D 1 -8.33 26.98 -13.84
N ILE D 2 -7.79 26.18 -14.76
CA ILE D 2 -7.72 26.57 -16.17
C ILE D 2 -8.99 26.03 -16.83
N GLN D 3 -9.99 26.89 -16.96
CA GLN D 3 -11.28 26.48 -17.49
C GLN D 3 -11.16 26.13 -18.97
N MET D 4 -11.60 24.93 -19.33
CA MET D 4 -11.59 24.46 -20.71
C MET D 4 -13.02 24.42 -21.24
N THR D 5 -13.29 25.23 -22.26
CA THR D 5 -14.57 25.23 -22.96
C THR D 5 -14.34 24.74 -24.38
N GLN D 6 -15.13 23.77 -24.81
CA GLN D 6 -14.89 23.05 -26.05
C GLN D 6 -16.13 23.13 -26.92
N SER D 7 -15.98 23.70 -28.11
CA SER D 7 -17.11 23.97 -29.00
C SER D 7 -16.86 23.35 -30.37
N PRO D 8 -17.88 22.73 -30.97
CA PRO D 8 -19.25 22.58 -30.46
C PRO D 8 -19.39 21.39 -29.52
N SER D 9 -20.58 21.15 -28.99
CA SER D 9 -20.81 19.97 -28.16
C SER D 9 -21.02 18.73 -29.02
N SER D 10 -21.65 18.88 -30.17
CA SER D 10 -21.84 17.78 -31.11
C SER D 10 -21.78 18.33 -32.53
N LEU D 11 -21.55 17.44 -33.48
CA LEU D 11 -21.46 17.82 -34.88
C LEU D 11 -21.70 16.60 -35.75
N SER D 12 -22.21 16.84 -36.96
CA SER D 12 -22.53 15.79 -37.91
C SER D 12 -21.93 16.15 -39.26
N ALA D 13 -21.10 15.27 -39.80
CA ALA D 13 -20.50 15.46 -41.11
C ALA D 13 -20.42 14.13 -41.83
N SER D 14 -20.39 14.19 -43.16
CA SER D 14 -20.36 12.99 -43.98
C SER D 14 -18.91 12.55 -44.20
N VAL D 15 -18.74 11.44 -44.90
CA VAL D 15 -17.41 10.89 -45.15
C VAL D 15 -16.64 11.82 -46.07
N GLY D 16 -15.47 12.25 -45.63
CA GLY D 16 -14.62 13.13 -46.42
C GLY D 16 -14.79 14.60 -46.16
N ASP D 17 -15.44 14.99 -45.06
CA ASP D 17 -15.66 16.39 -44.73
C ASP D 17 -14.63 16.87 -43.72
N ARG D 18 -14.25 18.14 -43.83
CA ARG D 18 -13.34 18.76 -42.89
C ARG D 18 -14.13 19.21 -41.66
N VAL D 19 -13.85 18.60 -40.51
CA VAL D 19 -14.50 18.96 -39.26
C VAL D 19 -13.54 19.80 -38.43
N THR D 20 -14.10 20.67 -37.60
CA THR D 20 -13.31 21.60 -36.80
C THR D 20 -13.87 21.66 -35.39
N ILE D 21 -13.00 21.44 -34.40
CA ILE D 21 -13.37 21.51 -32.99
C ILE D 21 -12.46 22.52 -32.32
N THR D 22 -13.06 23.48 -31.61
CA THR D 22 -12.32 24.55 -30.97
C THR D 22 -12.22 24.30 -29.47
N CYS D 23 -11.00 24.36 -28.93
CA CYS D 23 -10.76 24.27 -27.51
C CYS D 23 -10.24 25.60 -27.01
N ARG D 24 -10.95 26.20 -26.04
CA ARG D 24 -10.64 27.51 -25.50
C ARG D 24 -10.34 27.40 -24.02
N ALA D 25 -9.22 27.97 -23.60
CA ALA D 25 -8.75 27.88 -22.22
C ALA D 25 -8.96 29.20 -21.51
N SER D 26 -9.19 29.12 -20.19
CA SER D 26 -9.31 30.32 -19.37
C SER D 26 -8.00 31.11 -19.38
N GLN D 27 -6.94 30.50 -18.88
CA GLN D 27 -5.61 31.07 -18.91
C GLN D 27 -4.81 30.45 -20.05
N SER D 28 -3.76 31.15 -20.47
CA SER D 28 -2.91 30.61 -21.52
C SER D 28 -2.12 29.42 -21.00
N ILE D 29 -2.04 28.37 -21.82
CA ILE D 29 -1.40 27.13 -21.45
C ILE D 29 -0.17 26.86 -22.32
N SER D 30 0.35 27.91 -22.96
CA SER D 30 1.50 27.83 -23.87
C SER D 30 1.14 26.86 -24.98
N SER D 31 1.88 25.77 -25.17
CA SER D 31 1.54 24.75 -26.15
C SER D 31 1.17 23.42 -25.50
N TYR D 32 0.87 23.44 -24.20
CA TYR D 32 0.62 22.23 -23.42
C TYR D 32 -0.86 21.88 -23.52
N LEU D 33 -1.25 21.30 -24.66
CA LEU D 33 -2.60 20.82 -24.84
C LEU D 33 -2.58 19.54 -25.65
N ASN D 34 -3.44 18.60 -25.27
CA ASN D 34 -3.49 17.28 -25.88
C ASN D 34 -4.92 16.95 -26.29
N TRP D 35 -5.06 16.19 -27.36
CA TRP D 35 -6.35 15.75 -27.87
C TRP D 35 -6.50 14.25 -27.68
N TYR D 36 -7.71 13.81 -27.33
CA TYR D 36 -7.98 12.42 -27.01
C TYR D 36 -9.21 11.91 -27.74
N GLN D 37 -9.12 10.69 -28.27
CA GLN D 37 -10.23 10.01 -28.90
C GLN D 37 -10.79 8.96 -27.94
N GLN D 38 -12.06 9.08 -27.61
CA GLN D 38 -12.75 8.09 -26.77
C GLN D 38 -13.91 7.51 -27.57
N LYS D 39 -13.68 6.36 -28.19
CA LYS D 39 -14.77 5.62 -28.79
C LYS D 39 -15.73 5.16 -27.68
N PRO D 40 -17.02 4.98 -28.00
CA PRO D 40 -17.98 4.64 -26.96
C PRO D 40 -17.66 3.31 -26.29
N GLY D 41 -17.69 3.32 -24.96
CA GLY D 41 -17.38 2.13 -24.19
C GLY D 41 -15.94 1.66 -24.30
N LYS D 42 -15.00 2.60 -24.46
CA LYS D 42 -13.59 2.27 -24.59
C LYS D 42 -12.76 3.29 -23.83
N ALA D 43 -11.47 3.03 -23.71
CA ALA D 43 -10.55 3.95 -23.07
C ALA D 43 -10.18 5.08 -24.04
N PRO D 44 -9.81 6.25 -23.53
CA PRO D 44 -9.40 7.34 -24.41
C PRO D 44 -8.10 6.99 -25.13
N LYS D 45 -7.95 7.57 -26.31
CA LYS D 45 -6.79 7.37 -27.17
C LYS D 45 -6.14 8.71 -27.43
N LEU D 46 -4.82 8.79 -27.24
CA LEU D 46 -4.11 10.03 -27.50
C LEU D 46 -3.99 10.25 -28.99
N LEU D 47 -4.41 11.44 -29.45
CA LEU D 47 -4.34 11.82 -30.85
C LEU D 47 -3.25 12.86 -31.10
N ILE D 48 -3.41 14.04 -30.52
CA ILE D 48 -2.49 15.16 -30.72
C ILE D 48 -1.84 15.48 -29.38
N TYR D 49 -0.52 15.65 -29.40
CA TYR D 49 0.23 16.07 -28.23
C TYR D 49 1.03 17.32 -28.57
N ALA D 50 1.34 18.11 -27.55
CA ALA D 50 2.05 19.38 -27.72
C ALA D 50 1.35 20.27 -28.73
N ALA D 51 0.03 20.41 -28.56
CA ALA D 51 -0.82 21.31 -29.33
C ALA D 51 -0.96 20.90 -30.79
N SER D 52 0.12 20.45 -31.42
CA SER D 52 0.08 20.19 -32.86
C SER D 52 0.81 18.92 -33.31
N SER D 53 1.61 18.29 -32.46
CA SER D 53 2.32 17.08 -32.88
C SER D 53 1.36 15.89 -32.95
N LEU D 54 1.64 14.99 -33.88
CA LEU D 54 0.79 13.83 -34.12
C LEU D 54 1.38 12.59 -33.45
N GLN D 55 0.56 11.91 -32.66
CA GLN D 55 0.98 10.68 -32.01
C GLN D 55 1.17 9.56 -33.04
N SER D 56 2.16 8.71 -32.78
CA SER D 56 2.42 7.57 -33.65
C SER D 56 1.22 6.62 -33.65
N GLY D 57 0.99 5.99 -34.80
CA GLY D 57 -0.15 5.10 -34.96
C GLY D 57 -1.47 5.80 -35.16
N VAL D 58 -1.51 7.13 -35.12
CA VAL D 58 -2.72 7.90 -35.34
C VAL D 58 -2.73 8.32 -36.80
N PRO D 59 -3.84 8.12 -37.54
CA PRO D 59 -3.86 8.48 -38.95
C PRO D 59 -3.61 9.97 -39.17
N SER D 60 -2.95 10.28 -40.30
CA SER D 60 -2.49 11.64 -40.57
C SER D 60 -3.64 12.63 -40.73
N ARG D 61 -4.87 12.16 -40.92
CA ARG D 61 -5.99 13.08 -41.10
C ARG D 61 -6.23 13.94 -39.87
N PHE D 62 -5.87 13.44 -38.68
CA PHE D 62 -6.00 14.23 -37.46
C PHE D 62 -4.89 15.27 -37.39
N SER D 63 -5.28 16.53 -37.20
CA SER D 63 -4.33 17.63 -37.19
C SER D 63 -4.60 18.53 -36.00
N GLY D 64 -3.53 19.02 -35.38
CA GLY D 64 -3.63 19.94 -34.26
C GLY D 64 -3.05 21.29 -34.63
N SER D 65 -3.70 22.36 -34.16
CA SER D 65 -3.25 23.71 -34.45
C SER D 65 -3.74 24.63 -33.34
N GLY D 66 -2.84 25.45 -32.80
CA GLY D 66 -3.23 26.36 -31.74
C GLY D 66 -2.06 27.05 -31.06
N SER D 67 -2.24 28.32 -30.69
CA SER D 67 -1.24 29.08 -29.97
C SER D 67 -1.95 29.92 -28.91
N GLY D 68 -1.39 29.94 -27.71
CA GLY D 68 -1.95 30.72 -26.64
C GLY D 68 -3.12 30.06 -25.94
N THR D 69 -4.34 30.51 -26.24
CA THR D 69 -5.55 30.03 -25.56
C THR D 69 -6.40 29.12 -26.41
N ASP D 70 -6.67 29.49 -27.67
CA ASP D 70 -7.57 28.72 -28.53
C ASP D 70 -6.77 27.79 -29.42
N PHE D 71 -7.04 26.49 -29.33
CA PHE D 71 -6.41 25.51 -30.20
C PHE D 71 -7.51 24.83 -31.00
N THR D 72 -7.12 24.12 -32.05
CA THR D 72 -8.09 23.55 -32.98
C THR D 72 -7.66 22.16 -33.42
N LEU D 73 -8.59 21.22 -33.37
CA LEU D 73 -8.42 19.90 -33.99
C LEU D 73 -9.15 19.88 -35.33
N THR D 74 -8.55 19.21 -36.31
CA THR D 74 -9.12 19.15 -37.65
C THR D 74 -8.88 17.77 -38.22
N ILE D 75 -9.95 17.10 -38.65
CA ILE D 75 -9.86 15.83 -39.36
C ILE D 75 -9.95 16.12 -40.85
N SER D 76 -8.93 15.73 -41.60
CA SER D 76 -8.88 15.99 -43.04
C SER D 76 -10.07 15.36 -43.75
N SER D 77 -10.11 14.02 -43.79
CA SER D 77 -11.20 13.29 -44.41
C SER D 77 -11.84 12.39 -43.36
N LEU D 78 -13.03 12.77 -42.90
CA LEU D 78 -13.69 12.02 -41.85
C LEU D 78 -14.02 10.61 -42.31
N GLN D 79 -13.80 9.64 -41.44
CA GLN D 79 -13.96 8.23 -41.75
C GLN D 79 -15.04 7.61 -40.87
N PRO D 80 -15.67 6.51 -41.32
CA PRO D 80 -16.77 5.93 -40.53
C PRO D 80 -16.36 5.49 -39.14
N GLU D 81 -15.15 4.96 -38.97
CA GLU D 81 -14.71 4.50 -37.65
C GLU D 81 -14.26 5.64 -36.75
N ASP D 82 -14.31 6.88 -37.23
CA ASP D 82 -13.95 8.04 -36.41
C ASP D 82 -15.09 8.51 -35.51
N PHE D 83 -16.18 7.74 -35.43
CA PHE D 83 -17.25 8.05 -34.49
C PHE D 83 -16.73 7.88 -33.06
N ALA D 84 -16.53 9.00 -32.37
CA ALA D 84 -16.03 9.00 -31.01
C ALA D 84 -16.24 10.40 -30.44
N THR D 85 -15.93 10.56 -29.16
CA THR D 85 -15.97 11.85 -28.49
C THR D 85 -14.56 12.30 -28.21
N TYR D 86 -14.27 13.58 -28.47
CA TYR D 86 -12.92 14.10 -28.46
C TYR D 86 -12.78 15.16 -27.38
N TYR D 87 -11.78 15.01 -26.51
CA TYR D 87 -11.55 15.94 -25.41
C TYR D 87 -10.21 16.64 -25.59
N CYS D 88 -10.12 17.85 -25.06
CA CYS D 88 -8.87 18.59 -25.00
C CYS D 88 -8.46 18.79 -23.54
N GLN D 89 -7.15 18.70 -23.28
CA GLN D 89 -6.61 18.69 -21.93
C GLN D 89 -5.30 19.48 -21.91
N GLN D 90 -5.05 20.20 -20.82
CA GLN D 90 -3.82 20.98 -20.73
C GLN D 90 -2.82 20.24 -19.85
N ASP D 91 -1.55 20.52 -20.09
CA ASP D 91 -0.46 20.00 -19.28
C ASP D 91 0.26 21.11 -18.53
N TYR D 92 -0.31 22.32 -18.51
CA TYR D 92 0.41 23.47 -17.97
C TYR D 92 0.52 23.40 -16.46
N GLY D 93 -0.60 23.21 -15.76
CA GLY D 93 -0.55 23.23 -14.31
C GLY D 93 -1.69 22.44 -13.72
N LEU D 94 -1.63 22.25 -12.39
CA LEU D 94 -2.58 21.55 -11.55
C LEU D 94 -3.70 22.49 -11.14
N PRO D 95 -4.96 22.01 -11.06
CA PRO D 95 -5.42 20.66 -11.41
C PRO D 95 -5.49 20.47 -12.92
N PHE D 96 -5.30 19.25 -13.40
CA PHE D 96 -5.43 18.99 -14.82
C PHE D 96 -6.89 19.01 -15.22
N THR D 97 -7.22 19.76 -16.26
CA THR D 97 -8.60 20.02 -16.65
C THR D 97 -8.82 19.55 -18.07
N PHE D 98 -9.99 18.97 -18.33
CA PHE D 98 -10.35 18.57 -19.67
C PHE D 98 -11.51 19.44 -20.16
N GLY D 99 -11.78 19.37 -21.47
CA GLY D 99 -12.93 20.03 -22.04
C GLY D 99 -14.22 19.26 -21.80
N GLN D 100 -15.34 19.89 -22.17
CA GLN D 100 -16.63 19.22 -22.01
C GLN D 100 -16.72 17.97 -22.88
N GLY D 101 -16.16 18.03 -24.07
CA GLY D 101 -16.22 16.92 -25.00
C GLY D 101 -17.09 17.24 -26.21
N THR D 102 -16.64 16.78 -27.38
CA THR D 102 -17.37 16.97 -28.63
C THR D 102 -17.62 15.62 -29.27
N LYS D 103 -18.89 15.29 -29.48
CA LYS D 103 -19.27 14.02 -30.07
C LYS D 103 -19.39 14.19 -31.58
N VAL D 104 -18.51 13.52 -32.32
CA VAL D 104 -18.52 13.56 -33.78
C VAL D 104 -19.36 12.40 -34.28
N GLU D 105 -20.35 12.71 -35.12
CA GLU D 105 -21.29 11.75 -35.64
C GLU D 105 -21.12 11.63 -37.15
N ILE D 106 -21.20 10.41 -37.65
CA ILE D 106 -21.03 10.16 -39.09
C ILE D 106 -22.38 10.37 -39.78
N LYS D 107 -22.33 10.90 -41.00
CA LYS D 107 -23.51 11.13 -41.82
C LYS D 107 -23.60 10.06 -42.90
N ARG D 108 -24.80 9.52 -43.09
CA ARG D 108 -25.03 8.42 -44.00
C ARG D 108 -26.29 8.68 -44.81
N THR D 109 -26.46 7.93 -45.89
CA THR D 109 -27.75 7.86 -46.55
C THR D 109 -28.79 7.28 -45.59
N VAL D 110 -30.05 7.67 -45.81
CA VAL D 110 -31.13 7.26 -44.91
C VAL D 110 -31.37 5.77 -45.06
N ALA D 111 -31.36 5.06 -43.93
CA ALA D 111 -31.54 3.61 -43.90
C ALA D 111 -32.90 3.26 -43.31
N ALA D 112 -33.58 2.32 -43.94
CA ALA D 112 -34.90 1.89 -43.47
C ALA D 112 -34.74 0.91 -42.32
N PRO D 113 -35.46 1.10 -41.21
CA PRO D 113 -35.32 0.19 -40.07
C PRO D 113 -35.96 -1.17 -40.36
N SER D 114 -35.23 -2.23 -40.02
CA SER D 114 -35.80 -3.57 -39.95
C SER D 114 -36.34 -3.76 -38.54
N VAL D 115 -37.64 -4.04 -38.44
CA VAL D 115 -38.38 -3.94 -37.18
C VAL D 115 -38.94 -5.31 -36.83
N PHE D 116 -38.51 -5.85 -35.70
CA PHE D 116 -38.99 -7.14 -35.24
C PHE D 116 -39.58 -6.96 -33.85
N ILE D 117 -40.44 -7.89 -33.44
CA ILE D 117 -41.06 -7.88 -32.12
C ILE D 117 -40.94 -9.28 -31.52
N PHE D 118 -40.56 -9.35 -30.24
CA PHE D 118 -40.38 -10.64 -29.60
C PHE D 118 -41.38 -10.78 -28.45
N PRO D 119 -42.09 -11.90 -28.35
CA PRO D 119 -42.96 -12.13 -27.20
C PRO D 119 -42.16 -12.60 -25.99
N PRO D 120 -42.67 -12.43 -24.79
CA PRO D 120 -41.96 -12.94 -23.61
C PRO D 120 -41.99 -14.45 -23.54
N SER D 121 -40.87 -15.04 -23.15
CA SER D 121 -40.76 -16.48 -23.03
C SER D 121 -41.54 -16.98 -21.82
N ASP D 122 -41.95 -18.25 -21.88
CA ASP D 122 -42.67 -18.86 -20.77
C ASP D 122 -41.85 -18.84 -19.49
N GLU D 123 -40.52 -18.78 -19.60
CA GLU D 123 -39.67 -18.70 -18.42
C GLU D 123 -39.94 -17.41 -17.66
N GLN D 124 -40.04 -16.28 -18.37
CA GLN D 124 -40.30 -15.01 -17.71
C GLN D 124 -41.71 -14.95 -17.15
N LEU D 125 -42.67 -15.60 -17.80
CA LEU D 125 -44.03 -15.69 -17.25
C LEU D 125 -44.04 -16.40 -15.91
N LYS D 126 -43.21 -17.44 -15.76
CA LYS D 126 -43.10 -18.10 -14.47
C LYS D 126 -42.54 -17.15 -13.40
N SER D 127 -41.73 -16.17 -13.82
CA SER D 127 -41.17 -15.21 -12.85
C SER D 127 -42.22 -14.26 -12.33
N GLY D 128 -43.25 -13.96 -13.12
CA GLY D 128 -44.34 -13.09 -12.71
C GLY D 128 -44.54 -11.86 -13.59
N THR D 129 -43.52 -11.42 -14.31
CA THR D 129 -43.61 -10.28 -15.21
C THR D 129 -43.44 -10.73 -16.66
N ALA D 130 -43.84 -9.85 -17.57
CA ALA D 130 -43.71 -10.09 -19.00
C ALA D 130 -43.12 -8.86 -19.68
N SER D 131 -42.25 -9.09 -20.66
CA SER D 131 -41.57 -8.00 -21.36
C SER D 131 -41.57 -8.33 -22.86
N VAL D 132 -42.31 -7.55 -23.63
CA VAL D 132 -42.24 -7.60 -25.09
C VAL D 132 -41.19 -6.61 -25.57
N VAL D 133 -40.30 -7.07 -26.43
CA VAL D 133 -39.17 -6.28 -26.92
C VAL D 133 -39.36 -6.06 -28.42
N CYS D 134 -39.19 -4.82 -28.85
CA CYS D 134 -39.30 -4.44 -30.26
C CYS D 134 -37.96 -3.90 -30.73
N LEU D 135 -37.45 -4.45 -31.82
CA LEU D 135 -36.10 -4.17 -32.30
C LEU D 135 -36.13 -3.37 -33.59
N LEU D 136 -35.25 -2.37 -33.66
CA LEU D 136 -35.02 -1.57 -34.87
C LEU D 136 -33.56 -1.73 -35.22
N ASN D 137 -33.27 -2.43 -36.31
CA ASN D 137 -31.90 -2.79 -36.67
C ASN D 137 -31.42 -1.98 -37.86
N ASN D 138 -30.21 -1.45 -37.75
CA ASN D 138 -29.48 -0.82 -38.85
C ASN D 138 -30.33 0.24 -39.56
N PHE D 139 -30.51 1.37 -38.87
CA PHE D 139 -31.29 2.46 -39.40
C PHE D 139 -30.56 3.78 -39.16
N TYR D 140 -30.84 4.75 -40.04
CA TYR D 140 -30.28 6.09 -39.95
C TYR D 140 -31.29 7.01 -40.63
N PRO D 141 -31.57 8.20 -40.05
CA PRO D 141 -30.97 8.84 -38.86
C PRO D 141 -31.29 8.16 -37.53
N ARG D 142 -30.74 8.71 -36.45
CA ARG D 142 -30.90 8.11 -35.12
C ARG D 142 -32.35 8.20 -34.64
N GLU D 143 -33.03 9.29 -34.96
CA GLU D 143 -34.33 9.58 -34.37
C GLU D 143 -35.42 8.72 -35.00
N ALA D 144 -36.23 8.10 -34.14
CA ALA D 144 -37.35 7.26 -34.57
C ALA D 144 -38.41 7.30 -33.48
N LYS D 145 -39.65 7.05 -33.89
CA LYS D 145 -40.81 7.10 -33.00
C LYS D 145 -41.37 5.70 -32.84
N VAL D 146 -41.28 5.17 -31.62
CA VAL D 146 -41.75 3.82 -31.30
C VAL D 146 -43.05 3.94 -30.52
N GLN D 147 -44.09 3.26 -30.98
CA GLN D 147 -45.41 3.28 -30.34
C GLN D 147 -45.83 1.86 -30.00
N TRP D 148 -46.29 1.66 -28.77
CA TRP D 148 -46.83 0.38 -28.32
C TRP D 148 -48.34 0.46 -28.30
N LYS D 149 -48.98 -0.54 -28.89
CA LYS D 149 -50.45 -0.60 -29.01
C LYS D 149 -50.93 -1.96 -28.51
N VAL D 150 -51.22 -2.05 -27.22
CA VAL D 150 -51.80 -3.25 -26.64
C VAL D 150 -53.31 -3.17 -26.85
N ASP D 151 -53.85 -4.08 -27.68
CA ASP D 151 -55.24 -4.06 -28.09
C ASP D 151 -55.60 -2.73 -28.76
N ASN D 152 -54.72 -2.26 -29.64
CA ASN D 152 -54.91 -1.00 -30.37
C ASN D 152 -55.06 0.18 -29.41
N ALA D 153 -54.43 0.10 -28.24
CA ALA D 153 -54.45 1.16 -27.25
C ALA D 153 -53.00 1.60 -27.00
N LEU D 154 -52.73 2.88 -27.24
CA LEU D 154 -51.37 3.38 -27.12
C LEU D 154 -50.89 3.29 -25.67
N GLN D 155 -49.69 2.75 -25.48
CA GLN D 155 -49.11 2.57 -24.16
C GLN D 155 -48.26 3.78 -23.79
N SER D 156 -48.26 4.11 -22.51
CA SER D 156 -47.48 5.24 -22.00
C SER D 156 -46.88 4.89 -20.65
N GLY D 157 -45.62 5.26 -20.45
CA GLY D 157 -44.95 5.05 -19.19
C GLY D 157 -44.56 3.62 -18.89
N ASN D 158 -44.87 2.66 -19.76
CA ASN D 158 -44.53 1.27 -19.55
C ASN D 158 -43.42 0.80 -20.50
N SER D 159 -42.83 1.69 -21.29
CA SER D 159 -41.81 1.31 -22.25
C SER D 159 -40.52 2.08 -21.97
N GLN D 160 -39.38 1.46 -22.26
CA GLN D 160 -38.09 2.11 -22.09
C GLN D 160 -37.22 1.72 -23.27
N GLU D 161 -36.37 2.67 -23.70
CA GLU D 161 -35.61 2.55 -24.94
C GLU D 161 -34.12 2.73 -24.67
N SER D 162 -33.31 2.12 -25.53
CA SER D 162 -31.87 2.31 -25.54
C SER D 162 -31.39 2.18 -26.98
N VAL D 163 -30.48 3.06 -27.37
CA VAL D 163 -30.02 3.16 -28.76
C VAL D 163 -28.56 2.76 -28.81
N THR D 164 -28.22 1.92 -29.78
CA THR D 164 -26.84 1.48 -29.97
C THR D 164 -26.01 2.63 -30.54
N GLU D 165 -24.74 2.66 -30.16
CA GLU D 165 -23.83 3.63 -30.72
C GLU D 165 -23.62 3.36 -32.21
N GLN D 166 -23.10 4.36 -32.91
CA GLN D 166 -22.97 4.27 -34.36
C GLN D 166 -21.92 3.24 -34.73
N ASP D 167 -22.28 2.36 -35.66
CA ASP D 167 -21.37 1.29 -36.08
C ASP D 167 -20.21 1.88 -36.88
N SER D 168 -19.01 1.35 -36.62
CA SER D 168 -17.83 1.84 -37.32
C SER D 168 -17.79 1.40 -38.77
N LYS D 169 -18.44 0.29 -39.10
CA LYS D 169 -18.35 -0.27 -40.45
C LYS D 169 -19.37 0.32 -41.41
N ASP D 170 -20.64 0.49 -40.99
CA ASP D 170 -21.66 0.98 -41.89
C ASP D 170 -22.39 2.22 -41.40
N SER D 171 -22.06 2.73 -40.23
CA SER D 171 -22.60 4.01 -39.74
C SER D 171 -24.12 3.98 -39.60
N THR D 172 -24.64 2.89 -39.04
CA THR D 172 -26.06 2.76 -38.74
C THR D 172 -26.25 2.55 -37.24
N TYR D 173 -27.46 2.80 -36.76
CA TYR D 173 -27.75 2.62 -35.34
C TYR D 173 -28.78 1.52 -35.17
N SER D 174 -29.04 1.17 -33.90
CA SER D 174 -30.03 0.16 -33.56
C SER D 174 -30.76 0.56 -32.30
N LEU D 175 -32.07 0.31 -32.26
CA LEU D 175 -32.92 0.68 -31.14
C LEU D 175 -33.77 -0.51 -30.70
N SER D 176 -34.01 -0.60 -29.40
CA SER D 176 -34.94 -1.58 -28.85
C SER D 176 -35.79 -0.91 -27.78
N SER D 177 -37.10 -1.12 -27.86
CA SER D 177 -38.03 -0.66 -26.85
C SER D 177 -38.63 -1.87 -26.15
N THR D 178 -38.72 -1.81 -24.83
CA THR D 178 -39.21 -2.93 -24.04
C THR D 178 -40.42 -2.47 -23.24
N LEU D 179 -41.57 -3.07 -23.52
CA LEU D 179 -42.81 -2.78 -22.81
C LEU D 179 -42.96 -3.80 -21.68
N THR D 180 -42.92 -3.33 -20.44
CA THR D 180 -42.97 -4.20 -19.28
C THR D 180 -44.40 -4.26 -18.74
N LEU D 181 -44.93 -5.47 -18.63
CA LEU D 181 -46.26 -5.72 -18.11
C LEU D 181 -46.19 -6.89 -17.14
N SER D 182 -47.27 -7.10 -16.39
CA SER D 182 -47.36 -8.25 -15.51
C SER D 182 -47.70 -9.51 -16.30
N LYS D 183 -47.58 -10.66 -15.64
CA LYS D 183 -47.97 -11.92 -16.27
C LYS D 183 -49.45 -11.91 -16.62
N ALA D 184 -50.29 -11.48 -15.68
CA ALA D 184 -51.72 -11.39 -15.93
C ALA D 184 -52.04 -10.33 -16.98
N ASP D 185 -51.26 -9.25 -17.03
CA ASP D 185 -51.47 -8.24 -18.05
C ASP D 185 -51.21 -8.81 -19.43
N TYR D 186 -50.24 -9.71 -19.54
CA TYR D 186 -49.98 -10.37 -20.81
C TYR D 186 -51.09 -11.36 -21.14
N GLU D 187 -51.67 -12.01 -20.11
CA GLU D 187 -52.73 -12.99 -20.34
C GLU D 187 -54.08 -12.36 -20.68
N LYS D 188 -54.28 -11.09 -20.31
CA LYS D 188 -55.56 -10.45 -20.62
C LYS D 188 -55.70 -10.20 -22.12
N HIS D 189 -54.67 -9.63 -22.73
CA HIS D 189 -54.71 -9.21 -24.11
C HIS D 189 -54.01 -10.26 -24.96
N LYS D 190 -54.26 -10.23 -26.27
CA LYS D 190 -53.69 -11.25 -27.15
C LYS D 190 -52.78 -10.71 -28.23
N VAL D 191 -53.11 -9.59 -28.86
CA VAL D 191 -52.31 -9.05 -29.95
C VAL D 191 -51.63 -7.77 -29.48
N TYR D 192 -50.31 -7.75 -29.58
CA TYR D 192 -49.50 -6.59 -29.21
C TYR D 192 -48.77 -6.10 -30.44
N ALA D 193 -48.72 -4.79 -30.63
CA ALA D 193 -48.19 -4.19 -31.84
C ALA D 193 -47.06 -3.22 -31.51
N CYS D 194 -46.16 -3.04 -32.48
CA CYS D 194 -45.07 -2.08 -32.38
C CYS D 194 -45.07 -1.23 -33.64
N GLU D 195 -45.53 0.00 -33.54
CA GLU D 195 -45.62 0.91 -34.67
C GLU D 195 -44.43 1.85 -34.64
N VAL D 196 -43.68 1.89 -35.74
CA VAL D 196 -42.49 2.72 -35.88
C VAL D 196 -42.67 3.63 -37.08
N THR D 197 -42.41 4.92 -36.89
CA THR D 197 -42.44 5.90 -37.96
C THR D 197 -41.05 6.49 -38.11
N HIS D 198 -40.45 6.30 -39.29
CA HIS D 198 -39.10 6.75 -39.56
C HIS D 198 -39.07 7.41 -40.93
N GLN D 199 -38.02 8.20 -41.18
CA GLN D 199 -37.91 8.88 -42.47
C GLN D 199 -37.74 7.90 -43.61
N GLY D 200 -37.01 6.82 -43.40
CA GLY D 200 -36.81 5.82 -44.43
C GLY D 200 -37.98 4.89 -44.65
N LEU D 201 -39.14 5.19 -44.09
CA LEU D 201 -40.34 4.38 -44.25
C LEU D 201 -41.40 5.21 -44.96
N SER D 202 -41.90 4.70 -46.09
CA SER D 202 -42.97 5.39 -46.80
C SER D 202 -44.26 5.38 -45.97
N SER D 203 -44.64 4.21 -45.45
CA SER D 203 -45.76 4.07 -44.55
C SER D 203 -45.28 3.48 -43.22
N PRO D 204 -45.92 3.84 -42.12
CA PRO D 204 -45.49 3.32 -40.81
C PRO D 204 -45.59 1.80 -40.77
N VAL D 205 -44.55 1.17 -40.22
CA VAL D 205 -44.47 -0.28 -40.11
C VAL D 205 -45.00 -0.69 -38.74
N THR D 206 -45.89 -1.67 -38.73
CA THR D 206 -46.50 -2.16 -37.50
C THR D 206 -46.37 -3.67 -37.45
N LYS D 207 -45.48 -4.16 -36.60
CA LYS D 207 -45.31 -5.59 -36.38
C LYS D 207 -46.11 -6.03 -35.16
N SER D 208 -46.81 -7.16 -35.29
CA SER D 208 -47.71 -7.63 -34.26
C SER D 208 -47.62 -9.15 -34.17
N PHE D 209 -48.13 -9.67 -33.05
CA PHE D 209 -48.18 -11.11 -32.84
C PHE D 209 -49.43 -11.43 -32.02
N ASN D 210 -49.86 -12.69 -32.09
CA ASN D 210 -51.01 -13.16 -31.35
C ASN D 210 -50.52 -14.03 -30.19
N ARG D 211 -51.13 -13.86 -29.01
CA ARG D 211 -50.64 -14.54 -27.82
C ARG D 211 -50.79 -16.05 -27.92
N GLY D 212 -51.84 -16.53 -28.58
CA GLY D 212 -52.02 -17.96 -28.72
C GLY D 212 -51.20 -18.59 -29.82
N GLU D 213 -50.73 -17.79 -30.78
CA GLU D 213 -49.98 -18.30 -31.92
C GLU D 213 -48.48 -18.11 -31.73
N GLU E 1 4.30 -2.35 -26.69
CA GLU E 1 2.87 -2.25 -26.51
C GLU E 1 2.52 -2.20 -25.02
N VAL E 2 2.47 -0.98 -24.48
CA VAL E 2 2.10 -0.78 -23.08
C VAL E 2 0.74 -1.38 -22.80
N GLN E 3 0.65 -2.12 -21.69
CA GLN E 3 -0.60 -2.72 -21.23
C GLN E 3 -0.92 -2.22 -19.83
N LEU E 4 -2.14 -1.71 -19.65
CA LEU E 4 -2.63 -1.26 -18.35
C LEU E 4 -4.02 -1.83 -18.13
N LEU E 5 -4.24 -2.42 -16.96
CA LEU E 5 -5.55 -2.96 -16.61
C LEU E 5 -5.87 -2.65 -15.16
N GLU E 6 -7.12 -2.31 -14.89
CA GLU E 6 -7.59 -1.99 -13.55
C GLU E 6 -8.30 -3.20 -12.95
N SER E 7 -8.52 -3.13 -11.63
CA SER E 7 -9.21 -4.18 -10.90
C SER E 7 -9.60 -3.64 -9.53
N GLY E 8 -10.61 -4.26 -8.94
CA GLY E 8 -11.04 -3.92 -7.60
C GLY E 8 -12.28 -3.06 -7.50
N GLY E 9 -12.89 -2.67 -8.62
CA GLY E 9 -14.07 -1.84 -8.58
C GLY E 9 -15.34 -2.66 -8.36
N GLY E 10 -16.26 -2.09 -7.61
CA GLY E 10 -17.51 -2.76 -7.31
C GLY E 10 -18.43 -1.87 -6.51
N LEU E 11 -19.46 -2.51 -5.94
CA LEU E 11 -20.43 -1.77 -5.13
C LEU E 11 -19.85 -1.50 -3.75
N VAL E 12 -19.85 -0.22 -3.37
CA VAL E 12 -19.41 0.20 -2.04
C VAL E 12 -20.51 1.02 -1.39
N GLN E 13 -20.60 0.92 -0.07
CA GLN E 13 -21.62 1.67 0.65
C GLN E 13 -21.14 3.10 0.88
N PRO E 14 -22.06 4.07 0.92
CA PRO E 14 -21.66 5.45 1.24
C PRO E 14 -20.97 5.55 2.59
N GLY E 15 -19.83 6.22 2.62
CA GLY E 15 -19.02 6.27 3.83
C GLY E 15 -18.12 5.09 4.06
N GLY E 16 -17.80 4.33 3.02
CA GLY E 16 -16.93 3.19 3.12
C GLY E 16 -15.58 3.42 2.47
N SER E 17 -14.86 2.33 2.22
CA SER E 17 -13.55 2.38 1.60
C SER E 17 -13.45 1.31 0.51
N LEU E 18 -12.47 1.49 -0.36
CA LEU E 18 -12.23 0.55 -1.45
C LEU E 18 -10.88 0.83 -2.07
N ARG E 19 -10.15 -0.22 -2.42
CA ARG E 19 -8.83 -0.12 -3.02
C ARG E 19 -8.89 -0.52 -4.48
N LEU E 20 -8.26 0.28 -5.35
CA LEU E 20 -8.17 -0.01 -6.77
C LEU E 20 -6.71 -0.26 -7.14
N SER E 21 -6.51 -1.11 -8.14
CA SER E 21 -5.18 -1.47 -8.60
C SER E 21 -5.06 -1.27 -10.10
N CYS E 22 -3.83 -1.04 -10.56
CA CYS E 22 -3.53 -0.87 -11.98
C CYS E 22 -2.26 -1.63 -12.32
N ALA E 23 -2.40 -2.75 -13.01
CA ALA E 23 -1.25 -3.56 -13.40
C ALA E 23 -0.60 -2.97 -14.66
N ALA E 24 0.71 -2.77 -14.60
CA ALA E 24 1.46 -2.11 -15.65
C ALA E 24 2.45 -3.07 -16.30
N SER E 25 2.57 -2.97 -17.62
CA SER E 25 3.54 -3.77 -18.36
C SER E 25 3.84 -3.09 -19.69
N GLY E 26 4.95 -3.49 -20.31
CA GLY E 26 5.38 -2.92 -21.57
C GLY E 26 6.35 -1.77 -21.47
N PHE E 27 6.57 -1.22 -20.28
CA PHE E 27 7.50 -0.12 -20.10
C PHE E 27 8.10 -0.22 -18.71
N THR E 28 9.11 0.61 -18.45
CA THR E 28 9.70 0.70 -17.12
C THR E 28 8.78 1.54 -16.24
N PHE E 29 8.14 0.87 -15.27
CA PHE E 29 7.06 1.50 -14.51
C PHE E 29 7.54 2.67 -13.68
N SER E 30 8.79 2.64 -13.21
CA SER E 30 9.29 3.73 -12.38
C SER E 30 9.63 4.98 -13.17
N SER E 31 9.86 4.84 -14.48
CA SER E 31 10.39 5.96 -15.26
C SER E 31 9.35 7.03 -15.54
N TYR E 32 8.07 6.67 -15.61
CA TYR E 32 7.04 7.64 -15.97
C TYR E 32 6.03 7.72 -14.84
N ALA E 33 5.49 8.92 -14.62
CA ALA E 33 4.51 9.11 -13.57
C ALA E 33 3.19 8.44 -13.94
N MET E 34 2.37 8.21 -12.92
CA MET E 34 1.07 7.57 -13.09
C MET E 34 -0.03 8.46 -12.52
N SER E 35 -1.23 8.32 -13.07
CA SER E 35 -2.34 9.17 -12.67
C SER E 35 -3.64 8.37 -12.72
N TRP E 36 -4.65 8.88 -12.01
CA TRP E 36 -6.00 8.37 -12.09
C TRP E 36 -6.92 9.43 -12.67
N VAL E 37 -7.92 8.98 -13.43
CA VAL E 37 -8.93 9.87 -14.01
C VAL E 37 -10.27 9.14 -13.97
N ARG E 38 -11.29 9.81 -13.43
CA ARG E 38 -12.61 9.22 -13.30
C ARG E 38 -13.59 9.87 -14.27
N GLN E 39 -14.66 9.14 -14.57
CA GLN E 39 -15.67 9.61 -15.52
C GLN E 39 -17.03 9.05 -15.11
N ALA E 40 -17.89 9.90 -14.58
CA ALA E 40 -19.25 9.50 -14.31
C ALA E 40 -19.98 9.22 -15.64
N PRO E 41 -20.98 8.34 -15.63
CA PRO E 41 -21.66 8.01 -16.89
C PRO E 41 -22.35 9.23 -17.48
N GLY E 42 -22.16 9.41 -18.80
CA GLY E 42 -22.68 10.59 -19.47
C GLY E 42 -22.04 11.88 -19.07
N LYS E 43 -20.83 11.83 -18.51
CA LYS E 43 -20.11 13.02 -18.07
C LYS E 43 -18.71 13.02 -18.68
N GLY E 44 -18.01 14.13 -18.52
CA GLY E 44 -16.66 14.25 -19.01
C GLY E 44 -15.65 13.61 -18.06
N LEU E 45 -14.39 13.63 -18.51
CA LEU E 45 -13.30 13.08 -17.71
C LEU E 45 -12.84 14.10 -16.69
N GLU E 46 -12.45 13.60 -15.52
CA GLU E 46 -12.04 14.43 -14.39
C GLU E 46 -10.75 13.89 -13.79
N TRP E 47 -9.73 14.75 -13.70
CA TRP E 47 -8.52 14.36 -13.02
C TRP E 47 -8.77 14.25 -11.51
N VAL E 48 -8.18 13.23 -10.89
CA VAL E 48 -8.40 12.97 -9.47
C VAL E 48 -7.09 12.87 -8.72
N SER E 49 -6.14 12.07 -9.22
CA SER E 49 -4.90 11.87 -8.49
C SER E 49 -3.76 11.61 -9.47
N ALA E 50 -2.54 11.77 -8.97
CA ALA E 50 -1.32 11.52 -9.73
C ALA E 50 -0.17 11.31 -8.75
N ILE E 51 0.78 10.48 -9.15
CA ILE E 51 1.94 10.17 -8.31
C ILE E 51 3.19 10.22 -9.18
N SER E 52 4.29 10.64 -8.56
CA SER E 52 5.57 10.76 -9.26
C SER E 52 6.15 9.38 -9.54
N GLY E 53 7.21 9.37 -10.34
CA GLY E 53 7.83 8.10 -10.73
C GLY E 53 8.35 7.31 -9.55
N SER E 54 9.16 7.95 -8.70
CA SER E 54 9.63 7.28 -7.50
C SER E 54 8.52 7.16 -6.46
N GLY E 55 7.53 8.06 -6.50
CA GLY E 55 6.48 8.09 -5.51
C GLY E 55 6.70 9.07 -4.39
N GLY E 56 7.77 9.85 -4.41
CA GLY E 56 8.05 10.79 -3.35
C GLY E 56 7.03 11.91 -3.21
N SER E 57 6.27 12.20 -4.27
CA SER E 57 5.29 13.28 -4.25
C SER E 57 3.98 12.79 -4.84
N THR E 58 2.88 13.04 -4.13
CA THR E 58 1.55 12.72 -4.59
C THR E 58 0.74 13.99 -4.77
N TYR E 59 -0.17 13.97 -5.74
CA TYR E 59 -0.98 15.15 -6.07
C TYR E 59 -2.45 14.73 -6.09
N TYR E 60 -3.31 15.55 -5.49
CA TYR E 60 -4.72 15.23 -5.36
C TYR E 60 -5.56 16.44 -5.76
N ALA E 61 -6.70 16.16 -6.40
CA ALA E 61 -7.67 17.20 -6.68
C ALA E 61 -8.38 17.63 -5.40
N ASP E 62 -8.98 18.82 -5.44
CA ASP E 62 -9.61 19.39 -4.25
C ASP E 62 -10.84 18.59 -3.81
N SER E 63 -11.51 17.92 -4.74
CA SER E 63 -12.72 17.17 -4.40
C SER E 63 -12.38 15.93 -3.59
N VAL E 64 -11.30 15.23 -3.96
CA VAL E 64 -10.90 14.01 -3.28
C VAL E 64 -9.83 14.26 -2.23
N LYS E 65 -9.52 15.53 -1.96
CA LYS E 65 -8.50 15.85 -0.96
C LYS E 65 -8.94 15.40 0.42
N GLY E 66 -8.00 14.80 1.16
CA GLY E 66 -8.30 14.28 2.48
C GLY E 66 -9.10 13.00 2.52
N ARG E 67 -9.46 12.43 1.38
CA ARG E 67 -10.20 11.17 1.34
C ARG E 67 -9.51 10.08 0.52
N PHE E 68 -8.97 10.40 -0.64
CA PHE E 68 -8.27 9.42 -1.45
C PHE E 68 -6.77 9.49 -1.20
N THR E 69 -6.12 8.34 -1.28
CA THR E 69 -4.67 8.25 -1.15
C THR E 69 -4.14 7.45 -2.32
N ILE E 70 -3.23 8.06 -3.09
CA ILE E 70 -2.60 7.39 -4.23
C ILE E 70 -1.26 6.83 -3.76
N SER E 71 -0.89 5.67 -4.29
CA SER E 71 0.33 5.00 -3.85
C SER E 71 0.86 4.15 -5.00
N ARG E 72 2.15 3.83 -4.91
CA ARG E 72 2.84 3.10 -5.96
C ARG E 72 3.70 1.99 -5.38
N ASP E 73 3.73 0.86 -6.08
CA ASP E 73 4.71 -0.19 -5.84
C ASP E 73 5.50 -0.40 -7.13
N ASN E 74 6.83 -0.32 -7.02
CA ASN E 74 7.68 -0.41 -8.21
C ASN E 74 8.10 -1.82 -8.55
N SER E 75 8.23 -2.70 -7.55
CA SER E 75 8.60 -4.08 -7.83
C SER E 75 7.46 -4.86 -8.45
N LYS E 76 6.21 -4.55 -8.09
CA LYS E 76 5.05 -5.23 -8.62
C LYS E 76 4.49 -4.56 -9.86
N ASN E 77 4.99 -3.36 -10.20
CA ASN E 77 4.51 -2.60 -11.36
C ASN E 77 2.99 -2.39 -11.27
N THR E 78 2.58 -1.75 -10.18
CA THR E 78 1.15 -1.58 -9.94
C THR E 78 0.89 -0.25 -9.23
N LEU E 79 -0.13 0.46 -9.69
CA LEU E 79 -0.59 1.71 -9.09
C LEU E 79 -1.82 1.45 -8.25
N TYR E 80 -1.87 2.03 -7.05
CA TYR E 80 -2.99 1.80 -6.15
C TYR E 80 -3.68 3.13 -5.86
N LEU E 81 -5.00 3.08 -5.69
CA LEU E 81 -5.78 4.24 -5.28
C LEU E 81 -6.69 3.81 -4.14
N GLN E 82 -6.35 4.21 -2.92
CA GLN E 82 -7.16 3.91 -1.74
C GLN E 82 -8.21 5.01 -1.56
N MET E 83 -9.47 4.63 -1.74
CA MET E 83 -10.59 5.57 -1.68
C MET E 83 -11.29 5.43 -0.33
N ASN E 84 -11.44 6.54 0.37
CA ASN E 84 -12.06 6.53 1.69
C ASN E 84 -13.23 7.51 1.73
N SER E 85 -14.16 7.24 2.63
CA SER E 85 -15.35 8.08 2.84
C SER E 85 -16.07 8.34 1.52
N LEU E 86 -16.33 7.27 0.78
CA LEU E 86 -16.90 7.38 -0.55
C LEU E 86 -18.32 7.94 -0.50
N ARG E 87 -18.65 8.74 -1.51
CA ARG E 87 -19.95 9.39 -1.64
C ARG E 87 -20.59 9.00 -2.97
N ALA E 88 -21.88 9.29 -3.09
CA ALA E 88 -22.61 8.96 -4.31
C ALA E 88 -21.99 9.64 -5.54
N GLU E 89 -21.41 10.83 -5.37
CA GLU E 89 -20.74 11.49 -6.48
C GLU E 89 -19.59 10.67 -7.02
N ASP E 90 -18.91 9.91 -6.15
CA ASP E 90 -17.70 9.20 -6.54
C ASP E 90 -17.97 8.07 -7.52
N THR E 91 -19.24 7.75 -7.79
CA THR E 91 -19.58 6.73 -8.76
C THR E 91 -19.08 7.11 -10.14
N ALA E 92 -18.11 6.37 -10.64
CA ALA E 92 -17.49 6.64 -11.93
C ALA E 92 -16.56 5.48 -12.27
N VAL E 93 -16.23 5.37 -13.54
CA VAL E 93 -15.22 4.43 -14.00
C VAL E 93 -13.87 5.12 -13.97
N TYR E 94 -12.94 4.60 -13.18
CA TYR E 94 -11.65 5.24 -12.97
C TYR E 94 -10.60 4.57 -13.85
N TYR E 95 -9.80 5.38 -14.54
CA TYR E 95 -8.78 4.86 -15.43
C TYR E 95 -7.42 5.25 -14.87
N CYS E 96 -6.46 4.34 -14.96
CA CYS E 96 -5.07 4.65 -14.61
C CYS E 96 -4.33 5.06 -15.88
N ALA E 97 -3.65 6.20 -15.82
CA ALA E 97 -3.03 6.81 -16.98
C ALA E 97 -1.59 7.16 -16.68
N LYS E 98 -0.67 6.63 -17.48
CA LYS E 98 0.74 6.96 -17.40
C LYS E 98 0.99 8.40 -17.84
N SER E 99 2.05 9.00 -17.31
CA SER E 99 2.41 10.40 -17.54
C SER E 99 3.81 10.51 -18.12
N TYR E 100 3.93 11.14 -19.28
CA TYR E 100 5.22 11.50 -19.87
C TYR E 100 5.62 12.91 -19.44
N ASN E 101 5.61 13.14 -18.12
CA ASN E 101 5.68 14.49 -17.53
C ASN E 101 4.59 15.42 -18.09
N HIS E 102 4.97 16.41 -18.91
CA HIS E 102 3.97 17.31 -19.47
C HIS E 102 2.94 16.50 -20.25
N PRO E 103 3.25 15.87 -21.41
CA PRO E 103 2.19 15.11 -22.09
C PRO E 103 1.67 13.95 -21.24
N MET E 104 0.83 14.29 -20.26
CA MET E 104 0.28 13.27 -19.39
C MET E 104 -0.80 12.46 -20.08
N PHE E 105 -1.24 11.42 -19.40
CA PHE E 105 -2.35 10.57 -19.83
C PHE E 105 -2.06 9.97 -21.20
N ASP E 106 -0.81 9.54 -21.38
CA ASP E 106 -0.35 9.04 -22.67
C ASP E 106 -1.01 7.71 -23.02
N TYR E 107 -1.22 6.84 -22.03
CA TYR E 107 -1.94 5.59 -22.23
C TYR E 107 -3.03 5.46 -21.18
N TRP E 108 -4.10 4.77 -21.55
CA TRP E 108 -5.30 4.67 -20.73
C TRP E 108 -5.69 3.21 -20.57
N GLY E 109 -5.93 2.78 -19.34
CA GLY E 109 -6.53 1.49 -19.10
C GLY E 109 -8.02 1.50 -19.38
N GLN E 110 -8.59 0.30 -19.53
CA GLN E 110 -10.02 0.20 -19.81
C GLN E 110 -10.86 0.77 -18.68
N GLY E 111 -10.33 0.75 -17.46
CA GLY E 111 -11.03 1.38 -16.35
C GLY E 111 -11.95 0.41 -15.63
N THR E 112 -12.05 0.61 -14.32
CA THR E 112 -12.94 -0.17 -13.48
C THR E 112 -14.04 0.74 -12.94
N LEU E 113 -15.23 0.18 -12.80
CA LEU E 113 -16.42 0.94 -12.41
C LEU E 113 -16.62 0.82 -10.91
N VAL E 114 -16.83 1.96 -10.25
CA VAL E 114 -17.07 2.01 -8.81
C VAL E 114 -18.48 2.54 -8.60
N THR E 115 -19.34 1.73 -7.99
CA THR E 115 -20.70 2.10 -7.67
C THR E 115 -20.79 2.38 -6.18
N VAL E 116 -21.22 3.60 -5.82
CA VAL E 116 -21.38 3.96 -4.43
C VAL E 116 -22.86 4.04 -4.11
N SER E 117 -23.45 2.93 -3.69
CA SER E 117 -24.88 2.86 -3.42
C SER E 117 -25.13 1.98 -2.20
N SER E 118 -26.25 2.24 -1.54
CA SER E 118 -26.66 1.43 -0.40
C SER E 118 -27.43 0.19 -0.82
N ALA E 119 -27.97 0.16 -2.02
CA ALA E 119 -28.72 -0.99 -2.50
C ALA E 119 -27.80 -2.23 -2.58
N SER E 120 -28.43 -3.39 -2.48
CA SER E 120 -27.71 -4.65 -2.45
C SER E 120 -27.40 -5.15 -3.85
N THR E 121 -26.34 -5.95 -3.96
CA THR E 121 -26.00 -6.58 -5.23
C THR E 121 -27.05 -7.62 -5.58
N LYS E 122 -27.61 -7.51 -6.79
CA LYS E 122 -28.62 -8.43 -7.27
C LYS E 122 -28.16 -9.11 -8.56
N GLY E 123 -28.41 -10.41 -8.66
CA GLY E 123 -28.06 -11.16 -9.84
C GLY E 123 -29.05 -10.98 -10.97
N PRO E 124 -28.55 -11.05 -12.20
CA PRO E 124 -29.41 -10.88 -13.36
C PRO E 124 -30.26 -12.12 -13.65
N SER E 125 -31.41 -11.88 -14.26
CA SER E 125 -32.27 -12.93 -14.78
C SER E 125 -32.24 -12.84 -16.30
N VAL E 126 -31.67 -13.85 -16.94
CA VAL E 126 -31.47 -13.85 -18.39
C VAL E 126 -32.64 -14.59 -19.01
N PHE E 127 -33.46 -13.87 -19.79
CA PHE E 127 -34.58 -14.50 -20.43
C PHE E 127 -34.37 -14.57 -21.94
N PRO E 128 -34.76 -15.67 -22.58
CA PRO E 128 -34.50 -15.82 -24.02
C PRO E 128 -35.46 -14.97 -24.85
N LEU E 129 -34.89 -14.27 -25.82
CA LEU E 129 -35.64 -13.50 -26.81
C LEU E 129 -35.56 -14.26 -28.13
N ALA E 130 -36.36 -15.33 -28.22
CA ALA E 130 -36.25 -16.27 -29.32
C ALA E 130 -36.84 -15.71 -30.61
N PRO E 131 -36.32 -16.12 -31.77
CA PRO E 131 -36.94 -15.77 -33.04
C PRO E 131 -38.31 -16.41 -33.19
N SER E 132 -39.03 -15.96 -34.21
CA SER E 132 -40.43 -16.31 -34.38
C SER E 132 -40.90 -16.04 -35.80
N GLY E 139 -34.52 -14.76 -45.47
CA GLY E 139 -34.63 -13.42 -44.92
C GLY E 139 -33.63 -13.15 -43.82
N THR E 140 -33.95 -12.18 -42.96
CA THR E 140 -33.10 -11.84 -41.82
C THR E 140 -33.89 -12.07 -40.54
N ALA E 141 -33.34 -12.88 -39.64
CA ALA E 141 -33.92 -13.13 -38.34
C ALA E 141 -33.13 -12.41 -37.26
N ALA E 142 -33.75 -12.26 -36.09
CA ALA E 142 -33.10 -11.65 -34.94
C ALA E 142 -33.23 -12.58 -33.74
N LEU E 143 -32.10 -12.93 -33.15
CA LEU E 143 -32.04 -13.72 -31.94
C LEU E 143 -31.47 -12.86 -30.82
N GLY E 144 -32.03 -13.00 -29.62
CA GLY E 144 -31.59 -12.13 -28.55
C GLY E 144 -31.82 -12.74 -27.19
N CYS E 145 -31.37 -12.01 -26.16
CA CYS E 145 -31.60 -12.38 -24.78
C CYS E 145 -31.76 -11.12 -23.94
N LEU E 146 -32.55 -11.23 -22.88
CA LEU E 146 -32.89 -10.11 -22.01
C LEU E 146 -32.21 -10.29 -20.66
N VAL E 147 -31.14 -9.53 -20.42
CA VAL E 147 -30.50 -9.49 -19.11
C VAL E 147 -31.25 -8.45 -18.28
N LYS E 148 -32.04 -8.89 -17.31
CA LYS E 148 -32.99 -8.05 -16.62
C LYS E 148 -32.85 -8.20 -15.12
N ASP E 149 -33.08 -7.10 -14.40
CA ASP E 149 -33.19 -7.07 -12.94
C ASP E 149 -31.86 -7.43 -12.27
N TYR E 150 -30.84 -6.65 -12.60
CA TYR E 150 -29.51 -6.84 -12.03
C TYR E 150 -28.99 -5.52 -11.48
N PHE E 151 -28.17 -5.62 -10.46
CA PHE E 151 -27.56 -4.45 -9.83
C PHE E 151 -26.35 -4.88 -9.02
N PRO E 152 -25.23 -4.18 -9.15
CA PRO E 152 -25.02 -3.05 -10.05
C PRO E 152 -24.49 -3.48 -11.41
N GLU E 153 -24.36 -2.52 -12.33
CA GLU E 153 -23.69 -2.75 -13.60
C GLU E 153 -22.19 -2.91 -13.36
N PRO E 154 -21.45 -3.48 -14.33
CA PRO E 154 -21.82 -3.88 -15.70
C PRO E 154 -22.18 -5.35 -15.90
N VAL E 155 -22.57 -5.68 -17.12
CA VAL E 155 -22.77 -7.07 -17.57
C VAL E 155 -22.17 -7.20 -18.96
N THR E 156 -21.33 -8.22 -19.15
CA THR E 156 -20.75 -8.53 -20.45
C THR E 156 -21.59 -9.61 -21.13
N VAL E 157 -21.98 -9.36 -22.38
CA VAL E 157 -22.78 -10.30 -23.14
C VAL E 157 -22.04 -10.60 -24.44
N SER E 158 -21.79 -11.89 -24.69
CA SER E 158 -21.20 -12.35 -25.93
C SER E 158 -21.99 -13.54 -26.45
N TRP E 159 -21.73 -13.90 -27.70
CA TRP E 159 -22.45 -14.97 -28.38
C TRP E 159 -21.47 -16.03 -28.86
N ASN E 160 -21.77 -17.29 -28.54
CA ASN E 160 -20.94 -18.44 -28.91
C ASN E 160 -19.51 -18.29 -28.40
N SER E 161 -19.39 -17.88 -27.13
CA SER E 161 -18.09 -17.72 -26.46
C SER E 161 -17.15 -16.80 -27.25
N GLY E 162 -17.73 -15.74 -27.83
CA GLY E 162 -16.96 -14.78 -28.59
C GLY E 162 -16.75 -15.13 -30.05
N ALA E 163 -17.16 -16.32 -30.48
CA ALA E 163 -17.01 -16.70 -31.88
C ALA E 163 -18.01 -15.97 -32.78
N LEU E 164 -19.12 -15.49 -32.22
CA LEU E 164 -20.17 -14.80 -32.97
C LEU E 164 -20.10 -13.32 -32.62
N THR E 165 -19.49 -12.53 -33.51
CA THR E 165 -19.42 -11.08 -33.37
C THR E 165 -20.03 -10.37 -34.57
N SER E 166 -20.73 -11.09 -35.45
CA SER E 166 -21.30 -10.52 -36.65
C SER E 166 -22.75 -10.09 -36.38
N GLY E 167 -23.03 -8.81 -36.58
CA GLY E 167 -24.37 -8.31 -36.37
C GLY E 167 -24.86 -8.35 -34.95
N VAL E 168 -23.95 -8.37 -33.97
CA VAL E 168 -24.32 -8.44 -32.57
C VAL E 168 -24.45 -7.02 -32.03
N HIS E 169 -25.63 -6.71 -31.49
CA HIS E 169 -25.92 -5.40 -30.90
C HIS E 169 -26.28 -5.62 -29.44
N THR E 170 -25.39 -5.21 -28.54
CA THR E 170 -25.63 -5.27 -27.09
C THR E 170 -25.96 -3.87 -26.61
N PHE E 171 -27.19 -3.66 -26.15
CA PHE E 171 -27.54 -2.27 -25.92
C PHE E 171 -27.13 -1.83 -24.52
N PRO E 172 -26.95 -0.53 -24.31
CA PRO E 172 -26.57 -0.04 -22.99
C PRO E 172 -27.63 -0.35 -21.94
N ALA E 173 -27.16 -0.48 -20.70
CA ALA E 173 -28.07 -0.71 -19.58
C ALA E 173 -28.95 0.49 -19.34
N VAL E 174 -30.25 0.26 -19.22
CA VAL E 174 -31.23 1.30 -18.89
C VAL E 174 -31.79 1.01 -17.51
N LEU E 175 -31.77 2.02 -16.63
CA LEU E 175 -32.28 1.88 -15.28
C LEU E 175 -33.80 1.94 -15.31
N GLN E 176 -34.46 0.84 -14.99
CA GLN E 176 -35.91 0.79 -14.99
C GLN E 176 -36.45 1.24 -13.64
N SER E 177 -37.78 1.45 -13.60
CA SER E 177 -38.39 2.14 -12.46
C SER E 177 -38.16 1.40 -11.14
N SER E 178 -37.96 0.08 -11.20
CA SER E 178 -37.71 -0.68 -9.98
C SER E 178 -36.39 -0.34 -9.31
N GLY E 179 -35.50 0.39 -9.99
CA GLY E 179 -34.18 0.65 -9.47
C GLY E 179 -33.14 -0.35 -9.92
N LEU E 180 -33.45 -1.18 -10.90
CA LEU E 180 -32.56 -2.22 -11.40
C LEU E 180 -32.28 -1.97 -12.88
N TYR E 181 -31.06 -2.25 -13.31
CA TYR E 181 -30.73 -2.10 -14.72
C TYR E 181 -31.25 -3.29 -15.52
N SER E 182 -31.32 -3.12 -16.83
CA SER E 182 -31.74 -4.19 -17.73
C SER E 182 -31.30 -3.85 -19.15
N LEU E 183 -30.62 -4.80 -19.81
CA LEU E 183 -30.21 -4.63 -21.19
C LEU E 183 -30.65 -5.84 -22.00
N SER E 184 -30.60 -5.68 -23.32
CA SER E 184 -30.91 -6.75 -24.26
C SER E 184 -29.88 -6.74 -25.38
N SER E 185 -29.35 -7.91 -25.72
CA SER E 185 -28.37 -8.06 -26.78
C SER E 185 -28.94 -8.97 -27.86
N VAL E 186 -28.85 -8.53 -29.12
CA VAL E 186 -29.45 -9.25 -30.23
C VAL E 186 -28.41 -9.50 -31.31
N VAL E 187 -28.69 -10.52 -32.14
CA VAL E 187 -27.84 -10.88 -33.27
C VAL E 187 -28.73 -11.07 -34.49
N THR E 188 -28.29 -10.53 -35.63
CA THR E 188 -29.04 -10.57 -36.88
C THR E 188 -28.37 -11.57 -37.83
N VAL E 189 -29.09 -12.62 -38.18
CA VAL E 189 -28.57 -13.68 -39.05
C VAL E 189 -29.62 -14.05 -40.08
N PRO E 190 -29.19 -14.67 -41.19
CA PRO E 190 -30.16 -15.15 -42.18
C PRO E 190 -31.17 -16.11 -41.61
N SER E 191 -32.38 -16.09 -42.19
CA SER E 191 -33.49 -16.88 -41.68
C SER E 191 -33.19 -18.37 -41.72
N SER E 192 -32.58 -18.85 -42.81
CA SER E 192 -32.33 -20.28 -42.95
C SER E 192 -31.27 -20.79 -41.97
N SER E 193 -30.43 -19.91 -41.44
CA SER E 193 -29.38 -20.31 -40.52
C SER E 193 -29.93 -20.76 -39.17
N LEU E 194 -31.21 -20.52 -38.90
CA LEU E 194 -31.80 -20.91 -37.61
C LEU E 194 -31.84 -22.41 -37.44
N GLY E 195 -32.02 -23.16 -38.53
CA GLY E 195 -31.99 -24.61 -38.48
C GLY E 195 -30.63 -25.22 -38.60
N THR E 196 -29.58 -24.41 -38.79
CA THR E 196 -28.23 -24.92 -38.97
C THR E 196 -27.44 -24.62 -37.72
N GLN E 197 -26.74 -23.49 -37.63
CA GLN E 197 -25.93 -23.18 -36.47
C GLN E 197 -26.82 -23.02 -35.22
N THR E 198 -26.17 -23.00 -34.07
CA THR E 198 -26.84 -22.94 -32.78
C THR E 198 -26.26 -21.77 -32.00
N TYR E 199 -27.12 -20.87 -31.52
CA TYR E 199 -26.68 -19.58 -31.02
C TYR E 199 -26.87 -19.54 -29.50
N ILE E 200 -25.76 -19.46 -28.77
CA ILE E 200 -25.77 -19.44 -27.32
C ILE E 200 -25.37 -18.05 -26.85
N CYS E 201 -26.02 -17.57 -25.80
CA CYS E 201 -25.73 -16.25 -25.23
C CYS E 201 -24.91 -16.41 -23.96
N ASN E 202 -23.87 -15.59 -23.83
CA ASN E 202 -22.94 -15.68 -22.71
C ASN E 202 -23.08 -14.41 -21.86
N VAL E 203 -23.71 -14.54 -20.71
CA VAL E 203 -23.99 -13.41 -19.82
C VAL E 203 -23.18 -13.59 -18.54
N ASN E 204 -22.45 -12.55 -18.15
CA ASN E 204 -21.66 -12.54 -16.93
C ASN E 204 -21.96 -11.27 -16.14
N HIS E 205 -22.19 -11.44 -14.84
CA HIS E 205 -22.39 -10.31 -13.92
C HIS E 205 -21.43 -10.53 -12.75
N LYS E 206 -20.27 -9.89 -12.81
CA LYS E 206 -19.24 -10.11 -11.81
C LYS E 206 -19.62 -9.65 -10.41
N PRO E 207 -20.29 -8.50 -10.20
CA PRO E 207 -20.66 -8.13 -8.82
C PRO E 207 -21.48 -9.18 -8.11
N SER E 208 -22.33 -9.92 -8.83
CA SER E 208 -23.06 -11.05 -8.25
C SER E 208 -22.41 -12.39 -8.56
N ASN E 209 -21.36 -12.42 -9.38
CA ASN E 209 -20.65 -13.65 -9.75
C ASN E 209 -21.63 -14.70 -10.28
N THR E 210 -22.43 -14.31 -11.27
CA THR E 210 -23.40 -15.18 -11.90
C THR E 210 -23.08 -15.28 -13.39
N LYS E 211 -22.84 -16.50 -13.86
CA LYS E 211 -22.53 -16.76 -15.26
C LYS E 211 -23.60 -17.67 -15.83
N VAL E 212 -24.35 -17.17 -16.81
CA VAL E 212 -25.47 -17.90 -17.41
C VAL E 212 -25.23 -18.00 -18.91
N ASP E 213 -25.36 -19.23 -19.44
CA ASP E 213 -25.27 -19.48 -20.87
C ASP E 213 -26.58 -20.12 -21.33
N LYS E 214 -27.32 -19.42 -22.19
CA LYS E 214 -28.62 -19.92 -22.65
C LYS E 214 -28.65 -19.97 -24.17
N LYS E 215 -29.15 -21.08 -24.70
CA LYS E 215 -29.34 -21.24 -26.13
C LYS E 215 -30.57 -20.45 -26.59
N VAL E 216 -30.56 -20.05 -27.85
CA VAL E 216 -31.71 -19.35 -28.40
C VAL E 216 -32.41 -20.25 -29.42
N GLU E 217 -33.44 -20.97 -28.96
CA GLU E 217 -34.19 -21.91 -29.78
C GLU E 217 -35.46 -21.26 -30.29
N PRO E 218 -35.79 -21.38 -31.58
CA PRO E 218 -37.04 -20.80 -32.07
C PRO E 218 -38.27 -21.34 -31.35
N LYS E 219 -38.28 -22.63 -31.01
CA LYS E 219 -39.35 -23.26 -30.23
C LYS E 219 -40.71 -23.01 -30.88
N SER E 220 -40.85 -23.50 -32.11
CA SER E 220 -42.07 -23.31 -32.88
C SER E 220 -43.27 -23.98 -32.22
N ARG F 7 0.67 24.26 -8.14
CA ARG F 7 -0.20 24.95 -9.09
C ARG F 7 0.45 25.11 -10.47
N PRO F 8 1.73 25.49 -10.55
CA PRO F 8 2.42 25.38 -11.84
C PRO F 8 3.11 24.03 -12.00
N TRP F 9 2.65 23.21 -12.94
CA TRP F 9 3.30 21.93 -13.20
C TRP F 9 4.53 22.19 -14.06
N ASN F 10 5.70 22.27 -13.42
CA ASN F 10 6.96 22.57 -14.10
C ASN F 10 7.94 21.43 -13.95
N PRO F 11 7.63 20.24 -14.47
CA PRO F 11 8.57 19.13 -14.38
C PRO F 11 9.80 19.42 -15.21
N PRO F 12 10.98 19.45 -14.59
CA PRO F 12 12.20 19.74 -15.35
C PRO F 12 12.41 18.75 -16.48
N THR F 13 13.14 19.20 -17.50
CA THR F 13 13.54 18.34 -18.60
C THR F 13 14.97 17.87 -18.35
N PHE F 14 15.25 16.65 -18.81
CA PHE F 14 16.50 15.98 -18.45
C PHE F 14 17.05 15.33 -19.71
N SER F 15 18.02 15.97 -20.33
CA SER F 15 18.55 15.58 -21.63
C SER F 15 20.06 15.40 -21.55
N PRO F 16 20.63 14.55 -22.41
CA PRO F 16 19.96 13.70 -23.40
C PRO F 16 19.36 12.42 -22.83
N ALA F 17 18.62 11.68 -23.67
CA ALA F 17 17.97 10.45 -23.21
C ALA F 17 19.00 9.35 -22.98
N LEU F 18 20.00 9.25 -23.84
CA LEU F 18 21.02 8.21 -23.74
C LEU F 18 22.40 8.84 -23.92
N LEU F 19 23.36 8.37 -23.13
CA LEU F 19 24.72 8.89 -23.19
C LEU F 19 25.70 7.73 -23.22
N VAL F 20 26.55 7.69 -24.25
CA VAL F 20 27.65 6.74 -24.34
C VAL F 20 28.95 7.52 -24.25
N VAL F 21 29.77 7.19 -23.26
CA VAL F 21 31.08 7.78 -23.09
C VAL F 21 32.08 6.68 -22.78
N THR F 22 33.31 6.88 -23.22
CA THR F 22 34.38 5.94 -22.93
C THR F 22 34.85 6.13 -21.49
N GLU F 23 35.31 5.04 -20.88
CA GLU F 23 35.68 5.07 -19.47
C GLU F 23 36.81 6.08 -19.24
N GLY F 24 36.64 6.90 -18.20
CA GLY F 24 37.59 7.94 -17.87
C GLY F 24 37.21 9.32 -18.39
N ASP F 25 36.26 9.40 -19.31
CA ASP F 25 35.84 10.67 -19.90
C ASP F 25 34.73 11.32 -19.08
N ASN F 26 34.70 12.65 -19.09
CA ASN F 26 33.61 13.36 -18.43
C ASN F 26 32.29 13.09 -19.15
N ALA F 27 31.24 12.83 -18.37
CA ALA F 27 29.88 12.70 -18.89
C ALA F 27 29.02 13.78 -18.24
N THR F 28 28.28 14.52 -19.07
CA THR F 28 27.50 15.66 -18.60
C THR F 28 26.08 15.56 -19.13
N PHE F 29 25.10 15.81 -18.26
CA PHE F 29 23.71 15.88 -18.68
C PHE F 29 23.26 17.35 -18.56
N THR F 30 22.02 17.62 -18.96
CA THR F 30 21.46 18.96 -18.85
C THR F 30 20.08 18.88 -18.23
N CYS F 31 19.92 19.46 -17.05
CA CYS F 31 18.65 19.55 -16.35
C CYS F 31 18.16 20.98 -16.40
N SER F 32 17.02 21.20 -17.07
CA SER F 32 16.47 22.53 -17.29
C SER F 32 15.15 22.66 -16.53
N PHE F 33 15.07 23.68 -15.69
CA PHE F 33 13.88 23.92 -14.87
C PHE F 33 13.54 25.41 -14.92
N SER F 34 12.32 25.72 -15.36
CA SER F 34 11.82 27.10 -15.39
C SER F 34 11.16 27.38 -14.05
N ASN F 35 11.86 28.10 -13.19
CA ASN F 35 11.36 28.38 -11.85
C ASN F 35 10.20 29.36 -11.85
N THR F 36 9.35 29.24 -10.82
CA THR F 36 8.37 30.25 -10.48
C THR F 36 8.80 31.11 -9.30
N SER F 37 9.66 30.59 -8.43
CA SER F 37 10.25 31.33 -7.32
C SER F 37 11.74 31.06 -7.28
N GLU F 38 12.47 31.87 -6.52
CA GLU F 38 13.90 31.67 -6.35
C GLU F 38 14.24 30.74 -5.19
N SER F 39 13.25 30.32 -4.42
CA SER F 39 13.43 29.36 -3.34
C SER F 39 13.25 27.96 -3.93
N PHE F 40 14.33 27.42 -4.49
CA PHE F 40 14.26 26.11 -5.13
C PHE F 40 15.64 25.48 -5.16
N VAL F 41 15.67 24.16 -5.14
CA VAL F 41 16.90 23.39 -5.25
C VAL F 41 16.70 22.34 -6.34
N LEU F 42 17.79 21.95 -6.99
CA LEU F 42 17.78 20.86 -7.95
C LEU F 42 18.65 19.73 -7.42
N ASN F 43 18.14 18.51 -7.51
CA ASN F 43 18.82 17.32 -7.01
C ASN F 43 19.25 16.44 -8.17
N TRP F 44 20.29 15.65 -7.92
CA TRP F 44 20.96 14.83 -8.92
C TRP F 44 20.92 13.38 -8.44
N TYR F 45 20.17 12.54 -9.16
CA TYR F 45 19.75 11.22 -8.67
C TYR F 45 20.27 10.12 -9.58
N ARG F 46 20.67 9.00 -8.97
CA ARG F 46 20.93 7.74 -9.66
C ARG F 46 20.18 6.62 -8.98
N MET F 47 19.68 5.68 -9.78
CA MET F 47 18.98 4.50 -9.27
C MET F 47 20.00 3.42 -9.01
N SER F 48 20.42 3.29 -7.75
CA SER F 48 21.45 2.34 -7.36
C SER F 48 20.90 0.92 -7.50
N PRO F 49 21.75 -0.10 -7.38
CA PRO F 49 21.22 -1.48 -7.29
C PRO F 49 20.21 -1.66 -6.17
N SER F 50 20.19 -0.75 -5.18
CA SER F 50 19.13 -0.72 -4.18
C SER F 50 17.82 -0.22 -4.75
N ASN F 51 17.80 0.12 -6.04
CA ASN F 51 16.60 0.58 -6.73
C ASN F 51 15.96 1.76 -6.00
N GLN F 52 16.75 2.80 -5.76
CA GLN F 52 16.32 3.93 -4.96
C GLN F 52 16.93 5.21 -5.51
N THR F 53 16.18 6.30 -5.39
CA THR F 53 16.67 7.61 -5.84
C THR F 53 17.76 8.06 -4.87
N ASP F 54 19.01 7.85 -5.24
CA ASP F 54 20.14 8.22 -4.41
C ASP F 54 20.62 9.61 -4.80
N LYS F 55 20.61 10.53 -3.84
CA LYS F 55 20.99 11.92 -4.11
C LYS F 55 22.48 11.98 -4.37
N LEU F 56 22.85 12.09 -5.65
CA LEU F 56 24.25 12.12 -6.03
C LEU F 56 24.87 13.48 -5.71
N ALA F 57 24.17 14.55 -6.05
CA ALA F 57 24.61 15.91 -5.77
C ALA F 57 23.37 16.80 -5.74
N ALA F 58 23.59 18.08 -5.41
CA ALA F 58 22.50 19.02 -5.30
C ALA F 58 23.06 20.44 -5.33
N PHE F 59 22.28 21.35 -5.88
CA PHE F 59 22.66 22.75 -5.91
C PHE F 59 21.46 23.66 -5.67
N PRO F 60 21.48 24.50 -4.63
CA PRO F 60 22.59 24.82 -3.70
C PRO F 60 23.16 23.64 -2.93
N GLU F 61 24.45 23.71 -2.62
CA GLU F 61 25.19 22.62 -2.00
C GLU F 61 24.55 22.18 -0.69
N ASP F 62 24.53 20.87 -0.47
CA ASP F 62 24.09 20.26 0.78
C ASP F 62 25.20 20.46 1.77
N ARG F 63 25.28 21.70 2.26
CA ARG F 63 26.28 22.06 3.27
C ARG F 63 26.13 21.24 4.56
N SER F 64 24.93 20.69 4.79
CA SER F 64 24.73 19.85 5.96
C SER F 64 25.38 18.50 5.78
N GLN F 65 25.34 17.95 4.56
CA GLN F 65 25.95 16.65 4.23
C GLN F 65 26.77 16.82 2.95
N PRO F 66 27.85 17.58 2.98
CA PRO F 66 28.67 17.79 1.79
C PRO F 66 29.78 16.75 1.69
N GLY F 67 30.58 16.91 0.64
CA GLY F 67 31.60 15.93 0.30
C GLY F 67 31.13 14.49 0.12
N GLN F 68 29.82 14.25 -0.06
CA GLN F 68 29.37 12.89 -0.36
C GLN F 68 30.04 12.32 -1.59
N ASP F 69 30.24 13.15 -2.63
CA ASP F 69 30.93 12.72 -3.83
C ASP F 69 31.34 13.94 -4.66
N CYS F 70 32.63 14.25 -4.68
CA CYS F 70 33.14 15.31 -5.54
C CYS F 70 33.20 14.89 -7.01
N ARG F 71 33.00 13.61 -7.30
CA ARG F 71 33.03 13.11 -8.68
C ARG F 71 31.76 13.43 -9.46
N PHE F 72 30.64 13.74 -8.80
CA PHE F 72 29.41 14.14 -9.46
C PHE F 72 29.19 15.61 -9.15
N ARG F 73 29.09 16.44 -10.19
CA ARG F 73 28.99 17.89 -10.03
C ARG F 73 27.74 18.43 -10.72
N VAL F 74 27.27 19.56 -10.20
CA VAL F 74 26.12 20.26 -10.74
C VAL F 74 26.47 21.75 -10.84
N THR F 75 26.34 22.30 -12.05
CA THR F 75 26.71 23.69 -12.32
C THR F 75 25.50 24.42 -12.89
N GLN F 76 25.25 25.64 -12.38
CA GLN F 76 24.18 26.49 -12.89
C GLN F 76 24.72 27.33 -14.04
N LEU F 77 24.19 27.09 -15.23
CA LEU F 77 24.51 27.98 -16.34
C LEU F 77 23.93 29.36 -16.08
N PRO F 78 24.62 30.43 -16.50
CA PRO F 78 24.18 31.78 -16.12
C PRO F 78 22.93 32.25 -16.85
N ASN F 79 22.25 31.35 -17.55
CA ASN F 79 21.03 31.74 -18.25
C ASN F 79 19.81 31.77 -17.34
N GLY F 80 19.86 31.12 -16.18
CA GLY F 80 18.77 31.16 -15.23
C GLY F 80 17.86 29.96 -15.22
N ARG F 81 18.08 28.98 -16.11
CA ARG F 81 17.19 27.83 -16.21
C ARG F 81 17.90 26.49 -16.40
N ASP F 82 19.08 26.45 -16.99
CA ASP F 82 19.74 25.20 -17.35
C ASP F 82 20.85 24.89 -16.36
N PHE F 83 20.89 23.64 -15.87
CA PHE F 83 21.98 23.17 -15.03
C PHE F 83 22.69 22.02 -15.74
N HIS F 84 23.98 21.88 -15.46
CA HIS F 84 24.79 20.80 -16.03
C HIS F 84 25.03 19.73 -14.95
N MET F 85 24.49 18.54 -15.18
CA MET F 85 24.73 17.40 -14.32
C MET F 85 25.91 16.60 -14.89
N SER F 86 27.04 16.60 -14.20
CA SER F 86 28.27 16.05 -14.73
C SER F 86 28.86 15.01 -13.79
N VAL F 87 29.38 13.93 -14.37
CA VAL F 87 30.06 12.85 -13.67
C VAL F 87 31.50 12.81 -14.15
N VAL F 88 32.44 13.26 -13.31
CA VAL F 88 33.83 13.28 -13.72
C VAL F 88 34.41 11.87 -13.67
N ARG F 89 35.51 11.68 -14.39
CA ARG F 89 36.29 10.44 -14.36
C ARG F 89 35.37 9.22 -14.41
N ALA F 90 34.62 9.12 -15.51
CA ALA F 90 33.58 8.10 -15.62
C ALA F 90 34.18 6.72 -15.42
N ARG F 91 33.53 5.93 -14.57
CA ARG F 91 33.96 4.57 -14.29
C ARG F 91 32.86 3.62 -14.74
N ARG F 92 33.25 2.37 -14.98
CA ARG F 92 32.30 1.39 -15.49
C ARG F 92 31.18 1.14 -14.47
N ASN F 93 31.48 1.33 -13.17
CA ASN F 93 30.44 1.24 -12.15
C ASN F 93 29.39 2.34 -12.30
N ASP F 94 29.74 3.46 -12.94
CA ASP F 94 28.83 4.60 -13.04
C ASP F 94 27.65 4.36 -13.96
N SER F 95 27.66 3.30 -14.76
CA SER F 95 26.55 3.06 -15.68
C SER F 95 25.26 2.79 -14.93
N GLY F 96 24.16 3.27 -15.50
CA GLY F 96 22.86 3.10 -14.88
C GLY F 96 21.86 4.13 -15.42
N THR F 97 20.76 4.26 -14.70
CA THR F 97 19.67 5.17 -15.07
C THR F 97 19.64 6.33 -14.09
N TYR F 98 19.69 7.55 -14.61
CA TYR F 98 19.75 8.74 -13.77
C TYR F 98 18.53 9.62 -14.04
N LEU F 99 18.36 10.63 -13.20
CA LEU F 99 17.34 11.67 -13.40
C LEU F 99 17.71 12.86 -12.54
N CYS F 100 17.02 13.97 -12.78
CA CYS F 100 17.15 15.15 -11.94
C CYS F 100 15.77 15.53 -11.41
N GLY F 101 15.77 16.25 -10.29
CA GLY F 101 14.54 16.70 -9.68
C GLY F 101 14.70 18.06 -9.03
N ALA F 102 13.70 18.92 -9.21
CA ALA F 102 13.72 20.27 -8.66
C ALA F 102 12.69 20.37 -7.54
N ILE F 103 13.11 20.93 -6.41
CA ILE F 103 12.24 21.10 -5.25
C ILE F 103 12.17 22.60 -4.99
N SER F 104 11.05 23.22 -5.35
CA SER F 104 10.82 24.60 -4.96
C SER F 104 10.62 24.65 -3.45
N LEU F 105 11.32 25.57 -2.80
CA LEU F 105 11.22 25.72 -1.35
C LEU F 105 9.92 26.45 -1.03
N ALA F 106 8.89 25.69 -0.72
CA ALA F 106 7.60 26.16 -0.27
C ALA F 106 7.17 25.27 0.88
N PRO F 107 6.28 25.75 1.77
CA PRO F 107 6.03 25.01 3.03
C PRO F 107 5.68 23.54 2.84
N LYS F 108 4.78 23.22 1.91
CA LYS F 108 4.42 21.83 1.63
C LYS F 108 4.92 21.32 0.29
N ALA F 109 5.70 22.10 -0.45
CA ALA F 109 6.10 21.69 -1.79
C ALA F 109 6.93 20.41 -1.76
N GLN F 110 7.06 19.79 -2.93
CA GLN F 110 7.65 18.46 -3.04
C GLN F 110 8.54 18.42 -4.28
N ILE F 111 8.82 17.20 -4.75
CA ILE F 111 9.80 16.97 -5.80
C ILE F 111 9.08 16.86 -7.14
N LYS F 112 9.57 17.59 -8.14
CA LYS F 112 9.14 17.43 -9.52
C LYS F 112 10.20 16.63 -10.26
N GLU F 113 9.88 15.39 -10.63
CA GLU F 113 10.84 14.46 -11.18
C GLU F 113 10.89 14.59 -12.70
N SER F 114 12.10 14.85 -13.22
CA SER F 114 12.29 14.87 -14.66
C SER F 114 12.27 13.44 -15.20
N LEU F 115 12.17 13.31 -16.52
CA LEU F 115 12.28 12.00 -17.13
C LEU F 115 13.69 11.44 -16.94
N ARG F 116 13.78 10.11 -16.98
CA ARG F 116 15.03 9.45 -16.69
C ARG F 116 15.89 9.38 -17.95
N ALA F 117 17.19 9.19 -17.73
CA ALA F 117 18.14 9.02 -18.82
C ALA F 117 19.12 7.93 -18.45
N GLU F 118 19.79 7.38 -19.45
CA GLU F 118 20.75 6.31 -19.27
C GLU F 118 22.16 6.81 -19.58
N LEU F 119 23.12 6.35 -18.79
CA LEU F 119 24.54 6.61 -19.01
C LEU F 119 25.23 5.28 -19.24
N ARG F 120 26.06 5.22 -20.28
CA ARG F 120 26.75 3.99 -20.66
C ARG F 120 28.24 4.26 -20.73
N VAL F 121 29.02 3.52 -19.94
CA VAL F 121 30.47 3.65 -19.91
C VAL F 121 31.07 2.49 -20.70
N THR F 122 31.91 2.82 -21.68
CA THR F 122 32.50 1.85 -22.57
C THR F 122 33.91 1.52 -22.08
N GLU F 123 34.68 0.80 -22.88
CA GLU F 123 36.09 0.50 -22.60
C GLU F 123 36.88 1.71 -22.10
N ASP G 1 11.09 21.50 72.08
CA ASP G 1 10.56 20.80 70.92
C ASP G 1 10.46 19.31 71.23
N ILE G 2 9.80 18.55 70.37
CA ILE G 2 9.72 17.10 70.52
C ILE G 2 10.89 16.50 69.72
N GLN G 3 11.96 16.16 70.45
CA GLN G 3 13.18 15.67 69.82
C GLN G 3 12.93 14.30 69.20
N MET G 4 13.27 14.17 67.92
CA MET G 4 13.11 12.92 67.18
C MET G 4 14.49 12.30 66.95
N THR G 5 14.72 11.13 67.52
CA THR G 5 15.93 10.36 67.30
C THR G 5 15.57 9.08 66.57
N GLN G 6 16.31 8.79 65.49
CA GLN G 6 15.96 7.74 64.55
C GLN G 6 17.13 6.79 64.41
N SER G 7 16.90 5.51 64.73
CA SER G 7 17.95 4.51 64.78
C SER G 7 17.60 3.32 63.90
N PRO G 8 18.55 2.80 63.12
CA PRO G 8 19.95 3.24 63.00
C PRO G 8 20.11 4.40 62.03
N SER G 9 21.34 4.89 61.84
CA SER G 9 21.58 5.92 60.83
C SER G 9 21.69 5.30 59.44
N SER G 10 22.26 4.11 59.35
CA SER G 10 22.35 3.38 58.09
C SER G 10 22.22 1.89 58.38
N LEU G 11 21.90 1.13 57.34
CA LEU G 11 21.74 -0.31 57.48
C LEU G 11 21.88 -0.95 56.11
N SER G 12 22.31 -2.21 56.09
CA SER G 12 22.53 -2.95 54.86
C SER G 12 21.84 -4.31 54.96
N ALA G 13 20.96 -4.59 54.02
CA ALA G 13 20.27 -5.88 53.94
C ALA G 13 20.12 -6.29 52.49
N SER G 14 20.00 -7.60 52.27
CA SER G 14 19.87 -8.14 50.93
C SER G 14 18.41 -8.19 50.51
N VAL G 15 18.16 -8.64 49.29
CA VAL G 15 16.81 -8.70 48.76
C VAL G 15 16.02 -9.76 49.50
N GLY G 16 14.87 -9.38 50.06
CA GLY G 16 14.02 -10.30 50.78
C GLY G 16 14.25 -10.35 52.27
N ASP G 17 14.97 -9.39 52.84
CA ASP G 17 15.28 -9.36 54.26
C ASP G 17 14.34 -8.42 55.00
N ARG G 18 14.03 -8.76 56.23
CA ARG G 18 13.22 -7.90 57.09
C ARG G 18 14.09 -6.83 57.72
N VAL G 19 13.84 -5.57 57.37
CA VAL G 19 14.59 -4.45 57.92
C VAL G 19 13.73 -3.77 58.96
N THR G 20 14.39 -3.14 59.94
CA THR G 20 13.70 -2.51 61.06
C THR G 20 14.34 -1.16 61.35
N ILE G 21 13.51 -0.12 61.39
CA ILE G 21 13.94 1.24 61.71
C ILE G 21 13.14 1.72 62.90
N THR G 22 13.83 2.20 63.93
CA THR G 22 13.20 2.64 65.17
C THR G 22 13.19 4.15 65.23
N CYS G 23 12.01 4.72 65.49
CA CYS G 23 11.85 6.16 65.69
C CYS G 23 11.45 6.39 67.14
N ARG G 24 12.25 7.18 67.86
CA ARG G 24 12.05 7.46 69.27
C ARG G 24 11.85 8.95 69.46
N ALA G 25 10.77 9.31 70.15
CA ALA G 25 10.38 10.70 70.34
C ALA G 25 10.66 11.13 71.79
N SER G 26 10.96 12.42 71.95
CA SER G 26 11.15 12.97 73.28
C SER G 26 9.87 12.89 74.10
N GLN G 27 8.82 13.55 73.63
CA GLN G 27 7.50 13.49 74.24
C GLN G 27 6.59 12.56 73.44
N SER G 28 5.53 12.11 74.08
CA SER G 28 4.57 11.24 73.39
C SER G 28 3.79 12.04 72.36
N ILE G 29 3.61 11.44 71.18
CA ILE G 29 2.96 12.09 70.05
C ILE G 29 1.66 11.38 69.69
N SER G 30 1.10 10.60 70.61
CA SER G 30 -0.13 9.83 70.41
C SER G 30 0.09 8.89 69.25
N SER G 31 -0.70 8.95 68.18
CA SER G 31 -0.48 8.15 66.98
C SER G 31 -0.09 9.02 65.78
N TYR G 32 0.30 10.27 66.03
CA TYR G 32 0.56 11.23 64.96
C TYR G 32 2.03 11.12 64.55
N LEU G 33 2.33 10.10 63.76
CA LEU G 33 3.67 9.93 63.21
C LEU G 33 3.58 9.41 61.79
N ASN G 34 4.47 9.92 60.93
CA ASN G 34 4.46 9.60 59.51
C ASN G 34 5.86 9.20 59.08
N TRP G 35 5.92 8.30 58.11
CA TRP G 35 7.17 7.83 57.53
C TRP G 35 7.25 8.30 56.08
N TYR G 36 8.46 8.68 55.66
CA TYR G 36 8.66 9.26 54.33
C TYR G 36 9.82 8.58 53.63
N GLN G 37 9.64 8.32 52.34
CA GLN G 37 10.69 7.76 51.49
C GLN G 37 11.24 8.88 50.61
N GLN G 38 12.55 9.11 50.71
CA GLN G 38 13.23 10.09 49.86
C GLN G 38 14.31 9.36 49.06
N LYS G 39 13.98 8.98 47.83
CA LYS G 39 14.99 8.47 46.93
C LYS G 39 16.01 9.57 46.63
N PRO G 40 17.24 9.21 46.28
CA PRO G 40 18.28 10.24 46.10
C PRO G 40 17.95 11.21 44.98
N GLY G 41 18.07 12.49 45.27
CA GLY G 41 17.78 13.53 44.29
C GLY G 41 16.32 13.62 43.90
N LYS G 42 15.41 13.32 44.82
CA LYS G 42 13.99 13.34 44.53
C LYS G 42 13.25 13.92 45.72
N ALA G 43 11.95 14.16 45.54
CA ALA G 43 11.10 14.65 46.62
C ALA G 43 10.72 13.50 47.55
N PRO G 44 10.44 13.79 48.82
CA PRO G 44 10.01 12.73 49.73
C PRO G 44 8.65 12.19 49.34
N LYS G 45 8.43 10.93 49.69
CA LYS G 45 7.19 10.23 49.41
C LYS G 45 6.60 9.73 50.72
N LEU G 46 5.30 10.00 50.92
CA LEU G 46 4.63 9.52 52.12
C LEU G 46 4.42 8.02 52.03
N LEU G 47 4.87 7.30 53.06
CA LEU G 47 4.73 5.86 53.12
C LEU G 47 3.67 5.44 54.14
N ILE G 48 3.90 5.74 55.41
CA ILE G 48 3.00 5.37 56.50
C ILE G 48 2.48 6.64 57.12
N TYR G 49 1.16 6.70 57.33
CA TYR G 49 0.54 7.82 58.02
C TYR G 49 -0.27 7.30 59.19
N ALA G 50 -0.47 8.16 60.19
CA ALA G 50 -1.17 7.80 61.42
C ALA G 50 -0.51 6.58 62.07
N ALA G 51 0.82 6.63 62.18
CA ALA G 51 1.63 5.63 62.86
C ALA G 51 1.67 4.28 62.15
N SER G 52 0.52 3.83 61.64
CA SER G 52 0.44 2.48 61.09
C SER G 52 -0.36 2.35 59.80
N SER G 53 -1.12 3.36 59.38
CA SER G 53 -1.89 3.24 58.16
C SER G 53 -0.99 3.36 56.93
N LEU G 54 -1.37 2.65 55.88
CA LEU G 54 -0.59 2.60 54.64
C LEU G 54 -1.17 3.56 53.61
N GLN G 55 -0.32 4.41 53.06
CA GLN G 55 -0.75 5.33 52.01
C GLN G 55 -1.06 4.55 50.74
N SER G 56 -2.07 5.01 50.00
CA SER G 56 -2.43 4.38 48.75
C SER G 56 -1.28 4.49 47.75
N GLY G 57 -1.15 3.46 46.92
CA GLY G 57 -0.05 3.38 45.97
C GLY G 57 1.28 2.99 46.56
N VAL G 58 1.36 2.80 47.87
CA VAL G 58 2.59 2.36 48.54
C VAL G 58 2.52 0.85 48.67
N PRO G 59 3.56 0.11 48.29
CA PRO G 59 3.50 -1.36 48.37
C PRO G 59 3.26 -1.84 49.79
N SER G 60 2.51 -2.94 49.90
CA SER G 60 2.08 -3.44 51.20
C SER G 60 3.23 -3.93 52.06
N ARG G 61 4.41 -4.15 51.48
CA ARG G 61 5.54 -4.66 52.26
C ARG G 61 5.98 -3.67 53.33
N PHE G 62 5.77 -2.38 53.13
CA PHE G 62 6.12 -1.40 54.14
C PHE G 62 5.06 -1.41 55.24
N SER G 63 5.50 -1.55 56.49
CA SER G 63 4.59 -1.65 57.61
C SER G 63 5.01 -0.70 58.72
N GLY G 64 4.03 -0.07 59.34
CA GLY G 64 4.26 0.82 60.46
C GLY G 64 3.62 0.28 61.72
N SER G 65 4.32 0.43 62.85
CA SER G 65 3.82 -0.06 64.13
C SER G 65 4.45 0.78 65.24
N GLY G 66 3.61 1.25 66.16
CA GLY G 66 4.11 2.06 67.26
C GLY G 66 3.01 2.73 68.07
N SER G 67 3.23 2.82 69.37
CA SER G 67 2.30 3.49 70.27
C SER G 67 3.10 4.30 71.28
N GLY G 68 2.66 5.52 71.55
CA GLY G 68 3.33 6.37 72.51
C GLY G 68 4.53 7.10 71.94
N THR G 69 5.73 6.64 72.28
CA THR G 69 6.96 7.33 71.91
C THR G 69 7.74 6.62 70.80
N ASP G 70 7.95 5.31 70.91
CA ASP G 70 8.77 4.59 69.95
C ASP G 70 7.89 3.89 68.92
N PHE G 71 8.09 4.23 67.64
CA PHE G 71 7.38 3.59 66.55
C PHE G 71 8.42 2.89 65.66
N THR G 72 7.94 2.02 64.78
CA THR G 72 8.82 1.18 63.99
C THR G 72 8.30 1.04 62.57
N LEU G 73 9.19 1.22 61.59
CA LEU G 73 8.92 0.90 60.20
C LEU G 73 9.52 -0.47 59.88
N THR G 74 8.81 -1.24 59.07
CA THR G 74 9.24 -2.59 58.71
C THR G 74 8.92 -2.85 57.26
N ILE G 75 9.93 -3.22 56.49
CA ILE G 75 9.77 -3.65 55.10
C ILE G 75 9.75 -5.17 55.09
N SER G 76 8.65 -5.76 54.60
CA SER G 76 8.51 -7.21 54.57
C SER G 76 9.62 -7.88 53.79
N SER G 77 9.63 -7.68 52.47
CA SER G 77 10.65 -8.24 51.59
C SER G 77 11.35 -7.08 50.88
N LEU G 78 12.57 -6.78 51.28
CA LEU G 78 13.29 -5.64 50.73
C LEU G 78 13.56 -5.84 49.24
N GLN G 79 13.37 -4.78 48.47
CA GLN G 79 13.48 -4.81 47.02
C GLN G 79 14.60 -3.88 46.56
N PRO G 80 15.17 -4.12 45.38
CA PRO G 80 16.30 -3.29 44.92
C PRO G 80 15.95 -1.82 44.79
N GLU G 81 14.74 -1.48 44.35
CA GLU G 81 14.35 -0.09 44.18
C GLU G 81 13.98 0.60 45.49
N ASP G 82 14.05 -0.11 46.62
CA ASP G 82 13.76 0.48 47.92
C ASP G 82 14.96 1.23 48.50
N PHE G 83 16.02 1.43 47.74
CA PHE G 83 17.15 2.25 48.16
C PHE G 83 16.70 3.70 48.31
N ALA G 84 16.61 4.17 49.56
CA ALA G 84 16.22 5.54 49.87
C ALA G 84 16.55 5.81 51.32
N THR G 85 16.35 7.05 51.74
CA THR G 85 16.52 7.43 53.13
C THR G 85 15.15 7.71 53.72
N TYR G 86 14.91 7.21 54.93
CA TYR G 86 13.58 7.19 55.52
C TYR G 86 13.57 8.02 56.80
N TYR G 87 12.62 8.96 56.88
CA TYR G 87 12.51 9.85 58.03
C TYR G 87 11.18 9.59 58.73
N CYS G 88 11.15 9.85 60.03
CA CYS G 88 9.91 9.81 60.80
C CYS G 88 9.57 11.22 61.23
N GLN G 89 8.26 11.52 61.23
CA GLN G 89 7.77 12.89 61.40
C GLN G 89 6.53 12.88 62.28
N GLN G 90 6.37 13.92 63.09
CA GLN G 90 5.24 14.02 64.00
C GLN G 90 4.18 14.94 63.44
N ASP G 91 2.94 14.69 63.84
CA ASP G 91 1.83 15.59 63.54
C ASP G 91 1.20 16.15 64.81
N TYR G 92 1.83 15.92 65.96
CA TYR G 92 1.19 16.27 67.24
C TYR G 92 1.18 17.76 67.48
N GLY G 93 2.35 18.41 67.40
CA GLY G 93 2.42 19.82 67.73
C GLY G 93 3.58 20.49 67.03
N LEU G 94 3.62 21.83 67.16
CA LEU G 94 4.58 22.79 66.65
C LEU G 94 5.77 22.90 67.60
N PRO G 95 6.99 23.05 67.08
CA PRO G 95 7.39 23.03 65.67
C PRO G 95 7.37 21.62 65.13
N PHE G 96 7.10 21.43 63.84
CA PHE G 96 7.12 20.09 63.27
C PHE G 96 8.55 19.60 63.11
N THR G 97 8.83 18.41 63.62
CA THR G 97 10.17 17.86 63.71
C THR G 97 10.24 16.54 62.96
N PHE G 98 11.35 16.32 62.27
CA PHE G 98 11.57 15.05 61.59
C PHE G 98 12.73 14.34 62.28
N GLY G 99 12.91 13.06 61.94
CA GLY G 99 14.06 12.32 62.42
C GLY G 99 15.32 12.66 61.66
N GLN G 100 16.44 12.14 62.16
CA GLN G 100 17.73 12.36 61.50
C GLN G 100 17.75 11.76 60.11
N GLY G 101 17.13 10.60 59.95
CA GLY G 101 17.12 9.88 58.69
C GLY G 101 17.91 8.60 58.75
N THR G 102 17.40 7.56 58.10
CA THR G 102 18.03 6.25 58.04
C THR G 102 18.24 5.86 56.59
N LYS G 103 19.49 5.61 56.22
CA LYS G 103 19.85 5.23 54.86
C LYS G 103 19.81 3.70 54.75
N VAL G 104 18.86 3.18 53.98
CA VAL G 104 18.77 1.75 53.75
C VAL G 104 19.51 1.41 52.46
N GLU G 105 20.46 0.48 52.56
CA GLU G 105 21.31 0.11 51.43
C GLU G 105 21.05 -1.34 51.06
N ILE G 106 21.02 -1.61 49.76
CA ILE G 106 20.76 -2.96 49.26
C ILE G 106 22.08 -3.74 49.23
N LYS G 107 21.99 -5.03 49.52
CA LYS G 107 23.15 -5.91 49.48
C LYS G 107 23.12 -6.77 48.23
N ARG G 108 24.26 -6.89 47.58
CA ARG G 108 24.37 -7.57 46.29
C ARG G 108 25.59 -8.48 46.30
N THR G 109 25.63 -9.40 45.34
CA THR G 109 26.87 -10.11 45.05
C THR G 109 27.96 -9.12 44.65
N VAL G 110 29.21 -9.51 44.91
CA VAL G 110 30.34 -8.62 44.67
C VAL G 110 30.53 -8.45 43.17
N ALA G 111 30.58 -7.20 42.72
CA ALA G 111 30.73 -6.86 41.31
C ALA G 111 32.10 -6.27 41.05
N ALA G 112 32.74 -6.71 39.98
CA ALA G 112 34.05 -6.20 39.61
C ALA G 112 33.90 -4.87 38.87
N PRO G 113 34.68 -3.85 39.23
CA PRO G 113 34.53 -2.55 38.56
C PRO G 113 35.05 -2.60 37.13
N SER G 114 34.27 -2.05 36.21
CA SER G 114 34.75 -1.76 34.87
C SER G 114 35.39 -0.37 34.89
N VAL G 115 36.67 -0.30 34.57
CA VAL G 115 37.48 0.88 34.83
C VAL G 115 38.01 1.42 33.52
N PHE G 116 37.63 2.65 33.19
CA PHE G 116 38.10 3.28 31.96
C PHE G 116 38.79 4.58 32.35
N ILE G 117 39.64 5.10 31.47
CA ILE G 117 40.35 6.35 31.71
C ILE G 117 40.19 7.22 30.48
N PHE G 118 39.88 8.50 30.69
CA PHE G 118 39.67 9.41 29.57
C PHE G 118 40.73 10.50 29.59
N PRO G 119 41.37 10.81 28.47
CA PRO G 119 42.31 11.93 28.43
C PRO G 119 41.57 13.25 28.33
N PRO G 120 42.19 14.36 28.72
CA PRO G 120 41.53 15.66 28.58
C PRO G 120 41.43 16.06 27.11
N SER G 121 40.30 16.67 26.76
CA SER G 121 40.09 17.08 25.38
C SER G 121 41.00 18.25 25.03
N ASP G 122 41.32 18.36 23.74
CA ASP G 122 42.17 19.46 23.27
C ASP G 122 41.53 20.81 23.54
N GLU G 123 40.19 20.85 23.65
CA GLU G 123 39.51 22.10 23.99
C GLU G 123 39.91 22.59 25.37
N GLN G 124 39.97 21.69 26.35
CA GLN G 124 40.32 22.08 27.70
C GLN G 124 41.77 22.54 27.80
N LEU G 125 42.65 21.96 26.99
CA LEU G 125 44.03 22.45 26.95
C LEU G 125 44.10 23.91 26.52
N LYS G 126 43.22 24.32 25.60
CA LYS G 126 43.15 25.72 25.22
C LYS G 126 42.73 26.59 26.40
N SER G 127 41.96 26.03 27.34
CA SER G 127 41.53 26.79 28.51
C SER G 127 42.67 27.06 29.48
N GLY G 128 43.66 26.16 29.52
CA GLY G 128 44.82 26.31 30.38
C GLY G 128 45.03 25.17 31.35
N THR G 129 43.99 24.41 31.67
CA THR G 129 44.09 23.25 32.55
C THR G 129 43.78 21.98 31.78
N ALA G 130 44.16 20.85 32.38
CA ALA G 130 43.90 19.53 31.82
C ALA G 130 43.34 18.64 32.92
N SER G 131 42.37 17.80 32.54
CA SER G 131 41.69 16.93 33.50
C SER G 131 41.58 15.52 32.93
N VAL G 132 42.30 14.58 33.52
CA VAL G 132 42.12 13.17 33.23
C VAL G 132 41.09 12.61 34.20
N VAL G 133 40.10 11.89 33.65
CA VAL G 133 38.99 11.35 34.43
C VAL G 133 39.06 9.83 34.38
N CYS G 134 38.90 9.20 35.54
CA CYS G 134 38.94 7.74 35.67
C CYS G 134 37.57 7.26 36.14
N LEU G 135 37.00 6.30 35.42
CA LEU G 135 35.63 5.87 35.62
C LEU G 135 35.59 4.45 36.17
N LEU G 136 34.72 4.24 37.16
CA LEU G 136 34.43 2.91 37.73
C LEU G 136 32.93 2.67 37.58
N ASN G 137 32.57 1.74 36.70
CA ASN G 137 31.17 1.51 36.35
C ASN G 137 30.67 0.20 36.94
N ASN G 138 29.49 0.25 37.55
CA ASN G 138 28.73 -0.91 37.99
C ASN G 138 29.58 -1.86 38.83
N PHE G 139 29.85 -1.43 40.07
CA PHE G 139 30.64 -2.22 41.00
C PHE G 139 30.00 -2.18 42.38
N TYR G 140 30.28 -3.24 43.16
CA TYR G 140 29.82 -3.36 44.53
C TYR G 140 30.84 -4.23 45.24
N PRO G 141 31.22 -3.91 46.49
CA PRO G 141 30.73 -2.83 47.39
C PRO G 141 31.08 -1.41 46.95
N ARG G 142 30.62 -0.42 47.73
CA ARG G 142 30.85 0.98 47.41
C ARG G 142 32.31 1.35 47.51
N GLU G 143 33.04 0.77 48.44
CA GLU G 143 34.39 1.22 48.76
C GLU G 143 35.38 0.75 47.71
N ALA G 144 36.19 1.67 47.22
CA ALA G 144 37.23 1.38 46.25
C ALA G 144 38.36 2.39 46.43
N LYS G 145 39.56 1.99 46.02
CA LYS G 145 40.76 2.79 46.18
C LYS G 145 41.27 3.20 44.80
N VAL G 146 41.22 4.50 44.51
CA VAL G 146 41.65 5.03 43.23
C VAL G 146 42.99 5.73 43.42
N GLN G 147 43.97 5.35 42.60
CA GLN G 147 45.32 5.89 42.68
C GLN G 147 45.70 6.49 41.33
N TRP G 148 46.22 7.71 41.35
CA TRP G 148 46.75 8.36 40.16
C TRP G 148 48.27 8.27 40.16
N LYS G 149 48.83 7.82 39.03
CA LYS G 149 50.27 7.63 38.89
C LYS G 149 50.74 8.34 37.63
N VAL G 150 51.12 9.60 37.78
CA VAL G 150 51.71 10.36 36.68
C VAL G 150 53.21 10.03 36.66
N ASP G 151 53.65 9.38 35.59
CA ASP G 151 55.02 8.87 35.46
C ASP G 151 55.36 7.92 36.61
N ASN G 152 54.43 7.02 36.94
CA ASN G 152 54.59 6.05 38.02
C ASN G 152 54.86 6.74 39.36
N ALA G 153 54.31 7.94 39.53
CA ALA G 153 54.45 8.70 40.76
C ALA G 153 53.06 8.95 41.33
N LEU G 154 52.82 8.50 42.56
CA LEU G 154 51.52 8.63 43.17
C LEU G 154 51.16 10.10 43.38
N GLN G 155 49.95 10.47 42.97
CA GLN G 155 49.48 11.84 43.07
C GLN G 155 48.69 12.04 44.36
N SER G 156 48.82 13.25 44.92
CA SER G 156 48.12 13.60 46.14
C SER G 156 47.64 15.05 46.06
N GLY G 157 46.40 15.28 46.50
CA GLY G 157 45.83 16.61 46.55
C GLY G 157 45.41 17.19 45.21
N ASN G 158 45.63 16.48 44.10
CA ASN G 158 45.26 16.97 42.79
C ASN G 158 44.07 16.20 42.19
N SER G 159 43.46 15.30 42.97
CA SER G 159 42.37 14.46 42.48
C SER G 159 41.13 14.66 43.33
N GLN G 160 39.96 14.48 42.72
CA GLN G 160 38.67 14.61 43.39
C GLN G 160 37.73 13.53 42.89
N GLU G 161 36.90 13.02 43.79
CA GLU G 161 36.07 11.85 43.52
C GLU G 161 34.62 12.17 43.83
N SER G 162 33.71 11.48 43.14
CA SER G 162 32.28 11.54 43.43
C SER G 162 31.69 10.17 43.13
N VAL G 163 30.81 9.70 44.01
CA VAL G 163 30.26 8.35 43.94
C VAL G 163 28.76 8.45 43.66
N THR G 164 28.29 7.65 42.71
CA THR G 164 26.87 7.60 42.38
C THR G 164 26.11 6.84 43.47
N GLU G 165 24.87 7.26 43.69
CA GLU G 165 24.00 6.54 44.60
C GLU G 165 23.66 5.17 44.04
N GLN G 166 23.14 4.31 44.91
CA GLN G 166 22.89 2.92 44.53
C GLN G 166 21.78 2.83 43.49
N ASP G 167 22.04 2.06 42.43
CA ASP G 167 21.07 1.93 41.35
C ASP G 167 19.86 1.14 41.82
N SER G 168 18.68 1.59 41.40
CA SER G 168 17.44 0.92 41.80
C SER G 168 17.26 -0.42 41.09
N LYS G 169 17.84 -0.58 39.90
CA LYS G 169 17.59 -1.79 39.11
C LYS G 169 18.54 -2.93 39.45
N ASP G 170 19.84 -2.66 39.62
CA ASP G 170 20.80 -3.72 39.87
C ASP G 170 21.63 -3.54 41.14
N SER G 171 21.43 -2.45 41.88
CA SER G 171 22.06 -2.26 43.19
C SER G 171 23.58 -2.24 43.11
N THR G 172 24.12 -1.53 42.12
CA THR G 172 25.55 -1.32 41.98
C THR G 172 25.84 0.17 42.03
N TYR G 173 27.10 0.52 42.30
CA TYR G 173 27.47 1.93 42.34
C TYR G 173 28.46 2.24 41.23
N SER G 174 28.77 3.53 41.11
CA SER G 174 29.73 4.01 40.12
C SER G 174 30.55 5.14 40.72
N LEU G 175 31.84 5.17 40.39
CA LEU G 175 32.76 6.17 40.93
C LEU G 175 33.56 6.80 39.80
N SER G 176 33.87 8.09 39.95
CA SER G 176 34.75 8.79 39.02
C SER G 176 35.72 9.65 39.80
N SER G 177 37.00 9.54 39.45
CA SER G 177 38.04 10.40 40.00
C SER G 177 38.58 11.28 38.89
N THR G 178 38.77 12.57 39.19
CA THR G 178 39.23 13.54 38.21
C THR G 178 40.51 14.19 38.71
N LEU G 179 41.60 13.97 37.99
CA LEU G 179 42.89 14.56 38.31
C LEU G 179 43.05 15.84 37.50
N THR G 180 43.11 16.98 38.18
CA THR G 180 43.21 18.27 37.53
C THR G 180 44.66 18.75 37.55
N LEU G 181 45.18 19.07 36.37
CA LEU G 181 46.53 19.56 36.21
C LEU G 181 46.52 20.78 35.30
N SER G 182 47.66 21.47 35.25
CA SER G 182 47.82 22.59 34.34
C SER G 182 48.11 22.09 32.93
N LYS G 183 48.04 23.02 31.96
CA LYS G 183 48.38 22.67 30.58
C LYS G 183 49.83 22.24 30.48
N ALA G 184 50.74 22.98 31.11
CA ALA G 184 52.15 22.60 31.08
C ALA G 184 52.39 21.28 31.81
N ASP G 185 51.63 21.01 32.87
CA ASP G 185 51.77 19.74 33.57
C ASP G 185 51.35 18.57 32.69
N TYR G 186 50.31 18.78 31.87
CA TYR G 186 49.89 17.72 30.95
C TYR G 186 50.88 17.55 29.81
N GLU G 187 51.51 18.64 29.36
CA GLU G 187 52.47 18.55 28.27
C GLU G 187 53.82 18.01 28.71
N LYS G 188 54.14 18.07 30.00
CA LYS G 188 55.43 17.57 30.47
C LYS G 188 55.47 16.05 30.41
N HIS G 189 54.43 15.40 30.93
CA HIS G 189 54.40 13.95 31.08
C HIS G 189 53.58 13.35 29.94
N LYS G 190 53.75 12.05 29.71
CA LYS G 190 53.07 11.41 28.59
C LYS G 190 52.12 10.29 28.98
N VAL G 191 52.49 9.43 29.94
CA VAL G 191 51.67 8.28 30.32
C VAL G 191 51.08 8.54 31.70
N TYR G 192 49.75 8.49 31.78
CA TYR G 192 49.04 8.69 33.04
C TYR G 192 48.25 7.43 33.35
N ALA G 193 48.27 7.00 34.61
CA ALA G 193 47.70 5.73 35.01
C ALA G 193 46.66 5.93 36.10
N CYS G 194 45.71 5.01 36.16
CA CYS G 194 44.68 4.97 37.20
C CYS G 194 44.65 3.56 37.77
N GLU G 195 45.18 3.39 38.97
CA GLU G 195 45.23 2.09 39.62
C GLU G 195 44.09 2.00 40.63
N VAL G 196 43.24 0.98 40.48
CA VAL G 196 42.09 0.77 41.34
C VAL G 196 42.21 -0.62 41.97
N THR G 197 42.02 -0.67 43.29
CA THR G 197 42.02 -1.92 44.03
C THR G 197 40.65 -2.10 44.66
N HIS G 198 39.97 -3.19 44.28
CA HIS G 198 38.62 -3.46 44.73
C HIS G 198 38.52 -4.92 45.15
N GLN G 199 37.49 -5.24 45.93
CA GLN G 199 37.34 -6.62 46.41
C GLN G 199 37.06 -7.58 45.27
N GLY G 200 36.28 -7.14 44.28
CA GLY G 200 35.98 -7.97 43.12
C GLY G 200 37.08 -8.07 42.10
N LEU G 201 38.30 -7.64 42.44
CA LEU G 201 39.44 -7.70 41.55
C LEU G 201 40.49 -8.63 42.16
N SER G 202 40.89 -9.65 41.40
CA SER G 202 41.95 -10.54 41.86
C SER G 202 43.28 -9.78 41.93
N SER G 203 43.63 -9.08 40.86
CA SER G 203 44.79 -8.21 40.82
C SER G 203 44.37 -6.78 40.51
N PRO G 204 45.08 -5.79 41.03
CA PRO G 204 44.71 -4.39 40.77
C PRO G 204 44.74 -4.06 39.29
N VAL G 205 43.70 -3.36 38.84
CA VAL G 205 43.57 -2.97 37.44
C VAL G 205 44.13 -1.57 37.27
N THR G 206 44.97 -1.38 36.25
CA THR G 206 45.62 -0.10 35.98
C THR G 206 45.41 0.25 34.51
N LYS G 207 44.54 1.23 34.24
CA LYS G 207 44.33 1.73 32.90
C LYS G 207 45.19 2.96 32.65
N SER G 208 45.82 3.00 31.48
CA SER G 208 46.77 4.06 31.15
C SER G 208 46.62 4.43 29.69
N PHE G 209 47.17 5.60 29.35
CA PHE G 209 47.18 6.07 27.97
C PHE G 209 48.46 6.86 27.74
N ASN G 210 48.85 6.98 26.48
CA ASN G 210 50.05 7.71 26.09
C ASN G 210 49.65 9.03 25.45
N ARG G 211 50.34 10.11 25.82
CA ARG G 211 49.99 11.44 25.33
C ARG G 211 50.20 11.57 23.84
N GLY G 212 51.19 10.88 23.29
CA GLY G 212 51.45 10.94 21.86
C GLY G 212 50.52 10.10 21.02
N GLU G 213 49.82 9.15 21.63
CA GLU G 213 48.95 8.24 20.92
C GLU G 213 47.50 8.70 20.98
N GLU H 1 -4.59 12.98 40.68
CA GLU H 1 -3.13 13.06 40.72
C GLU H 1 -2.68 14.48 41.05
N VAL H 2 -2.52 14.75 42.35
CA VAL H 2 -2.04 16.05 42.80
C VAL H 2 -0.69 16.36 42.18
N GLN H 3 -0.54 17.57 41.65
CA GLN H 3 0.70 18.05 41.07
C GLN H 3 1.14 19.30 41.81
N LEU H 4 2.39 19.31 42.26
CA LEU H 4 2.98 20.47 42.92
C LEU H 4 4.36 20.71 42.33
N LEU H 5 4.64 21.96 41.95
CA LEU H 5 5.94 22.33 41.41
C LEU H 5 6.37 23.68 41.97
N GLU H 6 7.64 23.79 42.29
CA GLU H 6 8.21 25.01 42.84
C GLU H 6 8.89 25.82 41.74
N SER H 7 9.20 27.08 42.06
CA SER H 7 9.87 27.97 41.13
C SER H 7 10.37 29.19 41.90
N GLY H 8 11.38 29.84 41.35
CA GLY H 8 11.91 31.07 41.92
C GLY H 8 13.19 30.93 42.71
N GLY H 9 13.71 29.71 42.85
CA GLY H 9 14.94 29.52 43.60
C GLY H 9 16.17 29.79 42.73
N GLY H 10 17.19 30.36 43.36
CA GLY H 10 18.41 30.66 42.63
C GLY H 10 19.46 31.22 43.57
N LEU H 11 20.48 31.82 42.97
CA LEU H 11 21.57 32.42 43.72
C LEU H 11 21.13 33.77 44.27
N VAL H 12 21.28 33.95 45.58
CA VAL H 12 21.02 35.22 46.23
C VAL H 12 22.28 35.63 46.99
N GLN H 13 22.50 36.93 47.06
CA GLN H 13 23.67 37.41 47.77
C GLN H 13 23.38 37.40 49.27
N PRO H 14 24.40 37.25 50.12
CA PRO H 14 24.15 37.28 51.56
C PRO H 14 23.48 38.59 51.93
N GLY H 15 22.35 38.49 52.62
CA GLY H 15 21.53 39.65 52.86
C GLY H 15 20.71 39.95 51.62
N GLY H 16 19.40 39.80 51.71
CA GLY H 16 18.54 40.08 50.57
C GLY H 16 17.24 39.30 50.69
N SER H 17 16.52 39.25 49.56
CA SER H 17 15.24 38.57 49.53
C SER H 17 15.10 37.72 48.27
N LEU H 18 14.10 36.86 48.30
CA LEU H 18 13.76 35.98 47.17
C LEU H 18 12.38 35.41 47.42
N ARG H 19 11.58 35.33 46.36
CA ARG H 19 10.20 34.83 46.44
C ARG H 19 10.11 33.47 45.76
N LEU H 20 9.44 32.53 46.43
CA LEU H 20 9.21 31.19 45.90
C LEU H 20 7.73 30.97 45.66
N SER H 21 7.41 30.15 44.67
CA SER H 21 6.03 29.86 44.30
C SER H 21 5.82 28.35 44.24
N CYS H 22 4.58 27.93 44.45
CA CYS H 22 4.18 26.53 44.38
C CYS H 22 2.86 26.43 43.64
N ALA H 23 2.89 25.93 42.40
CA ALA H 23 1.69 25.76 41.60
C ALA H 23 0.98 24.47 42.00
N ALA H 24 -0.31 24.56 42.29
CA ALA H 24 -1.09 23.45 42.79
C ALA H 24 -2.16 23.04 41.79
N SER H 25 -2.35 21.73 41.64
CA SER H 25 -3.40 21.18 40.80
C SER H 25 -3.70 19.77 41.26
N GLY H 26 -4.86 19.26 40.83
CA GLY H 26 -5.30 17.93 41.21
C GLY H 26 -6.17 17.87 42.44
N PHE H 27 -6.27 18.97 43.20
CA PHE H 27 -7.10 19.02 44.39
C PHE H 27 -7.60 20.45 44.55
N THR H 28 -8.55 20.62 45.48
CA THR H 28 -9.04 21.94 45.82
C THR H 28 -8.02 22.63 46.73
N PHE H 29 -7.37 23.67 46.20
CA PHE H 29 -6.23 24.27 46.89
C PHE H 29 -6.63 24.90 48.23
N SER H 30 -7.85 25.41 48.33
CA SER H 30 -8.27 26.06 49.57
C SER H 30 -8.59 25.07 50.68
N SER H 31 -8.89 23.81 50.34
CA SER H 31 -9.40 22.88 51.33
C SER H 31 -8.32 22.36 52.28
N TYR H 32 -7.07 22.29 51.83
CA TYR H 32 -6.02 21.69 52.65
C TYR H 32 -4.94 22.73 52.86
N ALA H 33 -4.32 22.71 54.04
CA ALA H 33 -3.27 23.66 54.36
C ALA H 33 -2.00 23.35 53.56
N MET H 34 -1.13 24.34 53.47
CA MET H 34 0.12 24.22 52.73
C MET H 34 1.30 24.56 53.66
N SER H 35 2.46 23.98 53.35
CA SER H 35 3.64 24.16 54.17
C SER H 35 4.88 24.16 53.29
N TRP H 36 5.96 24.72 53.85
CA TRP H 36 7.28 24.65 53.25
C TRP H 36 8.21 23.83 54.14
N VAL H 37 9.12 23.10 53.51
CA VAL H 37 10.13 22.31 54.22
C VAL H 37 11.45 22.42 53.46
N ARG H 38 12.52 22.75 54.16
CA ARG H 38 13.83 22.91 53.57
C ARG H 38 14.77 21.79 53.98
N GLN H 39 15.80 21.57 53.15
CA GLN H 39 16.76 20.50 53.39
C GLN H 39 18.10 20.93 52.81
N ALA H 40 19.04 21.28 53.67
CA ALA H 40 20.40 21.56 53.23
C ALA H 40 21.03 20.27 52.69
N PRO H 41 21.99 20.38 51.77
CA PRO H 41 22.59 19.16 51.20
C PRO H 41 23.32 18.36 52.26
N GLY H 42 23.08 17.03 52.25
CA GLY H 42 23.64 16.17 53.28
C GLY H 42 23.06 16.38 54.64
N LYS H 43 21.88 16.98 54.74
CA LYS H 43 21.23 17.27 56.00
C LYS H 43 19.81 16.70 55.99
N GLY H 44 19.16 16.71 57.15
CA GLY H 44 17.80 16.25 57.26
C GLY H 44 16.80 17.31 56.83
N LEU H 45 15.53 16.91 56.84
CA LEU H 45 14.46 17.83 56.49
C LEU H 45 14.09 18.70 57.69
N GLU H 46 13.74 19.95 57.42
CA GLU H 46 13.45 20.93 58.44
C GLU H 46 12.17 21.69 58.08
N TRP H 47 11.21 21.70 59.01
CA TRP H 47 10.03 22.51 58.84
C TRP H 47 10.38 23.98 58.98
N VAL H 48 9.80 24.83 58.14
CA VAL H 48 10.11 26.25 58.14
C VAL H 48 8.84 27.11 58.28
N SER H 49 7.80 26.82 57.49
CA SER H 49 6.60 27.64 57.53
C SER H 49 5.39 26.80 57.20
N ALA H 50 4.22 27.34 57.54
CA ALA H 50 2.94 26.70 57.25
C ALA H 50 1.85 27.76 57.31
N ILE H 51 0.83 27.60 56.46
CA ILE H 51 -0.28 28.52 56.39
C ILE H 51 -1.59 27.73 56.34
N SER H 52 -2.63 28.31 56.94
CA SER H 52 -3.93 27.67 56.95
C SER H 52 -4.57 27.73 55.56
N GLY H 53 -5.67 26.99 55.41
CA GLY H 53 -6.34 26.93 54.12
C GLY H 53 -6.82 28.28 53.63
N SER H 54 -7.56 29.00 54.48
CA SER H 54 -7.99 30.34 54.12
C SER H 54 -6.85 31.34 54.18
N GLY H 55 -5.82 31.06 54.98
CA GLY H 55 -4.73 31.98 55.18
C GLY H 55 -4.86 32.85 56.41
N GLY H 56 -5.90 32.67 57.21
CA GLY H 56 -6.10 33.49 58.40
C GLY H 56 -5.03 33.33 59.45
N SER H 57 -4.30 32.22 59.45
CA SER H 57 -3.25 31.95 60.42
C SER H 57 -2.00 31.46 59.71
N THR H 58 -0.86 32.06 60.04
CA THR H 58 0.43 31.65 59.52
C THR H 58 1.30 31.13 60.67
N TYR H 59 2.15 30.15 60.36
CA TYR H 59 2.99 29.51 61.36
C TYR H 59 4.43 29.51 60.84
N TYR H 60 5.37 29.87 61.71
CA TYR H 60 6.77 30.00 61.33
C TYR H 60 7.65 29.33 62.36
N ALA H 61 8.74 28.71 61.90
CA ALA H 61 9.73 28.20 62.83
C ALA H 61 10.50 29.36 63.46
N ASP H 62 11.13 29.06 64.60
CA ASP H 62 11.81 30.11 65.35
C ASP H 62 13.04 30.64 64.61
N SER H 63 13.65 29.82 63.76
CA SER H 63 14.84 30.27 63.04
C SER H 63 14.46 31.28 61.97
N VAL H 64 13.35 31.06 61.27
CA VAL H 64 12.90 31.94 60.21
C VAL H 64 11.85 32.93 60.70
N LYS H 65 11.59 32.96 62.00
CA LYS H 65 10.60 33.88 62.56
C LYS H 65 11.07 35.32 62.37
N GLY H 66 10.14 36.18 61.94
CA GLY H 66 10.47 37.57 61.70
C GLY H 66 11.25 37.83 60.44
N ARG H 67 11.56 36.81 59.65
CA ARG H 67 12.29 36.99 58.39
C ARG H 67 11.54 36.44 57.20
N PHE H 68 10.94 35.26 57.31
CA PHE H 68 10.16 34.70 56.22
C PHE H 68 8.69 34.99 56.44
N THR H 69 7.96 35.18 55.35
CA THR H 69 6.52 35.39 55.38
C THR H 69 5.87 34.45 54.38
N ILE H 70 4.95 33.62 54.86
CA ILE H 70 4.24 32.66 54.02
C ILE H 70 2.89 33.26 53.64
N SER H 71 2.48 33.04 52.40
CA SER H 71 1.22 33.58 51.90
C SER H 71 0.75 32.72 50.75
N ARG H 72 -0.56 32.76 50.51
CA ARG H 72 -1.18 32.01 49.43
C ARG H 72 -2.21 32.86 48.72
N ASP H 73 -2.39 32.58 47.42
CA ASP H 73 -3.51 33.10 46.65
C ASP H 73 -4.40 31.93 46.26
N ASN H 74 -5.69 32.04 46.58
CA ASN H 74 -6.62 30.93 46.37
C ASN H 74 -7.22 30.93 44.96
N SER H 75 -7.35 32.10 44.34
CA SER H 75 -7.86 32.14 42.98
C SER H 75 -6.82 31.63 41.98
N LYS H 76 -5.54 31.85 42.26
CA LYS H 76 -4.45 31.40 41.40
C LYS H 76 -3.94 30.02 41.78
N ASN H 77 -4.35 29.48 42.93
CA ASN H 77 -3.92 28.18 43.42
C ASN H 77 -2.40 28.10 43.52
N THR H 78 -1.82 29.00 44.31
CA THR H 78 -0.37 29.06 44.40
C THR H 78 0.04 29.50 45.81
N LEU H 79 1.05 28.82 46.35
CA LEU H 79 1.63 29.15 47.64
C LEU H 79 2.92 29.95 47.44
N TYR H 80 3.08 31.02 48.23
CA TYR H 80 4.25 31.88 48.09
C TYR H 80 5.03 31.88 49.40
N LEU H 81 6.36 31.98 49.28
CA LEU H 81 7.24 32.14 50.43
C LEU H 81 8.18 33.30 50.16
N GLN H 82 7.93 34.43 50.82
CA GLN H 82 8.80 35.59 50.71
C GLN H 82 9.90 35.47 51.76
N MET H 83 11.13 35.27 51.32
CA MET H 83 12.26 35.06 52.19
C MET H 83 13.04 36.36 52.29
N ASN H 84 13.27 36.83 53.52
CA ASN H 84 13.95 38.10 53.72
C ASN H 84 15.18 37.91 54.62
N SER H 85 16.13 38.83 54.47
CA SER H 85 17.36 38.82 55.25
C SER H 85 18.05 37.46 55.21
N LEU H 86 18.24 36.96 53.99
CA LEU H 86 18.76 35.61 53.82
C LEU H 86 20.20 35.50 54.28
N ARG H 87 20.54 34.35 54.85
CA ARG H 87 21.87 34.06 55.36
C ARG H 87 22.41 32.80 54.70
N ALA H 88 23.71 32.58 54.88
CA ALA H 88 24.35 31.42 54.28
C ALA H 88 23.73 30.11 54.74
N GLU H 89 23.21 30.07 55.97
CA GLU H 89 22.53 28.87 56.44
C GLU H 89 21.31 28.53 55.59
N ASP H 90 20.63 29.55 55.05
CA ASP H 90 19.38 29.34 54.35
C ASP H 90 19.53 28.58 53.04
N THR H 91 20.76 28.33 52.61
CA THR H 91 20.99 27.56 51.39
C THR H 91 20.45 26.15 51.55
N ALA H 92 19.40 25.83 50.79
CA ALA H 92 18.74 24.55 50.85
C ALA H 92 17.72 24.48 49.74
N VAL H 93 17.30 23.28 49.41
CA VAL H 93 16.20 23.05 48.47
C VAL H 93 14.90 23.02 49.26
N TYR H 94 13.98 23.95 48.95
CA TYR H 94 12.74 24.10 49.70
C TYR H 94 11.61 23.42 48.93
N TYR H 95 10.81 22.63 49.62
CA TYR H 95 9.72 21.91 48.98
C TYR H 95 8.40 22.43 49.54
N CYS H 96 7.41 22.58 48.67
CA CYS H 96 6.06 22.90 49.13
C CYS H 96 5.29 21.61 49.32
N ALA H 97 4.69 21.45 50.50
CA ALA H 97 4.03 20.21 50.88
C ALA H 97 2.63 20.54 51.38
N LYS H 98 1.63 19.93 50.77
CA LYS H 98 0.27 20.08 51.24
C LYS H 98 0.10 19.42 52.60
N SER H 99 -0.85 19.92 53.39
CA SER H 99 -1.08 19.47 54.75
C SER H 99 -2.49 18.93 54.87
N TYR H 100 -2.60 17.65 55.22
CA TYR H 100 -3.89 17.01 55.48
C TYR H 100 -4.25 17.08 56.96
N ASN H 101 -4.28 18.33 57.44
CA ASN H 101 -4.47 18.67 58.84
C ASN H 101 -3.38 17.99 59.68
N HIS H 102 -3.72 16.99 60.53
CA HIS H 102 -2.67 16.28 61.24
C HIS H 102 -1.72 15.61 60.25
N PRO H 103 -2.14 14.55 59.47
CA PRO H 103 -1.20 13.95 58.51
C PRO H 103 -0.67 14.96 57.52
N MET H 104 0.27 15.79 57.97
CA MET H 104 0.83 16.82 57.12
C MET H 104 1.77 16.24 56.08
N PHE H 105 2.17 17.10 55.16
CA PHE H 105 3.15 16.77 54.14
C PHE H 105 2.69 15.56 53.33
N ASP H 106 1.40 15.55 53.00
CA ASP H 106 0.83 14.40 52.32
C ASP H 106 1.40 14.25 50.92
N TYR H 107 1.59 15.36 50.20
CA TYR H 107 2.28 15.30 48.92
C TYR H 107 3.38 16.35 48.90
N TRP H 108 4.43 16.08 48.11
CA TRP H 108 5.66 16.85 48.11
C TRP H 108 6.01 17.25 46.68
N GLY H 109 6.31 18.54 46.49
CA GLY H 109 6.89 18.98 45.24
C GLY H 109 8.37 18.64 45.15
N GLN H 110 8.90 18.66 43.92
CA GLN H 110 10.30 18.34 43.71
C GLN H 110 11.23 19.33 44.38
N GLY H 111 10.80 20.57 44.55
CA GLY H 111 11.61 21.52 45.28
C GLY H 111 12.54 22.31 44.39
N THR H 112 12.76 23.56 44.78
CA THR H 112 13.68 24.47 44.10
C THR H 112 14.86 24.78 45.01
N LEU H 113 16.02 24.97 44.41
CA LEU H 113 17.27 25.14 45.14
C LEU H 113 17.55 26.63 45.32
N VAL H 114 17.87 27.02 46.56
CA VAL H 114 18.20 28.39 46.90
C VAL H 114 19.65 28.43 47.36
N THR H 115 20.48 29.17 46.63
CA THR H 115 21.89 29.35 46.97
C THR H 115 22.09 30.74 47.55
N VAL H 116 22.66 30.80 48.75
CA VAL H 116 22.95 32.08 49.39
C VAL H 116 24.46 32.27 49.40
N SER H 117 25.00 32.88 48.36
CA SER H 117 26.44 33.06 48.23
C SER H 117 26.73 34.42 47.61
N SER H 118 27.91 34.96 47.92
CA SER H 118 28.36 36.22 47.34
C SER H 118 29.03 36.05 45.98
N ALA H 119 29.49 34.83 45.66
CA ALA H 119 30.15 34.60 44.39
C ALA H 119 29.19 34.84 43.23
N SER H 120 29.76 35.15 42.07
CA SER H 120 28.97 35.47 40.88
C SER H 120 28.61 34.22 40.11
N THR H 121 27.50 34.28 39.38
CA THR H 121 27.09 33.18 38.53
C THR H 121 28.05 33.02 37.35
N LYS H 122 28.57 31.81 37.18
CA LYS H 122 29.45 31.49 36.08
C LYS H 122 28.87 30.35 35.25
N GLY H 123 29.00 30.46 33.93
CA GLY H 123 28.49 29.44 33.03
C GLY H 123 29.40 28.23 32.95
N PRO H 124 28.81 27.07 32.69
CA PRO H 124 29.59 25.83 32.63
C PRO H 124 30.37 25.71 31.33
N SER H 125 31.48 24.97 31.42
CA SER H 125 32.29 24.59 30.27
C SER H 125 32.15 23.10 30.07
N VAL H 126 31.55 22.70 28.95
CA VAL H 126 31.25 21.31 28.66
C VAL H 126 32.36 20.76 27.78
N PHE H 127 33.12 19.81 28.31
CA PHE H 127 34.20 19.23 27.51
C PHE H 127 33.87 17.79 27.15
N PRO H 128 34.19 17.36 25.92
CA PRO H 128 33.85 15.99 25.51
C PRO H 128 34.78 14.98 26.15
N LEU H 129 34.20 13.92 26.71
CA LEU H 129 34.93 12.80 27.26
C LEU H 129 34.75 11.63 26.30
N ALA H 130 35.51 11.66 25.22
CA ALA H 130 35.36 10.75 24.11
C ALA H 130 35.92 9.36 24.45
N PRO H 131 35.41 8.31 23.79
CA PRO H 131 36.01 6.98 23.93
C PRO H 131 37.45 6.98 23.43
N SER H 132 38.12 5.85 23.66
CA SER H 132 39.57 5.74 23.52
C SER H 132 40.14 6.36 22.26
N GLY H 139 33.22 -5.27 22.93
CA GLY H 139 33.25 -4.94 24.35
C GLY H 139 32.31 -3.81 24.72
N THR H 140 32.61 -3.14 25.83
CA THR H 140 31.81 -2.01 26.30
C THR H 140 32.68 -0.77 26.31
N ALA H 141 32.20 0.28 25.66
CA ALA H 141 32.86 1.58 25.64
C ALA H 141 32.12 2.55 26.53
N ALA H 142 32.79 3.64 26.90
CA ALA H 142 32.19 4.68 27.74
C ALA H 142 32.37 6.03 27.05
N LEU H 143 31.26 6.72 26.85
CA LEU H 143 31.24 8.07 26.30
C LEU H 143 30.73 9.01 27.39
N GLY H 144 31.31 10.19 27.48
CA GLY H 144 30.93 11.10 28.55
C GLY H 144 31.19 12.54 28.19
N CYS H 145 30.83 13.42 29.13
CA CYS H 145 31.12 14.84 29.01
C CYS H 145 31.38 15.42 30.38
N LEU H 146 32.24 16.43 30.42
CA LEU H 146 32.70 17.07 31.66
C LEU H 146 32.11 18.48 31.73
N VAL H 147 31.10 18.65 32.59
CA VAL H 147 30.54 19.97 32.88
C VAL H 147 31.36 20.55 34.03
N LYS H 148 32.20 21.55 33.74
CA LYS H 148 33.21 22.00 34.67
C LYS H 148 33.18 23.52 34.84
N ASP H 149 33.53 23.97 36.05
CA ASP H 149 33.74 25.38 36.37
C ASP H 149 32.44 26.17 36.20
N TYR H 150 31.42 25.74 36.93
CA TYR H 150 30.10 26.33 36.85
C TYR H 150 29.61 26.67 38.25
N PHE H 151 28.78 27.73 38.34
CA PHE H 151 28.26 28.13 39.65
C PHE H 151 27.04 29.01 39.44
N PRO H 152 25.95 28.81 40.19
CA PRO H 152 25.76 27.74 41.18
C PRO H 152 25.12 26.51 40.57
N GLU H 153 24.99 25.45 41.38
CA GLU H 153 24.21 24.29 40.99
C GLU H 153 22.72 24.65 40.97
N PRO H 154 21.88 23.85 40.29
CA PRO H 154 22.13 22.56 39.62
C PRO H 154 22.40 22.66 38.12
N VAL H 155 22.71 21.54 37.49
CA VAL H 155 22.79 21.42 36.02
C VAL H 155 22.18 20.10 35.60
N THR H 156 21.32 20.17 34.59
CA THR H 156 20.67 18.99 34.03
C THR H 156 21.46 18.50 32.84
N VAL H 157 21.77 17.19 32.84
CA VAL H 157 22.50 16.56 31.76
C VAL H 157 21.68 15.38 31.26
N SER H 158 21.38 15.36 29.96
CA SER H 158 20.70 14.24 29.32
C SER H 158 21.45 13.90 28.04
N TRP H 159 21.11 12.73 27.48
CA TRP H 159 21.77 12.22 26.29
C TRP H 159 20.75 11.98 25.19
N ASN H 160 21.05 12.51 24.00
CA ASN H 160 20.17 12.40 22.83
C ASN H 160 18.77 12.97 23.13
N SER H 161 18.76 14.14 23.77
CA SER H 161 17.51 14.82 24.13
C SER H 161 16.61 13.93 24.97
N GLY H 162 17.22 13.16 25.86
CA GLY H 162 16.49 12.27 26.74
C GLY H 162 16.18 10.90 26.16
N ALA H 163 16.47 10.66 24.88
CA ALA H 163 16.20 9.37 24.27
C ALA H 163 17.15 8.28 24.77
N LEU H 164 18.32 8.64 25.27
CA LEU H 164 19.33 7.69 25.74
C LEU H 164 19.36 7.73 27.26
N THR H 165 18.70 6.76 27.90
CA THR H 165 18.68 6.64 29.35
C THR H 165 19.23 5.30 29.84
N SER H 166 19.86 4.51 28.96
CA SER H 166 20.36 3.20 29.32
C SER H 166 21.82 3.31 29.76
N GLY H 167 22.11 2.89 30.99
CA GLY H 167 23.46 2.92 31.49
C GLY H 167 24.06 4.30 31.63
N VAL H 168 23.23 5.33 31.78
CA VAL H 168 23.69 6.70 31.89
C VAL H 168 23.90 7.03 33.37
N HIS H 169 25.12 7.42 33.71
CA HIS H 169 25.49 7.76 35.08
C HIS H 169 25.94 9.23 35.12
N THR H 170 25.14 10.09 35.73
CA THR H 170 25.48 11.49 35.92
C THR H 170 25.87 11.66 37.39
N PHE H 171 27.14 11.98 37.65
CA PHE H 171 27.56 11.93 39.03
C PHE H 171 27.26 13.24 39.75
N PRO H 172 27.15 13.20 41.09
CA PRO H 172 26.88 14.44 41.82
C PRO H 172 27.97 15.48 41.62
N ALA H 173 27.58 16.74 41.71
CA ALA H 173 28.52 17.84 41.59
C ALA H 173 29.48 17.86 42.77
N VAL H 174 30.78 18.00 42.48
CA VAL H 174 31.81 18.13 43.49
C VAL H 174 32.38 19.53 43.41
N LEU H 175 32.43 20.22 44.55
CA LEU H 175 32.97 21.57 44.60
C LEU H 175 34.48 21.48 44.61
N GLN H 176 35.12 21.94 43.54
CA GLN H 176 36.56 21.89 43.45
C GLN H 176 37.18 23.14 44.05
N SER H 177 38.51 23.10 44.23
CA SER H 177 39.20 24.09 45.05
C SER H 177 39.01 25.51 44.55
N SER H 178 38.75 25.70 43.26
CA SER H 178 38.56 27.04 42.71
C SER H 178 37.30 27.73 43.24
N GLY H 179 36.41 27.00 43.91
CA GLY H 179 35.14 27.54 44.33
C GLY H 179 34.01 27.32 43.36
N LEU H 180 34.21 26.48 42.34
CA LEU H 180 33.22 26.19 41.33
C LEU H 180 32.93 24.71 41.36
N TYR H 181 31.67 24.33 41.19
CA TYR H 181 31.33 22.92 41.15
C TYR H 181 31.70 22.34 39.80
N SER H 182 31.68 21.00 39.70
CA SER H 182 31.93 20.33 38.43
C SER H 182 31.47 18.88 38.51
N LEU H 183 30.69 18.45 37.52
CA LEU H 183 30.24 17.06 37.44
C LEU H 183 30.57 16.50 36.06
N SER H 184 30.48 15.18 35.95
CA SER H 184 30.70 14.48 34.69
C SER H 184 29.63 13.39 34.54
N SER H 185 29.07 13.29 33.34
CA SER H 185 28.05 12.29 33.02
C SER H 185 28.56 11.39 31.91
N VAL H 186 28.42 10.07 32.12
CA VAL H 186 28.97 9.08 31.20
C VAL H 186 27.87 8.10 30.80
N VAL H 187 28.07 7.46 29.65
CA VAL H 187 27.16 6.45 29.12
C VAL H 187 27.96 5.23 28.68
N THR H 188 27.47 4.05 29.03
CA THR H 188 28.12 2.78 28.72
C THR H 188 27.35 2.07 27.61
N VAL H 189 28.00 1.89 26.47
CA VAL H 189 27.36 1.26 25.30
C VAL H 189 28.32 0.25 24.69
N PRO H 190 27.79 -0.68 23.91
CA PRO H 190 28.65 -1.64 23.19
C PRO H 190 29.66 -0.94 22.30
N SER H 191 30.82 -1.58 22.13
CA SER H 191 31.91 -0.99 21.37
C SER H 191 31.53 -0.71 19.92
N SER H 192 30.84 -1.66 19.28
CA SER H 192 30.51 -1.51 17.87
C SER H 192 29.45 -0.42 17.63
N SER H 193 28.70 -0.04 18.66
CA SER H 193 27.67 0.99 18.50
C SER H 193 28.27 2.37 18.25
N LEU H 194 29.56 2.55 18.51
CA LEU H 194 30.20 3.85 18.34
C LEU H 194 30.16 4.30 16.88
N GLY H 195 30.21 3.36 15.94
CA GLY H 195 30.12 3.68 14.54
C GLY H 195 28.73 3.72 13.97
N THR H 196 27.71 3.42 14.78
CA THR H 196 26.33 3.39 14.31
C THR H 196 25.61 4.62 14.86
N GLN H 197 24.96 4.51 16.02
CA GLN H 197 24.26 5.65 16.59
C GLN H 197 25.22 6.80 16.91
N THR H 198 24.64 7.96 17.18
CA THR H 198 25.38 9.19 17.44
C THR H 198 24.90 9.75 18.76
N TYR H 199 25.84 10.03 19.66
CA TYR H 199 25.51 10.28 21.06
C TYR H 199 25.73 11.76 21.36
N ILE H 200 24.64 12.45 21.68
CA ILE H 200 24.65 13.89 21.91
C ILE H 200 24.47 14.14 23.41
N CYS H 201 25.19 15.12 23.93
CA CYS H 201 25.10 15.48 25.34
C CYS H 201 24.30 16.78 25.47
N ASN H 202 23.33 16.78 26.39
CA ASN H 202 22.43 17.92 26.58
C ASN H 202 22.68 18.50 27.97
N VAL H 203 23.33 19.66 28.03
CA VAL H 203 23.70 20.30 29.28
C VAL H 203 22.89 21.58 29.43
N ASN H 204 22.28 21.76 30.60
CA ASN H 204 21.49 22.95 30.90
C ASN H 204 21.93 23.53 32.23
N HIS H 205 22.20 24.84 32.24
CA HIS H 205 22.51 25.59 33.46
C HIS H 205 21.62 26.83 33.44
N LYS H 206 20.47 26.74 34.10
CA LYS H 206 19.48 27.82 34.08
C LYS H 206 19.97 29.10 34.75
N PRO H 207 20.67 29.05 35.89
CA PRO H 207 21.14 30.32 36.49
C PRO H 207 21.98 31.17 35.56
N SER H 208 22.75 30.57 34.66
CA SER H 208 23.46 31.30 33.62
C SER H 208 22.72 31.28 32.29
N ASN H 209 21.66 30.50 32.17
CA ASN H 209 20.87 30.37 30.94
C ASN H 209 21.77 30.05 29.74
N THR H 210 22.60 29.03 29.92
CA THR H 210 23.50 28.54 28.88
C THR H 210 23.17 27.07 28.62
N LYS H 211 22.79 26.76 27.39
CA LYS H 211 22.46 25.41 26.98
C LYS H 211 23.43 24.97 25.89
N VAL H 212 24.21 23.94 26.15
CA VAL H 212 25.24 23.46 25.25
C VAL H 212 24.94 22.01 24.90
N ASP H 213 24.95 21.70 23.60
CA ASP H 213 24.77 20.34 23.11
C ASP H 213 26.03 19.94 22.33
N LYS H 214 26.75 18.94 22.82
CA LYS H 214 28.00 18.52 22.21
C LYS H 214 27.97 17.04 21.87
N LYS H 215 28.43 16.71 20.66
CA LYS H 215 28.58 15.34 20.21
C LYS H 215 29.81 14.72 20.86
N VAL H 216 29.83 13.39 20.89
CA VAL H 216 30.96 12.68 21.48
C VAL H 216 31.61 11.76 20.43
N ARG I 7 1.75 25.57 70.25
CA ARG I 7 2.56 24.42 70.66
C ARG I 7 1.81 23.09 70.56
N PRO I 8 0.54 23.03 71.00
CA PRO I 8 -0.26 21.85 70.66
C PRO I 8 -1.01 22.03 69.34
N TRP I 9 -0.67 21.24 68.33
CA TRP I 9 -1.39 21.31 67.07
C TRP I 9 -2.65 20.48 67.23
N ASN I 10 -3.77 21.15 67.52
CA ASN I 10 -5.06 20.50 67.76
C ASN I 10 -6.10 20.94 66.73
N PRO I 11 -5.86 20.67 65.44
CA PRO I 11 -6.84 21.06 64.44
C PRO I 11 -8.10 20.23 64.60
N PRO I 12 -9.25 20.89 64.80
CA PRO I 12 -10.50 20.15 64.99
C PRO I 12 -10.82 19.25 63.81
N THR I 13 -11.60 18.22 64.07
CA THR I 13 -12.11 17.34 63.03
C THR I 13 -13.53 17.76 62.70
N PHE I 14 -13.89 17.61 61.43
CA PHE I 14 -15.14 18.16 60.92
C PHE I 14 -15.78 17.12 60.00
N SER I 15 -16.77 16.41 60.53
CA SER I 15 -17.38 15.28 59.85
C SER I 15 -18.89 15.46 59.77
N PRO I 16 -19.54 14.88 58.76
CA PRO I 16 -18.95 14.10 57.64
C PRO I 16 -18.38 14.95 56.51
N ALA I 17 -17.72 14.30 55.56
CA ALA I 17 -17.12 15.02 54.45
C ALA I 17 -18.17 15.53 53.47
N LEU I 18 -19.22 14.74 53.23
CA LEU I 18 -20.28 15.13 52.31
C LEU I 18 -21.63 14.84 52.94
N LEU I 19 -22.58 15.76 52.74
CA LEU I 19 -23.93 15.63 53.31
C LEU I 19 -24.95 15.94 52.23
N VAL I 20 -25.86 15.01 52.00
CA VAL I 20 -26.99 15.20 51.10
C VAL I 20 -28.26 15.20 51.94
N VAL I 21 -29.02 16.29 51.87
CA VAL I 21 -30.29 16.42 52.56
C VAL I 21 -31.30 17.05 51.60
N THR I 22 -32.56 16.67 51.75
CA THR I 22 -33.63 17.25 50.95
C THR I 22 -33.96 18.64 51.47
N GLU I 23 -34.38 19.51 50.56
CA GLU I 23 -34.62 20.91 50.91
C GLU I 23 -35.70 21.03 51.98
N GLY I 24 -35.42 21.85 52.99
CA GLY I 24 -36.31 22.04 54.13
C GLY I 24 -35.94 21.22 55.35
N ASP I 25 -35.10 20.20 55.21
CA ASP I 25 -34.71 19.35 56.32
C ASP I 25 -33.48 19.92 57.02
N ASN I 26 -33.39 19.69 58.32
CA ASN I 26 -32.20 20.12 59.06
C ASN I 26 -30.98 19.30 58.64
N ALA I 27 -29.86 19.98 58.47
CA ALA I 27 -28.57 19.35 58.24
C ALA I 27 -27.64 19.72 59.38
N THR I 28 -27.00 18.72 59.97
CA THR I 28 -26.15 18.92 61.15
C THR I 28 -24.80 18.29 60.90
N PHE I 29 -23.73 19.00 61.24
CA PHE I 29 -22.39 18.45 61.17
C PHE I 29 -21.86 18.25 62.58
N THR I 30 -20.65 17.72 62.69
CA THR I 30 -20.01 17.49 63.99
C THR I 30 -18.59 18.02 63.95
N CYS I 31 -18.32 19.05 64.74
CA CYS I 31 -16.98 19.62 64.88
C CYS I 31 -16.44 19.25 66.26
N SER I 32 -15.35 18.48 66.28
CA SER I 32 -14.77 17.97 67.52
C SER I 32 -13.40 18.61 67.74
N PHE I 33 -13.22 19.23 68.90
CA PHE I 33 -11.97 19.90 69.26
C PHE I 33 -11.59 19.54 70.68
N SER I 34 -10.40 18.96 70.83
CA SER I 34 -9.85 18.62 72.15
C SER I 34 -9.07 19.82 72.67
N ASN I 35 -9.68 20.56 73.59
CA ASN I 35 -9.06 21.78 74.11
C ASN I 35 -7.88 21.47 75.02
N THR I 36 -6.95 22.43 75.06
CA THR I 36 -5.91 22.48 76.09
C THR I 36 -6.21 23.49 77.18
N SER I 37 -7.00 24.52 76.87
CA SER I 37 -7.46 25.50 77.84
C SER I 37 -8.95 25.73 77.63
N GLU I 38 -9.59 26.39 78.60
CA GLU I 38 -11.00 26.73 78.47
C GLU I 38 -11.22 28.08 77.80
N SER I 39 -10.14 28.80 77.48
CA SER I 39 -10.23 30.06 76.76
C SER I 39 -10.15 29.74 75.26
N PHE I 40 -11.30 29.41 74.68
CA PHE I 40 -11.34 29.04 73.27
C PHE I 40 -12.75 29.26 72.73
N VAL I 41 -12.83 29.54 71.43
CA VAL I 41 -14.09 29.69 70.71
C VAL I 41 -14.02 28.82 69.46
N LEU I 42 -15.18 28.36 69.01
CA LEU I 42 -15.30 27.64 67.74
C LEU I 42 -16.17 28.45 66.80
N ASN I 43 -15.71 28.59 65.56
CA ASN I 43 -16.42 29.36 64.54
C ASN I 43 -16.94 28.43 63.44
N TRP I 44 -17.99 28.91 62.77
CA TRP I 44 -18.75 28.13 61.80
C TRP I 44 -18.75 28.89 60.47
N TYR I 45 -18.10 28.32 59.46
CA TYR I 45 -17.76 29.02 58.23
C TYR I 45 -18.37 28.36 57.01
N ARG I 46 -18.79 29.20 56.06
CA ARG I 46 -19.13 28.77 54.70
C ARG I 46 -18.35 29.60 53.69
N MET I 47 -17.93 28.95 52.60
CA MET I 47 -17.22 29.65 51.53
C MET I 47 -18.26 30.21 50.56
N SER I 48 -18.55 31.49 50.71
CA SER I 48 -19.55 32.17 49.91
C SER I 48 -19.05 32.27 48.47
N PRO I 49 -19.91 32.70 47.52
CA PRO I 49 -19.40 33.00 46.17
C PRO I 49 -18.28 34.04 46.17
N SER I 50 -18.16 34.83 47.24
CA SER I 50 -17.01 35.70 47.41
C SER I 50 -15.73 34.93 47.70
N ASN I 51 -15.81 33.60 47.80
CA ASN I 51 -14.66 32.73 48.03
C ASN I 51 -13.86 33.16 49.27
N GLN I 52 -14.59 33.34 50.37
CA GLN I 52 -13.97 33.84 51.60
C GLN I 52 -14.69 33.21 52.79
N THR I 53 -13.96 33.01 53.88
CA THR I 53 -14.52 32.41 55.08
C THR I 53 -15.50 33.38 55.74
N ASP I 54 -16.79 33.13 55.53
CA ASP I 54 -17.85 33.94 56.13
C ASP I 54 -18.29 33.27 57.43
N LYS I 55 -18.18 33.98 58.54
CA LYS I 55 -18.51 33.41 59.85
C LYS I 55 -20.02 33.23 59.95
N LEU I 56 -20.47 31.98 59.82
CA LEU I 56 -21.90 31.69 59.86
C LEU I 56 -22.44 31.76 61.28
N ALA I 57 -21.74 31.15 62.23
CA ALA I 57 -22.12 31.17 63.64
C ALA I 57 -20.87 30.93 64.48
N ALA I 58 -21.03 31.02 65.80
CA ALA I 58 -19.92 30.85 66.72
C ALA I 58 -20.47 30.62 68.12
N PHE I 59 -19.73 29.84 68.90
CA PHE I 59 -20.09 29.59 70.29
C PHE I 59 -18.83 29.54 71.16
N PRO I 60 -18.72 30.40 72.20
CA PRO I 60 -19.72 31.35 72.74
C PRO I 60 -20.25 32.40 71.78
N GLU I 61 -21.50 32.81 72.00
CA GLU I 61 -22.18 33.75 71.10
C GLU I 61 -21.41 35.04 70.96
N ASP I 62 -21.22 35.47 69.72
CA ASP I 62 -20.54 36.74 69.43
C ASP I 62 -21.47 37.91 69.73
N GLY I 67 -28.40 39.33 66.85
CA GLY I 67 -29.35 39.39 65.75
C GLY I 67 -28.85 38.71 64.49
N GLN I 68 -27.99 37.71 64.66
CA GLN I 68 -27.49 36.96 63.53
C GLN I 68 -28.59 36.06 62.96
N ASP I 69 -28.22 35.26 61.96
CA ASP I 69 -29.17 34.30 61.39
C ASP I 69 -29.28 33.12 62.35
N CYS I 70 -30.43 32.99 63.00
CA CYS I 70 -30.69 31.84 63.85
C CYS I 70 -30.84 30.55 63.07
N ARG I 71 -30.81 30.62 61.74
CA ARG I 71 -30.93 29.44 60.91
C ARG I 71 -29.67 28.59 60.92
N PHE I 72 -28.53 29.14 61.32
CA PHE I 72 -27.31 28.37 61.52
C PHE I 72 -27.03 28.35 63.01
N ARG I 73 -26.97 27.14 63.58
CA ARG I 73 -26.85 26.98 65.03
C ARG I 73 -25.64 26.11 65.36
N VAL I 74 -25.09 26.35 66.54
CA VAL I 74 -23.96 25.60 67.07
C VAL I 74 -24.26 25.22 68.52
N THR I 75 -24.19 23.92 68.81
CA THR I 75 -24.54 23.39 70.12
C THR I 75 -23.35 22.64 70.70
N GLN I 76 -23.05 22.87 71.97
CA GLN I 76 -21.98 22.16 72.67
C GLN I 76 -22.56 20.87 73.24
N LEU I 77 -22.09 19.74 72.73
CA LEU I 77 -22.43 18.47 73.36
C LEU I 77 -21.81 18.41 74.75
N PRO I 78 -22.50 17.83 75.73
CA PRO I 78 -22.00 17.87 77.11
C PRO I 78 -20.79 16.98 77.37
N ASN I 79 -20.19 16.42 76.32
CA ASN I 79 -19.02 15.57 76.48
C ASN I 79 -17.73 16.38 76.61
N GLY I 80 -17.73 17.65 76.23
CA GLY I 80 -16.59 18.51 76.39
C GLY I 80 -15.74 18.73 75.16
N ARG I 81 -16.07 18.09 74.03
CA ARG I 81 -15.25 18.19 72.83
C ARG I 81 -16.05 18.32 71.54
N ASP I 82 -17.28 17.80 71.46
CA ASP I 82 -18.03 17.74 70.22
C ASP I 82 -19.06 18.86 70.16
N PHE I 83 -19.11 19.56 69.04
CA PHE I 83 -20.16 20.54 68.79
C PHE I 83 -20.95 20.12 67.56
N HIS I 84 -22.22 20.51 67.54
CA HIS I 84 -23.11 20.23 66.40
C HIS I 84 -23.29 21.52 65.59
N MET I 85 -22.79 21.51 64.36
CA MET I 85 -22.99 22.60 63.42
C MET I 85 -24.23 22.29 62.59
N SER I 86 -25.30 23.05 62.79
CA SER I 86 -26.59 22.73 62.19
C SER I 86 -27.12 23.90 61.39
N VAL I 87 -27.71 23.60 60.24
CA VAL I 87 -28.35 24.55 59.36
C VAL I 87 -29.82 24.18 59.29
N VAL I 88 -30.68 24.95 59.96
CA VAL I 88 -32.10 24.62 59.94
C VAL I 88 -32.71 25.05 58.61
N ARG I 89 -33.87 24.47 58.30
CA ARG I 89 -34.67 24.83 57.13
C ARG I 89 -33.80 24.96 55.88
N ALA I 90 -33.16 23.85 55.50
CA ALA I 90 -32.19 23.87 54.42
C ALA I 90 -32.82 24.37 53.13
N ARG I 91 -32.13 25.29 52.46
CA ARG I 91 -32.56 25.85 51.19
C ARG I 91 -31.51 25.49 50.14
N ARG I 92 -31.91 25.51 48.87
CA ARG I 92 -30.98 25.10 47.82
C ARG I 92 -29.77 26.04 47.74
N ASN I 93 -29.93 27.31 48.15
CA ASN I 93 -28.75 28.17 48.21
C ASN I 93 -27.74 27.68 49.23
N ASP I 94 -28.19 26.93 50.24
CA ASP I 94 -27.32 26.52 51.33
C ASP I 94 -26.26 25.52 50.89
N SER I 95 -26.37 24.96 49.68
CA SER I 95 -25.38 24.02 49.20
C SER I 95 -24.04 24.71 49.04
N GLY I 96 -22.97 23.99 49.36
CA GLY I 96 -21.64 24.53 49.26
C GLY I 96 -20.67 23.75 50.12
N THR I 97 -19.51 24.35 50.34
CA THR I 97 -18.43 23.75 51.12
C THR I 97 -18.26 24.50 52.43
N TYR I 98 -18.32 23.78 53.55
CA TYR I 98 -18.27 24.40 54.87
C TYR I 98 -17.07 23.86 55.64
N LEU I 99 -16.79 24.49 56.78
CA LEU I 99 -15.77 24.01 57.72
C LEU I 99 -16.02 24.68 59.07
N CYS I 100 -15.30 24.18 60.07
CA CYS I 100 -15.28 24.79 61.40
C CYS I 100 -13.86 25.13 61.79
N GLY I 101 -13.72 26.08 62.70
CA GLY I 101 -12.42 26.50 63.18
C GLY I 101 -12.43 26.88 64.65
N ALA I 102 -11.38 26.51 65.38
CA ALA I 102 -11.28 26.77 66.81
C ALA I 102 -10.20 27.82 67.07
N ILE I 103 -10.53 28.82 67.88
CA ILE I 103 -9.61 29.89 68.23
C ILE I 103 -9.44 29.87 69.74
N SER I 104 -8.28 29.41 70.20
CA SER I 104 -7.95 29.51 71.61
C SER I 104 -7.77 30.97 72.01
N LEU I 105 -8.41 31.37 73.11
CA LEU I 105 -8.29 32.73 73.62
C LEU I 105 -6.97 32.91 74.37
N ALA I 106 -5.89 32.81 73.62
CA ALA I 106 -4.55 33.10 74.10
C ALA I 106 -4.09 34.41 73.47
N PRO I 107 -3.16 35.14 74.11
CA PRO I 107 -2.90 36.53 73.65
C PRO I 107 -2.59 36.65 72.17
N LYS I 108 -1.75 35.77 71.64
CA LYS I 108 -1.39 35.79 70.22
C LYS I 108 -1.98 34.63 69.43
N ALA I 109 -2.82 33.79 70.03
CA ALA I 109 -3.31 32.59 69.37
C ALA I 109 -4.12 32.94 68.11
N GLN I 110 -4.37 31.91 67.31
CA GLN I 110 -4.93 32.09 65.97
C GLN I 110 -5.97 31.00 65.71
N ILE I 111 -6.29 30.79 64.44
CA ILE I 111 -7.37 29.90 64.02
C ILE I 111 -6.78 28.56 63.61
N LYS I 112 -7.35 27.48 64.14
CA LYS I 112 -7.04 26.12 63.68
C LYS I 112 -8.19 25.65 62.79
N GLU I 113 -7.93 25.54 61.50
CA GLU I 113 -8.98 25.28 60.51
C GLU I 113 -9.15 23.78 60.32
N SER I 114 -10.36 23.29 60.53
CA SER I 114 -10.68 21.90 60.26
C SER I 114 -10.78 21.67 58.75
N LEU I 115 -10.82 20.39 58.37
CA LEU I 115 -11.03 20.06 56.97
C LEU I 115 -12.41 20.49 56.52
N ARG I 116 -12.54 20.68 55.21
CA ARG I 116 -13.80 21.18 54.68
C ARG I 116 -14.76 20.02 54.45
N ALA I 117 -16.05 20.37 54.37
CA ALA I 117 -17.09 19.40 54.07
C ALA I 117 -18.07 20.03 53.10
N GLU I 118 -18.83 19.18 52.41
CA GLU I 118 -19.80 19.64 51.43
C GLU I 118 -21.21 19.33 51.91
N LEU I 119 -22.11 20.28 51.66
CA LEU I 119 -23.54 20.12 51.94
C LEU I 119 -24.28 20.26 50.61
N ARG I 120 -25.19 19.32 50.35
CA ARG I 120 -25.93 19.30 49.10
C ARG I 120 -27.42 19.26 49.42
N VAL I 121 -28.15 20.24 48.91
CA VAL I 121 -29.60 20.35 49.11
C VAL I 121 -30.30 19.88 47.84
N THR I 122 -31.21 18.93 48.00
CA THR I 122 -31.89 18.28 46.89
C THR I 122 -33.25 18.95 46.69
N GLU I 123 -34.09 18.36 45.84
CA GLU I 123 -35.47 18.78 45.60
C GLU I 123 -36.22 19.11 46.89
N ASP J 1 -6.23 -22.91 -70.87
CA ASP J 1 -6.72 -21.96 -69.89
C ASP J 1 -5.95 -20.64 -70.02
N ILE J 2 -6.42 -19.61 -69.32
CA ILE J 2 -5.72 -18.33 -69.28
C ILE J 2 -4.78 -18.38 -68.09
N GLN J 3 -3.51 -18.72 -68.36
CA GLN J 3 -2.54 -18.89 -67.30
C GLN J 3 -2.23 -17.55 -66.64
N MET J 4 -2.38 -17.49 -65.31
CA MET J 4 -2.11 -16.29 -64.54
C MET J 4 -0.83 -16.49 -63.73
N THR J 5 0.19 -15.68 -64.02
CA THR J 5 1.43 -15.68 -63.27
C THR J 5 1.55 -14.34 -62.55
N GLN J 6 1.84 -14.40 -61.25
CA GLN J 6 1.77 -13.23 -60.39
C GLN J 6 3.11 -13.06 -59.70
N SER J 7 3.76 -11.92 -59.93
CA SER J 7 5.12 -11.66 -59.47
C SER J 7 5.17 -10.37 -58.67
N PRO J 8 5.88 -10.35 -57.54
CA PRO J 8 6.65 -11.46 -56.96
C PRO J 8 5.77 -12.40 -56.13
N SER J 9 6.36 -13.44 -55.55
CA SER J 9 5.60 -14.32 -54.66
C SER J 9 5.45 -13.70 -53.28
N SER J 10 6.47 -12.98 -52.82
CA SER J 10 6.42 -12.28 -51.55
C SER J 10 7.22 -10.99 -51.67
N LEU J 11 6.96 -10.07 -50.74
CA LEU J 11 7.66 -8.80 -50.71
C LEU J 11 7.54 -8.21 -49.31
N SER J 12 8.53 -7.40 -48.93
CA SER J 12 8.58 -6.78 -47.62
C SER J 12 8.85 -5.30 -47.78
N ALA J 13 7.97 -4.48 -47.22
CA ALA J 13 8.11 -3.03 -47.25
C ALA J 13 7.64 -2.45 -45.93
N SER J 14 8.17 -1.28 -45.60
CA SER J 14 7.84 -0.61 -44.35
C SER J 14 6.60 0.26 -44.53
N VAL J 15 6.18 0.91 -43.45
CA VAL J 15 4.98 1.74 -43.48
C VAL J 15 5.22 2.95 -44.36
N GLY J 16 4.36 3.15 -45.34
CA GLY J 16 4.47 4.30 -46.24
C GLY J 16 5.22 4.04 -47.53
N ASP J 17 5.45 2.78 -47.88
CA ASP J 17 6.21 2.43 -49.08
C ASP J 17 5.28 2.07 -50.22
N ARG J 18 5.72 2.39 -51.44
CA ARG J 18 4.99 2.02 -52.65
C ARG J 18 5.34 0.58 -53.01
N VAL J 19 4.35 -0.31 -52.94
CA VAL J 19 4.54 -1.70 -53.32
C VAL J 19 3.92 -1.93 -54.68
N THR J 20 4.48 -2.87 -55.43
CA THR J 20 4.04 -3.13 -56.79
C THR J 20 3.96 -4.64 -57.02
N ILE J 21 2.80 -5.11 -57.49
CA ILE J 21 2.58 -6.51 -57.80
C ILE J 21 2.14 -6.60 -59.26
N THR J 22 2.82 -7.45 -60.02
CA THR J 22 2.56 -7.61 -61.44
C THR J 22 1.80 -8.92 -61.68
N CYS J 23 0.69 -8.83 -62.41
CA CYS J 23 -0.08 -9.99 -62.82
C CYS J 23 0.02 -10.13 -64.34
N ARG J 24 0.50 -11.29 -64.79
CA ARG J 24 0.72 -11.55 -66.21
C ARG J 24 -0.15 -12.71 -66.66
N ALA J 25 -0.88 -12.50 -67.75
CA ALA J 25 -1.83 -13.47 -68.27
C ALA J 25 -1.28 -14.13 -69.53
N SER J 26 -1.67 -15.39 -69.73
CA SER J 26 -1.30 -16.09 -70.96
C SER J 26 -1.91 -15.40 -72.17
N GLN J 27 -3.24 -15.34 -72.22
CA GLN J 27 -3.97 -14.63 -73.26
C GLN J 27 -4.43 -13.27 -72.73
N SER J 28 -4.72 -12.36 -73.65
CA SER J 28 -5.23 -11.05 -73.24
C SER J 28 -6.64 -11.18 -72.70
N ILE J 29 -6.91 -10.48 -71.60
CA ILE J 29 -8.17 -10.57 -70.90
C ILE J 29 -8.93 -9.24 -70.95
N SER J 30 -8.59 -8.38 -71.92
CA SER J 30 -9.22 -7.07 -72.10
C SER J 30 -9.04 -6.28 -70.81
N SER J 31 -10.10 -5.84 -70.14
CA SER J 31 -10.01 -5.16 -68.86
C SER J 31 -10.59 -6.00 -67.74
N TYR J 32 -10.81 -7.30 -67.98
CA TYR J 32 -11.49 -8.17 -67.03
C TYR J 32 -10.45 -8.77 -66.09
N LEU J 33 -10.02 -7.98 -65.12
CA LEU J 33 -9.11 -8.46 -64.08
C LEU J 33 -9.48 -7.84 -62.76
N ASN J 34 -9.40 -8.64 -61.70
CA ASN J 34 -9.80 -8.22 -60.37
C ASN J 34 -8.69 -8.55 -59.37
N TRP J 35 -8.57 -7.71 -58.35
CA TRP J 35 -7.60 -7.91 -57.28
C TRP J 35 -8.33 -8.21 -55.98
N TYR J 36 -7.78 -9.13 -55.19
CA TYR J 36 -8.44 -9.59 -53.98
C TYR J 36 -7.46 -9.57 -52.81
N GLN J 37 -7.95 -9.10 -51.66
CA GLN J 37 -7.19 -9.11 -50.41
C GLN J 37 -7.70 -10.24 -49.53
N GLN J 38 -6.81 -11.16 -49.18
CA GLN J 38 -7.14 -12.25 -48.26
C GLN J 38 -6.22 -12.14 -47.05
N LYS J 39 -6.72 -11.52 -45.98
CA LYS J 39 -6.02 -11.55 -44.71
C LYS J 39 -5.96 -12.99 -44.20
N PRO J 40 -4.96 -13.33 -43.40
CA PRO J 40 -4.80 -14.73 -42.98
C PRO J 40 -5.98 -15.20 -42.14
N GLY J 41 -6.49 -16.38 -42.49
CA GLY J 41 -7.64 -16.94 -41.80
C GLY J 41 -8.92 -16.17 -41.99
N LYS J 42 -9.10 -15.53 -43.15
CA LYS J 42 -10.30 -14.75 -43.43
C LYS J 42 -10.71 -14.98 -44.88
N ALA J 43 -11.89 -14.47 -45.23
CA ALA J 43 -12.37 -14.54 -46.59
C ALA J 43 -11.70 -13.48 -47.45
N PRO J 44 -11.58 -13.70 -48.77
CA PRO J 44 -10.99 -12.69 -49.64
C PRO J 44 -11.86 -11.44 -49.71
N LYS J 45 -11.21 -10.32 -49.97
CA LYS J 45 -11.87 -9.03 -50.07
C LYS J 45 -11.58 -8.43 -51.44
N LEU J 46 -12.63 -7.99 -52.12
CA LEU J 46 -12.46 -7.37 -53.42
C LEU J 46 -11.87 -5.97 -53.27
N LEU J 47 -10.77 -5.72 -53.97
CA LEU J 47 -10.10 -4.42 -53.93
C LEU J 47 -10.30 -3.66 -55.23
N ILE J 48 -9.80 -4.19 -56.35
CA ILE J 48 -9.89 -3.54 -57.65
C ILE J 48 -10.73 -4.42 -58.56
N TYR J 49 -11.68 -3.81 -59.26
CA TYR J 49 -12.48 -4.49 -60.26
C TYR J 49 -12.38 -3.73 -61.58
N ALA J 50 -12.61 -4.45 -62.68
CA ALA J 50 -12.49 -3.90 -64.02
C ALA J 50 -11.11 -3.28 -64.24
N ALA J 51 -10.08 -4.03 -63.87
CA ALA J 51 -8.67 -3.70 -64.10
C ALA J 51 -8.19 -2.51 -63.27
N SER J 52 -8.99 -1.46 -63.17
CA SER J 52 -8.52 -0.23 -62.54
C SER J 52 -9.53 0.45 -61.62
N SER J 53 -10.80 0.06 -61.62
CA SER J 53 -11.78 0.71 -60.76
C SER J 53 -11.59 0.29 -59.31
N LEU J 54 -11.89 1.20 -58.39
CA LEU J 54 -11.72 0.98 -56.96
C LEU J 54 -13.04 0.59 -56.34
N GLN J 55 -13.05 -0.54 -55.62
CA GLN J 55 -14.26 -0.97 -54.93
C GLN J 55 -14.58 -0.05 -53.76
N SER J 56 -15.87 0.15 -53.51
CA SER J 56 -16.31 0.97 -52.39
C SER J 56 -15.86 0.36 -51.07
N GLY J 57 -15.56 1.23 -50.11
CA GLY J 57 -15.05 0.79 -48.82
C GLY J 57 -13.58 0.40 -48.83
N VAL J 58 -12.92 0.42 -49.98
CA VAL J 58 -11.50 0.11 -50.07
C VAL J 58 -10.72 1.42 -50.01
N PRO J 59 -9.70 1.53 -49.18
CA PRO J 59 -8.95 2.80 -49.08
C PRO J 59 -8.32 3.18 -50.41
N SER J 60 -8.25 4.49 -50.65
CA SER J 60 -7.82 5.01 -51.94
C SER J 60 -6.37 4.67 -52.27
N ARG J 61 -5.58 4.24 -51.28
CA ARG J 61 -4.18 3.91 -51.55
C ARG J 61 -4.04 2.74 -52.50
N PHE J 62 -5.03 1.84 -52.54
CA PHE J 62 -5.00 0.72 -53.47
C PHE J 62 -5.34 1.22 -54.88
N SER J 63 -4.48 0.93 -55.84
CA SER J 63 -4.64 1.40 -57.20
C SER J 63 -4.44 0.25 -58.18
N GLY J 64 -5.25 0.24 -59.23
CA GLY J 64 -5.13 -0.76 -60.29
C GLY J 64 -4.79 -0.08 -61.61
N SER J 65 -3.91 -0.72 -62.37
CA SER J 65 -3.50 -0.18 -63.67
C SER J 65 -3.04 -1.34 -64.54
N GLY J 66 -3.54 -1.40 -65.77
CA GLY J 66 -3.16 -2.46 -66.68
C GLY J 66 -4.02 -2.55 -67.92
N SER J 67 -3.38 -2.89 -69.05
CA SER J 67 -4.08 -3.07 -70.31
C SER J 67 -3.51 -4.28 -71.03
N GLY J 68 -4.39 -5.09 -71.59
CA GLY J 68 -3.96 -6.27 -72.32
C GLY J 68 -3.66 -7.46 -71.42
N THR J 69 -2.37 -7.75 -71.22
CA THR J 69 -1.94 -8.93 -70.47
C THR J 69 -1.42 -8.62 -69.08
N ASP J 70 -0.54 -7.62 -68.94
CA ASP J 70 0.06 -7.32 -67.64
C ASP J 70 -0.67 -6.16 -66.98
N PHE J 71 -1.20 -6.40 -65.79
CA PHE J 71 -1.83 -5.37 -64.99
C PHE J 71 -1.05 -5.24 -63.69
N THR J 72 -1.29 -4.16 -62.95
CA THR J 72 -0.47 -3.84 -61.79
C THR J 72 -1.33 -3.31 -60.66
N LEU J 73 -1.12 -3.86 -59.45
CA LEU J 73 -1.67 -3.31 -58.22
C LEU J 73 -0.58 -2.50 -57.53
N THR J 74 -0.97 -1.37 -56.94
CA THR J 74 -0.04 -0.48 -56.26
C THR J 74 -0.69 0.10 -55.02
N ILE J 75 -0.04 -0.08 -53.87
CA ILE J 75 -0.47 0.55 -52.63
C ILE J 75 0.37 1.81 -52.46
N SER J 76 -0.31 2.96 -52.35
CA SER J 76 0.36 4.25 -52.23
C SER J 76 1.24 4.28 -50.99
N SER J 77 0.61 4.25 -49.82
CA SER J 77 1.31 4.27 -48.54
C SER J 77 0.94 3.00 -47.79
N LEU J 78 1.87 2.05 -47.73
CA LEU J 78 1.60 0.76 -47.10
C LEU J 78 1.34 0.94 -45.61
N GLN J 79 0.33 0.23 -45.10
CA GLN J 79 -0.11 0.35 -43.72
C GLN J 79 0.08 -0.98 -43.00
N PRO J 80 0.21 -0.96 -41.67
CA PRO J 80 0.44 -2.21 -40.93
C PRO J 80 -0.67 -3.24 -41.11
N GLU J 81 -1.93 -2.79 -41.20
CA GLU J 81 -3.05 -3.71 -41.37
C GLU J 81 -3.20 -4.20 -42.80
N ASP J 82 -2.33 -3.79 -43.71
CA ASP J 82 -2.37 -4.27 -45.09
C ASP J 82 -1.64 -5.59 -45.28
N PHE J 83 -1.23 -6.25 -44.18
CA PHE J 83 -0.65 -7.58 -44.24
C PHE J 83 -1.70 -8.58 -44.72
N ALA J 84 -1.54 -9.06 -45.95
CA ALA J 84 -2.47 -10.03 -46.53
C ALA J 84 -1.82 -10.61 -47.78
N THR J 85 -2.51 -11.57 -48.39
CA THR J 85 -2.10 -12.17 -49.64
C THR J 85 -3.04 -11.69 -50.74
N TYR J 86 -2.46 -11.31 -51.88
CA TYR J 86 -3.19 -10.63 -52.94
C TYR J 86 -3.21 -11.49 -54.19
N TYR J 87 -4.40 -11.73 -54.73
CA TYR J 87 -4.59 -12.56 -55.90
C TYR J 87 -5.16 -11.72 -57.04
N CYS J 88 -4.82 -12.11 -58.27
CA CYS J 88 -5.40 -11.52 -59.48
C CYS J 88 -6.21 -12.57 -60.21
N GLN J 89 -7.35 -12.14 -60.77
CA GLN J 89 -8.32 -13.04 -61.38
C GLN J 89 -8.91 -12.40 -62.62
N GLN J 90 -9.19 -13.19 -63.65
CA GLN J 90 -9.75 -12.65 -64.87
C GLN J 90 -11.25 -12.95 -64.90
N ASP J 91 -11.98 -12.11 -65.61
CA ASP J 91 -13.40 -12.32 -65.85
C ASP J 91 -13.69 -12.55 -67.32
N TYR J 92 -12.65 -12.75 -68.13
CA TYR J 92 -12.82 -12.83 -69.57
C TYR J 92 -13.51 -14.12 -69.98
N GLY J 93 -13.01 -15.27 -69.52
CA GLY J 93 -13.58 -16.54 -69.95
C GLY J 93 -13.36 -17.66 -68.96
N LEU J 94 -14.03 -18.78 -69.24
CA LEU J 94 -13.94 -19.98 -68.43
C LEU J 94 -12.76 -20.84 -68.90
N PRO J 95 -12.10 -21.56 -67.99
CA PRO J 95 -12.28 -21.58 -66.54
C PRO J 95 -11.73 -20.33 -65.88
N PHE J 96 -12.31 -19.90 -64.76
CA PHE J 96 -11.82 -18.73 -64.07
C PHE J 96 -10.52 -19.07 -63.34
N THR J 97 -9.48 -18.26 -63.57
CA THR J 97 -8.14 -18.55 -63.11
C THR J 97 -7.65 -17.43 -62.20
N PHE J 98 -6.93 -17.80 -61.15
CA PHE J 98 -6.30 -16.81 -60.29
C PHE J 98 -4.79 -16.92 -60.42
N GLY J 99 -4.10 -15.91 -59.89
CA GLY J 99 -2.65 -15.95 -59.82
C GLY J 99 -2.18 -16.82 -58.67
N GLN J 100 -0.86 -17.02 -58.61
CA GLN J 100 -0.28 -17.81 -57.52
C GLN J 100 -0.54 -17.16 -56.18
N GLY J 101 -0.49 -15.83 -56.13
CA GLY J 101 -0.68 -15.09 -54.90
C GLY J 101 0.61 -14.41 -54.49
N THR J 102 0.49 -13.19 -53.97
CA THR J 102 1.63 -12.40 -53.51
C THR J 102 1.41 -12.04 -52.05
N LYS J 103 2.34 -12.46 -51.20
CA LYS J 103 2.27 -12.20 -49.76
C LYS J 103 3.03 -10.91 -49.47
N VAL J 104 2.29 -9.88 -49.05
CA VAL J 104 2.90 -8.60 -48.68
C VAL J 104 3.16 -8.60 -47.19
N GLU J 105 4.40 -8.35 -46.80
CA GLU J 105 4.82 -8.38 -45.40
C GLU J 105 5.27 -6.98 -44.99
N ILE J 106 4.90 -6.59 -43.78
CA ILE J 106 5.26 -5.26 -43.27
C ILE J 106 6.66 -5.32 -42.66
N LYS J 107 7.40 -4.23 -42.81
CA LYS J 107 8.74 -4.11 -42.26
C LYS J 107 8.71 -3.22 -41.02
N ARG J 108 9.41 -3.67 -39.98
CA ARG J 108 9.38 -3.00 -38.68
C ARG J 108 10.80 -2.89 -38.14
N THR J 109 10.98 -2.03 -37.14
CA THR J 109 12.18 -2.05 -36.33
C THR J 109 12.33 -3.40 -35.64
N VAL J 110 13.58 -3.78 -35.37
CA VAL J 110 13.87 -5.09 -34.79
C VAL J 110 13.34 -5.15 -33.37
N ALA J 111 12.54 -6.18 -33.09
CA ALA J 111 11.92 -6.38 -31.78
C ALA J 111 12.54 -7.56 -31.06
N ALA J 112 12.81 -7.38 -29.77
CA ALA J 112 13.39 -8.45 -28.97
C ALA J 112 12.31 -9.42 -28.52
N PRO J 113 12.53 -10.73 -28.67
CA PRO J 113 11.49 -11.70 -28.29
C PRO J 113 11.37 -11.80 -26.77
N SER J 114 10.13 -11.80 -26.30
CA SER J 114 9.83 -12.18 -24.92
C SER J 114 9.65 -13.70 -24.89
N VAL J 115 10.49 -14.38 -24.10
CA VAL J 115 10.65 -15.83 -24.19
C VAL J 115 10.26 -16.45 -22.86
N PHE J 116 9.22 -17.28 -22.86
CA PHE J 116 8.78 -17.95 -21.65
C PHE J 116 8.79 -19.45 -21.92
N ILE J 117 8.82 -20.24 -20.84
CA ILE J 117 8.79 -21.69 -20.94
C ILE J 117 7.75 -22.23 -19.97
N PHE J 118 6.93 -23.18 -20.44
CA PHE J 118 5.88 -23.72 -19.60
C PHE J 118 6.14 -25.20 -19.35
N PRO J 119 6.04 -25.67 -18.11
CA PRO J 119 6.18 -27.11 -17.86
C PRO J 119 4.89 -27.84 -18.20
N PRO J 120 4.96 -29.15 -18.45
CA PRO J 120 3.72 -29.89 -18.73
C PRO J 120 2.87 -30.00 -17.47
N SER J 121 1.56 -29.87 -17.65
CA SER J 121 0.66 -29.94 -16.52
C SER J 121 0.56 -31.37 -16.01
N ASP J 122 0.26 -31.49 -14.72
CA ASP J 122 0.09 -32.81 -14.11
C ASP J 122 -1.03 -33.60 -14.77
N GLU J 123 -1.98 -32.91 -15.39
CA GLU J 123 -3.06 -33.59 -16.10
C GLU J 123 -2.51 -34.39 -17.28
N GLN J 124 -1.59 -33.80 -18.05
CA GLN J 124 -1.02 -34.49 -19.20
C GLN J 124 -0.12 -35.64 -18.77
N LEU J 125 0.55 -35.52 -17.62
CA LEU J 125 1.34 -36.63 -17.11
C LEU J 125 0.48 -37.87 -16.86
N LYS J 126 -0.75 -37.67 -16.38
CA LYS J 126 -1.66 -38.81 -16.25
C LYS J 126 -2.00 -39.41 -17.61
N SER J 127 -1.97 -38.60 -18.67
CA SER J 127 -2.28 -39.11 -19.99
C SER J 127 -1.17 -40.03 -20.52
N GLY J 128 0.07 -39.81 -20.10
CA GLY J 128 1.20 -40.64 -20.50
C GLY J 128 2.31 -39.89 -21.19
N THR J 129 2.03 -38.73 -21.77
CA THR J 129 3.04 -37.91 -22.43
C THR J 129 3.24 -36.61 -21.66
N ALA J 130 4.35 -35.93 -21.96
CA ALA J 130 4.67 -34.64 -21.37
C ALA J 130 5.08 -33.68 -22.47
N SER J 131 4.66 -32.42 -22.34
CA SER J 131 4.93 -31.41 -23.35
C SER J 131 5.36 -30.12 -22.67
N VAL J 132 6.63 -29.75 -22.83
CA VAL J 132 7.11 -28.43 -22.45
C VAL J 132 6.96 -27.50 -23.64
N VAL J 133 6.36 -26.34 -23.41
CA VAL J 133 6.07 -25.37 -24.46
C VAL J 133 6.89 -24.12 -24.21
N CYS J 134 7.54 -23.61 -25.26
CA CYS J 134 8.36 -22.41 -25.18
C CYS J 134 7.77 -21.34 -26.08
N LEU J 135 7.54 -20.16 -25.53
CA LEU J 135 6.80 -19.10 -26.20
C LEU J 135 7.72 -17.93 -26.55
N LEU J 136 7.56 -17.41 -27.76
CA LEU J 136 8.24 -16.21 -28.24
C LEU J 136 7.16 -15.19 -28.62
N ASN J 137 7.04 -14.13 -27.84
CA ASN J 137 5.96 -13.17 -28.00
C ASN J 137 6.48 -11.87 -28.59
N ASN J 138 5.77 -11.36 -29.60
CA ASN J 138 5.95 -10.01 -30.14
C ASN J 138 7.41 -9.73 -30.49
N PHE J 139 7.86 -10.35 -31.57
CA PHE J 139 9.23 -10.18 -32.04
C PHE J 139 9.25 -10.02 -33.55
N TYR J 140 10.28 -9.33 -34.03
CA TYR J 140 10.51 -9.11 -35.45
C TYR J 140 12.01 -8.95 -35.63
N PRO J 141 12.62 -9.54 -36.67
CA PRO J 141 12.04 -10.29 -37.80
C PRO J 141 11.42 -11.64 -37.43
N ARG J 142 10.87 -12.33 -38.44
CA ARG J 142 10.19 -13.61 -38.22
C ARG J 142 11.17 -14.69 -37.80
N GLU J 143 12.38 -14.66 -38.36
CA GLU J 143 13.30 -15.79 -38.21
C GLU J 143 13.96 -15.79 -36.84
N ALA J 144 13.92 -16.95 -36.19
CA ALA J 144 14.55 -17.14 -34.89
C ALA J 144 14.94 -18.61 -34.76
N LYS J 145 15.93 -18.88 -33.92
CA LYS J 145 16.46 -20.21 -33.72
C LYS J 145 16.13 -20.67 -32.32
N VAL J 146 15.32 -21.71 -32.20
CA VAL J 146 14.88 -22.26 -30.92
C VAL J 146 15.63 -23.55 -30.66
N GLN J 147 16.27 -23.63 -29.50
CA GLN J 147 17.05 -24.80 -29.11
C GLN J 147 16.53 -25.35 -27.79
N TRP J 148 16.32 -26.66 -27.75
CA TRP J 148 15.93 -27.36 -26.53
C TRP J 148 17.14 -28.06 -25.93
N LYS J 149 17.36 -27.86 -24.63
CA LYS J 149 18.49 -28.44 -23.92
C LYS J 149 17.95 -29.17 -22.69
N VAL J 150 17.61 -30.44 -22.88
CA VAL J 150 17.20 -31.28 -21.76
C VAL J 150 18.46 -31.83 -21.10
N ASP J 151 18.71 -31.40 -19.86
CA ASP J 151 19.95 -31.71 -19.15
C ASP J 151 21.17 -31.25 -19.95
N ASN J 152 21.08 -30.04 -20.51
CA ASN J 152 22.15 -29.46 -21.31
C ASN J 152 22.50 -30.33 -22.51
N ALA J 153 21.52 -31.06 -23.03
CA ALA J 153 21.68 -31.91 -24.21
C ALA J 153 20.71 -31.45 -25.28
N LEU J 154 21.24 -31.09 -26.45
CA LEU J 154 20.41 -30.58 -27.53
C LEU J 154 19.45 -31.65 -28.02
N GLN J 155 18.18 -31.27 -28.15
CA GLN J 155 17.15 -32.19 -28.60
C GLN J 155 16.94 -32.07 -30.11
N SER J 156 16.62 -33.19 -30.74
CA SER J 156 16.39 -33.24 -32.17
C SER J 156 15.21 -34.16 -32.47
N GLY J 157 14.34 -33.73 -33.37
CA GLY J 157 13.21 -34.53 -33.80
C GLY J 157 12.09 -34.64 -32.79
N ASN J 158 12.24 -34.06 -31.61
CA ASN J 158 11.20 -34.11 -30.57
C ASN J 158 10.54 -32.76 -30.36
N SER J 159 10.84 -31.77 -31.20
CA SER J 159 10.31 -30.42 -31.06
C SER J 159 9.52 -30.07 -32.30
N GLN J 160 8.46 -29.27 -32.12
CA GLN J 160 7.60 -28.87 -33.22
C GLN J 160 7.18 -27.43 -33.02
N GLU J 161 7.11 -26.66 -34.11
CA GLU J 161 6.94 -25.22 -34.03
C GLU J 161 5.77 -24.74 -34.89
N SER J 162 5.20 -23.61 -34.49
CA SER J 162 4.18 -22.92 -35.27
C SER J 162 4.34 -21.42 -35.04
N VAL J 163 4.22 -20.64 -36.12
CA VAL J 163 4.49 -19.20 -36.09
C VAL J 163 3.20 -18.45 -36.37
N THR J 164 2.94 -17.42 -35.58
CA THR J 164 1.76 -16.58 -35.78
C THR J 164 1.95 -15.66 -36.98
N GLU J 165 0.84 -15.37 -37.65
CA GLU J 165 0.85 -14.40 -38.74
C GLU J 165 1.18 -13.01 -38.21
N GLN J 166 1.55 -12.12 -39.13
CA GLN J 166 1.99 -10.79 -38.75
C GLN J 166 0.82 -9.99 -38.17
N ASP J 167 1.06 -9.36 -37.02
CA ASP J 167 0.01 -8.61 -36.34
C ASP J 167 -0.32 -7.35 -37.13
N SER J 168 -1.61 -7.05 -37.22
CA SER J 168 -2.05 -5.87 -37.98
C SER J 168 -1.74 -4.57 -37.24
N LYS J 169 -1.63 -4.62 -35.91
CA LYS J 169 -1.46 -3.39 -35.14
C LYS J 169 0.00 -2.97 -35.00
N ASP J 170 0.90 -3.91 -34.74
CA ASP J 170 2.30 -3.56 -34.50
C ASP J 170 3.28 -4.29 -35.42
N SER J 171 2.81 -5.16 -36.31
CA SER J 171 3.65 -5.80 -37.32
C SER J 171 4.75 -6.65 -36.68
N THR J 172 4.40 -7.42 -35.65
CA THR J 172 5.30 -8.34 -34.99
C THR J 172 4.74 -9.76 -35.11
N TYR J 173 5.60 -10.76 -34.91
CA TYR J 173 5.15 -12.14 -34.99
C TYR J 173 5.32 -12.80 -33.62
N SER J 174 4.85 -14.03 -33.53
CA SER J 174 4.96 -14.84 -32.32
C SER J 174 5.21 -16.29 -32.68
N LEU J 175 6.07 -16.95 -31.90
CA LEU J 175 6.47 -18.33 -32.16
C LEU J 175 6.34 -19.16 -30.89
N SER J 176 5.98 -20.43 -31.05
CA SER J 176 5.97 -21.39 -29.95
C SER J 176 6.58 -22.70 -30.42
N SER J 177 7.49 -23.24 -29.62
CA SER J 177 8.06 -24.56 -29.85
C SER J 177 7.59 -25.49 -28.74
N THR J 178 7.18 -26.69 -29.13
CA THR J 178 6.64 -27.67 -28.18
C THR J 178 7.46 -28.95 -28.26
N LEU J 179 8.10 -29.29 -27.15
CA LEU J 179 8.89 -30.51 -27.03
C LEU J 179 8.03 -31.60 -26.41
N THR J 180 7.75 -32.65 -27.17
CA THR J 180 6.90 -33.74 -26.73
C THR J 180 7.77 -34.90 -26.26
N LEU J 181 7.53 -35.34 -25.02
CA LEU J 181 8.27 -36.45 -24.43
C LEU J 181 7.28 -37.40 -23.75
N SER J 182 7.79 -38.57 -23.37
CA SER J 182 6.99 -39.51 -22.62
C SER J 182 6.96 -39.12 -21.14
N LYS J 183 6.06 -39.78 -20.39
CA LYS J 183 6.00 -39.53 -18.95
C LYS J 183 7.31 -39.94 -18.28
N ALA J 184 7.85 -41.10 -18.63
CA ALA J 184 9.13 -41.53 -18.06
C ALA J 184 10.26 -40.62 -18.50
N ASP J 185 10.19 -40.08 -19.72
CA ASP J 185 11.22 -39.16 -20.18
C ASP J 185 11.20 -37.88 -19.36
N TYR J 186 10.00 -37.41 -18.99
CA TYR J 186 9.91 -36.21 -18.15
C TYR J 186 10.38 -36.49 -16.73
N GLU J 187 10.13 -37.70 -16.22
CA GLU J 187 10.54 -38.05 -14.86
C GLU J 187 12.03 -38.33 -14.75
N LYS J 188 12.68 -38.69 -15.86
CA LYS J 188 14.11 -38.96 -15.81
C LYS J 188 14.91 -37.69 -15.61
N HIS J 189 14.58 -36.64 -16.35
CA HIS J 189 15.37 -35.42 -16.38
C HIS J 189 14.75 -34.38 -15.44
N LYS J 190 15.55 -33.38 -15.08
CA LYS J 190 15.14 -32.42 -14.05
C LYS J 190 15.13 -30.97 -14.52
N VAL J 191 16.12 -30.51 -15.29
CA VAL J 191 16.18 -29.14 -15.77
C VAL J 191 15.96 -29.14 -17.28
N TYR J 192 14.98 -28.38 -17.74
CA TYR J 192 14.71 -28.26 -19.17
C TYR J 192 14.90 -26.80 -19.57
N ALA J 193 15.56 -26.58 -20.70
CA ALA J 193 15.94 -25.24 -21.12
C ALA J 193 15.42 -24.97 -22.52
N CYS J 194 15.20 -23.68 -22.82
CA CYS J 194 14.80 -23.22 -24.14
C CYS J 194 15.72 -22.07 -24.53
N GLU J 195 16.67 -22.35 -25.43
CA GLU J 195 17.63 -21.34 -25.87
C GLU J 195 17.18 -20.78 -27.22
N VAL J 196 17.02 -19.46 -27.27
CA VAL J 196 16.58 -18.77 -28.48
C VAL J 196 17.65 -17.74 -28.84
N THR J 197 18.03 -17.72 -30.12
CA THR J 197 18.97 -16.74 -30.64
C THR J 197 18.25 -15.92 -31.72
N HIS J 198 18.14 -14.61 -31.49
CA HIS J 198 17.42 -13.73 -32.37
C HIS J 198 18.24 -12.47 -32.59
N GLN J 199 17.90 -11.72 -33.65
CA GLN J 199 18.65 -10.51 -33.96
C GLN J 199 18.47 -9.45 -32.88
N GLY J 200 17.28 -9.35 -32.30
CA GLY J 200 17.03 -8.40 -31.24
C GLY J 200 17.58 -8.80 -29.89
N LEU J 201 18.42 -9.82 -29.83
CA LEU J 201 19.02 -10.30 -28.60
C LEU J 201 20.53 -10.10 -28.69
N SER J 202 21.10 -9.36 -27.73
CA SER J 202 22.54 -9.20 -27.69
C SER J 202 23.23 -10.52 -27.37
N SER J 203 22.75 -11.21 -26.33
CA SER J 203 23.21 -12.54 -25.96
C SER J 203 22.04 -13.52 -25.98
N PRO J 204 22.29 -14.78 -26.30
CA PRO J 204 21.20 -15.76 -26.35
C PRO J 204 20.49 -15.89 -25.01
N VAL J 205 19.16 -15.92 -25.06
CA VAL J 205 18.31 -16.04 -23.88
C VAL J 205 17.95 -17.51 -23.68
N THR J 206 18.12 -17.99 -22.45
CA THR J 206 17.83 -19.38 -22.11
C THR J 206 16.92 -19.41 -20.89
N LYS J 207 15.65 -19.74 -21.10
CA LYS J 207 14.70 -19.89 -20.02
C LYS J 207 14.60 -21.35 -19.60
N SER J 208 14.59 -21.60 -18.29
CA SER J 208 14.64 -22.95 -17.76
C SER J 208 13.73 -23.06 -16.55
N PHE J 209 13.43 -24.30 -16.17
CA PHE J 209 12.63 -24.59 -14.99
C PHE J 209 13.13 -25.87 -14.37
N ASN J 210 12.82 -26.06 -13.09
CA ASN J 210 13.21 -27.25 -12.35
C ASN J 210 11.98 -28.11 -12.13
N ARG J 211 12.14 -29.43 -12.33
CA ARG J 211 11.01 -30.34 -12.26
C ARG J 211 10.43 -30.41 -10.85
N GLY J 212 11.27 -30.23 -9.83
CA GLY J 212 10.80 -30.26 -8.46
C GLY J 212 10.09 -29.01 -8.03
N GLU J 213 10.23 -27.93 -8.79
CA GLU J 213 9.64 -26.64 -8.45
C GLU J 213 8.33 -26.43 -9.17
N GLU K 1 -25.76 -4.30 -46.59
CA GLU K 1 -24.71 -5.15 -46.07
C GLU K 1 -24.97 -6.61 -46.43
N VAL K 2 -24.45 -7.03 -47.58
CA VAL K 2 -24.58 -8.42 -48.02
C VAL K 2 -23.98 -9.35 -46.97
N GLN K 3 -24.73 -10.41 -46.65
CA GLN K 3 -24.29 -11.43 -45.72
C GLN K 3 -24.28 -12.78 -46.43
N LEU K 4 -23.16 -13.49 -46.34
CA LEU K 4 -23.03 -14.83 -46.88
C LEU K 4 -22.37 -15.72 -45.85
N LEU K 5 -22.94 -16.89 -45.60
CA LEU K 5 -22.37 -17.85 -44.68
C LEU K 5 -22.53 -19.26 -45.23
N GLU K 6 -21.50 -20.07 -45.06
CA GLU K 6 -21.49 -21.45 -45.52
C GLU K 6 -21.84 -22.40 -44.37
N SER K 7 -22.13 -23.64 -44.73
CA SER K 7 -22.47 -24.66 -43.75
C SER K 7 -22.41 -26.03 -44.42
N GLY K 8 -22.22 -27.07 -43.62
CA GLY K 8 -22.23 -28.43 -44.09
C GLY K 8 -20.88 -29.08 -44.26
N GLY K 9 -19.78 -28.37 -43.99
CA GLY K 9 -18.47 -28.95 -44.14
C GLY K 9 -18.04 -29.76 -42.93
N GLY K 10 -17.32 -30.84 -43.18
CA GLY K 10 -16.86 -31.69 -42.11
C GLY K 10 -15.99 -32.81 -42.64
N LEU K 11 -15.76 -33.80 -41.79
CA LEU K 11 -14.93 -34.94 -42.17
C LEU K 11 -15.74 -35.91 -43.01
N VAL K 12 -15.23 -36.24 -44.19
CA VAL K 12 -15.82 -37.24 -45.06
C VAL K 12 -14.76 -38.27 -45.41
N GLN K 13 -15.19 -39.52 -45.56
CA GLN K 13 -14.26 -40.57 -45.92
C GLN K 13 -14.01 -40.52 -47.43
N PRO K 14 -12.81 -40.88 -47.88
CA PRO K 14 -12.54 -40.90 -49.33
C PRO K 14 -13.51 -41.80 -50.09
N GLY K 15 -14.04 -41.27 -51.18
CA GLY K 15 -15.08 -41.95 -51.92
C GLY K 15 -16.48 -41.72 -51.39
N GLY K 16 -16.73 -40.59 -50.74
CA GLY K 16 -18.04 -40.29 -50.21
C GLY K 16 -18.63 -39.03 -50.80
N SER K 17 -19.67 -38.50 -50.16
CA SER K 17 -20.35 -37.29 -50.65
C SER K 17 -20.61 -36.36 -49.48
N LEU K 18 -20.94 -35.11 -49.82
CA LEU K 18 -21.25 -34.09 -48.82
C LEU K 18 -21.90 -32.90 -49.50
N ARG K 19 -22.91 -32.33 -48.85
CA ARG K 19 -23.64 -31.18 -49.37
C ARG K 19 -23.27 -29.93 -48.59
N LEU K 20 -23.03 -28.84 -49.31
CA LEU K 20 -22.70 -27.55 -48.74
C LEU K 20 -23.80 -26.56 -49.05
N SER K 21 -24.02 -25.61 -48.14
CA SER K 21 -25.05 -24.59 -48.30
C SER K 21 -24.45 -23.20 -48.13
N CYS K 22 -25.10 -22.22 -48.73
CA CYS K 22 -24.67 -20.82 -48.65
C CYS K 22 -25.89 -19.95 -48.43
N ALA K 23 -26.05 -19.43 -47.21
CA ALA K 23 -27.18 -18.57 -46.91
C ALA K 23 -26.89 -17.15 -47.36
N ALA K 24 -27.81 -16.57 -48.12
CA ALA K 24 -27.63 -15.25 -48.73
C ALA K 24 -28.63 -14.26 -48.16
N SER K 25 -28.15 -13.06 -47.89
CA SER K 25 -29.02 -11.96 -47.44
C SER K 25 -28.32 -10.65 -47.74
N GLY K 26 -29.10 -9.57 -47.72
CA GLY K 26 -28.60 -8.25 -48.04
C GLY K 26 -28.78 -7.84 -49.49
N PHE K 27 -29.13 -8.78 -50.36
CA PHE K 27 -29.35 -8.48 -51.77
C PHE K 27 -30.42 -9.43 -52.31
N THR K 28 -30.89 -9.15 -53.51
CA THR K 28 -31.83 -10.04 -54.19
C THR K 28 -31.07 -11.22 -54.77
N PHE K 29 -31.31 -12.41 -54.20
CA PHE K 29 -30.50 -13.58 -54.51
C PHE K 29 -30.61 -13.99 -55.98
N SER K 30 -31.76 -13.77 -56.60
CA SER K 30 -31.94 -14.17 -57.99
C SER K 30 -31.23 -13.25 -58.97
N SER K 31 -30.93 -12.02 -58.57
CA SER K 31 -30.45 -11.03 -59.52
C SER K 31 -28.99 -11.25 -59.92
N TYR K 32 -28.17 -11.85 -59.05
CA TYR K 32 -26.75 -11.98 -59.32
C TYR K 32 -26.39 -13.46 -59.27
N ALA K 33 -25.45 -13.87 -60.13
CA ALA K 33 -25.01 -15.25 -60.18
C ALA K 33 -24.20 -15.61 -58.93
N MET K 34 -24.08 -16.90 -58.68
CA MET K 34 -23.37 -17.43 -57.52
C MET K 34 -22.29 -18.41 -57.99
N SER K 35 -21.23 -18.52 -57.19
CA SER K 35 -20.10 -19.36 -57.54
C SER K 35 -19.51 -19.97 -56.27
N TRP K 36 -18.76 -21.06 -56.46
CA TRP K 36 -17.96 -21.66 -55.40
C TRP K 36 -16.48 -21.55 -55.75
N VAL K 37 -15.66 -21.38 -54.72
CA VAL K 37 -14.20 -21.31 -54.86
C VAL K 37 -13.58 -22.03 -53.67
N ARG K 38 -12.66 -22.95 -53.95
CA ARG K 38 -11.99 -23.72 -52.92
C ARG K 38 -10.53 -23.29 -52.77
N GLN K 39 -9.97 -23.58 -51.59
CA GLN K 39 -8.59 -23.21 -51.29
C GLN K 39 -8.03 -24.22 -50.30
N ALA K 40 -7.15 -25.09 -50.77
CA ALA K 40 -6.45 -25.99 -49.87
C ALA K 40 -5.52 -25.18 -48.97
N PRO K 41 -5.22 -25.68 -47.76
CA PRO K 41 -4.37 -24.92 -46.85
C PRO K 41 -2.98 -24.70 -47.43
N GLY K 42 -2.49 -23.46 -47.32
CA GLY K 42 -1.22 -23.11 -47.92
C GLY K 42 -1.21 -23.12 -49.43
N LYS K 43 -2.38 -23.03 -50.06
CA LYS K 43 -2.50 -23.06 -51.51
C LYS K 43 -3.29 -21.84 -51.98
N GLY K 44 -3.30 -21.64 -53.29
CA GLY K 44 -4.05 -20.54 -53.87
C GLY K 44 -5.53 -20.87 -54.02
N LEU K 45 -6.27 -19.87 -54.49
CA LEU K 45 -7.70 -20.03 -54.71
C LEU K 45 -7.96 -20.70 -56.05
N GLU K 46 -8.99 -21.54 -56.10
CA GLU K 46 -9.31 -22.33 -57.28
C GLU K 46 -10.81 -22.26 -57.55
N TRP K 47 -11.18 -21.85 -58.77
CA TRP K 47 -12.58 -21.89 -59.16
C TRP K 47 -13.04 -23.34 -59.35
N VAL K 48 -14.25 -23.63 -58.91
CA VAL K 48 -14.77 -24.99 -58.99
C VAL K 48 -16.12 -25.04 -59.70
N SER K 49 -17.05 -24.16 -59.32
CA SER K 49 -18.38 -24.20 -59.90
C SER K 49 -18.99 -22.81 -59.93
N ALA K 50 -20.02 -22.65 -60.75
CA ALA K 50 -20.77 -21.40 -60.86
C ALA K 50 -22.13 -21.70 -61.48
N ILE K 51 -23.13 -20.94 -61.06
CA ILE K 51 -24.50 -21.11 -61.53
C ILE K 51 -25.09 -19.74 -61.85
N SER K 52 -25.95 -19.70 -62.87
CA SER K 52 -26.59 -18.47 -63.28
C SER K 52 -27.63 -18.04 -62.25
N GLY K 53 -28.15 -16.82 -62.42
CA GLY K 53 -29.10 -16.28 -61.47
C GLY K 53 -30.37 -17.11 -61.37
N SER K 54 -30.99 -17.41 -62.52
CA SER K 54 -32.17 -18.27 -62.50
C SER K 54 -31.81 -19.72 -62.24
N GLY K 55 -30.57 -20.11 -62.56
CA GLY K 55 -30.15 -21.49 -62.44
C GLY K 55 -30.25 -22.31 -63.71
N GLY K 56 -30.65 -21.71 -64.82
CA GLY K 56 -30.81 -22.43 -66.07
C GLY K 56 -29.53 -23.01 -66.61
N SER K 57 -28.37 -22.45 -66.22
CA SER K 57 -27.07 -22.90 -66.70
C SER K 57 -26.12 -23.06 -65.54
N THR K 58 -25.45 -24.21 -65.48
CA THR K 58 -24.43 -24.49 -64.48
C THR K 58 -23.09 -24.66 -65.15
N TYR K 59 -22.04 -24.25 -64.44
CA TYR K 59 -20.68 -24.28 -64.97
C TYR K 59 -19.78 -24.99 -63.98
N TYR K 60 -18.93 -25.88 -64.49
CA TYR K 60 -18.08 -26.71 -63.63
C TYR K 60 -16.65 -26.71 -64.16
N ALA K 61 -15.68 -26.73 -63.26
CA ALA K 61 -14.30 -26.91 -63.64
C ALA K 61 -14.05 -28.35 -64.10
N ASP K 62 -12.98 -28.53 -64.87
CA ASP K 62 -12.71 -29.85 -65.44
C ASP K 62 -12.31 -30.86 -64.36
N SER K 63 -11.74 -30.40 -63.25
CA SER K 63 -11.33 -31.33 -62.21
C SER K 63 -12.54 -31.92 -61.48
N VAL K 64 -13.56 -31.10 -61.24
CA VAL K 64 -14.75 -31.51 -60.53
C VAL K 64 -15.87 -31.90 -61.49
N LYS K 65 -15.56 -31.94 -62.78
CA LYS K 65 -16.57 -32.28 -63.78
C LYS K 65 -17.06 -33.71 -63.58
N GLY K 66 -18.38 -33.89 -63.67
CA GLY K 66 -18.98 -35.19 -63.47
C GLY K 66 -19.04 -35.67 -62.05
N ARG K 67 -18.59 -34.88 -61.09
CA ARG K 67 -18.64 -35.26 -59.68
C ARG K 67 -19.38 -34.26 -58.82
N PHE K 68 -19.16 -32.97 -59.01
CA PHE K 68 -19.89 -31.96 -58.25
C PHE K 68 -21.06 -31.44 -59.07
N THR K 69 -22.14 -31.09 -58.36
CA THR K 69 -23.31 -30.48 -58.98
C THR K 69 -23.69 -29.25 -58.19
N ILE K 70 -23.73 -28.10 -58.86
CA ILE K 70 -24.10 -26.83 -58.23
C ILE K 70 -25.58 -26.57 -58.48
N SER K 71 -26.25 -26.04 -57.47
CA SER K 71 -27.68 -25.76 -57.57
C SER K 71 -28.03 -24.67 -56.57
N ARG K 72 -29.14 -23.99 -56.85
CA ARG K 72 -29.63 -22.91 -56.00
C ARG K 72 -31.13 -23.03 -55.85
N ASP K 73 -31.62 -22.57 -54.70
CA ASP K 73 -33.05 -22.37 -54.48
C ASP K 73 -33.29 -20.87 -54.31
N ASN K 74 -34.21 -20.33 -55.11
CA ASN K 74 -34.46 -18.90 -55.12
C ASN K 74 -35.47 -18.47 -54.06
N SER K 75 -36.40 -19.35 -53.69
CA SER K 75 -37.33 -19.01 -52.62
C SER K 75 -36.66 -19.05 -51.26
N LYS K 76 -35.68 -19.92 -51.07
CA LYS K 76 -34.95 -20.02 -49.81
C LYS K 76 -33.70 -19.15 -49.78
N ASN K 77 -33.29 -18.59 -50.92
CA ASN K 77 -32.11 -17.75 -51.04
C ASN K 77 -30.87 -18.47 -50.52
N THR K 78 -30.57 -19.63 -51.12
CA THR K 78 -29.46 -20.43 -50.66
C THR K 78 -28.82 -21.15 -51.83
N LEU K 79 -27.48 -21.15 -51.86
CA LEU K 79 -26.69 -21.86 -52.87
C LEU K 79 -26.20 -23.19 -52.32
N TYR K 80 -26.32 -24.25 -53.12
CA TYR K 80 -25.91 -25.58 -52.68
C TYR K 80 -24.81 -26.11 -53.60
N LEU K 81 -23.90 -26.88 -53.01
CA LEU K 81 -22.87 -27.60 -53.77
C LEU K 81 -22.87 -29.06 -53.33
N GLN K 82 -23.41 -29.93 -54.18
CA GLN K 82 -23.42 -31.37 -53.91
C GLN K 82 -22.14 -31.98 -54.45
N MET K 83 -21.29 -32.46 -53.54
CA MET K 83 -19.99 -33.01 -53.87
C MET K 83 -20.06 -34.52 -53.84
N ASN K 84 -19.66 -35.17 -54.93
CA ASN K 84 -19.73 -36.62 -55.02
C ASN K 84 -18.35 -37.19 -55.37
N SER K 85 -18.14 -38.46 -55.00
CA SER K 85 -16.91 -39.17 -55.27
C SER K 85 -15.69 -38.37 -54.80
N LEU K 86 -15.75 -37.93 -53.55
CA LEU K 86 -14.71 -37.06 -53.01
C LEU K 86 -13.37 -37.76 -52.89
N ARG K 87 -12.30 -37.00 -53.13
CA ARG K 87 -10.94 -37.49 -53.09
C ARG K 87 -10.13 -36.66 -52.10
N ALA K 88 -8.95 -37.16 -51.75
CA ALA K 88 -8.09 -36.47 -50.81
C ALA K 88 -7.71 -35.07 -51.29
N GLU K 89 -7.63 -34.88 -52.62
CA GLU K 89 -7.34 -33.55 -53.14
C GLU K 89 -8.43 -32.55 -52.76
N ASP K 90 -9.68 -33.00 -52.64
CA ASP K 90 -10.81 -32.11 -52.43
C ASP K 90 -10.77 -31.44 -51.07
N THR K 91 -9.86 -31.84 -50.19
CA THR K 91 -9.73 -31.20 -48.88
C THR K 91 -9.34 -29.74 -49.05
N ALA K 92 -10.26 -28.85 -48.70
CA ALA K 92 -10.06 -27.42 -48.83
C ALA K 92 -11.23 -26.72 -48.16
N VAL K 93 -11.04 -25.44 -47.85
CA VAL K 93 -12.11 -24.59 -47.37
C VAL K 93 -12.79 -23.95 -48.58
N TYR K 94 -14.08 -24.22 -48.76
CA TYR K 94 -14.81 -23.76 -49.94
C TYR K 94 -15.62 -22.52 -49.56
N TYR K 95 -15.54 -21.48 -50.38
CA TYR K 95 -16.25 -20.25 -50.11
C TYR K 95 -17.30 -20.07 -51.20
N CYS K 96 -18.47 -19.59 -50.81
CA CYS K 96 -19.48 -19.20 -51.78
C CYS K 96 -19.34 -17.71 -52.06
N ALA K 97 -19.24 -17.36 -53.33
CA ALA K 97 -18.96 -15.99 -53.75
C ALA K 97 -19.99 -15.57 -54.77
N LYS K 98 -20.69 -14.47 -54.49
CA LYS K 98 -21.62 -13.92 -55.44
C LYS K 98 -20.87 -13.38 -56.66
N SER K 99 -21.55 -13.37 -57.79
CA SER K 99 -20.98 -12.97 -59.07
C SER K 99 -21.74 -11.77 -59.60
N TYR K 100 -21.02 -10.67 -59.83
CA TYR K 100 -21.60 -9.47 -60.44
C TYR K 100 -21.40 -9.53 -61.96
N ASN K 101 -21.88 -10.65 -62.50
CA ASN K 101 -21.69 -11.04 -63.89
C ASN K 101 -20.19 -11.10 -64.24
N HIS K 102 -19.67 -10.16 -65.06
CA HIS K 102 -18.23 -10.17 -65.29
C HIS K 102 -17.47 -9.99 -63.97
N PRO K 103 -17.48 -8.81 -63.30
CA PRO K 103 -16.74 -8.71 -62.03
C PRO K 103 -17.26 -9.70 -61.00
N MET K 104 -16.82 -10.95 -61.14
CA MET K 104 -17.26 -12.02 -60.28
C MET K 104 -16.61 -11.90 -58.90
N PHE K 105 -17.09 -12.75 -58.00
CA PHE K 105 -16.55 -12.89 -56.65
C PHE K 105 -16.60 -11.54 -55.92
N ASP K 106 -17.73 -10.85 -56.09
CA ASP K 106 -17.85 -9.52 -55.53
C ASP K 106 -17.87 -9.57 -54.00
N TYR K 107 -18.57 -10.53 -53.41
CA TYR K 107 -18.51 -10.72 -51.97
C TYR K 107 -18.24 -12.20 -51.69
N TRP K 108 -17.62 -12.46 -50.54
CA TRP K 108 -17.11 -13.78 -50.18
C TRP K 108 -17.64 -14.18 -48.82
N GLY K 109 -18.17 -15.40 -48.71
CA GLY K 109 -18.48 -15.97 -47.42
C GLY K 109 -17.23 -16.45 -46.70
N GLN K 110 -17.36 -16.65 -45.39
CA GLN K 110 -16.21 -17.07 -44.59
C GLN K 110 -15.71 -18.45 -45.00
N GLY K 111 -16.57 -19.29 -45.53
CA GLY K 111 -16.11 -20.57 -46.04
C GLY K 111 -16.17 -21.66 -44.99
N THR K 112 -16.46 -22.87 -45.45
CA THR K 112 -16.50 -24.05 -44.61
C THR K 112 -15.39 -25.00 -45.01
N LEU K 113 -14.84 -25.72 -44.03
CA LEU K 113 -13.69 -26.58 -44.24
C LEU K 113 -14.18 -28.01 -44.51
N VAL K 114 -13.65 -28.62 -45.56
CA VAL K 114 -14.01 -29.99 -45.94
C VAL K 114 -12.76 -30.86 -45.76
N THR K 115 -12.85 -31.84 -44.88
CA THR K 115 -11.77 -32.78 -44.65
C THR K 115 -12.12 -34.11 -45.30
N VAL K 116 -11.26 -34.57 -46.21
CA VAL K 116 -11.46 -35.85 -46.87
C VAL K 116 -10.40 -36.82 -46.39
N SER K 117 -10.67 -37.53 -45.30
CA SER K 117 -9.70 -38.44 -44.72
C SER K 117 -10.40 -39.68 -44.20
N SER K 118 -9.65 -40.79 -44.15
CA SER K 118 -10.18 -42.04 -43.61
C SER K 118 -10.05 -42.12 -42.10
N ALA K 119 -9.18 -41.32 -41.50
CA ALA K 119 -9.00 -41.34 -40.06
C ALA K 119 -10.28 -40.91 -39.35
N SER K 120 -10.42 -41.37 -38.10
CA SER K 120 -11.62 -41.13 -37.32
C SER K 120 -11.53 -39.80 -36.59
N THR K 121 -12.70 -39.22 -36.32
CA THR K 121 -12.78 -37.99 -35.56
C THR K 121 -12.37 -38.23 -34.12
N LYS K 122 -11.41 -37.44 -33.62
CA LYS K 122 -10.96 -37.52 -32.24
C LYS K 122 -11.13 -36.17 -31.57
N GLY K 123 -11.58 -36.20 -30.32
CA GLY K 123 -11.79 -35.00 -29.55
C GLY K 123 -10.50 -34.44 -28.97
N PRO K 124 -10.44 -33.12 -28.79
CA PRO K 124 -9.23 -32.50 -28.26
C PRO K 124 -9.07 -32.72 -26.77
N SER K 125 -7.81 -32.73 -26.33
CA SER K 125 -7.46 -32.78 -24.92
C SER K 125 -6.87 -31.42 -24.55
N VAL K 126 -7.56 -30.69 -23.68
CA VAL K 126 -7.16 -29.33 -23.32
C VAL K 126 -6.35 -29.40 -22.04
N PHE K 127 -5.07 -29.05 -22.13
CA PHE K 127 -4.21 -29.05 -20.96
C PHE K 127 -3.82 -27.63 -20.58
N PRO K 128 -3.76 -27.32 -19.28
CA PRO K 128 -3.46 -25.94 -18.88
C PRO K 128 -1.99 -25.63 -19.06
N LEU K 129 -1.71 -24.46 -19.63
CA LEU K 129 -0.36 -23.93 -19.77
C LEU K 129 -0.26 -22.77 -18.78
N ALA K 130 -0.09 -23.12 -17.51
CA ALA K 130 -0.14 -22.18 -16.41
C ALA K 130 1.14 -21.36 -16.33
N PRO K 131 1.07 -20.16 -15.76
CA PRO K 131 2.29 -19.38 -15.50
C PRO K 131 3.20 -20.11 -14.52
N SER K 132 4.41 -19.56 -14.36
CA SER K 132 5.52 -20.24 -13.70
C SER K 132 5.16 -20.90 -12.38
N GLY K 139 6.09 -7.45 -13.74
CA GLY K 139 6.52 -7.89 -15.06
C GLY K 139 5.36 -8.35 -15.94
N THR K 140 5.68 -9.19 -16.93
CA THR K 140 4.69 -9.74 -17.85
C THR K 140 4.67 -11.25 -17.69
N ALA K 141 3.50 -11.80 -17.43
CA ALA K 141 3.29 -13.24 -17.36
C ALA K 141 2.57 -13.72 -18.60
N ALA K 142 2.65 -15.03 -18.85
CA ALA K 142 1.98 -15.64 -19.99
C ALA K 142 1.12 -16.79 -19.50
N LEU K 143 -0.16 -16.75 -19.85
CA LEU K 143 -1.11 -17.81 -19.55
C LEU K 143 -1.56 -18.42 -20.87
N GLY K 144 -1.72 -19.74 -20.89
CA GLY K 144 -2.06 -20.41 -22.13
C GLY K 144 -2.75 -21.73 -21.89
N CYS K 145 -3.13 -22.37 -22.99
CA CYS K 145 -3.71 -23.71 -22.95
C CYS K 145 -3.28 -24.48 -24.20
N LEU K 146 -3.15 -25.79 -24.04
CA LEU K 146 -2.67 -26.67 -25.10
C LEU K 146 -3.82 -27.54 -25.59
N VAL K 147 -4.35 -27.22 -26.77
CA VAL K 147 -5.35 -28.05 -27.43
C VAL K 147 -4.61 -29.09 -28.26
N LYS K 148 -4.63 -30.35 -27.80
CA LYS K 148 -3.76 -31.38 -28.35
C LYS K 148 -4.55 -32.64 -28.70
N ASP K 149 -4.07 -33.34 -29.73
CA ASP K 149 -4.57 -34.67 -30.12
C ASP K 149 -6.03 -34.59 -30.56
N TYR K 150 -6.27 -33.76 -31.57
CA TYR K 150 -7.62 -33.53 -32.06
C TYR K 150 -7.65 -33.71 -33.57
N PHE K 151 -8.81 -34.14 -34.08
CA PHE K 151 -8.95 -34.34 -35.52
C PHE K 151 -10.42 -34.42 -35.92
N PRO K 152 -10.83 -33.72 -36.99
CA PRO K 152 -10.01 -32.82 -37.80
C PRO K 152 -10.09 -31.38 -37.30
N GLU K 153 -9.32 -30.48 -37.91
CA GLU K 153 -9.47 -29.06 -37.65
C GLU K 153 -10.77 -28.57 -38.26
N PRO K 154 -11.28 -27.39 -37.84
CA PRO K 154 -10.68 -26.37 -36.94
C PRO K 154 -11.09 -26.49 -35.48
N VAL K 155 -10.50 -25.64 -34.63
CA VAL K 155 -10.92 -25.47 -33.24
C VAL K 155 -10.89 -23.99 -32.88
N THR K 156 -11.96 -23.53 -32.24
CA THR K 156 -12.08 -22.16 -31.78
C THR K 156 -11.62 -22.07 -30.33
N VAL K 157 -10.72 -21.13 -30.06
CA VAL K 157 -10.22 -20.89 -28.72
C VAL K 157 -10.44 -19.41 -28.39
N SER K 158 -11.13 -19.15 -27.28
CA SER K 158 -11.33 -17.79 -26.79
C SER K 158 -11.04 -17.77 -25.30
N TRP K 159 -10.90 -16.55 -24.76
CA TRP K 159 -10.55 -16.35 -23.36
C TRP K 159 -11.63 -15.51 -22.69
N ASN K 160 -12.11 -15.99 -21.55
CA ASN K 160 -13.16 -15.32 -20.78
C ASN K 160 -14.41 -15.08 -21.63
N SER K 161 -14.81 -16.11 -22.37
CA SER K 161 -16.00 -16.07 -23.23
C SER K 161 -15.93 -14.90 -24.21
N GLY K 162 -14.73 -14.63 -24.73
CA GLY K 162 -14.53 -13.56 -25.68
C GLY K 162 -14.27 -12.20 -25.08
N ALA K 163 -14.36 -12.06 -23.76
CA ALA K 163 -14.10 -10.77 -23.13
C ALA K 163 -12.62 -10.41 -23.12
N LEU K 164 -11.73 -11.39 -23.23
CA LEU K 164 -10.29 -11.17 -23.19
C LEU K 164 -9.73 -11.37 -24.60
N THR K 165 -9.48 -10.25 -25.29
CA THR K 165 -8.87 -10.27 -26.61
C THR K 165 -7.57 -9.49 -26.68
N SER K 166 -7.01 -9.10 -25.53
CA SER K 166 -5.79 -8.30 -25.49
C SER K 166 -4.59 -9.23 -25.36
N GLY K 167 -3.67 -9.15 -26.33
CA GLY K 167 -2.48 -9.96 -26.29
C GLY K 167 -2.72 -11.45 -26.42
N VAL K 168 -3.84 -11.84 -27.02
CA VAL K 168 -4.18 -13.25 -27.17
C VAL K 168 -3.62 -13.75 -28.49
N HIS K 169 -2.77 -14.77 -28.42
CA HIS K 169 -2.15 -15.39 -29.59
C HIS K 169 -2.55 -16.86 -29.65
N THR K 170 -3.39 -17.20 -30.62
CA THR K 170 -3.80 -18.59 -30.87
C THR K 170 -3.03 -19.07 -32.10
N PHE K 171 -2.15 -20.04 -31.92
CA PHE K 171 -1.25 -20.34 -33.03
C PHE K 171 -1.91 -21.34 -33.98
N PRO K 172 -1.46 -21.37 -35.24
CA PRO K 172 -2.04 -22.31 -36.20
C PRO K 172 -1.84 -23.76 -35.79
N ALA K 173 -2.77 -24.60 -36.21
CA ALA K 173 -2.67 -26.03 -35.92
C ALA K 173 -1.50 -26.63 -36.68
N VAL K 174 -0.68 -27.40 -35.98
CA VAL K 174 0.44 -28.12 -36.58
C VAL K 174 0.15 -29.62 -36.47
N LEU K 175 0.25 -30.32 -37.59
CA LEU K 175 0.00 -31.76 -37.63
C LEU K 175 1.21 -32.49 -37.08
N GLN K 176 1.05 -33.13 -35.92
CA GLN K 176 2.15 -33.86 -35.30
C GLN K 176 2.18 -35.30 -35.82
N SER K 177 3.28 -35.99 -35.49
CA SER K 177 3.59 -37.27 -36.14
C SER K 177 2.51 -38.32 -35.92
N SER K 178 1.74 -38.21 -34.83
CA SER K 178 0.68 -39.16 -34.56
C SER K 178 -0.46 -39.12 -35.57
N GLY K 179 -0.50 -38.09 -36.42
CA GLY K 179 -1.61 -37.91 -37.34
C GLY K 179 -2.71 -37.04 -36.81
N LEU K 180 -2.48 -36.35 -35.70
CA LEU K 180 -3.47 -35.47 -35.09
C LEU K 180 -2.90 -34.06 -35.04
N TYR K 181 -3.75 -33.07 -35.28
CA TYR K 181 -3.27 -31.70 -35.19
C TYR K 181 -3.20 -31.30 -33.71
N SER K 182 -2.55 -30.17 -33.44
CA SER K 182 -2.49 -29.66 -32.09
C SER K 182 -2.07 -28.18 -32.11
N LEU K 183 -2.82 -27.33 -31.41
CA LEU K 183 -2.50 -25.92 -31.31
C LEU K 183 -2.44 -25.51 -29.84
N SER K 184 -1.86 -24.33 -29.61
CA SER K 184 -1.79 -23.73 -28.29
C SER K 184 -2.11 -22.25 -28.40
N SER K 185 -2.94 -21.75 -27.48
CA SER K 185 -3.33 -20.35 -27.45
C SER K 185 -2.89 -19.74 -26.13
N VAL K 186 -2.23 -18.58 -26.19
CA VAL K 186 -1.65 -17.94 -25.03
C VAL K 186 -2.13 -16.49 -24.94
N VAL K 187 -2.09 -15.95 -23.73
CA VAL K 187 -2.45 -14.56 -23.46
C VAL K 187 -1.36 -13.94 -22.60
N THR K 188 -0.96 -12.71 -22.94
CA THR K 188 0.10 -11.99 -22.25
C THR K 188 -0.51 -10.86 -21.42
N VAL K 189 -0.35 -10.94 -20.11
CA VAL K 189 -0.90 -9.95 -19.18
C VAL K 189 0.15 -9.58 -18.14
N PRO K 190 -0.01 -8.42 -17.50
CA PRO K 190 0.91 -8.05 -16.42
C PRO K 190 0.92 -9.08 -15.30
N SER K 191 2.07 -9.18 -14.63
CA SER K 191 2.28 -10.20 -13.60
C SER K 191 1.28 -10.05 -12.45
N SER K 192 1.01 -8.82 -12.02
CA SER K 192 0.16 -8.62 -10.85
C SER K 192 -1.29 -9.00 -11.12
N SER K 193 -1.72 -9.00 -12.39
CA SER K 193 -3.10 -9.31 -12.72
C SER K 193 -3.45 -10.77 -12.47
N LEU K 194 -2.46 -11.63 -12.24
CA LEU K 194 -2.72 -13.05 -12.03
C LEU K 194 -3.51 -13.31 -10.75
N GLY K 195 -3.35 -12.44 -9.75
CA GLY K 195 -4.12 -12.54 -8.53
C GLY K 195 -5.45 -11.80 -8.54
N THR K 196 -5.72 -11.04 -9.59
CA THR K 196 -6.96 -10.26 -9.67
C THR K 196 -7.96 -10.94 -10.60
N GLN K 197 -7.92 -10.63 -11.89
CA GLN K 197 -8.82 -11.25 -12.83
C GLN K 197 -8.55 -12.76 -12.91
N THR K 198 -9.49 -13.46 -13.52
CA THR K 198 -9.46 -14.91 -13.64
C THR K 198 -9.63 -15.27 -15.10
N TYR K 199 -8.71 -16.07 -15.63
CA TYR K 199 -8.59 -16.24 -17.08
C TYR K 199 -9.07 -17.63 -17.45
N ILE K 200 -10.16 -17.71 -18.21
CA ILE K 200 -10.79 -18.97 -18.59
C ILE K 200 -10.53 -19.19 -20.06
N CYS K 201 -10.27 -20.44 -20.43
CA CYS K 201 -10.05 -20.79 -21.83
C CYS K 201 -11.27 -21.50 -22.38
N ASN K 202 -11.73 -21.08 -23.55
CA ASN K 202 -12.94 -21.61 -24.17
C ASN K 202 -12.54 -22.32 -25.47
N VAL K 203 -12.58 -23.65 -25.46
CA VAL K 203 -12.15 -24.46 -26.59
C VAL K 203 -13.37 -25.15 -27.19
N ASN K 204 -13.51 -25.06 -28.52
CA ASN K 204 -14.61 -25.67 -29.24
C ASN K 204 -14.09 -26.51 -30.39
N HIS K 205 -14.54 -27.76 -30.47
CA HIS K 205 -14.24 -28.66 -31.59
C HIS K 205 -15.57 -29.26 -32.03
N LYS K 206 -16.19 -28.67 -33.05
CA LYS K 206 -17.51 -29.09 -33.49
C LYS K 206 -17.54 -30.50 -34.08
N PRO K 207 -16.55 -30.92 -34.88
CA PRO K 207 -16.60 -32.29 -35.42
C PRO K 207 -16.75 -33.37 -34.35
N SER K 208 -16.17 -33.16 -33.17
CA SER K 208 -16.40 -34.05 -32.04
C SER K 208 -17.46 -33.52 -31.08
N ASN K 209 -17.92 -32.28 -31.28
CA ASN K 209 -18.93 -31.63 -30.45
C ASN K 209 -18.56 -31.71 -28.97
N THR K 210 -17.33 -31.32 -28.67
CA THR K 210 -16.83 -31.27 -27.30
C THR K 210 -16.38 -29.85 -27.01
N LYS K 211 -16.98 -29.24 -25.99
CA LYS K 211 -16.66 -27.88 -25.58
C LYS K 211 -16.10 -27.92 -24.17
N VAL K 212 -14.85 -27.49 -24.00
CA VAL K 212 -14.15 -27.55 -22.74
C VAL K 212 -13.77 -26.13 -22.32
N ASP K 213 -14.07 -25.78 -21.08
CA ASP K 213 -13.71 -24.49 -20.50
C ASP K 213 -12.83 -24.76 -19.29
N LYS K 214 -11.57 -24.33 -19.35
CA LYS K 214 -10.62 -24.59 -18.27
C LYS K 214 -10.01 -23.30 -17.77
N LYS K 215 -9.94 -23.16 -16.46
CA LYS K 215 -9.29 -22.04 -15.81
C LYS K 215 -7.77 -22.22 -15.88
N VAL K 216 -7.06 -21.10 -15.88
CA VAL K 216 -5.61 -21.10 -15.87
C VAL K 216 -5.18 -20.56 -14.51
N GLU K 217 -4.85 -21.47 -13.59
CA GLU K 217 -4.48 -21.13 -12.23
C GLU K 217 -2.98 -21.32 -12.03
N PRO K 218 -2.27 -20.31 -11.54
CA PRO K 218 -0.82 -20.39 -11.28
C PRO K 218 -0.46 -21.50 -10.29
N ARG L 7 -16.22 -21.20 -73.26
CA ARG L 7 -14.84 -20.73 -73.18
C ARG L 7 -14.73 -19.20 -73.18
N PRO L 8 -15.48 -18.50 -74.05
CA PRO L 8 -15.57 -17.05 -73.88
C PRO L 8 -16.74 -16.67 -72.98
N TRP L 9 -16.45 -16.10 -71.81
CA TRP L 9 -17.51 -15.63 -70.93
C TRP L 9 -17.98 -14.29 -71.44
N ASN L 10 -19.07 -14.28 -72.21
CA ASN L 10 -19.62 -13.08 -72.82
C ASN L 10 -21.03 -12.81 -72.31
N PRO L 11 -21.20 -12.57 -71.02
CA PRO L 11 -22.53 -12.28 -70.50
C PRO L 11 -23.00 -10.92 -71.00
N PRO L 12 -24.14 -10.88 -71.70
CA PRO L 12 -24.64 -9.62 -72.24
C PRO L 12 -24.85 -8.59 -71.14
N THR L 13 -24.80 -7.32 -71.56
CA THR L 13 -25.11 -6.21 -70.66
C THR L 13 -26.55 -5.78 -70.90
N PHE L 14 -27.19 -5.31 -69.82
CA PHE L 14 -28.63 -5.06 -69.84
C PHE L 14 -28.86 -3.73 -69.13
N SER L 15 -29.04 -2.67 -69.91
CA SER L 15 -29.12 -1.30 -69.42
C SER L 15 -30.39 -0.63 -69.90
N PRO L 16 -30.90 0.36 -69.15
CA PRO L 16 -30.41 0.83 -67.84
C PRO L 16 -30.86 -0.05 -66.68
N ALA L 17 -30.37 0.24 -65.48
CA ALA L 17 -30.73 -0.57 -64.30
C ALA L 17 -32.18 -0.33 -63.89
N LEU L 18 -32.65 0.92 -63.97
CA LEU L 18 -34.00 1.26 -63.58
C LEU L 18 -34.65 2.15 -64.63
N LEU L 19 -35.94 1.90 -64.91
CA LEU L 19 -36.68 2.65 -65.92
C LEU L 19 -38.03 3.04 -65.33
N VAL L 20 -38.33 4.33 -65.34
CA VAL L 20 -39.64 4.84 -64.94
C VAL L 20 -40.32 5.43 -66.18
N VAL L 21 -41.50 4.91 -66.51
CA VAL L 21 -42.29 5.40 -67.63
C VAL L 21 -43.74 5.52 -67.19
N THR L 22 -44.44 6.50 -67.75
CA THR L 22 -45.86 6.67 -67.50
C THR L 22 -46.66 5.65 -68.30
N GLU L 23 -47.81 5.25 -67.76
CA GLU L 23 -48.61 4.20 -68.37
C GLU L 23 -49.06 4.61 -69.77
N GLY L 24 -48.93 3.69 -70.71
CA GLY L 24 -49.26 3.93 -72.11
C GLY L 24 -48.09 4.31 -72.99
N ASP L 25 -46.96 4.69 -72.39
CA ASP L 25 -45.78 5.08 -73.14
C ASP L 25 -44.90 3.87 -73.42
N ASN L 26 -44.20 3.90 -74.55
CA ASN L 26 -43.27 2.82 -74.85
C ASN L 26 -42.08 2.85 -73.90
N ALA L 27 -41.68 1.66 -73.43
CA ALA L 27 -40.47 1.49 -72.64
C ALA L 27 -39.54 0.55 -73.40
N THR L 28 -38.28 0.94 -73.55
CA THR L 28 -37.32 0.20 -74.35
C THR L 28 -36.05 -0.02 -73.52
N PHE L 29 -35.53 -1.24 -73.55
CA PHE L 29 -34.26 -1.52 -72.90
C PHE L 29 -33.21 -1.76 -73.98
N THR L 30 -31.97 -1.98 -73.55
CA THR L 30 -30.87 -2.26 -74.48
C THR L 30 -30.09 -3.48 -73.99
N CYS L 31 -30.13 -4.56 -74.78
CA CYS L 31 -29.37 -5.77 -74.51
C CYS L 31 -28.25 -5.88 -75.54
N SER L 32 -27.00 -5.84 -75.07
CA SER L 32 -25.83 -5.85 -75.94
C SER L 32 -25.05 -7.14 -75.72
N PHE L 33 -24.80 -7.87 -76.80
CA PHE L 33 -24.08 -9.13 -76.77
C PHE L 33 -23.05 -9.17 -77.88
N SER L 34 -21.78 -9.33 -77.51
CA SER L 34 -20.69 -9.46 -78.47
C SER L 34 -20.50 -10.94 -78.79
N ASN L 35 -21.01 -11.37 -79.94
CA ASN L 35 -20.96 -12.77 -80.34
C ASN L 35 -19.55 -13.22 -80.71
N THR L 36 -19.31 -14.52 -80.54
CA THR L 36 -18.16 -15.19 -81.13
C THR L 36 -18.52 -15.98 -82.38
N SER L 37 -19.78 -16.43 -82.50
CA SER L 37 -20.30 -17.10 -83.69
C SER L 37 -21.64 -16.47 -84.05
N GLU L 38 -22.12 -16.78 -85.25
CA GLU L 38 -23.42 -16.29 -85.69
C GLU L 38 -24.56 -17.22 -85.29
N SER L 39 -24.25 -18.37 -84.68
CA SER L 39 -25.27 -19.29 -84.18
C SER L 39 -25.59 -18.90 -82.74
N PHE L 40 -26.49 -17.93 -82.59
CA PHE L 40 -26.85 -17.44 -81.28
C PHE L 40 -28.24 -16.80 -81.34
N VAL L 41 -28.94 -16.86 -80.21
CA VAL L 41 -30.25 -16.22 -80.05
C VAL L 41 -30.22 -15.41 -78.77
N LEU L 42 -31.03 -14.35 -78.73
CA LEU L 42 -31.21 -13.56 -77.52
C LEU L 42 -32.65 -13.67 -77.06
N ASN L 43 -32.83 -13.89 -75.76
CA ASN L 43 -34.15 -14.06 -75.16
C ASN L 43 -34.48 -12.89 -74.26
N TRP L 44 -35.78 -12.67 -74.08
CA TRP L 44 -36.32 -11.51 -73.37
C TRP L 44 -37.20 -12.02 -72.24
N TYR L 45 -36.76 -11.78 -71.00
CA TYR L 45 -37.30 -12.45 -69.82
C TYR L 45 -37.89 -11.45 -68.83
N ARG L 46 -39.01 -11.85 -68.21
CA ARG L 46 -39.57 -11.18 -67.05
C ARG L 46 -39.83 -12.19 -65.94
N MET L 47 -39.59 -11.77 -64.70
CA MET L 47 -39.87 -12.62 -63.54
C MET L 47 -41.32 -12.41 -63.13
N SER L 48 -42.18 -13.32 -63.57
CA SER L 48 -43.62 -13.24 -63.29
C SER L 48 -43.85 -13.47 -61.79
N PRO L 49 -45.08 -13.25 -61.31
CA PRO L 49 -45.38 -13.66 -59.92
C PRO L 49 -45.11 -15.13 -59.65
N SER L 50 -45.03 -15.96 -60.70
CA SER L 50 -44.57 -17.33 -60.56
C SER L 50 -43.08 -17.42 -60.25
N ASN L 51 -42.39 -16.30 -60.17
CA ASN L 51 -40.96 -16.25 -59.84
C ASN L 51 -40.13 -17.12 -60.79
N GLN L 52 -40.34 -16.91 -62.09
CA GLN L 52 -39.69 -17.73 -63.10
C GLN L 52 -39.38 -16.88 -64.33
N THR L 53 -38.28 -17.23 -65.00
CA THR L 53 -37.89 -16.52 -66.21
C THR L 53 -38.85 -16.87 -67.33
N ASP L 54 -39.79 -15.97 -67.60
CA ASP L 54 -40.79 -16.17 -68.65
C ASP L 54 -40.28 -15.53 -69.94
N LYS L 55 -40.15 -16.33 -70.99
CA LYS L 55 -39.63 -15.83 -72.26
C LYS L 55 -40.67 -14.90 -72.87
N LEU L 56 -40.44 -13.60 -72.75
CA LEU L 56 -41.37 -12.61 -73.27
C LEU L 56 -41.28 -12.52 -74.78
N ALA L 57 -40.06 -12.49 -75.31
CA ALA L 57 -39.83 -12.45 -76.76
C ALA L 57 -38.43 -13.01 -77.01
N ALA L 58 -38.09 -13.15 -78.29
CA ALA L 58 -36.81 -13.71 -78.69
C ALA L 58 -36.57 -13.36 -80.15
N PHE L 59 -35.29 -13.18 -80.49
CA PHE L 59 -34.92 -12.91 -81.86
C PHE L 59 -33.61 -13.63 -82.21
N PRO L 60 -33.60 -14.50 -83.24
CA PRO L 60 -34.67 -14.81 -84.22
C PRO L 60 -35.98 -15.33 -83.63
N GLU L 61 -37.09 -15.03 -84.30
CA GLU L 61 -38.41 -15.37 -83.79
C GLU L 61 -38.54 -16.87 -83.54
N ASP L 62 -38.94 -17.23 -82.33
CA ASP L 62 -39.13 -18.62 -81.97
C ASP L 62 -40.44 -19.16 -82.55
N GLN L 68 -47.30 -14.90 -80.55
CA GLN L 68 -46.94 -14.36 -79.24
C GLN L 68 -47.54 -12.96 -79.06
N ASP L 69 -47.22 -12.33 -77.94
CA ASP L 69 -47.65 -10.97 -77.69
C ASP L 69 -46.75 -10.01 -78.46
N CYS L 70 -47.29 -9.37 -79.48
CA CYS L 70 -46.54 -8.36 -80.23
C CYS L 70 -46.28 -7.11 -79.40
N ARG L 71 -46.81 -7.05 -78.17
CA ARG L 71 -46.60 -5.91 -77.30
C ARG L 71 -45.18 -5.88 -76.73
N PHE L 72 -44.48 -7.00 -76.74
CA PHE L 72 -43.07 -7.05 -76.34
C PHE L 72 -42.27 -7.31 -77.61
N ARG L 73 -41.35 -6.40 -77.93
CA ARG L 73 -40.62 -6.45 -79.19
C ARG L 73 -39.12 -6.45 -78.94
N VAL L 74 -38.40 -7.06 -79.87
CA VAL L 74 -36.94 -7.14 -79.84
C VAL L 74 -36.44 -6.80 -81.24
N THR L 75 -35.56 -5.80 -81.33
CA THR L 75 -35.05 -5.31 -82.60
C THR L 75 -33.52 -5.38 -82.60
N GLN L 76 -32.97 -5.86 -83.70
CA GLN L 76 -31.52 -5.91 -83.87
C GLN L 76 -31.06 -4.59 -84.46
N LEU L 77 -30.28 -3.83 -83.69
CA LEU L 77 -29.65 -2.66 -84.24
C LEU L 77 -28.61 -3.09 -85.27
N PRO L 78 -28.45 -2.34 -86.36
CA PRO L 78 -27.58 -2.80 -87.45
C PRO L 78 -26.09 -2.69 -87.13
N ASN L 79 -25.74 -2.44 -85.86
CA ASN L 79 -24.35 -2.35 -85.48
C ASN L 79 -23.71 -3.71 -85.23
N GLY L 80 -24.52 -4.75 -85.03
CA GLY L 80 -24.02 -6.10 -84.87
C GLY L 80 -23.93 -6.60 -83.45
N ARG L 81 -24.27 -5.79 -82.45
CA ARG L 81 -24.13 -6.19 -81.06
C ARG L 81 -25.29 -5.76 -80.16
N ASP L 82 -26.00 -4.68 -80.47
CA ASP L 82 -26.99 -4.11 -79.56
C ASP L 82 -28.39 -4.49 -80.04
N PHE L 83 -29.23 -4.98 -79.13
CA PHE L 83 -30.62 -5.22 -79.42
C PHE L 83 -31.48 -4.35 -78.51
N HIS L 84 -32.66 -3.97 -78.98
CA HIS L 84 -33.61 -3.16 -78.22
C HIS L 84 -34.75 -4.03 -77.73
N MET L 85 -34.86 -4.18 -76.41
CA MET L 85 -35.97 -4.88 -75.79
C MET L 85 -37.03 -3.85 -75.43
N SER L 86 -38.18 -3.91 -76.09
CA SER L 86 -39.19 -2.86 -75.97
C SER L 86 -40.54 -3.46 -75.59
N VAL L 87 -41.24 -2.77 -74.70
CA VAL L 87 -42.58 -3.13 -74.26
C VAL L 87 -43.51 -2.00 -74.68
N VAL L 88 -44.32 -2.23 -75.71
CA VAL L 88 -45.21 -1.18 -76.19
C VAL L 88 -46.40 -1.07 -75.25
N ARG L 89 -47.09 0.07 -75.32
CA ARG L 89 -48.33 0.33 -74.58
C ARG L 89 -48.21 -0.11 -73.13
N ALA L 90 -47.28 0.51 -72.41
CA ALA L 90 -46.96 0.08 -71.05
C ALA L 90 -48.18 0.14 -70.16
N ARG L 91 -48.42 -0.93 -69.42
CA ARG L 91 -49.53 -1.05 -68.48
C ARG L 91 -48.96 -1.22 -67.09
N ARG L 92 -49.75 -0.88 -66.07
CA ARG L 92 -49.25 -0.98 -64.71
C ARG L 92 -48.92 -2.42 -64.33
N ASN L 93 -49.57 -3.39 -64.98
CA ASN L 93 -49.19 -4.79 -64.78
C ASN L 93 -47.77 -5.07 -65.26
N ASP L 94 -47.24 -4.26 -66.18
CA ASP L 94 -45.94 -4.52 -66.77
C ASP L 94 -44.79 -4.26 -65.80
N SER L 95 -45.05 -3.64 -64.66
CA SER L 95 -43.97 -3.36 -63.71
C SER L 95 -43.38 -4.66 -63.16
N GLY L 96 -42.07 -4.66 -62.96
CA GLY L 96 -41.39 -5.82 -62.44
C GLY L 96 -39.90 -5.76 -62.77
N THR L 97 -39.26 -6.92 -62.61
CA THR L 97 -37.83 -7.07 -62.84
C THR L 97 -37.61 -7.91 -64.10
N TYR L 98 -36.83 -7.39 -65.04
CA TYR L 98 -36.62 -8.06 -66.32
C TYR L 98 -35.14 -8.34 -66.51
N LEU L 99 -34.83 -9.13 -67.54
CA LEU L 99 -33.46 -9.36 -67.98
C LEU L 99 -33.48 -9.90 -69.39
N CYS L 100 -32.30 -9.95 -70.01
CA CYS L 100 -32.12 -10.58 -71.31
C CYS L 100 -31.06 -11.68 -71.20
N GLY L 101 -31.13 -12.63 -72.12
CA GLY L 101 -30.19 -13.73 -72.16
C GLY L 101 -29.84 -14.19 -73.55
N ALA L 102 -28.57 -14.49 -73.79
CA ALA L 102 -28.09 -14.92 -75.10
C ALA L 102 -27.69 -16.39 -75.04
N ILE L 103 -28.14 -17.15 -76.04
CA ILE L 103 -27.85 -18.58 -76.12
C ILE L 103 -27.07 -18.81 -77.42
N SER L 104 -25.76 -19.02 -77.31
CA SER L 104 -24.99 -19.43 -78.47
C SER L 104 -25.40 -20.85 -78.88
N LEU L 105 -25.67 -21.05 -80.16
CA LEU L 105 -26.05 -22.36 -80.67
C LEU L 105 -24.82 -23.25 -80.85
N ALA L 106 -24.20 -23.58 -79.73
CA ALA L 106 -23.11 -24.53 -79.69
C ALA L 106 -23.61 -25.84 -79.07
N PRO L 107 -23.00 -26.98 -79.39
CA PRO L 107 -23.64 -28.26 -79.03
C PRO L 107 -24.04 -28.39 -77.58
N LYS L 108 -23.18 -27.98 -76.66
CA LYS L 108 -23.47 -28.05 -75.24
C LYS L 108 -23.71 -26.68 -74.59
N ALA L 109 -23.68 -25.60 -75.37
CA ALA L 109 -23.78 -24.26 -74.81
C ALA L 109 -25.14 -24.04 -74.13
N GLN L 110 -25.21 -22.97 -73.35
CA GLN L 110 -26.35 -22.70 -72.49
C GLN L 110 -26.61 -21.19 -72.50
N ILE L 111 -27.31 -20.70 -71.47
CA ILE L 111 -27.80 -19.33 -71.42
C ILE L 111 -26.82 -18.48 -70.63
N LYS L 112 -26.43 -17.33 -71.19
CA LYS L 112 -25.66 -16.32 -70.48
C LYS L 112 -26.62 -15.22 -70.05
N GLU L 113 -26.87 -15.12 -68.75
CA GLU L 113 -27.89 -14.22 -68.22
C GLU L 113 -27.28 -12.85 -67.93
N SER L 114 -27.86 -11.82 -68.53
CA SER L 114 -27.46 -10.46 -68.24
C SER L 114 -27.96 -10.04 -66.85
N LEU L 115 -27.44 -8.91 -66.36
CA LEU L 115 -27.93 -8.38 -65.09
C LEU L 115 -29.39 -7.93 -65.23
N ARG L 116 -30.09 -7.90 -64.11
CA ARG L 116 -31.50 -7.58 -64.15
C ARG L 116 -31.70 -6.07 -64.12
N ALA L 117 -32.88 -5.65 -64.57
CA ALA L 117 -33.26 -4.24 -64.53
C ALA L 117 -34.72 -4.14 -64.08
N GLU L 118 -35.09 -2.95 -63.64
CA GLU L 118 -36.44 -2.69 -63.15
C GLU L 118 -37.18 -1.75 -64.09
N LEU L 119 -38.46 -2.04 -64.31
CA LEU L 119 -39.36 -1.19 -65.08
C LEU L 119 -40.49 -0.74 -64.16
N ARG L 120 -40.79 0.55 -64.17
CA ARG L 120 -41.80 1.13 -63.30
C ARG L 120 -42.80 1.89 -64.15
N VAL L 121 -44.07 1.52 -64.05
CA VAL L 121 -45.15 2.16 -64.79
C VAL L 121 -45.90 3.08 -63.83
N THR L 122 -46.04 4.34 -64.22
CA THR L 122 -46.63 5.36 -63.37
C THR L 122 -48.11 5.54 -63.77
N GLU L 123 -48.76 6.57 -63.24
CA GLU L 123 -50.13 6.94 -63.58
C GLU L 123 -50.41 6.90 -65.09
N ASP M 1 26.09 32.63 -27.89
CA ASP M 1 25.04 32.12 -28.78
C ASP M 1 24.61 30.73 -28.33
N ILE M 2 23.55 30.20 -28.91
CA ILE M 2 23.10 28.85 -28.64
C ILE M 2 23.79 27.96 -29.68
N GLN M 3 24.91 27.35 -29.28
CA GLN M 3 25.69 26.55 -30.20
C GLN M 3 24.93 25.31 -30.61
N MET M 4 24.78 25.11 -31.92
CA MET M 4 24.08 23.95 -32.47
C MET M 4 25.09 22.98 -33.07
N THR M 5 25.16 21.78 -32.50
CA THR M 5 25.99 20.71 -33.01
C THR M 5 25.07 19.59 -33.49
N GLN M 6 25.30 19.11 -34.70
CA GLN M 6 24.38 18.21 -35.38
C GLN M 6 25.15 16.96 -35.80
N SER M 7 24.71 15.80 -35.33
CA SER M 7 25.43 14.55 -35.52
C SER M 7 24.53 13.51 -36.16
N PRO M 8 25.03 12.76 -37.15
CA PRO M 8 26.38 12.84 -37.72
C PRO M 8 26.49 13.93 -38.78
N SER M 9 27.67 14.11 -39.38
CA SER M 9 27.82 15.06 -40.48
C SER M 9 27.34 14.47 -41.79
N SER M 10 27.54 13.17 -41.99
CA SER M 10 27.05 12.48 -43.17
C SER M 10 26.64 11.07 -42.79
N LEU M 11 25.82 10.45 -43.64
CA LEU M 11 25.35 9.11 -43.39
C LEU M 11 24.88 8.50 -44.71
N SER M 12 24.93 7.17 -44.79
CA SER M 12 24.53 6.44 -45.99
C SER M 12 23.58 5.33 -45.58
N ALA M 13 22.38 5.33 -46.16
CA ALA M 13 21.39 4.30 -45.90
C ALA M 13 20.64 3.99 -47.19
N SER M 14 20.11 2.77 -47.27
CA SER M 14 19.40 2.31 -48.45
C SER M 14 17.92 2.67 -48.35
N VAL M 15 17.17 2.32 -49.39
CA VAL M 15 15.75 2.64 -49.43
C VAL M 15 15.01 1.81 -48.39
N GLY M 16 14.25 2.49 -47.53
CA GLY M 16 13.48 1.81 -46.50
C GLY M 16 14.16 1.68 -45.16
N ASP M 17 15.25 2.42 -44.93
CA ASP M 17 15.99 2.33 -43.68
C ASP M 17 15.60 3.47 -42.75
N ARG M 18 15.64 3.19 -41.44
CA ARG M 18 15.39 4.21 -40.44
C ARG M 18 16.68 4.98 -40.19
N VAL M 19 16.68 6.27 -40.55
CA VAL M 19 17.84 7.12 -40.33
C VAL M 19 17.56 8.01 -39.13
N THR M 20 18.63 8.41 -38.44
CA THR M 20 18.51 9.20 -37.22
C THR M 20 19.53 10.33 -37.25
N ILE M 21 19.06 11.55 -37.03
CA ILE M 21 19.91 12.73 -36.98
C ILE M 21 19.71 13.40 -35.63
N THR M 22 20.81 13.64 -34.92
CA THR M 22 20.78 14.22 -33.59
C THR M 22 21.19 15.67 -33.63
N CYS M 23 20.38 16.54 -33.04
CA CYS M 23 20.70 17.96 -32.90
C CYS M 23 20.90 18.27 -31.42
N ARG M 24 22.08 18.79 -31.08
CA ARG M 24 22.44 19.10 -29.70
C ARG M 24 22.71 20.58 -29.57
N ALA M 25 22.07 21.21 -28.59
CA ALA M 25 22.15 22.65 -28.37
C ALA M 25 23.00 22.95 -27.14
N SER M 26 23.67 24.11 -27.18
CA SER M 26 24.43 24.56 -26.02
C SER M 26 23.51 24.79 -24.82
N GLN M 27 22.56 25.71 -24.97
CA GLN M 27 21.55 25.96 -23.95
C GLN M 27 20.25 25.28 -24.34
N SER M 28 19.39 25.08 -23.35
CA SER M 28 18.09 24.49 -23.62
C SER M 28 17.22 25.48 -24.38
N ILE M 29 16.51 24.96 -25.38
CA ILE M 29 15.71 25.79 -26.27
C ILE M 29 14.22 25.48 -26.12
N SER M 30 13.82 24.87 -25.00
CA SER M 30 12.43 24.50 -24.71
C SER M 30 11.98 23.57 -25.84
N SER M 31 10.93 23.92 -26.59
CA SER M 31 10.50 23.14 -27.75
C SER M 31 10.73 23.89 -29.05
N TYR M 32 11.56 24.94 -29.02
CA TYR M 32 11.77 25.82 -30.17
C TYR M 32 12.90 25.27 -31.02
N LEU M 33 12.59 24.24 -31.81
CA LEU M 33 13.56 23.70 -32.76
C LEU M 33 12.84 23.31 -34.04
N ASN M 34 13.50 23.58 -35.16
CA ASN M 34 12.92 23.35 -36.47
C ASN M 34 13.92 22.58 -37.33
N TRP M 35 13.39 21.74 -38.22
CA TRP M 35 14.21 20.97 -39.15
C TRP M 35 13.95 21.46 -40.56
N TYR M 36 15.01 21.52 -41.37
CA TYR M 36 14.93 22.07 -42.72
C TYR M 36 15.58 21.13 -43.71
N GLN M 37 14.94 20.94 -44.85
CA GLN M 37 15.47 20.15 -45.95
C GLN M 37 15.97 21.08 -47.04
N GLN M 38 17.24 20.96 -47.40
CA GLN M 38 17.84 21.74 -48.48
C GLN M 38 18.32 20.74 -49.54
N LYS M 39 17.49 20.47 -50.53
CA LYS M 39 17.90 19.70 -51.69
C LYS M 39 18.97 20.48 -52.46
N PRO M 40 19.84 19.78 -53.21
CA PRO M 40 20.96 20.46 -53.86
C PRO M 40 20.50 21.51 -54.87
N GLY M 41 21.09 22.69 -54.76
CA GLY M 41 20.77 23.80 -55.65
C GLY M 41 19.35 24.32 -55.52
N LYS M 42 18.78 24.25 -54.32
CA LYS M 42 17.40 24.68 -54.10
C LYS M 42 17.31 25.39 -52.77
N ALA M 43 16.15 26.00 -52.51
CA ALA M 43 15.89 26.68 -51.25
C ALA M 43 15.54 25.66 -50.16
N PRO M 44 15.80 25.99 -48.90
CA PRO M 44 15.43 25.08 -47.82
C PRO M 44 13.93 24.95 -47.69
N LYS M 45 13.50 23.79 -47.19
CA LYS M 45 12.10 23.47 -47.00
C LYS M 45 11.87 23.13 -45.53
N LEU M 46 10.84 23.72 -44.94
CA LEU M 46 10.52 23.42 -43.55
C LEU M 46 9.90 22.04 -43.45
N LEU M 47 10.46 21.20 -42.58
CA LEU M 47 9.98 19.84 -42.36
C LEU M 47 9.28 19.70 -41.03
N ILE M 48 10.02 19.88 -39.93
CA ILE M 48 9.49 19.72 -38.58
C ILE M 48 9.57 21.07 -37.89
N TYR M 49 8.47 21.46 -37.23
CA TYR M 49 8.44 22.68 -36.43
C TYR M 49 7.97 22.33 -35.02
N ALA M 50 8.36 23.17 -34.06
CA ALA M 50 8.03 22.96 -32.65
C ALA M 50 8.50 21.58 -32.18
N ALA M 51 9.75 21.26 -32.50
CA ALA M 51 10.44 20.04 -32.05
C ALA M 51 9.87 18.77 -32.66
N SER M 52 8.54 18.66 -32.75
CA SER M 52 7.94 17.40 -33.18
C SER M 52 6.77 17.53 -34.13
N SER M 53 6.21 18.71 -34.35
CA SER M 53 5.09 18.87 -35.26
C SER M 53 5.55 18.79 -36.71
N LEU M 54 4.69 18.23 -37.56
CA LEU M 54 4.99 18.04 -38.97
C LEU M 54 4.33 19.12 -39.82
N GLN M 55 5.13 19.77 -40.66
CA GLN M 55 4.60 20.77 -41.57
C GLN M 55 3.74 20.11 -42.65
N SER M 56 2.68 20.83 -43.05
CA SER M 56 1.80 20.33 -44.10
C SER M 56 2.56 20.17 -45.41
N GLY M 57 2.14 19.17 -46.18
CA GLY M 57 2.80 18.85 -47.44
C GLY M 57 4.10 18.08 -47.30
N VAL M 58 4.57 17.83 -46.08
CA VAL M 58 5.76 17.04 -45.82
C VAL M 58 5.33 15.61 -45.56
N PRO M 59 5.94 14.61 -46.20
CA PRO M 59 5.50 13.23 -45.99
C PRO M 59 5.63 12.80 -44.53
N SER M 60 4.69 11.95 -44.11
CA SER M 60 4.59 11.57 -42.71
C SER M 60 5.79 10.75 -42.23
N ARG M 61 6.60 10.23 -43.15
CA ARG M 61 7.75 9.41 -42.75
C ARG M 61 8.76 10.21 -41.94
N PHE M 62 8.86 11.52 -42.18
CA PHE M 62 9.76 12.34 -41.40
C PHE M 62 9.15 12.60 -40.02
N SER M 63 9.92 12.34 -38.97
CA SER M 63 9.44 12.45 -37.60
C SER M 63 10.42 13.26 -36.76
N GLY M 64 9.87 14.09 -35.88
CA GLY M 64 10.68 14.88 -34.97
C GLY M 64 10.41 14.48 -33.53
N SER M 65 11.47 14.46 -32.74
CA SER M 65 11.37 14.08 -31.33
C SER M 65 12.50 14.73 -30.56
N GLY M 66 12.16 15.36 -29.43
CA GLY M 66 13.16 16.01 -28.61
C GLY M 66 12.61 16.89 -27.51
N SER M 67 13.28 16.88 -26.36
CA SER M 67 12.91 17.71 -25.23
C SER M 67 14.18 18.27 -24.59
N GLY M 68 14.15 19.55 -24.25
CA GLY M 68 15.29 20.19 -23.63
C GLY M 68 16.37 20.62 -24.60
N THR M 69 17.46 19.87 -24.66
CA THR M 69 18.61 20.24 -25.48
C THR M 69 18.77 19.39 -26.73
N ASP M 70 18.67 18.07 -26.61
CA ASP M 70 18.90 17.18 -27.76
C ASP M 70 17.57 16.77 -28.37
N PHE M 71 17.40 17.09 -29.65
CA PHE M 71 16.22 16.68 -30.41
C PHE M 71 16.68 15.78 -31.55
N THR M 72 15.73 15.09 -32.17
CA THR M 72 16.08 14.07 -33.16
C THR M 72 15.12 14.12 -34.35
N LEU M 73 15.69 14.07 -35.55
CA LEU M 73 14.94 13.87 -36.78
C LEU M 73 15.04 12.40 -37.16
N THR M 74 13.94 11.84 -37.65
CA THR M 74 13.89 10.43 -38.01
C THR M 74 13.05 10.25 -39.26
N ILE M 75 13.62 9.62 -40.28
CA ILE M 75 12.90 9.25 -41.48
C ILE M 75 12.50 7.79 -41.34
N SER M 76 11.21 7.51 -41.40
CA SER M 76 10.69 6.15 -41.23
C SER M 76 11.26 5.22 -42.28
N SER M 77 10.86 5.42 -43.54
CA SER M 77 11.34 4.62 -44.66
C SER M 77 12.01 5.55 -45.66
N LEU M 78 13.34 5.49 -45.72
CA LEU M 78 14.10 6.39 -46.57
C LEU M 78 13.76 6.15 -48.04
N GLN M 79 13.61 7.26 -48.79
CA GLN M 79 13.22 7.22 -50.18
C GLN M 79 14.33 7.80 -51.05
N PRO M 80 14.39 7.42 -52.34
CA PRO M 80 15.49 7.91 -53.18
C PRO M 80 15.53 9.42 -53.32
N GLU M 81 14.37 10.08 -53.37
CA GLU M 81 14.32 11.53 -53.50
C GLU M 81 14.58 12.27 -52.20
N ASP M 82 14.81 11.55 -51.10
CA ASP M 82 15.14 12.19 -49.83
C ASP M 82 16.62 12.54 -49.71
N PHE M 83 17.37 12.42 -50.80
CA PHE M 83 18.76 12.89 -50.82
C PHE M 83 18.80 14.41 -50.66
N ALA M 84 19.21 14.88 -49.49
CA ALA M 84 19.30 16.30 -49.21
C ALA M 84 20.12 16.46 -47.93
N THR M 85 20.38 17.72 -47.57
CA THR M 85 21.06 18.05 -46.33
C THR M 85 20.08 18.67 -45.36
N TYR M 86 20.13 18.26 -44.10
CA TYR M 86 19.13 18.59 -43.10
C TYR M 86 19.75 19.41 -41.98
N TYR M 87 19.18 20.57 -41.68
CA TYR M 87 19.69 21.45 -40.65
C TYR M 87 18.67 21.58 -39.53
N CYS M 88 19.16 21.82 -38.31
CA CYS M 88 18.31 22.12 -37.17
C CYS M 88 18.55 23.55 -36.70
N GLN M 89 17.47 24.20 -36.27
CA GLN M 89 17.47 25.62 -35.94
C GLN M 89 16.59 25.88 -34.72
N GLN M 90 17.00 26.82 -33.88
CA GLN M 90 16.22 27.14 -32.69
C GLN M 90 15.44 28.42 -32.92
N ASP M 91 14.33 28.55 -32.22
CA ASP M 91 13.52 29.76 -32.23
C ASP M 91 13.50 30.43 -30.86
N TYR M 92 14.35 29.99 -29.94
CA TYR M 92 14.26 30.45 -28.56
C TYR M 92 14.71 31.90 -28.42
N GLY M 93 15.91 32.23 -28.92
CA GLY M 93 16.44 33.56 -28.73
C GLY M 93 17.43 33.96 -29.81
N LEU M 94 17.80 35.23 -29.77
CA LEU M 94 18.76 35.81 -30.69
C LEU M 94 20.19 35.57 -30.18
N PRO M 95 21.15 35.35 -31.08
CA PRO M 95 21.02 35.21 -32.54
C PRO M 95 20.46 33.85 -32.92
N PHE M 96 19.74 33.75 -34.04
CA PHE M 96 19.25 32.45 -34.48
C PHE M 96 20.41 31.64 -35.03
N THR M 97 20.56 30.41 -34.54
CA THR M 97 21.71 29.58 -34.86
C THR M 97 21.23 28.28 -35.49
N PHE M 98 21.95 27.79 -36.49
CA PHE M 98 21.62 26.52 -37.10
C PHE M 98 22.72 25.51 -36.79
N GLY M 99 22.41 24.24 -37.04
CA GLY M 99 23.41 23.20 -36.94
C GLY M 99 24.34 23.18 -38.14
N GLN M 100 25.37 22.33 -38.05
CA GLN M 100 26.31 22.22 -39.16
C GLN M 100 25.62 21.71 -40.41
N GLY M 101 24.68 20.79 -40.25
CA GLY M 101 23.99 20.19 -41.38
C GLY M 101 24.38 18.73 -41.51
N THR M 102 23.41 17.90 -41.88
CA THR M 102 23.62 16.48 -42.06
C THR M 102 23.21 16.11 -43.47
N LYS M 103 24.16 15.58 -44.25
CA LYS M 103 23.92 15.18 -45.62
C LYS M 103 23.53 13.71 -45.63
N VAL M 104 22.29 13.43 -45.99
CA VAL M 104 21.80 12.06 -46.08
C VAL M 104 21.99 11.57 -47.51
N GLU M 105 22.67 10.44 -47.66
CA GLU M 105 23.00 9.87 -48.95
C GLU M 105 22.29 8.53 -49.10
N ILE M 106 21.78 8.27 -50.29
CA ILE M 106 21.07 7.03 -50.56
C ILE M 106 22.08 5.94 -50.89
N LYS M 107 21.79 4.71 -50.46
CA LYS M 107 22.65 3.57 -50.74
C LYS M 107 22.03 2.73 -51.85
N ARG M 108 22.88 2.29 -52.78
CA ARG M 108 22.42 1.60 -53.98
C ARG M 108 23.32 0.40 -54.24
N THR M 109 22.84 -0.50 -55.09
CA THR M 109 23.69 -1.53 -55.65
C THR M 109 24.83 -0.89 -56.45
N VAL M 110 25.95 -1.60 -56.55
CA VAL M 110 27.12 -1.06 -57.22
C VAL M 110 26.85 -0.92 -58.71
N ALA M 111 27.10 0.27 -59.24
CA ALA M 111 26.87 0.57 -60.65
C ALA M 111 28.20 0.74 -61.37
N ALA M 112 28.29 0.16 -62.55
CA ALA M 112 29.52 0.27 -63.34
C ALA M 112 29.53 1.60 -64.09
N PRO M 113 30.64 2.34 -64.03
CA PRO M 113 30.68 3.65 -64.71
C PRO M 113 30.77 3.49 -66.22
N SER M 114 29.95 4.26 -66.93
CA SER M 114 30.11 4.44 -68.36
C SER M 114 31.06 5.62 -68.59
N VAL M 115 32.18 5.36 -69.27
CA VAL M 115 33.31 6.29 -69.29
C VAL M 115 33.57 6.71 -70.73
N PHE M 116 33.46 8.01 -71.00
CA PHE M 116 33.72 8.53 -72.34
C PHE M 116 34.83 9.57 -72.21
N ILE M 117 35.51 9.85 -73.34
CA ILE M 117 36.56 10.86 -73.39
C ILE M 117 36.31 11.75 -74.61
N PHE M 118 36.43 13.06 -74.43
CA PHE M 118 36.18 13.99 -75.51
C PHE M 118 37.46 14.74 -75.86
N PRO M 119 37.82 14.85 -77.14
CA PRO M 119 38.99 15.66 -77.52
C PRO M 119 38.63 17.14 -77.53
N PRO M 120 39.62 18.02 -77.42
CA PRO M 120 39.32 19.46 -77.50
C PRO M 120 38.94 19.86 -78.91
N SER M 121 37.96 20.74 -79.01
CA SER M 121 37.49 21.21 -80.30
C SER M 121 38.50 22.15 -80.93
N ASP M 122 38.47 22.22 -82.26
CA ASP M 122 39.38 23.12 -82.98
C ASP M 122 39.17 24.57 -82.57
N GLU M 123 37.97 24.90 -82.10
CA GLU M 123 37.71 26.26 -81.62
C GLU M 123 38.58 26.59 -80.41
N GLN M 124 38.68 25.65 -79.45
CA GLN M 124 39.48 25.90 -78.26
C GLN M 124 40.96 25.95 -78.59
N LEU M 125 41.40 25.16 -79.59
CA LEU M 125 42.80 25.26 -80.03
C LEU M 125 43.10 26.66 -80.56
N LYS M 126 42.15 27.27 -81.26
CA LYS M 126 42.32 28.65 -81.69
C LYS M 126 42.41 29.61 -80.50
N SER M 127 41.77 29.25 -79.38
CA SER M 127 41.81 30.10 -78.20
C SER M 127 43.19 30.09 -77.54
N GLY M 128 43.94 29.01 -77.68
CA GLY M 128 45.28 28.89 -77.14
C GLY M 128 45.47 27.73 -76.17
N THR M 129 44.39 27.24 -75.56
CA THR M 129 44.47 26.11 -74.65
C THR M 129 43.74 24.91 -75.23
N ALA M 130 44.00 23.74 -74.66
CA ALA M 130 43.35 22.50 -75.06
C ALA M 130 42.86 21.78 -73.82
N SER M 131 41.67 21.19 -73.91
CA SER M 131 41.04 20.53 -72.78
C SER M 131 40.45 19.20 -73.23
N VAL M 132 41.05 18.10 -72.79
CA VAL M 132 40.45 16.78 -72.94
C VAL M 132 39.58 16.51 -71.72
N VAL M 133 38.33 16.11 -71.96
CA VAL M 133 37.36 15.90 -70.90
C VAL M 133 37.01 14.41 -70.87
N CYS M 134 37.01 13.84 -69.67
CA CYS M 134 36.67 12.43 -69.48
C CYS M 134 35.43 12.37 -68.60
N LEU M 135 34.41 11.65 -69.07
CA LEU M 135 33.09 11.65 -68.45
C LEU M 135 32.82 10.28 -67.83
N LEU M 136 32.29 10.30 -66.61
CA LEU M 136 31.83 9.11 -65.90
C LEU M 136 30.36 9.33 -65.55
N ASN M 137 29.47 8.63 -66.23
CA ASN M 137 28.04 8.85 -66.08
C ASN M 137 27.39 7.70 -65.35
N ASN M 138 26.51 8.03 -64.41
CA ASN M 138 25.63 7.08 -63.73
C ASN M 138 26.43 5.92 -63.13
N PHE M 139 27.14 6.22 -62.04
CA PHE M 139 27.94 5.24 -61.35
C PHE M 139 27.71 5.37 -59.85
N TYR M 140 27.90 4.25 -59.14
CA TYR M 140 27.79 4.20 -57.70
C TYR M 140 28.69 3.07 -57.22
N PRO M 141 29.44 3.24 -56.12
CA PRO M 141 29.48 4.38 -55.18
C PRO M 141 30.07 5.67 -55.75
N ARG M 142 30.10 6.72 -54.93
CA ARG M 142 30.57 8.03 -55.38
C ARG M 142 32.05 8.01 -55.72
N GLU M 143 32.83 7.23 -54.99
CA GLU M 143 34.29 7.29 -55.08
C GLU M 143 34.78 6.57 -56.32
N ALA M 144 35.66 7.24 -57.07
CA ALA M 144 36.26 6.66 -58.26
C ALA M 144 37.62 7.30 -58.46
N LYS M 145 38.50 6.57 -59.15
CA LYS M 145 39.88 6.99 -59.36
C LYS M 145 40.09 7.25 -60.84
N VAL M 146 40.35 8.50 -61.20
CA VAL M 146 40.55 8.92 -62.57
C VAL M 146 42.04 9.18 -62.78
N GLN M 147 42.62 8.54 -63.80
CA GLN M 147 44.03 8.68 -64.13
C GLN M 147 44.18 9.15 -65.57
N TRP M 148 45.02 10.16 -65.76
CA TRP M 148 45.36 10.67 -67.09
C TRP M 148 46.73 10.14 -67.49
N LYS M 149 46.80 9.60 -68.71
CA LYS M 149 48.02 9.00 -69.25
C LYS M 149 48.29 9.62 -70.62
N VAL M 150 49.02 10.73 -70.64
CA VAL M 150 49.43 11.36 -71.89
C VAL M 150 50.70 10.65 -72.37
N ASP M 151 50.60 9.93 -73.48
CA ASP M 151 51.69 9.09 -73.99
C ASP M 151 52.14 8.10 -72.93
N ASN M 152 51.18 7.45 -72.25
CA ASN M 152 51.44 6.48 -71.21
C ASN M 152 52.23 7.06 -70.04
N ALA M 153 52.06 8.36 -69.78
CA ALA M 153 52.71 9.04 -68.66
C ALA M 153 51.64 9.62 -67.76
N LEU M 154 51.65 9.21 -66.49
CA LEU M 154 50.63 9.67 -65.56
C LEU M 154 50.76 11.17 -65.32
N GLN M 155 49.64 11.87 -65.41
CA GLN M 155 49.62 13.32 -65.24
C GLN M 155 49.26 13.68 -63.81
N SER M 156 49.84 14.79 -63.33
CA SER M 156 49.58 15.28 -61.98
C SER M 156 49.47 16.80 -62.01
N GLY M 157 48.47 17.31 -61.27
CA GLY M 157 48.28 18.74 -61.14
C GLY M 157 47.70 19.44 -62.36
N ASN M 158 47.45 18.72 -63.45
CA ASN M 158 46.90 19.31 -64.66
C ASN M 158 45.46 18.89 -64.91
N SER M 159 44.83 18.19 -63.98
CA SER M 159 43.48 17.68 -64.15
C SER M 159 42.59 18.24 -63.07
N GLN M 160 41.31 18.43 -63.39
CA GLN M 160 40.37 19.00 -62.43
C GLN M 160 39.03 18.30 -62.58
N GLU M 161 38.35 18.06 -61.45
CA GLU M 161 37.18 17.20 -61.41
C GLU M 161 35.99 17.89 -60.75
N SER M 162 34.80 17.43 -61.12
CA SER M 162 33.55 17.84 -60.48
C SER M 162 32.58 16.68 -60.50
N VAL M 163 31.87 16.46 -59.40
CA VAL M 163 31.00 15.31 -59.21
C VAL M 163 29.57 15.79 -59.11
N THR M 164 28.66 15.15 -59.84
CA THR M 164 27.25 15.48 -59.79
C THR M 164 26.63 14.96 -58.49
N GLU M 165 25.63 15.70 -58.00
CA GLU M 165 24.87 15.26 -56.85
C GLU M 165 24.09 13.99 -57.19
N GLN M 166 23.64 13.31 -56.14
CA GLN M 166 22.96 12.02 -56.33
C GLN M 166 21.61 12.23 -57.01
N ASP M 167 21.36 11.44 -58.05
CA ASP M 167 20.12 11.57 -58.80
C ASP M 167 18.95 11.09 -57.98
N SER M 168 17.83 11.82 -58.06
CA SER M 168 16.65 11.47 -57.30
C SER M 168 15.95 10.23 -57.85
N LYS M 169 16.12 9.96 -59.16
CA LYS M 169 15.38 8.88 -59.79
C LYS M 169 16.07 7.52 -59.67
N ASP M 170 17.39 7.47 -59.86
CA ASP M 170 18.10 6.19 -59.83
C ASP M 170 19.25 6.14 -58.83
N SER M 171 19.54 7.22 -58.11
CA SER M 171 20.51 7.24 -57.02
C SER M 171 21.92 6.88 -57.51
N THR M 172 22.31 7.44 -58.64
CA THR M 172 23.65 7.29 -59.18
C THR M 172 24.28 8.67 -59.31
N TYR M 173 25.62 8.71 -59.41
CA TYR M 173 26.30 9.99 -59.53
C TYR M 173 26.98 10.07 -60.90
N SER M 174 27.56 11.23 -61.18
CA SER M 174 28.27 11.46 -62.43
C SER M 174 29.50 12.30 -62.16
N LEU M 175 30.60 11.97 -62.83
CA LEU M 175 31.88 12.65 -62.64
C LEU M 175 32.48 13.04 -64.00
N SER M 176 33.18 14.17 -64.01
CA SER M 176 33.94 14.59 -65.18
C SER M 176 35.29 15.11 -64.72
N SER M 177 36.35 14.64 -65.38
CA SER M 177 37.70 15.14 -65.17
C SER M 177 38.16 15.85 -66.43
N THR M 178 38.77 17.03 -66.24
CA THR M 178 39.21 17.86 -67.35
C THR M 178 40.71 18.11 -67.23
N LEU M 179 41.47 17.62 -68.21
CA LEU M 179 42.91 17.83 -68.28
C LEU M 179 43.16 19.03 -69.17
N THR M 180 43.69 20.11 -68.60
CA THR M 180 43.91 21.35 -69.33
C THR M 180 45.37 21.47 -69.75
N LEU M 181 45.61 21.66 -71.04
CA LEU M 181 46.95 21.85 -71.59
C LEU M 181 46.93 23.02 -72.55
N SER M 182 48.12 23.46 -72.95
CA SER M 182 48.26 24.51 -73.95
C SER M 182 48.07 23.93 -75.36
N LYS M 183 47.97 24.84 -76.33
CA LYS M 183 47.87 24.41 -77.72
C LYS M 183 49.10 23.64 -78.17
N ALA M 184 50.29 24.12 -77.80
CA ALA M 184 51.52 23.42 -78.15
C ALA M 184 51.63 22.08 -77.45
N ASP M 185 51.10 21.98 -76.22
CA ASP M 185 51.13 20.72 -75.50
C ASP M 185 50.27 19.66 -76.18
N TYR M 186 49.14 20.08 -76.74
CA TYR M 186 48.29 19.13 -77.45
C TYR M 186 48.91 18.68 -78.76
N GLU M 187 49.67 19.56 -79.41
CA GLU M 187 50.31 19.22 -80.68
C GLU M 187 51.51 18.31 -80.51
N LYS M 188 52.11 18.27 -79.32
CA LYS M 188 53.28 17.41 -79.09
C LYS M 188 52.89 15.94 -79.08
N HIS M 189 51.85 15.60 -78.34
CA HIS M 189 51.50 14.21 -78.08
C HIS M 189 50.39 13.75 -79.02
N LYS M 190 50.22 12.43 -79.11
CA LYS M 190 49.27 11.85 -80.06
C LYS M 190 48.15 11.04 -79.41
N VAL M 191 48.46 10.19 -78.43
CA VAL M 191 47.46 9.33 -77.79
C VAL M 191 47.27 9.78 -76.35
N TYR M 192 46.03 10.09 -75.98
CA TYR M 192 45.69 10.50 -74.62
C TYR M 192 44.73 9.48 -74.04
N ALA M 193 44.94 9.11 -72.78
CA ALA M 193 44.17 8.04 -72.16
C ALA M 193 43.52 8.53 -70.88
N CYS M 194 42.41 7.89 -70.53
CA CYS M 194 41.69 8.13 -69.29
C CYS M 194 41.45 6.78 -68.63
N GLU M 195 42.20 6.49 -67.58
CA GLU M 195 42.10 5.22 -66.87
C GLU M 195 41.26 5.42 -65.61
N VAL M 196 40.20 4.61 -65.50
CA VAL M 196 39.28 4.67 -64.37
C VAL M 196 39.27 3.31 -63.68
N THR M 197 39.44 3.32 -62.36
CA THR M 197 39.35 2.12 -61.54
C THR M 197 38.21 2.29 -60.55
N HIS M 198 37.21 1.42 -60.65
CA HIS M 198 36.03 1.51 -59.81
C HIS M 198 35.66 0.11 -59.32
N GLN M 199 34.84 0.06 -58.26
CA GLN M 199 34.46 -1.23 -57.71
C GLN M 199 33.64 -2.04 -58.70
N GLY M 200 32.77 -1.37 -59.47
CA GLY M 200 31.95 -2.03 -60.47
C GLY M 200 32.68 -2.39 -61.74
N LEU M 201 34.02 -2.32 -61.75
CA LEU M 201 34.83 -2.65 -62.90
C LEU M 201 35.69 -3.85 -62.54
N SER M 202 35.59 -4.93 -63.34
CA SER M 202 36.44 -6.09 -63.12
C SER M 202 37.91 -5.75 -63.41
N SER M 203 38.17 -5.13 -64.55
CA SER M 203 39.48 -4.65 -64.93
C SER M 203 39.42 -3.15 -65.19
N PRO M 204 40.50 -2.42 -64.94
CA PRO M 204 40.49 -0.97 -65.17
C PRO M 204 40.17 -0.64 -66.62
N VAL M 205 39.29 0.34 -66.82
CA VAL M 205 38.85 0.75 -68.14
C VAL M 205 39.70 1.93 -68.60
N THR M 206 40.19 1.86 -69.83
CA THR M 206 41.04 2.90 -70.41
C THR M 206 40.45 3.33 -71.75
N LYS M 207 39.84 4.50 -71.77
CA LYS M 207 39.32 5.09 -73.00
C LYS M 207 40.37 6.05 -73.57
N SER M 208 40.59 5.96 -74.88
CA SER M 208 41.66 6.73 -75.51
C SER M 208 41.21 7.21 -76.89
N PHE M 209 41.95 8.19 -77.41
CA PHE M 209 41.74 8.69 -78.76
C PHE M 209 43.10 9.08 -79.34
N ASN M 210 43.17 9.12 -80.66
CA ASN M 210 44.39 9.49 -81.36
C ASN M 210 44.22 10.88 -81.98
N ARG M 211 45.27 11.69 -81.88
CA ARG M 211 45.18 13.08 -82.34
C ARG M 211 44.98 13.17 -83.85
N GLY M 212 45.56 12.23 -84.62
CA GLY M 212 45.38 12.28 -86.06
C GLY M 212 44.08 11.69 -86.57
N GLU M 213 43.43 10.84 -85.77
CA GLU M 213 42.19 10.21 -86.20
C GLU M 213 40.97 10.88 -85.59
N GLU N 1 -0.60 29.64 -51.90
CA GLU N 1 0.78 29.35 -52.26
C GLU N 1 1.66 30.59 -52.14
N VAL N 2 2.24 30.78 -50.96
CA VAL N 2 3.16 31.89 -50.72
C VAL N 2 4.30 31.84 -51.72
N GLN N 3 4.59 32.97 -52.34
CA GLN N 3 5.69 33.11 -53.28
C GLN N 3 6.64 34.19 -52.80
N LEU N 4 7.93 33.87 -52.75
CA LEU N 4 8.96 34.83 -52.40
C LEU N 4 10.09 34.71 -53.42
N LEU N 5 10.53 35.86 -53.95
CA LEU N 5 11.62 35.88 -54.91
C LEU N 5 12.53 37.06 -54.61
N GLU N 6 13.83 36.84 -54.73
CA GLU N 6 14.83 37.86 -54.46
C GLU N 6 15.29 38.51 -55.76
N SER N 7 15.99 39.63 -55.62
CA SER N 7 16.54 40.36 -56.76
C SER N 7 17.56 41.36 -56.24
N GLY N 8 18.48 41.76 -57.12
CA GLY N 8 19.47 42.76 -56.81
C GLY N 8 20.85 42.22 -56.48
N GLY N 9 21.04 40.90 -56.50
CA GLY N 9 22.34 40.34 -56.19
C GLY N 9 23.25 40.31 -57.40
N GLY N 10 24.53 40.55 -57.16
CA GLY N 10 25.50 40.56 -58.23
C GLY N 10 26.90 40.74 -57.68
N LEU N 11 27.83 41.04 -58.59
CA LEU N 11 29.22 41.24 -58.19
C LEU N 11 29.38 42.64 -57.61
N VAL N 12 29.91 42.72 -56.39
CA VAL N 12 30.22 43.98 -55.73
C VAL N 12 31.69 43.96 -55.33
N GLN N 13 32.33 45.13 -55.38
CA GLN N 13 33.72 45.18 -54.98
C GLN N 13 33.84 45.27 -53.46
N PRO N 14 34.93 44.75 -52.91
CA PRO N 14 35.13 44.82 -51.45
C PRO N 14 35.12 46.26 -50.94
N GLY N 15 34.36 46.47 -49.86
CA GLY N 15 34.16 47.80 -49.32
C GLY N 15 33.08 48.62 -49.98
N GLY N 16 32.11 47.98 -50.63
CA GLY N 16 31.03 48.67 -51.29
C GLY N 16 29.69 48.40 -50.63
N SER N 17 28.63 48.70 -51.37
CA SER N 17 27.28 48.52 -50.86
C SER N 17 26.42 47.87 -51.94
N LEU N 18 25.27 47.34 -51.52
CA LEU N 18 24.34 46.68 -52.42
C LEU N 18 23.00 46.52 -51.73
N ARG N 19 21.92 46.73 -52.49
CA ARG N 19 20.57 46.62 -51.98
C ARG N 19 19.90 45.38 -52.57
N LEU N 20 19.23 44.61 -51.71
CA LEU N 20 18.51 43.42 -52.10
C LEU N 20 17.02 43.62 -51.87
N SER N 21 16.20 42.98 -52.71
CA SER N 21 14.76 43.08 -52.61
C SER N 21 14.16 41.69 -52.55
N CYS N 22 12.99 41.59 -51.92
CA CYS N 22 12.25 40.34 -51.80
C CYS N 22 10.77 40.63 -52.05
N ALA N 23 10.27 40.19 -53.21
CA ALA N 23 8.87 40.41 -53.55
C ALA N 23 8.02 39.36 -52.86
N ALA N 24 6.97 39.80 -52.18
CA ALA N 24 6.14 38.91 -51.38
C ALA N 24 4.74 38.82 -51.97
N SER N 25 4.21 37.60 -51.98
CA SER N 25 2.85 37.34 -52.44
C SER N 25 2.38 36.04 -51.84
N GLY N 26 1.06 35.83 -51.88
CA GLY N 26 0.46 34.64 -51.31
C GLY N 26 0.01 34.79 -49.87
N PHE N 27 0.42 35.87 -49.19
CA PHE N 27 0.02 36.11 -47.82
C PHE N 27 -0.01 37.61 -47.59
N THR N 28 -0.57 38.01 -46.45
CA THR N 28 -0.57 39.41 -46.05
C THR N 28 0.81 39.75 -45.50
N PHE N 29 1.55 40.59 -46.23
CA PHE N 29 2.96 40.81 -45.92
C PHE N 29 3.18 41.42 -44.55
N SER N 30 2.23 42.24 -44.08
CA SER N 30 2.40 42.88 -42.78
C SER N 30 2.17 41.92 -41.61
N SER N 31 1.47 40.82 -41.83
CA SER N 31 1.04 39.99 -40.72
C SER N 31 2.16 39.17 -40.11
N TYR N 32 3.17 38.80 -40.88
CA TYR N 32 4.24 37.93 -40.39
C TYR N 32 5.56 38.65 -40.55
N ALA N 33 6.47 38.43 -39.61
CA ALA N 33 7.78 39.06 -39.69
C ALA N 33 8.59 38.44 -40.82
N MET N 34 9.63 39.17 -41.24
CA MET N 34 10.49 38.74 -42.34
C MET N 34 11.94 38.71 -41.88
N SER N 35 12.73 37.85 -42.52
CA SER N 35 14.12 37.67 -42.14
C SER N 35 14.96 37.39 -43.38
N TRP N 36 16.26 37.61 -43.24
CA TRP N 36 17.24 37.22 -44.23
C TRP N 36 18.16 36.16 -43.65
N VAL N 37 18.60 35.23 -44.51
CA VAL N 37 19.53 34.18 -44.14
C VAL N 37 20.50 33.97 -45.30
N ARG N 38 21.79 33.98 -45.01
CA ARG N 38 22.82 33.82 -46.02
C ARG N 38 23.51 32.46 -45.88
N GLN N 39 24.12 32.02 -46.99
CA GLN N 39 24.77 30.72 -47.05
C GLN N 39 25.93 30.81 -48.03
N ALA N 40 27.15 30.84 -47.51
CA ALA N 40 28.33 30.77 -48.37
C ALA N 40 28.39 29.41 -49.05
N PRO N 41 29.00 29.31 -50.23
CA PRO N 41 29.06 28.02 -50.92
C PRO N 41 29.86 27.01 -50.12
N GLY N 42 29.31 25.80 -50.01
CA GLY N 42 29.92 24.77 -49.19
C GLY N 42 29.88 25.05 -47.71
N LYS N 43 28.98 25.92 -47.25
CA LYS N 43 28.85 26.27 -45.85
C LYS N 43 27.41 26.09 -45.41
N GLY N 44 27.19 26.20 -44.09
CA GLY N 44 25.86 26.10 -43.54
C GLY N 44 25.10 27.41 -43.66
N LEU N 45 23.84 27.37 -43.22
CA LEU N 45 23.00 28.55 -43.24
C LEU N 45 23.29 29.44 -42.03
N GLU N 46 23.23 30.75 -42.25
CA GLU N 46 23.56 31.73 -41.23
C GLU N 46 22.51 32.82 -41.20
N TRP N 47 21.92 33.04 -40.02
CA TRP N 47 21.00 34.16 -39.86
C TRP N 47 21.76 35.48 -39.87
N VAL N 48 21.17 36.49 -40.51
CA VAL N 48 21.83 37.79 -40.67
C VAL N 48 20.95 38.94 -40.15
N SER N 49 19.69 38.98 -40.55
CA SER N 49 18.83 40.10 -40.17
C SER N 49 17.38 39.64 -40.07
N ALA N 50 16.58 40.45 -39.39
CA ALA N 50 15.15 40.22 -39.22
C ALA N 50 14.48 41.53 -38.86
N ILE N 51 13.24 41.68 -39.34
CA ILE N 51 12.46 42.89 -39.09
C ILE N 51 11.04 42.49 -38.71
N SER N 52 10.43 43.29 -37.83
CA SER N 52 9.07 43.02 -37.38
C SER N 52 8.07 43.31 -38.49
N GLY N 53 6.83 42.91 -38.26
CA GLY N 53 5.78 43.09 -39.26
C GLY N 53 5.56 44.55 -39.61
N SER N 54 5.34 45.38 -38.60
CA SER N 54 5.19 46.81 -38.84
C SER N 54 6.51 47.47 -39.20
N GLY N 55 7.63 46.89 -38.76
CA GLY N 55 8.94 47.47 -38.97
C GLY N 55 9.46 48.30 -37.81
N GLY N 56 8.71 48.38 -36.70
CA GLY N 56 9.13 49.19 -35.58
C GLY N 56 10.41 48.71 -34.92
N SER N 57 10.76 47.43 -35.09
CA SER N 57 11.95 46.87 -34.48
C SER N 57 12.70 46.05 -35.52
N THR N 58 14.01 46.29 -35.63
CA THR N 58 14.88 45.54 -36.52
C THR N 58 15.90 44.77 -35.70
N TYR N 59 16.29 43.60 -36.20
CA TYR N 59 17.20 42.72 -35.47
C TYR N 59 18.34 42.33 -36.41
N TYR N 60 19.57 42.39 -35.90
CA TYR N 60 20.75 42.15 -36.70
C TYR N 60 21.70 41.22 -35.97
N ALA N 61 22.37 40.35 -36.71
CA ALA N 61 23.43 39.55 -36.14
C ALA N 61 24.65 40.42 -35.84
N ASP N 62 25.51 39.92 -34.95
CA ASP N 62 26.65 40.71 -34.51
C ASP N 62 27.68 40.88 -35.64
N SER N 63 27.73 39.94 -36.58
CA SER N 63 28.72 40.04 -37.66
C SER N 63 28.36 41.16 -38.63
N VAL N 64 27.07 41.32 -38.94
CA VAL N 64 26.61 42.34 -39.86
C VAL N 64 26.13 43.59 -39.13
N LYS N 65 26.30 43.64 -37.82
CA LYS N 65 25.84 44.77 -37.04
C LYS N 65 26.60 46.04 -37.43
N GLY N 66 25.86 47.14 -37.57
CA GLY N 66 26.45 48.39 -37.98
C GLY N 66 26.81 48.51 -39.44
N ARG N 67 26.53 47.48 -40.24
CA ARG N 67 26.81 47.50 -41.66
C ARG N 67 25.57 47.25 -42.52
N PHE N 68 24.74 46.27 -42.14
CA PHE N 68 23.51 46.00 -42.87
C PHE N 68 22.34 46.70 -42.18
N THR N 69 21.38 47.12 -42.99
CA THR N 69 20.14 47.71 -42.49
C THR N 69 18.98 47.02 -43.18
N ILE N 70 18.08 46.43 -42.39
CA ILE N 70 16.91 45.74 -42.93
C ILE N 70 15.72 46.68 -42.87
N SER N 71 14.88 46.64 -43.90
CA SER N 71 13.72 47.51 -43.98
C SER N 71 12.69 46.86 -44.89
N ARG N 72 11.43 47.28 -44.71
CA ARG N 72 10.33 46.77 -45.50
C ARG N 72 9.42 47.93 -45.90
N ASP N 73 8.78 47.77 -47.06
CA ASP N 73 7.68 48.63 -47.47
C ASP N 73 6.42 47.79 -47.53
N ASN N 74 5.37 48.25 -46.83
CA ASN N 74 4.14 47.47 -46.70
C ASN N 74 3.18 47.69 -47.85
N SER N 75 3.20 48.88 -48.47
CA SER N 75 2.34 49.12 -49.62
C SER N 75 2.82 48.37 -50.85
N LYS N 76 4.14 48.19 -50.98
CA LYS N 76 4.73 47.48 -52.11
C LYS N 76 4.93 46.00 -51.84
N ASN N 77 4.77 45.56 -50.58
CA ASN N 77 4.95 44.17 -50.18
C ASN N 77 6.33 43.67 -50.58
N THR N 78 7.36 44.33 -50.05
CA THR N 78 8.73 43.98 -50.43
C THR N 78 9.66 44.22 -49.25
N LEU N 79 10.56 43.27 -49.03
CA LEU N 79 11.59 43.36 -47.99
C LEU N 79 12.92 43.78 -48.60
N TYR N 80 13.61 44.71 -47.96
CA TYR N 80 14.86 45.23 -48.48
C TYR N 80 15.97 44.95 -47.48
N LEU N 81 17.18 44.68 -47.99
CA LEU N 81 18.38 44.55 -47.18
C LEU N 81 19.47 45.43 -47.78
N GLN N 82 19.74 46.57 -47.14
CA GLN N 82 20.80 47.46 -47.57
C GLN N 82 22.11 47.04 -46.91
N MET N 83 23.04 46.53 -47.73
CA MET N 83 24.30 46.00 -47.25
C MET N 83 25.39 47.04 -47.49
N ASN N 84 26.13 47.38 -46.43
CA ASN N 84 27.17 48.39 -46.52
C ASN N 84 28.51 47.83 -46.05
N SER N 85 29.58 48.43 -46.55
CA SER N 85 30.95 48.05 -46.18
C SER N 85 31.17 46.55 -46.36
N LEU N 86 30.82 46.05 -47.54
CA LEU N 86 30.87 44.62 -47.81
C LEU N 86 32.31 44.10 -47.79
N ARG N 87 32.45 42.87 -47.31
CA ARG N 87 33.74 42.21 -47.20
C ARG N 87 33.70 40.88 -47.95
N ALA N 88 34.90 40.31 -48.16
CA ALA N 88 35.01 39.04 -48.87
C ALA N 88 34.23 37.93 -48.18
N GLU N 89 34.12 37.98 -46.85
CA GLU N 89 33.33 36.98 -46.13
C GLU N 89 31.87 37.01 -46.56
N ASP N 90 31.36 38.19 -46.92
CA ASP N 90 29.93 38.35 -47.19
C ASP N 90 29.48 37.63 -48.45
N THR N 91 30.41 37.06 -49.23
CA THR N 91 30.05 36.31 -50.42
C THR N 91 29.20 35.10 -50.04
N ALA N 92 27.94 35.12 -50.45
CA ALA N 92 26.99 34.06 -50.13
C ALA N 92 25.71 34.32 -50.91
N VAL N 93 24.91 33.27 -51.05
CA VAL N 93 23.56 33.39 -51.59
C VAL N 93 22.60 33.67 -50.45
N TYR N 94 21.91 34.81 -50.52
CA TYR N 94 21.05 35.26 -49.44
C TYR N 94 19.60 34.93 -49.79
N TYR N 95 18.87 34.36 -48.85
CA TYR N 95 17.49 33.98 -49.08
C TYR N 95 16.62 34.83 -48.16
N CYS N 96 15.48 35.30 -48.66
CA CYS N 96 14.50 35.97 -47.81
C CYS N 96 13.48 34.94 -47.34
N ALA N 97 13.27 34.90 -46.03
CA ALA N 97 12.43 33.86 -45.42
C ALA N 97 11.40 34.49 -44.52
N LYS N 98 10.13 34.21 -44.77
CA LYS N 98 9.07 34.65 -43.89
C LYS N 98 9.17 33.92 -42.55
N SER N 99 8.69 34.57 -41.50
CA SER N 99 8.77 34.06 -40.14
C SER N 99 7.37 33.98 -39.54
N TYR N 100 7.00 32.80 -39.04
CA TYR N 100 5.73 32.65 -38.32
C TYR N 100 5.97 32.93 -36.83
N ASN N 101 6.54 34.10 -36.58
CA ASN N 101 7.02 34.53 -35.27
C ASN N 101 8.00 33.51 -34.69
N HIS N 102 7.60 32.76 -33.63
CA HIS N 102 8.53 31.75 -33.11
C HIS N 102 8.93 30.80 -34.24
N PRO N 103 8.05 29.93 -34.78
CA PRO N 103 8.50 29.08 -35.91
C PRO N 103 8.96 29.95 -37.06
N MET N 104 10.22 30.37 -36.98
CA MET N 104 10.84 31.25 -37.94
C MET N 104 11.08 30.51 -39.25
N PHE N 105 11.41 31.28 -40.29
CA PHE N 105 11.85 30.75 -41.58
C PHE N 105 10.83 29.76 -42.16
N ASP N 106 9.56 30.12 -42.07
CA ASP N 106 8.52 29.17 -42.48
C ASP N 106 8.56 28.92 -43.99
N TYR N 107 8.77 29.95 -44.81
CA TYR N 107 8.96 29.73 -46.24
C TYR N 107 10.23 30.45 -46.69
N TRP N 108 10.84 29.93 -47.76
CA TRP N 108 12.15 30.36 -48.23
C TRP N 108 12.10 30.70 -49.70
N GLY N 109 12.63 31.87 -50.05
CA GLY N 109 12.85 32.19 -51.45
C GLY N 109 14.05 31.47 -52.04
N GLN N 110 14.11 31.42 -53.37
CA GLN N 110 15.21 30.72 -54.02
C GLN N 110 16.56 31.37 -53.73
N GLY N 111 16.57 32.67 -53.48
CA GLY N 111 17.80 33.34 -53.08
C GLY N 111 18.57 33.89 -54.25
N THR N 112 19.22 35.02 -54.01
CA THR N 112 20.08 35.67 -54.99
C THR N 112 21.52 35.63 -54.49
N LEU N 113 22.45 35.53 -55.42
CA LEU N 113 23.86 35.34 -55.11
C LEU N 113 24.57 36.70 -55.12
N VAL N 114 25.34 36.97 -54.07
CA VAL N 114 26.11 38.20 -53.94
C VAL N 114 27.58 37.83 -53.93
N THR N 115 28.33 38.31 -54.91
CA THR N 115 29.76 38.08 -55.01
C THR N 115 30.51 39.33 -54.60
N VAL N 116 31.38 39.20 -53.60
CA VAL N 116 32.20 40.33 -53.15
C VAL N 116 33.64 40.05 -53.56
N SER N 117 34.02 40.49 -54.76
CA SER N 117 35.34 40.23 -55.29
C SER N 117 35.83 41.44 -56.08
N SER N 118 37.16 41.57 -56.14
CA SER N 118 37.79 42.64 -56.92
C SER N 118 37.97 42.27 -58.39
N ALA N 119 37.94 40.98 -58.72
CA ALA N 119 38.11 40.56 -60.11
C ALA N 119 36.97 41.07 -60.97
N SER N 120 37.25 41.20 -62.27
CA SER N 120 36.28 41.74 -63.21
C SER N 120 35.39 40.64 -63.76
N THR N 121 34.18 41.04 -64.14
CA THR N 121 33.25 40.10 -64.78
C THR N 121 33.76 39.71 -66.16
N LYS N 122 33.86 38.40 -66.41
CA LYS N 122 34.28 37.88 -67.69
C LYS N 122 33.19 36.98 -68.27
N GLY N 123 32.96 37.10 -69.57
CA GLY N 123 31.99 36.29 -70.25
C GLY N 123 32.50 34.89 -70.53
N PRO N 124 31.61 33.92 -70.55
CA PRO N 124 32.03 32.53 -70.78
C PRO N 124 32.37 32.27 -72.24
N SER N 125 33.27 31.32 -72.43
CA SER N 125 33.62 30.80 -73.75
C SER N 125 33.10 29.37 -73.84
N VAL N 126 32.13 29.16 -74.73
CA VAL N 126 31.46 27.87 -74.87
C VAL N 126 32.14 27.08 -75.98
N PHE N 127 32.76 25.96 -75.62
CA PHE N 127 33.39 25.13 -76.62
C PHE N 127 32.62 23.83 -76.79
N PRO N 128 32.46 23.33 -78.02
CA PRO N 128 31.65 22.14 -78.24
C PRO N 128 32.39 20.88 -77.81
N LEU N 129 31.70 20.02 -77.07
CA LEU N 129 32.20 18.71 -76.68
C LEU N 129 31.44 17.68 -77.52
N ALA N 130 31.83 17.58 -78.77
CA ALA N 130 31.12 16.78 -79.77
C ALA N 130 31.42 15.30 -79.60
N PRO N 131 30.51 14.43 -80.04
CA PRO N 131 30.80 13.00 -80.10
C PRO N 131 31.97 12.73 -81.05
N SER N 132 32.40 11.48 -81.06
CA SER N 132 33.68 11.07 -81.67
C SER N 132 33.94 11.68 -83.05
N GLY N 139 24.62 1.83 -79.69
CA GLY N 139 25.06 2.13 -78.34
C GLY N 139 24.53 3.45 -77.81
N THR N 140 25.24 4.02 -76.84
CA THR N 140 24.89 5.29 -76.24
C THR N 140 26.00 6.29 -76.50
N ALA N 141 25.66 7.45 -77.05
CA ALA N 141 26.61 8.52 -77.29
C ALA N 141 26.42 9.62 -76.25
N ALA N 142 27.44 10.46 -76.11
CA ALA N 142 27.41 11.59 -75.19
C ALA N 142 27.78 12.86 -75.93
N LEU N 143 26.90 13.85 -75.85
CA LEU N 143 27.12 15.17 -76.40
C LEU N 143 27.21 16.16 -75.26
N GLY N 144 28.12 17.14 -75.38
CA GLY N 144 28.32 18.08 -74.29
C GLY N 144 28.87 19.39 -74.78
N CYS N 145 29.03 20.32 -73.85
CA CYS N 145 29.63 21.62 -74.14
C CYS N 145 30.42 22.08 -72.91
N LEU N 146 31.48 22.85 -73.16
CA LEU N 146 32.37 23.31 -72.12
C LEU N 146 32.18 24.82 -71.95
N VAL N 147 31.52 25.21 -70.87
CA VAL N 147 31.40 26.61 -70.48
C VAL N 147 32.64 26.95 -69.64
N LYS N 148 33.56 27.73 -70.21
CA LYS N 148 34.88 27.91 -69.64
C LYS N 148 35.21 29.39 -69.52
N ASP N 149 35.96 29.72 -68.47
CA ASP N 149 36.58 31.03 -68.28
C ASP N 149 35.53 32.14 -68.12
N TYR N 150 34.68 31.96 -67.12
CA TYR N 150 33.66 32.95 -66.80
C TYR N 150 33.74 33.30 -65.32
N PHE N 151 33.33 34.52 -65.00
CA PHE N 151 33.29 35.00 -63.62
C PHE N 151 32.36 36.20 -63.52
N PRO N 152 31.46 36.24 -62.53
CA PRO N 152 31.24 35.19 -61.52
C PRO N 152 30.17 34.20 -61.96
N GLU N 153 29.96 33.15 -61.17
CA GLU N 153 28.83 32.25 -61.37
C GLU N 153 27.54 32.97 -61.01
N PRO N 154 26.36 32.44 -61.44
CA PRO N 154 26.10 31.15 -62.10
C PRO N 154 26.05 31.17 -63.62
N VAL N 155 25.88 29.98 -64.20
CA VAL N 155 25.61 29.80 -65.63
C VAL N 155 24.52 28.75 -65.76
N THR N 156 23.47 29.08 -66.51
CA THR N 156 22.37 28.16 -66.78
C THR N 156 22.60 27.48 -68.12
N VAL N 157 22.51 26.16 -68.14
CA VAL N 157 22.70 25.38 -69.37
C VAL N 157 21.47 24.49 -69.57
N SER N 158 20.85 24.61 -70.75
CA SER N 158 19.75 23.76 -71.15
C SER N 158 20.00 23.27 -72.57
N TRP N 159 19.23 22.27 -72.97
CA TRP N 159 19.39 21.63 -74.28
C TRP N 159 18.08 21.70 -75.06
N ASN N 160 18.18 22.17 -76.30
CA ASN N 160 17.02 22.29 -77.20
C ASN N 160 15.92 23.17 -76.61
N SER N 161 16.34 24.32 -76.07
CA SER N 161 15.42 25.30 -75.48
C SER N 161 14.56 24.67 -74.39
N GLY N 162 15.16 23.77 -73.60
CA GLY N 162 14.48 23.13 -72.51
C GLY N 162 13.70 21.88 -72.89
N ALA N 163 13.59 21.56 -74.18
CA ALA N 163 12.86 20.36 -74.59
C ALA N 163 13.61 19.08 -74.26
N LEU N 164 14.93 19.15 -74.11
CA LEU N 164 15.75 17.97 -73.84
C LEU N 164 16.21 18.03 -72.39
N THR N 165 15.53 17.27 -71.53
CA THR N 165 15.91 17.15 -70.12
C THR N 165 16.19 15.72 -69.72
N SER N 166 16.28 14.81 -70.69
CA SER N 166 16.51 13.38 -70.41
C SER N 166 18.00 13.09 -70.48
N GLY N 167 18.55 12.57 -69.39
CA GLY N 167 19.96 12.24 -69.35
C GLY N 167 20.90 13.42 -69.45
N VAL N 168 20.43 14.62 -69.09
CA VAL N 168 21.24 15.83 -69.15
C VAL N 168 21.92 16.00 -67.79
N HIS N 169 23.25 16.06 -67.81
CA HIS N 169 24.04 16.24 -66.60
C HIS N 169 24.84 17.53 -66.73
N THR N 170 24.47 18.54 -65.95
CA THR N 170 25.19 19.81 -65.91
C THR N 170 26.00 19.84 -64.62
N PHE N 171 27.32 19.83 -64.74
CA PHE N 171 28.07 19.65 -63.51
C PHE N 171 28.31 20.98 -62.82
N PRO N 172 28.56 20.96 -61.51
CA PRO N 172 28.82 22.20 -60.79
C PRO N 172 30.07 22.91 -61.30
N ALA N 173 30.07 24.23 -61.16
CA ALA N 173 31.23 25.02 -61.56
C ALA N 173 32.41 24.72 -60.66
N VAL N 174 33.57 24.48 -61.27
CA VAL N 174 34.81 24.26 -60.55
C VAL N 174 35.75 25.43 -60.85
N LEU N 175 36.27 26.05 -59.79
CA LEU N 175 37.16 27.20 -59.93
C LEU N 175 38.55 26.69 -60.30
N GLN N 176 38.99 27.00 -61.51
CA GLN N 176 40.31 26.58 -61.97
C GLN N 176 41.38 27.61 -61.58
N SER N 177 42.65 27.22 -61.73
CA SER N 177 43.75 27.97 -61.15
C SER N 177 43.82 29.40 -61.67
N SER N 178 43.31 29.66 -62.87
CA SER N 178 43.33 31.01 -63.42
C SER N 178 42.46 31.99 -62.66
N GLY N 179 41.57 31.50 -61.78
CA GLY N 179 40.63 32.36 -61.10
C GLY N 179 39.30 32.50 -61.80
N LEU N 180 39.01 31.66 -62.79
CA LEU N 180 37.78 31.71 -63.56
C LEU N 180 37.05 30.39 -63.41
N TYR N 181 35.72 30.45 -63.33
CA TYR N 181 34.97 29.21 -63.21
C TYR N 181 34.85 28.53 -64.58
N SER N 182 34.52 27.24 -64.54
CA SER N 182 34.31 26.46 -65.76
C SER N 182 33.56 25.19 -65.41
N LEU N 183 32.46 24.95 -66.12
CA LEU N 183 31.69 23.73 -65.96
C LEU N 183 31.45 23.12 -67.34
N SER N 184 31.00 21.86 -67.33
CA SER N 184 30.64 21.17 -68.57
C SER N 184 29.33 20.45 -68.35
N SER N 185 28.42 20.57 -69.33
CA SER N 185 27.12 19.94 -69.27
C SER N 185 27.00 18.98 -70.44
N VAL N 186 26.59 17.74 -70.16
CA VAL N 186 26.55 16.68 -71.15
C VAL N 186 25.16 16.06 -71.17
N VAL N 187 24.83 15.45 -72.30
CA VAL N 187 23.57 14.74 -72.49
C VAL N 187 23.86 13.37 -73.09
N THR N 188 23.23 12.34 -72.56
CA THR N 188 23.42 10.96 -73.01
C THR N 188 22.19 10.53 -73.79
N VAL N 189 22.38 10.24 -75.07
CA VAL N 189 21.29 9.89 -75.98
C VAL N 189 21.70 8.68 -76.81
N PRO N 190 20.74 8.00 -77.43
CA PRO N 190 21.07 6.88 -78.32
C PRO N 190 22.05 7.31 -79.41
N SER N 191 22.83 6.34 -79.88
CA SER N 191 23.95 6.62 -80.77
C SER N 191 23.51 7.31 -82.06
N SER N 192 22.55 6.73 -82.77
CA SER N 192 22.15 7.27 -84.07
C SER N 192 21.02 8.29 -83.97
N SER N 193 20.58 8.62 -82.76
CA SER N 193 19.70 9.77 -82.59
C SER N 193 20.43 11.07 -82.91
N LEU N 194 21.76 11.02 -82.98
CA LEU N 194 22.55 12.18 -83.36
C LEU N 194 22.21 12.68 -84.75
N GLY N 195 21.73 11.80 -85.63
CA GLY N 195 21.41 12.16 -86.99
C GLY N 195 19.98 12.61 -87.22
N THR N 196 19.19 12.77 -86.16
CA THR N 196 17.79 13.13 -86.33
C THR N 196 17.43 14.40 -85.58
N GLN N 197 17.11 14.30 -84.29
CA GLN N 197 17.01 15.53 -83.52
C GLN N 197 18.34 16.28 -83.61
N THR N 198 18.29 17.55 -83.24
CA THR N 198 19.45 18.43 -83.33
C THR N 198 19.64 19.02 -81.95
N TYR N 199 20.84 18.91 -81.41
CA TYR N 199 21.03 19.17 -79.98
C TYR N 199 21.77 20.48 -79.86
N ILE N 200 21.08 21.49 -79.35
CA ILE N 200 21.63 22.84 -79.20
C ILE N 200 21.83 23.06 -77.71
N CYS N 201 22.92 23.74 -77.37
CA CYS N 201 23.22 24.05 -75.98
C CYS N 201 22.84 25.50 -75.73
N ASN N 202 22.11 25.74 -74.64
CA ASN N 202 21.61 27.06 -74.31
C ASN N 202 22.32 27.52 -73.04
N VAL N 203 23.27 28.43 -73.20
CA VAL N 203 24.11 28.91 -72.11
C VAL N 203 23.72 30.36 -71.81
N ASN N 204 23.49 30.66 -70.55
CA ASN N 204 23.14 32.01 -70.11
C ASN N 204 24.08 32.40 -68.97
N HIS N 205 24.68 33.58 -69.11
CA HIS N 205 25.51 34.17 -68.06
C HIS N 205 25.06 35.61 -67.87
N LYS N 206 24.18 35.83 -66.90
CA LYS N 206 23.55 37.12 -66.66
C LYS N 206 24.54 38.20 -66.21
N PRO N 207 25.51 37.92 -65.34
CA PRO N 207 26.45 38.99 -64.94
C PRO N 207 27.16 39.65 -66.10
N SER N 208 27.46 38.90 -67.16
CA SER N 208 27.99 39.49 -68.39
C SER N 208 26.90 39.70 -69.44
N ASN N 209 25.69 39.21 -69.18
CA ASN N 209 24.55 39.34 -70.09
C ASN N 209 24.93 38.83 -71.49
N THR N 210 25.48 37.63 -71.52
CA THR N 210 25.87 36.96 -72.75
C THR N 210 25.11 35.64 -72.85
N LYS N 211 24.33 35.49 -73.91
CA LYS N 211 23.56 34.27 -74.16
C LYS N 211 24.07 33.64 -75.45
N VAL N 212 24.60 32.44 -75.34
CA VAL N 212 25.19 31.74 -76.47
C VAL N 212 24.43 30.43 -76.65
N ASP N 213 24.00 30.18 -77.89
CA ASP N 213 23.33 28.94 -78.26
C ASP N 213 24.15 28.26 -79.34
N LYS N 214 24.68 27.08 -79.03
CA LYS N 214 25.54 26.35 -79.95
C LYS N 214 24.99 24.95 -80.17
N LYS N 215 24.95 24.54 -81.44
CA LYS N 215 24.50 23.22 -81.83
C LYS N 215 25.54 22.15 -81.53
N ARG O 7 18.18 39.26 -26.50
CA ARG O 7 18.80 37.95 -26.31
C ARG O 7 17.75 36.85 -26.08
N PRO O 8 16.73 37.10 -25.23
CA PRO O 8 15.60 36.17 -25.20
C PRO O 8 14.52 36.59 -26.19
N TRP O 9 14.29 35.77 -27.22
CA TRP O 9 13.23 36.06 -28.18
C TRP O 9 11.92 35.58 -27.57
N ASN O 10 11.17 36.51 -26.98
CA ASN O 10 9.92 36.24 -26.29
C ASN O 10 8.78 36.98 -26.97
N PRO O 11 8.49 36.70 -28.24
CA PRO O 11 7.38 37.37 -28.90
C PRO O 11 6.07 36.89 -28.30
N PRO O 12 5.25 37.81 -27.79
CA PRO O 12 3.99 37.41 -27.16
C PRO O 12 3.11 36.64 -28.13
N THR O 13 2.23 35.83 -27.58
CA THR O 13 1.22 35.12 -28.37
C THR O 13 -0.09 35.90 -28.28
N PHE O 14 -0.85 35.85 -29.37
CA PHE O 14 -2.02 36.71 -29.52
C PHE O 14 -3.15 35.88 -30.09
N SER O 15 -4.05 35.45 -29.21
CA SER O 15 -5.12 34.51 -29.56
C SER O 15 -6.48 35.08 -29.16
N PRO O 16 -7.54 34.69 -29.87
CA PRO O 16 -7.56 33.82 -31.05
C PRO O 16 -7.22 34.54 -32.35
N ALA O 17 -7.09 33.79 -33.45
CA ALA O 17 -6.74 34.39 -34.73
C ALA O 17 -7.90 35.18 -35.31
N LEU O 18 -9.13 34.69 -35.16
CA LEU O 18 -10.31 35.34 -35.70
C LEU O 18 -11.42 35.37 -34.65
N LEU O 19 -12.13 36.50 -34.58
CA LEU O 19 -13.19 36.69 -33.60
C LEU O 19 -14.40 37.27 -34.31
N VAL O 20 -15.55 36.60 -34.18
CA VAL O 20 -16.82 37.11 -34.66
C VAL O 20 -17.70 37.40 -33.45
N VAL O 21 -18.14 38.65 -33.35
CA VAL O 21 -19.04 39.08 -32.28
C VAL O 21 -20.14 39.95 -32.89
N THR O 22 -21.32 39.88 -32.29
CA THR O 22 -22.43 40.71 -32.72
C THR O 22 -22.23 42.14 -32.21
N GLU O 23 -22.73 43.11 -32.98
CA GLU O 23 -22.50 44.51 -32.66
C GLU O 23 -23.09 44.86 -31.30
N GLY O 24 -22.30 45.57 -30.49
CA GLY O 24 -22.69 45.94 -29.15
C GLY O 24 -22.15 45.04 -28.05
N ASP O 25 -21.65 43.86 -28.41
CA ASP O 25 -21.14 42.91 -27.44
C ASP O 25 -19.66 43.14 -27.19
N ASN O 26 -19.21 42.85 -25.97
CA ASN O 26 -17.79 42.96 -25.68
C ASN O 26 -17.00 41.91 -26.44
N ALA O 27 -15.86 42.33 -26.98
CA ALA O 27 -14.90 41.43 -27.59
C ALA O 27 -13.59 41.53 -26.82
N THR O 28 -13.04 40.38 -26.43
CA THR O 28 -11.84 40.33 -25.60
C THR O 28 -10.84 39.39 -26.25
N PHE O 29 -9.58 39.82 -26.30
CA PHE O 29 -8.50 38.96 -26.78
C PHE O 29 -7.62 38.58 -25.59
N THR O 30 -6.60 37.76 -25.86
CA THR O 30 -5.65 37.35 -24.84
C THR O 30 -4.24 37.53 -25.38
N CYS O 31 -3.49 38.43 -24.77
CA CYS O 31 -2.08 38.66 -25.11
C CYS O 31 -1.23 38.11 -23.98
N SER O 32 -0.42 37.10 -24.29
CA SER O 32 0.38 36.39 -23.29
C SER O 32 1.85 36.66 -23.56
N PHE O 33 2.55 37.18 -22.55
CA PHE O 33 3.97 37.50 -22.67
C PHE O 33 4.69 37.01 -21.43
N SER O 34 5.68 36.15 -21.63
CA SER O 34 6.51 35.64 -20.53
C SER O 34 7.68 36.60 -20.35
N ASN O 35 7.61 37.44 -19.32
CA ASN O 35 8.64 38.46 -19.10
C ASN O 35 9.95 37.84 -18.66
N THR O 36 11.04 38.56 -18.97
CA THR O 36 12.34 38.30 -18.38
C THR O 36 12.70 39.30 -17.29
N SER O 37 12.14 40.51 -17.34
CA SER O 37 12.29 41.52 -16.30
C SER O 37 10.93 42.10 -15.98
N GLU O 38 10.85 42.86 -14.88
CA GLU O 38 9.61 43.53 -14.52
C GLU O 38 9.50 44.90 -15.16
N SER O 39 10.53 45.34 -15.86
CA SER O 39 10.51 46.59 -16.62
C SER O 39 10.03 46.28 -18.03
N PHE O 40 8.70 46.23 -18.18
CA PHE O 40 8.12 45.91 -19.48
C PHE O 40 6.71 46.47 -19.54
N VAL O 41 6.28 46.81 -20.74
CA VAL O 41 4.92 47.27 -21.01
C VAL O 41 4.36 46.46 -22.17
N LEU O 42 3.04 46.32 -22.19
CA LEU O 42 2.33 45.70 -23.30
C LEU O 42 1.43 46.74 -23.96
N ASN O 43 1.47 46.80 -25.28
CA ASN O 43 0.67 47.75 -26.05
C ASN O 43 -0.40 47.00 -26.83
N TRP O 44 -1.47 47.72 -27.14
CA TRP O 44 -2.67 47.15 -27.75
C TRP O 44 -2.93 47.93 -29.04
N TYR O 45 -2.78 47.24 -30.17
CA TYR O 45 -2.69 47.88 -31.47
C TYR O 45 -3.81 47.42 -32.40
N ARG O 46 -4.29 48.33 -33.23
CA ARG O 46 -5.13 48.05 -34.38
C ARG O 46 -4.49 48.66 -35.62
N MET O 47 -4.63 47.97 -36.75
CA MET O 47 -4.10 48.51 -38.01
C MET O 47 -5.15 49.46 -38.54
N SER O 48 -4.93 50.75 -38.27
CA SER O 48 -5.85 51.82 -38.58
C SER O 48 -5.98 52.01 -40.09
N PRO O 49 -6.92 52.89 -40.54
CA PRO O 49 -6.94 53.27 -41.96
C PRO O 49 -5.59 53.77 -42.45
N SER O 50 -4.78 54.26 -41.51
CA SER O 50 -3.40 54.67 -41.77
C SER O 50 -2.44 53.50 -42.00
N ASN O 51 -2.87 52.25 -41.92
CA ASN O 51 -1.99 51.09 -42.09
C ASN O 51 -0.76 51.23 -41.19
N GLN O 52 -1.02 51.54 -39.94
CA GLN O 52 0.04 51.84 -39.01
C GLN O 52 -0.38 51.36 -37.63
N THR O 53 0.60 50.97 -36.82
CA THR O 53 0.29 50.49 -35.48
C THR O 53 -0.21 51.65 -34.64
N ASP O 54 -1.53 51.72 -34.49
CA ASP O 54 -2.17 52.74 -33.67
C ASP O 54 -2.38 52.18 -32.28
N LYS O 55 -1.78 52.83 -31.29
CA LYS O 55 -1.83 52.34 -29.90
C LYS O 55 -3.24 52.52 -29.36
N LEU O 56 -3.99 51.44 -29.28
CA LEU O 56 -5.35 51.51 -28.78
C LEU O 56 -5.37 51.68 -27.27
N ALA O 57 -4.56 50.88 -26.56
CA ALA O 57 -4.43 50.97 -25.12
C ALA O 57 -3.08 50.38 -24.73
N ALA O 58 -2.76 50.46 -23.45
CA ALA O 58 -1.47 49.98 -22.95
C ALA O 58 -1.56 49.85 -21.44
N PHE O 59 -0.83 48.88 -20.90
CA PHE O 59 -0.76 48.69 -19.46
C PHE O 59 0.65 48.28 -19.04
N PRO O 60 1.32 49.04 -18.16
CA PRO O 60 0.82 50.20 -17.38
C PRO O 60 0.30 51.37 -18.20
N GLU O 61 -0.69 52.06 -17.64
CA GLU O 61 -1.37 53.16 -18.31
C GLU O 61 -0.37 54.25 -18.70
N ASP O 62 -0.35 54.59 -19.99
CA ASP O 62 0.51 55.66 -20.48
C ASP O 62 -0.27 56.96 -20.37
N ARG O 63 0.01 57.75 -19.33
CA ARG O 63 -0.76 58.95 -19.08
C ARG O 63 -0.46 60.04 -20.11
N SER O 64 0.59 59.86 -20.90
CA SER O 64 0.98 60.89 -21.86
C SER O 64 -0.12 61.13 -22.90
N GLN O 65 -0.84 60.08 -23.28
CA GLN O 65 -1.93 60.22 -24.23
C GLN O 65 -3.22 60.47 -23.47
N PRO O 66 -3.78 61.68 -23.51
CA PRO O 66 -5.07 61.93 -22.88
C PRO O 66 -6.19 61.35 -23.74
N GLY O 67 -7.41 61.48 -23.23
CA GLY O 67 -8.58 60.97 -23.93
C GLY O 67 -8.45 59.50 -24.28
N GLN O 68 -7.76 58.75 -23.41
CA GLN O 68 -7.62 57.31 -23.58
C GLN O 68 -8.99 56.68 -23.69
N ASP O 69 -9.38 56.27 -24.90
CA ASP O 69 -10.68 55.67 -25.12
C ASP O 69 -10.86 54.52 -24.15
N CYS O 70 -11.74 54.69 -23.16
CA CYS O 70 -12.05 53.62 -22.22
C CYS O 70 -12.79 52.47 -22.87
N ARG O 71 -13.15 52.62 -24.15
CA ARG O 71 -13.84 51.56 -24.86
C ARG O 71 -12.90 50.41 -25.21
N PHE O 72 -11.58 50.65 -25.22
CA PHE O 72 -10.58 49.62 -25.40
C PHE O 72 -9.85 49.48 -24.07
N ARG O 73 -9.87 48.29 -23.49
CA ARG O 73 -9.33 48.06 -22.17
C ARG O 73 -8.28 46.95 -22.20
N VAL O 74 -7.33 47.04 -21.26
CA VAL O 74 -6.27 46.05 -21.10
C VAL O 74 -6.16 45.71 -19.62
N THR O 75 -6.29 44.42 -19.29
CA THR O 75 -6.30 43.94 -17.93
C THR O 75 -5.22 42.88 -17.73
N GLN O 76 -4.48 42.97 -16.63
CA GLN O 76 -3.48 41.97 -16.28
C GLN O 76 -4.14 40.85 -15.49
N LEU O 77 -4.15 39.66 -16.06
CA LEU O 77 -4.58 38.50 -15.30
C LEU O 77 -3.58 38.22 -14.19
N PRO O 78 -4.04 37.78 -13.02
CA PRO O 78 -3.12 37.65 -11.88
C PRO O 78 -2.18 36.47 -12.00
N ASN O 79 -2.12 35.85 -13.17
CA ASN O 79 -1.23 34.71 -13.37
C ASN O 79 0.21 35.13 -13.68
N GLY O 80 0.43 36.37 -14.10
CA GLY O 80 1.78 36.86 -14.35
C GLY O 80 2.20 36.88 -15.80
N ARG O 81 1.36 36.40 -16.72
CA ARG O 81 1.74 36.32 -18.13
C ARG O 81 0.64 36.73 -19.10
N ASP O 82 -0.63 36.58 -18.76
CA ASP O 82 -1.73 36.79 -19.69
C ASP O 82 -2.39 38.13 -19.44
N PHE O 83 -2.61 38.89 -20.51
CA PHE O 83 -3.39 40.12 -20.41
C PHE O 83 -4.63 39.96 -21.31
N HIS O 84 -5.71 40.63 -20.93
CA HIS O 84 -6.95 40.62 -21.70
C HIS O 84 -7.08 41.93 -22.45
N MET O 85 -7.03 41.86 -23.78
CA MET O 85 -7.25 43.02 -24.64
C MET O 85 -8.72 43.02 -25.03
N SER O 86 -9.47 44.02 -24.55
CA SER O 86 -10.92 44.02 -24.69
C SER O 86 -11.40 45.31 -25.34
N VAL O 87 -12.37 45.16 -26.24
CA VAL O 87 -13.03 46.27 -26.92
C VAL O 87 -14.49 46.26 -26.49
N VAL O 88 -14.88 47.19 -25.63
CA VAL O 88 -16.26 47.22 -25.18
C VAL O 88 -17.15 47.82 -26.25
N ARG O 89 -18.45 47.56 -26.14
CA ARG O 89 -19.47 48.14 -27.02
C ARG O 89 -19.06 48.07 -28.48
N ALA O 90 -18.87 46.84 -28.98
CA ALA O 90 -18.34 46.65 -30.31
C ALA O 90 -19.22 47.32 -31.36
N ARG O 91 -18.59 48.07 -32.25
CA ARG O 91 -19.26 48.76 -33.34
C ARG O 91 -18.73 48.21 -34.65
N ARG O 92 -19.51 48.38 -35.72
CA ARG O 92 -19.08 47.85 -37.02
C ARG O 92 -17.78 48.51 -37.47
N ASN O 93 -17.53 49.74 -37.04
CA ASN O 93 -16.25 50.39 -37.32
C ASN O 93 -15.09 49.66 -36.65
N ASP O 94 -15.35 48.92 -35.57
CA ASP O 94 -14.29 48.26 -34.82
C ASP O 94 -13.67 47.08 -35.56
N SER O 95 -14.29 46.62 -36.64
CA SER O 95 -13.75 45.49 -37.38
C SER O 95 -12.40 45.83 -38.00
N GLY O 96 -11.51 44.85 -38.03
CA GLY O 96 -10.19 45.05 -38.59
C GLY O 96 -9.22 44.00 -38.08
N THR O 97 -7.93 44.29 -38.31
CA THR O 97 -6.85 43.40 -37.91
C THR O 97 -6.08 44.03 -36.75
N TYR O 98 -5.94 43.29 -35.66
CA TYR O 98 -5.30 43.81 -34.46
C TYR O 98 -4.08 42.97 -34.11
N LEU O 99 -3.30 43.46 -33.15
CA LEU O 99 -2.19 42.71 -32.57
C LEU O 99 -1.82 43.38 -31.25
N CYS O 100 -0.98 42.68 -30.47
CA CYS O 100 -0.40 43.23 -29.26
C CYS O 100 1.11 43.16 -29.36
N GLY O 101 1.77 44.02 -28.58
CA GLY O 101 3.22 44.06 -28.55
C GLY O 101 3.77 44.38 -27.18
N ALA O 102 4.85 43.70 -26.79
CA ALA O 102 5.47 43.89 -25.49
C ALA O 102 6.81 44.59 -25.67
N ILE O 103 7.04 45.62 -24.86
CA ILE O 103 8.27 46.41 -24.90
C ILE O 103 8.92 46.29 -23.54
N SER O 104 10.03 45.55 -23.46
CA SER O 104 10.81 45.54 -22.23
C SER O 104 11.41 46.92 -22.00
N LEU O 105 11.25 47.44 -20.77
CA LEU O 105 11.77 48.76 -20.42
C LEU O 105 13.28 48.68 -20.15
N ALA O 106 13.98 48.33 -21.19
CA ALA O 106 15.42 48.38 -21.16
C ALA O 106 15.90 49.48 -22.08
N PRO O 107 17.06 50.08 -21.81
CA PRO O 107 17.45 51.29 -22.57
C PRO O 107 17.41 51.11 -24.08
N LYS O 108 17.88 49.98 -24.60
CA LYS O 108 17.89 49.73 -26.03
C LYS O 108 16.83 48.72 -26.49
N ALA O 109 16.01 48.20 -25.58
CA ALA O 109 15.03 47.19 -25.97
C ALA O 109 13.99 47.80 -26.92
N GLN O 110 13.24 46.93 -27.58
CA GLN O 110 12.32 47.36 -28.62
C GLN O 110 11.03 46.53 -28.51
N ILE O 111 10.27 46.50 -29.60
CA ILE O 111 8.92 45.92 -29.60
C ILE O 111 9.01 44.49 -30.12
N LYS O 112 8.42 43.56 -29.39
CA LYS O 112 8.24 42.19 -29.86
C LYS O 112 6.78 42.05 -30.28
N GLU O 113 6.55 41.95 -31.59
CA GLU O 113 5.20 42.00 -32.15
C GLU O 113 4.61 40.59 -32.21
N SER O 114 3.46 40.41 -31.59
CA SER O 114 2.73 39.16 -31.67
C SER O 114 2.10 38.99 -33.05
N LEU O 115 1.62 37.78 -33.32
CA LEU O 115 0.93 37.55 -34.58
C LEU O 115 -0.39 38.34 -34.59
N ARG O 116 -0.87 38.63 -35.79
CA ARG O 116 -2.05 39.46 -35.93
C ARG O 116 -3.30 38.59 -35.82
N ALA O 117 -4.42 39.26 -35.49
CA ALA O 117 -5.71 38.61 -35.43
C ALA O 117 -6.75 39.53 -36.05
N GLU O 118 -7.88 38.95 -36.44
CA GLU O 118 -8.96 39.70 -37.05
C GLU O 118 -10.17 39.70 -36.12
N LEU O 119 -10.86 40.84 -36.08
CA LEU O 119 -12.10 41.00 -35.34
C LEU O 119 -13.20 41.35 -36.33
N ARG O 120 -14.34 40.66 -36.23
CA ARG O 120 -15.45 40.85 -37.15
C ARG O 120 -16.71 41.14 -36.37
N VAL O 121 -17.32 42.30 -36.65
CA VAL O 121 -18.55 42.74 -36.00
C VAL O 121 -19.71 42.49 -36.93
N THR O 122 -20.74 41.81 -36.44
CA THR O 122 -21.89 41.40 -37.23
C THR O 122 -23.01 42.42 -37.02
N GLU O 123 -24.20 42.11 -37.51
CA GLU O 123 -25.40 42.93 -37.32
C GLU O 123 -25.56 43.45 -35.90
N ASP P 1 22.71 -48.21 37.87
CA ASP P 1 21.86 -47.09 38.27
C ASP P 1 22.47 -45.78 37.78
N ILE P 2 21.72 -44.70 37.89
CA ILE P 2 22.23 -43.37 37.57
C ILE P 2 22.78 -42.78 38.85
N GLN P 3 24.11 -42.86 39.00
CA GLN P 3 24.77 -42.44 40.22
C GLN P 3 24.63 -40.94 40.42
N MET P 4 24.15 -40.53 41.59
CA MET P 4 23.99 -39.13 41.95
C MET P 4 25.04 -38.77 42.98
N THR P 5 25.95 -37.87 42.62
CA THR P 5 26.96 -37.34 43.52
C THR P 5 26.69 -35.87 43.76
N GLN P 6 26.69 -35.47 45.03
CA GLN P 6 26.23 -34.15 45.45
C GLN P 6 27.34 -33.46 46.23
N SER P 7 27.78 -32.31 45.74
CA SER P 7 28.93 -31.60 46.28
C SER P 7 28.55 -30.17 46.64
N PRO P 8 28.98 -29.68 47.81
CA PRO P 8 29.78 -30.38 48.83
C PRO P 8 28.92 -31.23 49.74
N SER P 9 29.51 -31.92 50.72
CA SER P 9 28.73 -32.67 51.69
C SER P 9 28.21 -31.75 52.79
N SER P 10 28.98 -30.75 53.17
CA SER P 10 28.56 -29.77 54.15
C SER P 10 29.15 -28.42 53.79
N LEU P 11 28.55 -27.36 54.35
CA LEU P 11 29.00 -26.01 54.10
C LEU P 11 28.49 -25.09 55.20
N SER P 12 29.22 -24.00 55.44
CA SER P 12 28.87 -23.04 56.48
C SER P 12 28.86 -21.65 55.87
N ALA P 13 27.73 -20.96 55.98
CA ALA P 13 27.59 -19.59 55.49
C ALA P 13 26.73 -18.80 56.46
N SER P 14 26.92 -17.48 56.46
CA SER P 14 26.18 -16.60 57.35
C SER P 14 24.87 -16.16 56.69
N VAL P 15 24.09 -15.38 57.43
CA VAL P 15 22.80 -14.92 56.93
C VAL P 15 23.00 -13.96 55.78
N GLY P 16 22.38 -14.24 54.65
CA GLY P 16 22.48 -13.38 53.48
C GLY P 16 23.56 -13.75 52.50
N ASP P 17 24.13 -14.95 52.59
CA ASP P 17 25.20 -15.39 51.72
C ASP P 17 24.65 -16.25 50.59
N ARG P 18 25.29 -16.16 49.43
CA ARG P 18 24.94 -16.98 48.28
C ARG P 18 25.62 -18.34 48.44
N VAL P 19 24.82 -19.39 48.64
CA VAL P 19 25.35 -20.74 48.77
C VAL P 19 25.09 -21.49 47.47
N THR P 20 25.95 -22.46 47.18
CA THR P 20 25.89 -23.19 45.93
C THR P 20 26.09 -24.67 46.20
N ILE P 21 25.15 -25.50 45.74
CA ILE P 21 25.23 -26.95 45.87
C ILE P 21 25.16 -27.55 44.47
N THR P 22 26.13 -28.41 44.15
CA THR P 22 26.23 -29.02 42.83
C THR P 22 25.80 -30.47 42.90
N CYS P 23 24.90 -30.86 41.99
CA CYS P 23 24.47 -32.25 41.84
C CYS P 23 24.97 -32.77 40.51
N ARG P 24 25.74 -33.86 40.55
CA ARG P 24 26.35 -34.45 39.36
C ARG P 24 25.82 -35.86 39.17
N ALA P 25 25.34 -36.14 37.96
CA ALA P 25 24.71 -37.41 37.64
C ALA P 25 25.65 -38.27 36.79
N SER P 26 25.50 -39.59 36.93
CA SER P 26 26.27 -40.52 36.10
C SER P 26 25.89 -40.35 34.63
N GLN P 27 24.63 -40.60 34.31
CA GLN P 27 24.10 -40.39 32.97
C GLN P 27 23.31 -39.08 32.93
N SER P 28 23.13 -38.56 31.73
CA SER P 28 22.32 -37.35 31.59
C SER P 28 20.86 -37.67 31.85
N ILE P 29 20.20 -36.79 32.59
CA ILE P 29 18.83 -36.98 33.02
C ILE P 29 17.89 -35.95 32.41
N SER P 30 18.32 -35.32 31.31
CA SER P 30 17.55 -34.27 30.63
C SER P 30 17.32 -33.15 31.62
N SER P 31 16.07 -32.79 31.94
CA SER P 31 15.77 -31.79 32.95
C SER P 31 15.07 -32.41 34.16
N TYR P 32 15.13 -33.74 34.30
CA TYR P 32 14.40 -34.45 35.33
C TYR P 32 15.26 -34.54 36.59
N LEU P 33 15.32 -33.43 37.33
CA LEU P 33 16.01 -33.39 38.61
C LEU P 33 15.24 -32.51 39.57
N ASN P 34 15.18 -32.93 40.83
CA ASN P 34 14.41 -32.26 41.85
C ASN P 34 15.28 -32.04 43.09
N TRP P 35 15.02 -30.94 43.79
CA TRP P 35 15.71 -30.63 45.02
C TRP P 35 14.74 -30.71 46.19
N TYR P 36 15.21 -31.24 47.31
CA TYR P 36 14.37 -31.48 48.47
C TYR P 36 15.01 -30.92 49.72
N GLN P 37 14.20 -30.28 50.56
CA GLN P 37 14.63 -29.76 51.85
C GLN P 37 14.13 -30.67 52.96
N GLN P 38 15.05 -31.21 53.74
CA GLN P 38 14.71 -32.04 54.90
C GLN P 38 15.27 -31.37 56.15
N LYS P 39 14.42 -30.61 56.84
CA LYS P 39 14.80 -30.11 58.16
C LYS P 39 14.98 -31.29 59.11
N PRO P 40 15.81 -31.14 60.14
CA PRO P 40 16.11 -32.30 61.01
C PRO P 40 14.88 -32.82 61.70
N GLY P 41 14.71 -34.14 61.65
CA GLY P 41 13.55 -34.79 62.25
C GLY P 41 12.24 -34.44 61.61
N LYS P 42 12.23 -34.18 60.31
CA LYS P 42 11.03 -33.80 59.59
C LYS P 42 11.01 -34.48 58.23
N ALA P 43 9.87 -34.37 57.54
CA ALA P 43 9.73 -34.93 56.20
C ALA P 43 10.39 -34.02 55.17
N PRO P 44 10.83 -34.59 54.04
CA PRO P 44 11.43 -33.76 52.99
C PRO P 44 10.39 -32.82 52.38
N LYS P 45 10.89 -31.69 51.87
CA LYS P 45 10.06 -30.67 51.24
C LYS P 45 10.58 -30.44 49.83
N LEU P 46 9.67 -30.46 48.85
CA LEU P 46 10.08 -30.20 47.48
C LEU P 46 10.36 -28.71 47.30
N LEU P 47 11.55 -28.40 46.77
CA LEU P 47 11.97 -27.03 46.54
C LEU P 47 11.96 -26.70 45.05
N ILE P 48 12.81 -27.36 44.27
CA ILE P 48 12.94 -27.13 42.83
C ILE P 48 12.51 -28.41 42.11
N TYR P 49 11.67 -28.24 41.09
CA TYR P 49 11.27 -29.35 40.24
C TYR P 49 11.57 -29.01 38.79
N ALA P 50 11.73 -30.05 37.98
CA ALA P 50 12.08 -29.91 36.56
C ALA P 50 13.34 -29.06 36.39
N ALA P 51 14.37 -29.41 37.17
CA ALA P 51 15.70 -28.82 37.10
C ALA P 51 15.75 -27.38 37.56
N SER P 52 14.75 -26.56 37.19
CA SER P 52 14.82 -25.14 37.48
C SER P 52 13.52 -24.51 37.96
N SER P 53 12.38 -25.19 37.83
CA SER P 53 11.12 -24.60 38.26
C SER P 53 11.00 -24.59 39.78
N LEU P 54 10.33 -23.56 40.29
CA LEU P 54 10.17 -23.37 41.73
C LEU P 54 8.80 -23.86 42.17
N GLN P 55 8.77 -24.72 43.18
CA GLN P 55 7.52 -25.20 43.74
C GLN P 55 6.79 -24.07 44.46
N SER P 56 5.46 -24.07 44.36
CA SER P 56 4.66 -23.06 45.04
C SER P 56 4.84 -23.16 46.55
N GLY P 57 4.76 -22.00 47.21
CA GLY P 57 4.98 -21.91 48.63
C GLY P 57 6.42 -21.96 49.07
N VAL P 58 7.36 -22.14 48.14
CA VAL P 58 8.78 -22.14 48.45
C VAL P 58 9.29 -20.73 48.19
N PRO P 59 10.05 -20.12 49.11
CA PRO P 59 10.50 -18.75 48.90
C PRO P 59 11.36 -18.61 47.65
N SER P 60 11.23 -17.46 46.99
CA SER P 60 11.86 -17.24 45.70
C SER P 60 13.38 -17.25 45.77
N ARG P 61 13.96 -17.14 46.98
CA ARG P 61 15.41 -17.12 47.10
C ARG P 61 16.04 -18.42 46.63
N PHE P 62 15.33 -19.53 46.74
CA PHE P 62 15.87 -20.80 46.24
C PHE P 62 15.74 -20.84 44.73
N SER P 63 16.84 -21.15 44.05
CA SER P 63 16.89 -21.16 42.60
C SER P 63 17.52 -22.45 42.10
N GLY P 64 16.99 -22.96 41.01
CA GLY P 64 17.50 -24.18 40.39
C GLY P 64 18.05 -23.87 39.00
N SER P 65 19.16 -24.52 38.66
CA SER P 65 19.81 -24.32 37.38
C SER P 65 20.60 -25.57 37.02
N GLY P 66 20.43 -26.04 35.79
CA GLY P 66 21.15 -27.22 35.34
C GLY P 66 20.68 -27.80 34.03
N SER P 67 21.63 -28.28 33.23
CA SER P 67 21.33 -28.92 31.96
C SER P 67 22.25 -30.12 31.78
N GLY P 68 21.68 -31.23 31.32
CA GLY P 68 22.48 -32.42 31.09
C GLY P 68 22.75 -33.22 32.35
N THR P 69 23.97 -33.12 32.87
CA THR P 69 24.40 -33.91 34.01
C THR P 69 24.51 -33.10 35.29
N ASP P 70 25.12 -31.92 35.26
CA ASP P 70 25.34 -31.13 36.46
C ASP P 70 24.26 -30.07 36.61
N PHE P 71 23.54 -30.11 37.72
CA PHE P 71 22.55 -29.10 38.03
C PHE P 71 22.99 -28.42 39.32
N THR P 72 22.39 -27.28 39.64
CA THR P 72 22.88 -26.48 40.76
C THR P 72 21.71 -25.89 41.53
N LEU P 73 21.76 -26.01 42.85
CA LEU P 73 20.87 -25.29 43.75
C LEU P 73 21.60 -24.06 44.28
N THR P 74 20.88 -22.96 44.39
CA THR P 74 21.46 -21.71 44.87
C THR P 74 20.41 -20.98 45.71
N ILE P 75 20.79 -20.64 46.94
CA ILE P 75 19.96 -19.82 47.82
C ILE P 75 20.45 -18.38 47.70
N SER P 76 19.55 -17.48 47.31
CA SER P 76 19.91 -16.08 47.09
C SER P 76 20.45 -15.46 48.37
N SER P 77 19.59 -15.30 49.38
CA SER P 77 19.97 -14.74 50.67
C SER P 77 19.67 -15.79 51.74
N LEU P 78 20.73 -16.41 52.27
CA LEU P 78 20.55 -17.48 53.23
C LEU P 78 19.90 -16.97 54.51
N GLN P 79 18.95 -17.74 55.05
CA GLN P 79 18.20 -17.35 56.23
C GLN P 79 18.44 -18.34 57.36
N PRO P 80 18.26 -17.92 58.62
CA PRO P 80 18.53 -18.84 59.73
C PRO P 80 17.70 -20.11 59.71
N GLU P 81 16.43 -20.02 59.29
CA GLU P 81 15.57 -21.20 59.25
C GLU P 81 15.85 -22.10 58.06
N ASP P 82 16.80 -21.74 57.20
CA ASP P 82 17.17 -22.59 56.08
C ASP P 82 18.17 -23.67 56.48
N PHE P 83 18.44 -23.84 57.77
CA PHE P 83 19.26 -24.95 58.25
C PHE P 83 18.55 -26.26 57.98
N ALA P 84 19.04 -27.01 57.01
CA ALA P 84 18.47 -28.30 56.64
C ALA P 84 19.47 -29.02 55.75
N THR P 85 19.15 -30.25 55.39
CA THR P 85 19.95 -31.03 54.46
C THR P 85 19.20 -31.15 53.14
N TYR P 86 19.92 -30.97 52.04
CA TYR P 86 19.31 -30.84 50.71
C TYR P 86 19.76 -31.99 49.82
N TYR P 87 18.81 -32.69 49.22
CA TYR P 87 19.11 -33.83 48.36
C TYR P 87 18.66 -33.50 46.94
N CYS P 88 19.33 -34.11 45.97
CA CYS P 88 18.94 -34.03 44.57
C CYS P 88 18.48 -35.40 44.10
N GLN P 89 17.46 -35.41 43.23
CA GLN P 89 16.75 -36.62 42.85
C GLN P 89 16.42 -36.58 41.36
N GLN P 90 16.44 -37.75 40.72
CA GLN P 90 16.17 -37.85 39.30
C GLN P 90 14.75 -38.32 39.06
N ASP P 91 14.20 -37.91 37.91
CA ASP P 91 12.91 -38.40 37.46
C ASP P 91 13.00 -39.13 36.13
N TYR P 92 14.22 -39.38 35.65
CA TYR P 92 14.39 -39.91 34.30
C TYR P 92 13.99 -41.38 34.21
N GLY P 93 14.58 -42.23 35.05
CA GLY P 93 14.33 -43.65 34.93
C GLY P 93 14.54 -44.38 36.23
N LEU P 94 14.16 -45.65 36.22
CA LEU P 94 14.30 -46.56 37.35
C LEU P 94 15.70 -47.18 37.37
N PRO P 95 16.27 -47.40 38.56
CA PRO P 95 15.76 -47.03 39.89
C PRO P 95 15.91 -45.54 40.17
N PHE P 96 15.03 -44.95 40.96
CA PHE P 96 15.16 -43.56 41.33
C PHE P 96 16.31 -43.40 42.32
N THR P 97 17.22 -42.48 42.04
CA THR P 97 18.43 -42.32 42.82
C THR P 97 18.51 -40.90 43.38
N PHE P 98 18.95 -40.78 44.63
CA PHE P 98 19.13 -39.47 45.23
C PHE P 98 20.62 -39.24 45.46
N GLY P 99 20.96 -37.98 45.76
CA GLY P 99 22.32 -37.64 46.13
C GLY P 99 22.64 -38.00 47.58
N GLN P 100 23.92 -37.85 47.93
CA GLN P 100 24.34 -38.14 49.29
C GLN P 100 23.65 -37.21 50.29
N GLY P 101 23.47 -35.97 49.91
CA GLY P 101 22.87 -34.96 50.78
C GLY P 101 23.90 -33.91 51.16
N THR P 102 23.45 -32.66 51.22
CA THR P 102 24.30 -31.53 51.60
C THR P 102 23.67 -30.83 52.79
N LYS P 103 24.40 -30.77 53.90
CA LYS P 103 23.93 -30.14 55.11
C LYS P 103 24.40 -28.69 55.12
N VAL P 104 23.45 -27.77 55.02
CA VAL P 104 23.74 -26.34 55.07
C VAL P 104 23.60 -25.87 56.50
N GLU P 105 24.66 -25.26 57.03
CA GLU P 105 24.72 -24.80 58.41
C GLU P 105 24.84 -23.29 58.43
N ILE P 106 24.14 -22.66 59.37
CA ILE P 106 24.16 -21.20 59.48
C ILE P 106 25.38 -20.78 60.28
N LYS P 107 25.96 -19.64 59.90
CA LYS P 107 27.10 -19.06 60.59
C LYS P 107 26.63 -17.90 61.46
N ARG P 108 27.12 -17.85 62.69
CA ARG P 108 26.67 -16.87 63.67
C ARG P 108 27.88 -16.30 64.39
N THR P 109 27.66 -15.17 65.07
CA THR P 109 28.63 -14.69 66.04
C THR P 109 28.83 -15.72 67.15
N VAL P 110 30.02 -15.69 67.75
CA VAL P 110 30.37 -16.68 68.77
C VAL P 110 29.53 -16.45 70.01
N ALA P 111 28.87 -17.51 70.48
CA ALA P 111 27.98 -17.44 71.63
C ALA P 111 28.61 -18.17 72.81
N ALA P 112 28.50 -17.55 73.99
CA ALA P 112 29.06 -18.14 75.21
C ALA P 112 28.09 -19.18 75.76
N PRO P 113 28.57 -20.37 76.12
CA PRO P 113 27.68 -21.41 76.64
C PRO P 113 27.24 -21.10 78.06
N SER P 114 25.94 -21.25 78.31
CA SER P 114 25.41 -21.29 79.67
C SER P 114 25.44 -22.75 80.14
N VAL P 115 26.16 -23.01 81.22
CA VAL P 115 26.54 -24.37 81.60
C VAL P 115 25.98 -24.67 82.98
N PHE P 116 25.11 -25.69 83.07
CA PHE P 116 24.54 -26.11 84.33
C PHE P 116 24.88 -27.58 84.55
N ILE P 117 24.80 -28.02 85.80
CA ILE P 117 25.05 -29.41 86.17
C ILE P 117 23.92 -29.89 87.06
N PHE P 118 23.43 -31.11 86.79
CA PHE P 118 22.30 -31.64 87.56
C PHE P 118 22.75 -32.86 88.34
N PRO P 119 22.43 -32.96 89.63
CA PRO P 119 22.74 -34.16 90.40
C PRO P 119 21.72 -35.26 90.12
N PRO P 120 22.07 -36.52 90.35
CA PRO P 120 21.08 -37.59 90.18
C PRO P 120 20.02 -37.55 91.27
N SER P 121 18.79 -37.80 90.86
CA SER P 121 17.68 -37.78 91.80
C SER P 121 17.72 -39.00 92.71
N ASP P 122 17.15 -38.85 93.91
CA ASP P 122 17.10 -39.96 94.85
C ASP P 122 16.33 -41.15 94.26
N GLU P 123 15.44 -40.89 93.32
CA GLU P 123 14.72 -41.97 92.65
C GLU P 123 15.68 -42.87 91.88
N GLN P 124 16.62 -42.27 91.16
CA GLN P 124 17.58 -43.05 90.39
C GLN P 124 18.54 -43.80 91.31
N LEU P 125 18.87 -43.22 92.47
CA LEU P 125 19.67 -43.93 93.45
C LEU P 125 18.97 -45.20 93.91
N LYS P 126 17.64 -45.15 94.07
CA LYS P 126 16.89 -46.36 94.38
C LYS P 126 16.97 -47.38 93.25
N SER P 127 17.14 -46.91 92.01
CA SER P 127 17.24 -47.83 90.88
C SER P 127 18.56 -48.60 90.88
N GLY P 128 19.62 -48.01 91.43
CA GLY P 128 20.92 -48.65 91.52
C GLY P 128 22.05 -47.90 90.84
N THR P 129 21.75 -47.04 89.87
CA THR P 129 22.75 -46.25 89.17
C THR P 129 22.57 -44.77 89.48
N ALA P 130 23.60 -44.00 89.16
CA ALA P 130 23.58 -42.54 89.33
C ALA P 130 24.09 -41.88 88.06
N SER P 131 23.44 -40.77 87.68
CA SER P 131 23.78 -40.06 86.46
C SER P 131 23.78 -38.56 86.74
N VAL P 132 24.96 -37.94 86.70
CA VAL P 132 25.08 -36.50 86.72
C VAL P 132 25.05 -35.98 85.28
N VAL P 133 24.21 -34.97 85.03
CA VAL P 133 24.00 -34.43 83.70
C VAL P 133 24.50 -32.99 83.67
N CYS P 134 25.27 -32.66 82.64
CA CYS P 134 25.83 -31.32 82.45
C CYS P 134 25.26 -30.74 81.17
N LEU P 135 24.70 -29.53 81.25
CA LEU P 135 23.97 -28.92 80.16
C LEU P 135 24.71 -27.71 79.59
N LEU P 136 24.75 -27.62 78.27
CA LEU P 136 25.30 -26.46 77.56
C LEU P 136 24.20 -25.89 76.67
N ASN P 137 23.69 -24.73 77.02
CA ASN P 137 22.54 -24.14 76.33
C ASN P 137 22.97 -22.93 75.50
N ASN P 138 22.46 -22.88 74.27
CA ASN P 138 22.56 -21.72 73.38
C ASN P 138 24.01 -21.24 73.24
N PHE P 139 24.78 -22.02 72.50
CA PHE P 139 26.18 -21.70 72.26
C PHE P 139 26.53 -21.96 70.80
N TYR P 140 27.54 -21.22 70.31
CA TYR P 140 28.05 -21.36 68.96
C TYR P 140 29.52 -20.94 69.01
N PRO P 141 30.43 -21.65 68.32
CA PRO P 141 30.24 -22.79 67.41
C PRO P 141 29.78 -24.10 68.06
N ARG P 142 29.59 -25.13 67.23
CA ARG P 142 29.11 -26.42 67.71
C ARG P 142 30.12 -27.10 68.62
N GLU P 143 31.41 -26.95 68.33
CA GLU P 143 32.44 -27.73 69.00
C GLU P 143 32.71 -27.18 70.39
N ALA P 144 32.74 -28.08 71.37
CA ALA P 144 33.03 -27.74 72.75
C ALA P 144 33.66 -28.94 73.42
N LYS P 145 34.43 -28.67 74.48
CA LYS P 145 35.17 -29.69 75.20
C LYS P 145 34.61 -29.83 76.60
N VAL P 146 34.02 -30.99 76.90
CA VAL P 146 33.41 -31.25 78.18
C VAL P 146 34.32 -32.17 78.99
N GLN P 147 34.66 -31.74 80.20
CA GLN P 147 35.52 -32.50 81.09
C GLN P 147 34.82 -32.75 82.41
N TRP P 148 34.83 -34.00 82.86
CA TRP P 148 34.29 -34.38 84.15
C TRP P 148 35.40 -34.56 85.16
N LYS P 149 35.26 -33.94 86.33
CA LYS P 149 36.27 -33.99 87.39
C LYS P 149 35.57 -34.44 88.67
N VAL P 150 35.51 -35.75 88.90
CA VAL P 150 34.98 -36.29 90.13
C VAL P 150 36.11 -36.31 91.15
N ASP P 151 35.99 -35.48 92.19
CA ASP P 151 37.05 -35.29 93.18
C ASP P 151 38.36 -34.87 92.51
N ASN P 152 38.26 -33.93 91.58
CA ASN P 152 39.41 -33.40 90.84
C ASN P 152 40.12 -34.49 90.05
N ALA P 153 39.38 -35.50 89.59
CA ALA P 153 39.94 -36.57 88.77
C ALA P 153 39.19 -36.61 87.44
N LEU P 154 39.93 -36.46 86.34
CA LEU P 154 39.32 -36.44 85.02
C LEU P 154 38.71 -37.80 84.70
N GLN P 155 37.46 -37.79 84.25
CA GLN P 155 36.75 -39.02 83.92
C GLN P 155 36.88 -39.33 82.44
N SER P 156 36.95 -40.63 82.13
CA SER P 156 37.06 -41.10 80.76
C SER P 156 36.23 -42.36 80.57
N GLY P 157 35.53 -42.42 79.43
CA GLY P 157 34.74 -43.59 79.08
C GLY P 157 33.45 -43.79 79.85
N ASN P 158 33.13 -42.92 80.80
CA ASN P 158 31.92 -43.04 81.59
C ASN P 158 30.89 -41.97 81.26
N SER P 159 31.14 -41.19 80.21
CA SER P 159 30.29 -40.08 79.82
C SER P 159 29.83 -40.26 78.38
N GLN P 160 28.64 -39.72 78.09
CA GLN P 160 28.04 -39.82 76.76
C GLN P 160 27.38 -38.49 76.40
N GLU P 161 27.49 -38.09 75.15
CA GLU P 161 27.02 -36.77 74.75
C GLU P 161 26.05 -36.90 73.60
N SER P 162 25.18 -35.90 73.48
CA SER P 162 24.30 -35.75 72.34
C SER P 162 24.12 -34.26 72.07
N VAL P 163 24.15 -33.88 70.80
CA VAL P 163 24.15 -32.47 70.40
C VAL P 163 22.85 -32.16 69.67
N THR P 164 22.22 -31.06 70.05
CA THR P 164 20.98 -30.63 69.40
C THR P 164 21.29 -30.04 68.03
N GLU P 165 20.37 -30.23 67.10
CA GLU P 165 20.47 -29.63 65.78
C GLU P 165 20.39 -28.10 65.90
N GLN P 166 20.83 -27.43 64.85
CA GLN P 166 20.90 -25.97 64.88
C GLN P 166 19.50 -25.36 64.90
N ASP P 167 19.30 -24.41 65.81
CA ASP P 167 17.99 -23.79 65.98
C ASP P 167 17.66 -22.92 64.78
N SER P 168 16.40 -22.98 64.35
CA SER P 168 15.96 -22.20 63.20
C SER P 168 15.85 -20.72 63.52
N LYS P 169 15.61 -20.37 64.78
CA LYS P 169 15.36 -18.98 65.14
C LYS P 169 16.63 -18.18 65.41
N ASP P 170 17.59 -18.75 66.14
CA ASP P 170 18.80 -18.02 66.51
C ASP P 170 20.09 -18.72 66.11
N SER P 171 20.02 -19.90 65.51
CA SER P 171 21.20 -20.58 64.94
C SER P 171 22.25 -20.90 66.00
N THR P 172 21.79 -21.40 67.15
CA THR P 172 22.66 -21.85 68.23
C THR P 172 22.40 -23.33 68.49
N TYR P 173 23.34 -24.00 69.14
CA TYR P 173 23.18 -25.42 69.43
C TYR P 173 23.12 -25.63 70.94
N SER P 174 22.86 -26.88 71.32
CA SER P 174 22.80 -27.26 72.73
C SER P 174 23.38 -28.66 72.90
N LEU P 175 24.14 -28.86 73.99
CA LEU P 175 24.81 -30.12 74.27
C LEU P 175 24.54 -30.55 75.71
N SER P 176 24.45 -31.86 75.91
CA SER P 176 24.36 -32.44 77.25
C SER P 176 25.29 -33.64 77.34
N SER P 177 26.08 -33.69 78.41
CA SER P 177 26.91 -34.83 78.72
C SER P 177 26.41 -35.48 80.00
N THR P 178 26.33 -36.81 79.99
CA THR P 178 25.79 -37.57 81.13
C THR P 178 26.86 -38.55 81.60
N LEU P 179 27.31 -38.38 82.84
CA LEU P 179 28.28 -39.27 83.46
C LEU P 179 27.53 -40.31 84.28
N THR P 180 27.64 -41.57 83.89
CA THR P 180 26.90 -42.66 84.53
C THR P 180 27.81 -43.38 85.52
N LEU P 181 27.34 -43.48 86.76
CA LEU P 181 28.06 -44.19 87.82
C LEU P 181 27.09 -45.07 88.59
N SER P 182 27.64 -45.96 89.41
CA SER P 182 26.83 -46.81 90.27
C SER P 182 26.37 -46.05 91.51
N LYS P 183 25.46 -46.67 92.26
CA LYS P 183 25.01 -46.07 93.52
C LYS P 183 26.16 -45.95 94.52
N ALA P 184 26.98 -46.99 94.63
CA ALA P 184 28.13 -46.93 95.54
C ALA P 184 29.16 -45.90 95.07
N ASP P 185 29.31 -45.73 93.75
CA ASP P 185 30.25 -44.75 93.24
C ASP P 185 29.82 -43.33 93.57
N TYR P 186 28.50 -43.06 93.55
CA TYR P 186 28.04 -41.73 93.91
C TYR P 186 28.18 -41.48 95.42
N GLU P 187 28.03 -42.52 96.23
CA GLU P 187 28.16 -42.37 97.67
C GLU P 187 29.61 -42.22 98.12
N LYS P 188 30.56 -42.67 97.29
CA LYS P 188 31.97 -42.57 97.64
C LYS P 188 32.45 -41.12 97.59
N HIS P 189 32.13 -40.40 96.52
CA HIS P 189 32.68 -39.08 96.25
C HIS P 189 31.71 -37.99 96.70
N LYS P 190 32.23 -36.77 96.83
CA LYS P 190 31.43 -35.66 97.34
C LYS P 190 31.29 -34.50 96.37
N VAL P 191 32.35 -34.08 95.69
CA VAL P 191 32.31 -32.94 94.78
C VAL P 191 32.52 -33.45 93.36
N TYR P 192 31.56 -33.14 92.48
CA TYR P 192 31.64 -33.53 91.07
C TYR P 192 31.64 -32.27 90.23
N ALA P 193 32.51 -32.22 89.22
CA ALA P 193 32.71 -31.01 88.44
C ALA P 193 32.48 -31.27 86.96
N CYS P 194 32.09 -30.21 86.24
CA CYS P 194 31.93 -30.22 84.79
C CYS P 194 32.68 -29.01 84.25
N GLU P 195 33.84 -29.24 83.66
CA GLU P 195 34.66 -28.18 83.10
C GLU P 195 34.47 -28.12 81.60
N VAL P 196 34.07 -26.94 81.10
CA VAL P 196 33.81 -26.72 79.69
C VAL P 196 34.73 -25.63 79.17
N THR P 197 35.38 -25.88 78.04
CA THR P 197 36.23 -24.91 77.37
C THR P 197 35.65 -24.64 75.98
N HIS P 198 35.26 -23.39 75.74
CA HIS P 198 34.63 -23.00 74.50
C HIS P 198 35.23 -21.68 74.04
N GLN P 199 35.03 -21.36 72.76
CA GLN P 199 35.59 -20.13 72.21
C GLN P 199 34.97 -18.90 72.87
N GLY P 200 33.68 -18.95 73.16
CA GLY P 200 33.01 -17.84 73.81
C GLY P 200 33.28 -17.70 75.28
N LEU P 201 34.26 -18.42 75.81
CA LEU P 201 34.61 -18.36 77.23
C LEU P 201 36.03 -17.82 77.35
N SER P 202 36.19 -16.74 78.11
CA SER P 202 37.53 -16.21 78.35
C SER P 202 38.36 -17.19 79.18
N SER P 203 37.80 -17.66 80.29
CA SER P 203 38.40 -18.69 81.13
C SER P 203 37.48 -19.89 81.21
N PRO P 204 38.02 -21.10 81.35
CA PRO P 204 37.16 -22.30 81.43
C PRO P 204 36.20 -22.22 82.60
N VAL P 205 34.94 -22.58 82.34
CA VAL P 205 33.89 -22.55 83.34
C VAL P 205 33.76 -23.94 83.96
N THR P 206 33.71 -23.99 85.28
CA THR P 206 33.63 -25.25 86.01
C THR P 206 32.46 -25.16 86.99
N LYS P 207 31.36 -25.83 86.66
CA LYS P 207 30.20 -25.91 87.55
C LYS P 207 30.27 -27.20 88.38
N SER P 208 30.00 -27.08 89.67
CA SER P 208 30.15 -28.18 90.60
C SER P 208 29.02 -28.15 91.62
N PHE P 209 28.86 -29.29 92.30
CA PHE P 209 27.87 -29.40 93.38
C PHE P 209 28.43 -30.31 94.46
N ASN P 210 27.89 -30.17 95.66
CA ASN P 210 28.30 -30.97 96.80
C ASN P 210 27.22 -32.00 97.13
N ARG P 211 27.64 -33.23 97.41
CA ARG P 211 26.69 -34.32 97.64
C ARG P 211 25.86 -34.09 98.90
N GLY P 212 26.44 -33.45 99.93
CA GLY P 212 25.71 -33.21 101.15
C GLY P 212 24.77 -32.03 101.12
N GLU P 213 24.95 -31.11 100.18
CA GLU P 213 24.14 -29.91 100.10
C GLU P 213 23.03 -30.05 99.07
N GLU Q 1 -4.96 -28.66 50.58
CA GLU Q 1 -3.87 -29.07 51.44
C GLU Q 1 -3.77 -30.59 51.52
N VAL Q 2 -2.99 -31.17 50.61
CA VAL Q 2 -2.77 -32.61 50.61
C VAL Q 2 -2.21 -33.05 51.94
N GLN Q 3 -2.80 -34.10 52.51
CA GLN Q 3 -2.35 -34.69 53.76
C GLN Q 3 -2.05 -36.16 53.56
N LEU Q 4 -0.87 -36.59 54.02
CA LEU Q 4 -0.46 -37.99 53.97
C LEU Q 4 0.07 -38.37 55.35
N LEU Q 5 -0.38 -39.51 55.87
CA LEU Q 5 0.07 -40.00 57.16
C LEU Q 5 0.27 -41.50 57.09
N GLU Q 6 1.34 -41.97 57.72
CA GLU Q 6 1.68 -43.39 57.76
C GLU Q 6 1.23 -44.02 59.07
N SER Q 7 1.24 -45.35 59.09
CA SER Q 7 0.88 -46.12 60.27
C SER Q 7 1.33 -47.56 60.06
N GLY Q 8 1.53 -48.26 61.17
CA GLY Q 8 1.88 -49.66 61.15
C GLY Q 8 3.34 -49.99 61.38
N GLY Q 9 4.19 -48.98 61.55
CA GLY Q 9 5.60 -49.24 61.77
C GLY Q 9 5.89 -49.52 63.23
N GLY Q 10 6.83 -50.44 63.46
CA GLY Q 10 7.20 -50.79 64.82
C GLY Q 10 8.34 -51.78 64.82
N LEU Q 11 8.56 -52.39 65.98
CA LEU Q 11 9.62 -53.37 66.14
C LEU Q 11 9.19 -54.70 65.55
N VAL Q 12 9.99 -55.23 64.66
CA VAL Q 12 9.79 -56.55 64.07
C VAL Q 12 11.05 -57.37 64.30
N GLN Q 13 10.86 -58.67 64.48
CA GLN Q 13 12.00 -59.53 64.70
C GLN Q 13 12.67 -59.85 63.36
N PRO Q 14 13.99 -60.11 63.37
CA PRO Q 14 14.66 -60.42 62.10
C PRO Q 14 14.01 -61.61 61.41
N GLY Q 15 13.68 -61.43 60.14
CA GLY Q 15 12.90 -62.42 59.42
C GLY Q 15 11.44 -62.24 59.78
N GLY Q 16 10.59 -61.97 58.81
CA GLY Q 16 9.19 -61.79 59.10
C GLY Q 16 8.56 -60.81 58.15
N SER Q 17 7.38 -60.32 58.54
CA SER Q 17 6.61 -59.40 57.72
C SER Q 17 6.07 -58.26 58.56
N LEU Q 18 5.62 -57.21 57.86
CA LEU Q 18 5.00 -56.04 58.47
C LEU Q 18 4.30 -55.25 57.37
N ARG Q 19 3.10 -54.75 57.68
CA ARG Q 19 2.30 -53.99 56.73
C ARG Q 19 2.26 -52.53 57.12
N LEU Q 20 2.45 -51.65 56.14
CA LEU Q 20 2.40 -50.21 56.34
C LEU Q 20 1.23 -49.63 55.56
N SER Q 21 0.65 -48.54 56.09
CA SER Q 21 -0.47 -47.88 55.47
C SER Q 21 -0.18 -46.40 55.31
N CYS Q 22 -0.81 -45.78 54.31
CA CYS Q 22 -0.66 -44.35 54.05
C CYS Q 22 -2.03 -43.75 53.74
N ALA Q 23 -2.58 -42.99 54.67
CA ALA Q 23 -3.88 -42.36 54.47
C ALA Q 23 -3.72 -41.10 53.64
N ALA Q 24 -4.53 -40.97 52.59
CA ALA Q 24 -4.42 -39.86 51.64
C ALA Q 24 -5.67 -39.00 51.70
N SER Q 25 -5.47 -37.69 51.64
CA SER Q 25 -6.58 -36.73 51.59
C SER Q 25 -6.06 -35.44 50.99
N GLY Q 26 -7.00 -34.60 50.55
CA GLY Q 26 -6.68 -33.34 49.91
C GLY Q 26 -6.58 -33.41 48.39
N PHE Q 27 -6.54 -34.61 47.82
CA PHE Q 27 -6.48 -34.78 46.38
C PHE Q 27 -7.20 -36.07 46.01
N THR Q 28 -7.41 -36.25 44.71
CA THR Q 28 -7.99 -37.49 44.20
C THR Q 28 -6.89 -38.55 44.17
N PHE Q 29 -7.02 -39.56 45.05
CA PHE Q 29 -5.94 -40.53 45.26
C PHE Q 29 -5.61 -41.32 44.00
N SER Q 30 -6.60 -41.59 43.16
CA SER Q 30 -6.36 -42.38 41.96
C SER Q 30 -5.62 -41.60 40.88
N SER Q 31 -5.65 -40.27 40.92
CA SER Q 31 -5.17 -39.48 39.79
C SER Q 31 -3.65 -39.45 39.72
N TYR Q 32 -2.94 -39.57 40.84
CA TYR Q 32 -1.50 -39.44 40.84
C TYR Q 32 -0.91 -40.72 41.41
N ALA Q 33 0.25 -41.13 40.89
CA ALA Q 33 0.89 -42.34 41.37
C ALA Q 33 1.45 -42.13 42.77
N MET Q 34 1.70 -43.24 43.46
CA MET Q 34 2.21 -43.23 44.83
C MET Q 34 3.50 -44.04 44.93
N SER Q 35 4.33 -43.67 45.90
CA SER Q 35 5.62 -44.31 46.08
C SER Q 35 5.96 -44.38 47.55
N TRP Q 36 6.89 -45.28 47.88
CA TRP Q 36 7.49 -45.37 49.20
C TRP Q 36 8.97 -45.03 49.12
N VAL Q 37 9.49 -44.40 50.16
CA VAL Q 37 10.91 -44.05 50.26
C VAL Q 37 11.36 -44.26 51.70
N ARG Q 38 12.46 -44.98 51.89
CA ARG Q 38 13.00 -45.26 53.20
C ARG Q 38 14.30 -44.50 53.43
N GLN Q 39 14.62 -44.31 54.71
CA GLN Q 39 15.82 -43.57 55.09
C GLN Q 39 16.31 -44.12 56.42
N ALA Q 40 17.40 -44.88 56.40
CA ALA Q 40 18.03 -45.32 57.63
C ALA Q 40 18.61 -44.11 58.37
N PRO Q 41 18.71 -44.19 59.70
CA PRO Q 41 19.24 -43.06 60.46
C PRO Q 41 20.68 -42.75 60.07
N GLY Q 42 20.97 -41.48 59.86
CA GLY Q 42 22.29 -41.08 59.40
C GLY Q 42 22.61 -41.51 57.99
N LYS Q 43 21.60 -41.80 57.18
CA LYS Q 43 21.78 -42.24 55.80
C LYS Q 43 20.94 -41.36 54.87
N GLY Q 44 21.17 -41.52 53.57
CA GLY Q 44 20.40 -40.80 52.58
C GLY Q 44 19.07 -41.46 52.30
N LEU Q 45 18.29 -40.80 51.45
CA LEU Q 45 16.98 -41.33 51.06
C LEU Q 45 17.15 -42.37 49.96
N GLU Q 46 16.32 -43.42 50.02
CA GLU Q 46 16.41 -44.54 49.10
C GLU Q 46 15.02 -44.90 48.61
N TRP Q 47 14.86 -44.96 47.29
CA TRP Q 47 13.61 -45.41 46.71
C TRP Q 47 13.44 -46.92 46.91
N VAL Q 48 12.21 -47.34 47.21
CA VAL Q 48 11.95 -48.74 47.49
C VAL Q 48 10.84 -49.30 46.60
N SER Q 49 9.72 -48.59 46.49
CA SER Q 49 8.60 -49.10 45.72
C SER Q 49 7.80 -47.94 45.13
N ALA Q 50 6.99 -48.28 44.13
CA ALA Q 50 6.10 -47.33 43.47
C ALA Q 50 5.01 -48.11 42.75
N ILE Q 51 3.81 -47.54 42.71
CA ILE Q 51 2.66 -48.16 42.08
C ILE Q 51 1.93 -47.13 41.22
N SER Q 52 1.36 -47.59 40.11
CA SER Q 52 0.63 -46.72 39.21
C SER Q 52 -0.69 -46.27 39.84
N GLY Q 53 -1.34 -45.31 39.17
CA GLY Q 53 -2.57 -44.77 39.70
C GLY Q 53 -3.67 -45.81 39.83
N SER Q 54 -3.93 -46.55 38.74
CA SER Q 54 -4.92 -47.62 38.80
C SER Q 54 -4.41 -48.81 39.59
N GLY Q 55 -3.09 -48.99 39.66
CA GLY Q 55 -2.49 -50.14 40.30
C GLY Q 55 -2.16 -51.30 39.40
N GLY Q 56 -2.40 -51.16 38.08
CA GLY Q 56 -2.12 -52.24 37.16
C GLY Q 56 -0.66 -52.61 37.04
N SER Q 57 0.24 -51.70 37.39
CA SER Q 57 1.67 -51.93 37.30
C SER Q 57 2.34 -51.49 38.59
N THR Q 58 3.18 -52.35 39.14
CA THR Q 58 3.94 -52.06 40.35
C THR Q 58 5.43 -52.03 40.04
N TYR Q 59 6.16 -51.19 40.77
CA TYR Q 59 7.59 -51.00 40.53
C TYR Q 59 8.33 -51.20 41.84
N TYR Q 60 9.43 -51.95 41.79
CA TYR Q 60 10.19 -52.31 42.98
C TYR Q 60 11.67 -52.11 42.71
N ALA Q 61 12.39 -51.65 43.74
CA ALA Q 61 13.84 -51.61 43.65
C ALA Q 61 14.40 -53.03 43.75
N ASP Q 62 15.63 -53.21 43.27
CA ASP Q 62 16.24 -54.53 43.25
C ASP Q 62 16.55 -55.05 44.65
N SER Q 63 16.77 -54.14 45.61
CA SER Q 63 17.11 -54.58 46.96
C SER Q 63 15.91 -55.23 47.65
N VAL Q 64 14.72 -54.65 47.47
CA VAL Q 64 13.50 -55.17 48.07
C VAL Q 64 12.72 -56.04 47.10
N LYS Q 65 13.27 -56.31 45.93
CA LYS Q 65 12.58 -57.12 44.92
C LYS Q 65 12.36 -58.53 45.43
N GLY Q 66 11.16 -59.06 45.19
CA GLY Q 66 10.80 -60.37 45.64
C GLY Q 66 10.50 -60.49 47.13
N ARG Q 67 10.56 -59.39 47.86
CA ARG Q 67 10.24 -59.40 49.29
C ARG Q 67 9.15 -58.40 49.66
N PHE Q 68 9.18 -57.19 49.12
CA PHE Q 68 8.15 -56.21 49.41
C PHE Q 68 7.12 -56.22 48.28
N THR Q 69 5.86 -55.96 48.65
CA THR Q 69 4.78 -55.84 47.69
C THR Q 69 4.02 -54.56 47.98
N ILE Q 70 3.92 -53.68 46.98
CA ILE Q 70 3.22 -52.41 47.09
C ILE Q 70 1.81 -52.58 46.52
N SER Q 71 0.84 -51.94 47.17
CA SER Q 71 -0.55 -52.05 46.74
C SER Q 71 -1.31 -50.84 47.24
N ARG Q 72 -2.43 -50.56 46.58
CA ARG Q 72 -3.30 -49.43 46.93
C ARG Q 72 -4.75 -49.87 46.87
N ASP Q 73 -5.57 -49.24 47.71
CA ASP Q 73 -7.02 -49.34 47.62
C ASP Q 73 -7.57 -47.97 47.23
N ASN Q 74 -8.37 -47.95 46.18
CA ASN Q 74 -8.87 -46.69 45.63
C ASN Q 74 -10.14 -46.21 46.31
N SER Q 75 -10.98 -47.13 46.81
CA SER Q 75 -12.17 -46.71 47.53
C SER Q 75 -11.84 -46.17 48.91
N LYS Q 76 -10.79 -46.70 49.54
CA LYS Q 76 -10.37 -46.25 50.86
C LYS Q 76 -9.31 -45.16 50.81
N ASN Q 77 -8.76 -44.89 49.63
CA ASN Q 77 -7.72 -43.87 49.44
C ASN Q 77 -6.53 -44.10 50.37
N THR Q 78 -5.91 -45.28 50.23
CA THR Q 78 -4.83 -45.64 51.12
C THR Q 78 -3.81 -46.49 50.37
N LEU Q 79 -2.53 -46.20 50.58
CA LEU Q 79 -1.42 -46.95 50.00
C LEU Q 79 -0.85 -47.92 51.03
N TYR Q 80 -0.60 -49.16 50.59
CA TYR Q 80 -0.11 -50.19 51.50
C TYR Q 80 1.25 -50.68 51.01
N LEU Q 81 2.11 -51.04 51.96
CA LEU Q 81 3.40 -51.67 51.65
C LEU Q 81 3.55 -52.91 52.52
N GLN Q 82 3.38 -54.09 51.91
CA GLN Q 82 3.55 -55.35 52.61
C GLN Q 82 5.02 -55.77 52.49
N MET Q 83 5.72 -55.75 53.62
CA MET Q 83 7.15 -56.03 53.68
C MET Q 83 7.35 -57.45 54.18
N ASN Q 84 8.11 -58.26 53.43
CA ASN Q 84 8.35 -59.65 53.80
C ASN Q 84 9.84 -59.92 53.92
N SER Q 85 10.16 -60.94 54.70
CA SER Q 85 11.54 -61.39 54.91
C SER Q 85 12.44 -60.23 55.32
N LEU Q 86 12.00 -59.50 56.35
CA LEU Q 86 12.71 -58.30 56.77
C LEU Q 86 14.07 -58.63 57.35
N ARG Q 87 15.03 -57.75 57.10
CA ARG Q 87 16.40 -57.89 57.57
C ARG Q 87 16.79 -56.67 58.39
N ALA Q 88 17.91 -56.79 59.09
CA ALA Q 88 18.38 -55.69 59.94
C ALA Q 88 18.65 -54.42 59.14
N GLU Q 89 19.05 -54.56 57.86
CA GLU Q 89 19.25 -53.38 57.03
C GLU Q 89 17.96 -52.59 56.85
N ASP Q 90 16.81 -53.26 56.84
CA ASP Q 90 15.54 -52.61 56.53
C ASP Q 90 15.11 -51.61 57.59
N THR Q 91 15.81 -51.54 58.72
CA THR Q 91 15.48 -50.56 59.75
C THR Q 91 15.63 -49.15 59.20
N ALA Q 92 14.50 -48.45 59.08
CA ALA Q 92 14.48 -47.10 58.53
C ALA Q 92 13.07 -46.54 58.72
N VAL Q 93 12.98 -45.22 58.64
CA VAL Q 93 11.68 -44.55 58.62
C VAL Q 93 11.23 -44.42 57.17
N TYR Q 94 10.08 -45.01 56.85
CA TYR Q 94 9.59 -45.08 55.48
C TYR Q 94 8.52 -44.01 55.29
N TYR Q 95 8.62 -43.26 54.19
CA TYR Q 95 7.66 -42.19 53.92
C TYR Q 95 6.88 -42.56 52.66
N CYS Q 96 5.59 -42.27 52.66
CA CYS Q 96 4.79 -42.41 51.46
C CYS Q 96 4.72 -41.07 50.73
N ALA Q 97 5.04 -41.07 49.44
CA ALA Q 97 5.19 -39.84 48.68
C ALA Q 97 4.38 -39.92 47.40
N LYS Q 98 3.49 -38.95 47.20
CA LYS Q 98 2.75 -38.83 45.95
C LYS Q 98 3.68 -38.40 44.82
N SER Q 99 3.33 -38.83 43.60
CA SER Q 99 4.15 -38.59 42.42
C SER Q 99 3.31 -37.94 41.31
N TYR Q 100 3.80 -36.83 40.77
CA TYR Q 100 3.17 -36.22 39.60
C TYR Q 100 3.80 -36.80 38.32
N ASN Q 101 3.83 -38.13 38.24
CA ASN Q 101 4.61 -38.90 37.25
C ASN Q 101 6.08 -38.49 37.23
N HIS Q 102 6.54 -37.79 36.17
CA HIS Q 102 7.95 -37.41 36.14
C HIS Q 102 8.29 -36.64 37.42
N PRO Q 103 7.78 -35.41 37.66
CA PRO Q 103 8.10 -34.77 38.95
C PRO Q 103 7.64 -35.63 40.11
N MET Q 104 8.46 -36.62 40.45
CA MET Q 104 8.16 -37.58 41.49
C MET Q 104 8.27 -36.94 42.87
N PHE Q 105 7.75 -37.66 43.87
CA PHE Q 105 7.91 -37.31 45.28
C PHE Q 105 7.45 -35.89 45.57
N ASP Q 106 6.29 -35.53 45.01
CA ASP Q 106 5.84 -34.14 45.12
C ASP Q 106 5.49 -33.77 46.56
N TYR Q 107 4.80 -34.67 47.30
CA TYR Q 107 4.58 -34.43 48.71
C TYR Q 107 5.00 -35.65 49.51
N TRP Q 108 5.35 -35.43 50.78
CA TRP Q 108 5.96 -36.43 51.64
C TRP Q 108 5.20 -36.52 52.96
N GLY Q 109 4.86 -37.75 53.36
CA GLY Q 109 4.35 -37.96 54.70
C GLY Q 109 5.45 -37.94 55.74
N GLN Q 110 5.05 -37.76 57.00
CA GLN Q 110 6.04 -37.69 58.08
C GLN Q 110 6.79 -39.00 58.24
N GLY Q 111 6.18 -40.11 57.88
CA GLY Q 111 6.89 -41.39 57.90
C GLY Q 111 6.75 -42.13 59.21
N THR Q 112 6.72 -43.45 59.10
CA THR Q 112 6.67 -44.35 60.24
C THR Q 112 7.96 -45.15 60.32
N LEU Q 113 8.39 -45.46 61.54
CA LEU Q 113 9.67 -46.10 61.79
C LEU Q 113 9.49 -47.60 61.93
N VAL Q 114 10.32 -48.37 61.23
CA VAL Q 114 10.31 -49.83 61.29
C VAL Q 114 11.65 -50.28 61.86
N THR Q 115 11.60 -50.96 63.01
CA THR Q 115 12.79 -51.49 63.67
C THR Q 115 12.86 -52.99 63.46
N VAL Q 116 13.97 -53.47 62.89
CA VAL Q 116 14.16 -54.89 62.69
C VAL Q 116 15.24 -55.37 63.66
N SER Q 117 14.83 -55.80 64.85
CA SER Q 117 15.78 -56.22 65.88
C SER Q 117 15.19 -57.41 66.65
N SER Q 118 16.10 -58.22 67.21
CA SER Q 118 15.70 -59.35 68.04
C SER Q 118 15.47 -58.96 69.49
N ALA Q 119 16.02 -57.83 69.94
CA ALA Q 119 15.84 -57.39 71.31
C ALA Q 119 14.36 -57.08 71.58
N SER Q 120 13.99 -57.16 72.86
CA SER Q 120 12.62 -56.97 73.28
C SER Q 120 12.32 -55.49 73.52
N THR Q 121 11.06 -55.13 73.33
CA THR Q 121 10.61 -53.76 73.61
C THR Q 121 10.64 -53.50 75.12
N LYS Q 122 11.31 -52.42 75.52
CA LYS Q 122 11.38 -52.02 76.92
C LYS Q 122 10.81 -50.62 77.10
N GLY Q 123 10.06 -50.42 78.17
CA GLY Q 123 9.49 -49.14 78.50
C GLY Q 123 10.50 -48.21 79.14
N PRO Q 124 10.34 -46.90 78.93
CA PRO Q 124 11.29 -45.94 79.48
C PRO Q 124 11.10 -45.72 80.96
N SER Q 125 12.21 -45.37 81.62
CA SER Q 125 12.22 -44.96 83.02
C SER Q 125 12.54 -43.48 83.08
N VAL Q 126 11.58 -42.69 83.54
CA VAL Q 126 11.68 -41.24 83.57
C VAL Q 126 12.18 -40.80 84.93
N PHE Q 127 13.38 -40.20 84.97
CA PHE Q 127 13.92 -39.70 86.21
C PHE Q 127 13.94 -38.18 86.19
N PRO Q 128 13.61 -37.53 87.30
CA PRO Q 128 13.54 -36.05 87.32
C PRO Q 128 14.93 -35.43 87.36
N LEU Q 129 15.15 -34.44 86.51
CA LEU Q 129 16.38 -33.64 86.53
C LEU Q 129 16.01 -32.28 87.09
N ALA Q 130 15.83 -32.24 88.40
CA ALA Q 130 15.32 -31.07 89.11
C ALA Q 130 16.42 -30.02 89.28
N PRO Q 131 16.02 -28.75 89.42
CA PRO Q 131 17.00 -27.71 89.80
C PRO Q 131 17.59 -28.01 91.18
N SER Q 132 18.58 -27.21 91.55
CA SER Q 132 19.47 -27.51 92.68
C SER Q 132 18.75 -28.00 93.93
N GLY Q 139 18.25 -15.16 88.42
CA GLY Q 139 19.03 -15.80 87.37
C GLY Q 139 18.19 -16.65 86.44
N THR Q 140 18.83 -17.62 85.79
CA THR Q 140 18.17 -18.57 84.90
C THR Q 140 18.36 -19.97 85.45
N ALA Q 141 17.26 -20.68 85.65
CA ALA Q 141 17.29 -22.07 86.08
C ALA Q 141 16.96 -23.00 84.91
N ALA Q 142 17.32 -24.28 85.08
CA ALA Q 142 17.04 -25.31 84.09
C ALA Q 142 16.34 -26.47 84.76
N LEU Q 143 15.18 -26.85 84.23
CA LEU Q 143 14.43 -28.00 84.69
C LEU Q 143 14.41 -29.04 83.58
N GLY Q 144 14.52 -30.31 83.96
CA GLY Q 144 14.60 -31.34 82.94
C GLY Q 144 14.14 -32.69 83.47
N CYS Q 145 14.13 -33.66 82.57
CA CYS Q 145 13.79 -35.04 82.89
C CYS Q 145 14.63 -35.97 82.02
N LEU Q 146 14.92 -37.15 82.57
CA LEU Q 146 15.78 -38.14 81.91
C LEU Q 146 14.93 -39.33 81.49
N VAL Q 147 14.67 -39.44 80.19
CA VAL Q 147 14.01 -40.61 79.63
C VAL Q 147 15.11 -41.63 79.33
N LYS Q 148 15.18 -42.69 80.12
CA LYS Q 148 16.31 -43.61 80.12
C LYS Q 148 15.81 -45.04 80.03
N ASP Q 149 16.62 -45.88 79.36
CA ASP Q 149 16.44 -47.34 79.31
C ASP Q 149 15.14 -47.72 78.59
N TYR Q 150 15.04 -47.28 77.34
CA TYR Q 150 13.88 -47.59 76.51
C TYR Q 150 14.37 -48.13 75.16
N PHE Q 151 13.55 -48.99 74.58
CA PHE Q 151 13.84 -49.58 73.29
C PHE Q 151 12.56 -50.13 72.68
N PRO Q 152 12.30 -49.84 71.40
CA PRO Q 152 13.09 -48.98 70.53
C PRO Q 152 12.62 -47.53 70.60
N GLU Q 153 13.32 -46.62 69.91
CA GLU Q 153 12.83 -45.26 69.75
C GLU Q 153 11.61 -45.26 68.84
N PRO Q 154 10.81 -44.17 68.83
CA PRO Q 154 11.00 -42.85 69.46
C PRO Q 154 10.32 -42.63 70.80
N VAL Q 155 10.58 -41.46 71.37
CA VAL Q 155 9.88 -40.95 72.56
C VAL Q 155 9.55 -39.48 72.32
N THR Q 156 8.28 -39.12 72.53
CA THR Q 156 7.84 -37.75 72.42
C THR Q 156 7.84 -37.11 73.81
N VAL Q 157 8.48 -35.95 73.92
CA VAL Q 157 8.55 -35.24 75.19
C VAL Q 157 8.02 -33.83 74.99
N SER Q 158 7.03 -33.46 75.80
CA SER Q 158 6.50 -32.10 75.83
C SER Q 158 6.39 -31.65 77.29
N TRP Q 159 6.18 -30.35 77.46
CA TRP Q 159 6.14 -29.75 78.80
C TRP Q 159 4.81 -29.04 78.98
N ASN Q 160 4.14 -29.34 80.10
CA ASN Q 160 2.85 -28.75 80.44
C ASN Q 160 1.80 -28.98 79.35
N SER Q 161 1.75 -30.23 78.87
CA SER Q 161 0.79 -30.65 77.85
C SER Q 161 0.90 -29.79 76.59
N GLY Q 162 2.13 -29.43 76.23
CA GLY Q 162 2.38 -28.63 75.04
C GLY Q 162 2.26 -27.13 75.23
N ALA Q 163 1.81 -26.67 76.40
CA ALA Q 163 1.70 -25.24 76.63
C ALA Q 163 3.05 -24.57 76.80
N LEU Q 164 4.08 -25.32 77.18
CA LEU Q 164 5.42 -24.79 77.42
C LEU Q 164 6.32 -25.22 76.27
N THR Q 165 6.55 -24.31 75.32
CA THR Q 165 7.45 -24.55 74.20
C THR Q 165 8.57 -23.52 74.15
N SER Q 166 8.74 -22.71 75.19
CA SER Q 166 9.76 -21.68 75.22
C SER Q 166 11.03 -22.22 75.87
N GLY Q 167 12.13 -22.17 75.14
CA GLY Q 167 13.40 -22.64 75.67
C GLY Q 167 13.45 -24.12 75.98
N VAL Q 168 12.61 -24.92 75.34
CA VAL Q 168 12.57 -26.36 75.57
C VAL Q 168 13.50 -27.04 74.59
N HIS Q 169 14.48 -27.78 75.12
CA HIS Q 169 15.46 -28.50 74.31
C HIS Q 169 15.34 -29.99 74.62
N THR Q 170 14.84 -30.76 73.66
CA THR Q 170 14.74 -32.21 73.78
C THR Q 170 15.85 -32.82 72.94
N PHE Q 171 16.82 -33.47 73.58
CA PHE Q 171 17.98 -33.85 72.81
C PHE Q 171 17.77 -35.20 72.11
N PRO Q 172 18.52 -35.45 71.04
CA PRO Q 172 18.38 -36.74 70.33
C PRO Q 172 18.74 -37.91 71.22
N ALA Q 173 18.12 -39.05 70.94
CA ALA Q 173 18.39 -40.28 71.66
C ALA Q 173 19.81 -40.76 71.38
N VAL Q 174 20.56 -41.08 72.43
CA VAL Q 174 21.89 -41.67 72.32
C VAL Q 174 21.83 -43.10 72.83
N LEU Q 175 22.32 -44.03 72.02
CA LEU Q 175 22.31 -45.45 72.37
C LEU Q 175 23.47 -45.71 73.34
N GLN Q 176 23.15 -46.05 74.58
CA GLN Q 176 24.17 -46.32 75.57
C GLN Q 176 24.59 -47.79 75.52
N SER Q 177 25.68 -48.10 76.22
CA SER Q 177 26.36 -49.38 76.03
C SER Q 177 25.46 -50.57 76.36
N SER Q 178 24.46 -50.39 77.21
CA SER Q 178 23.55 -51.47 77.56
C SER Q 178 22.69 -51.94 76.40
N GLY Q 179 22.65 -51.19 75.30
CA GLY Q 179 21.75 -51.50 74.20
C GLY Q 179 20.41 -50.82 74.26
N LEU Q 180 20.26 -49.83 75.15
CA LEU Q 180 19.01 -49.11 75.32
C LEU Q 180 19.24 -47.63 75.04
N TYR Q 181 18.25 -46.98 74.44
CA TYR Q 181 18.38 -45.56 74.17
C TYR Q 181 18.13 -44.76 75.44
N SER Q 182 18.56 -43.50 75.42
CA SER Q 182 18.33 -42.60 76.54
C SER Q 182 18.52 -41.17 76.08
N LEU Q 183 17.54 -40.32 76.35
CA LEU Q 183 17.62 -38.90 76.04
C LEU Q 183 17.24 -38.10 77.27
N SER Q 184 17.54 -36.80 77.22
CA SER Q 184 17.16 -35.88 78.28
C SER Q 184 16.61 -34.61 77.64
N SER Q 185 15.47 -34.15 78.16
CA SER Q 185 14.82 -32.94 77.67
C SER Q 185 14.76 -31.92 78.80
N VAL Q 186 15.19 -30.69 78.49
CA VAL Q 186 15.31 -29.64 79.49
C VAL Q 186 14.55 -28.40 79.02
N VAL Q 187 14.18 -27.56 79.99
CA VAL Q 187 13.51 -26.30 79.73
C VAL Q 187 14.22 -25.22 80.51
N THR Q 188 14.48 -24.09 79.86
CA THR Q 188 15.19 -22.97 80.46
C THR Q 188 14.20 -21.84 80.74
N VAL Q 189 14.03 -21.53 82.01
CA VAL Q 189 13.08 -20.50 82.47
C VAL Q 189 13.79 -19.63 83.49
N PRO Q 190 13.26 -18.44 83.76
CA PRO Q 190 13.87 -17.61 84.81
C PRO Q 190 13.94 -18.37 86.12
N SER Q 191 14.99 -18.08 86.91
CA SER Q 191 15.26 -18.85 88.11
C SER Q 191 14.13 -18.78 89.12
N SER Q 192 13.34 -17.70 89.10
CA SER Q 192 12.39 -17.47 90.16
C SER Q 192 10.95 -17.71 89.73
N SER Q 193 10.72 -18.11 88.47
CA SER Q 193 9.43 -18.65 88.07
C SER Q 193 9.21 -20.06 88.59
N LEU Q 194 10.25 -20.66 89.20
CA LEU Q 194 10.15 -22.02 89.71
C LEU Q 194 9.12 -22.14 90.83
N GLY Q 195 8.87 -21.04 91.54
CA GLY Q 195 7.93 -21.04 92.64
C GLY Q 195 6.50 -20.72 92.30
N THR Q 196 6.17 -20.59 91.01
CA THR Q 196 4.79 -20.25 90.63
C THR Q 196 4.22 -21.20 89.59
N GLN Q 197 4.56 -21.04 88.31
CA GLN Q 197 4.12 -22.03 87.35
C GLN Q 197 4.65 -23.40 87.77
N THR Q 198 4.04 -24.44 87.22
CA THR Q 198 4.35 -25.80 87.58
C THR Q 198 4.67 -26.55 86.30
N TYR Q 199 5.81 -27.20 86.25
CA TYR Q 199 6.35 -27.70 84.99
C TYR Q 199 6.18 -29.20 84.99
N ILE Q 200 5.35 -29.69 84.08
CA ILE Q 200 5.02 -31.10 83.99
C ILE Q 200 5.72 -31.63 82.75
N CYS Q 201 6.27 -32.83 82.84
CA CYS Q 201 6.94 -33.46 81.71
C CYS Q 201 6.00 -34.52 81.13
N ASN Q 202 5.82 -34.48 79.82
CA ASN Q 202 4.91 -35.39 79.13
C ASN Q 202 5.73 -36.29 78.24
N VAL Q 203 5.88 -37.54 78.66
CA VAL Q 203 6.71 -38.52 77.97
C VAL Q 203 5.80 -39.59 77.37
N ASN Q 204 6.00 -39.88 76.09
CA ASN Q 204 5.23 -40.89 75.39
C ASN Q 204 6.18 -41.86 74.72
N HIS Q 205 5.96 -43.16 74.95
CA HIS Q 205 6.70 -44.23 74.30
C HIS Q 205 5.67 -45.24 73.79
N LYS Q 206 5.28 -45.08 72.53
CA LYS Q 206 4.23 -45.90 71.92
C LYS Q 206 4.59 -47.37 71.80
N PRO Q 207 5.84 -47.75 71.42
CA PRO Q 207 6.16 -49.17 71.33
C PRO Q 207 5.89 -49.96 72.60
N SER Q 208 6.07 -49.34 73.77
CA SER Q 208 5.67 -49.96 75.02
C SER Q 208 4.32 -49.45 75.52
N ASN Q 209 3.75 -48.44 74.84
CA ASN Q 209 2.46 -47.86 75.22
C ASN Q 209 2.46 -47.44 76.68
N THR Q 210 3.50 -46.69 77.05
CA THR Q 210 3.65 -46.17 78.42
C THR Q 210 3.73 -44.65 78.35
N LYS Q 211 2.80 -43.98 79.02
CA LYS Q 211 2.77 -42.53 79.09
C LYS Q 211 2.95 -42.11 80.54
N VAL Q 212 4.03 -41.39 80.83
CA VAL Q 212 4.36 -40.98 82.19
C VAL Q 212 4.44 -39.46 82.22
N ASP Q 213 3.77 -38.87 83.19
CA ASP Q 213 3.79 -37.42 83.41
C ASP Q 213 4.36 -37.16 84.80
N LYS Q 214 5.51 -36.50 84.86
CA LYS Q 214 6.19 -36.23 86.12
C LYS Q 214 6.44 -34.74 86.29
N LYS Q 215 6.14 -34.24 87.49
CA LYS Q 215 6.40 -32.86 87.86
C LYS Q 215 7.88 -32.66 88.14
N VAL Q 216 8.32 -31.41 88.02
CA VAL Q 216 9.73 -31.08 88.29
C VAL Q 216 9.80 -30.01 89.37
N ARG R 7 13.88 -49.72 32.77
CA ARG R 7 14.99 -48.80 32.96
C ARG R 7 14.70 -47.36 32.51
N PRO R 8 14.05 -47.17 31.33
CA PRO R 8 13.57 -45.82 31.03
C PRO R 8 12.17 -45.56 31.53
N TRP R 9 12.04 -44.65 32.48
CA TRP R 9 10.72 -44.25 32.98
C TRP R 9 10.16 -43.22 32.00
N ASN R 10 9.30 -43.65 31.10
CA ASN R 10 8.72 -42.76 30.08
C ASN R 10 7.20 -42.67 30.24
N PRO R 11 6.71 -42.13 31.35
CA PRO R 11 5.27 -41.97 31.51
C PRO R 11 4.74 -40.97 30.51
N PRO R 12 3.80 -41.36 29.65
CA PRO R 12 3.27 -40.43 28.66
C PRO R 12 2.65 -39.20 29.32
N THR R 13 2.62 -38.11 28.57
CA THR R 13 1.94 -36.90 29.00
C THR R 13 0.57 -36.84 28.34
N PHE R 14 -0.39 -36.27 29.07
CA PHE R 14 -1.79 -36.33 28.66
C PHE R 14 -2.42 -34.96 28.92
N SER R 15 -2.56 -34.17 27.86
CA SER R 15 -2.98 -32.79 27.95
C SER R 15 -4.19 -32.54 27.06
N PRO R 16 -5.03 -31.56 27.41
CA PRO R 16 -4.98 -30.70 28.61
C PRO R 16 -5.55 -31.37 29.86
N ALA R 17 -5.42 -30.71 31.01
CA ALA R 17 -5.91 -31.28 32.26
C ALA R 17 -7.43 -31.26 32.33
N LEU R 18 -8.04 -30.18 31.84
CA LEU R 18 -9.49 -30.03 31.87
C LEU R 18 -9.99 -29.57 30.51
N LEU R 19 -11.12 -30.12 30.07
CA LEU R 19 -11.69 -29.80 28.76
C LEU R 19 -13.17 -29.53 28.91
N VAL R 20 -13.62 -28.37 28.43
CA VAL R 20 -15.02 -28.03 28.37
C VAL R 20 -15.43 -27.97 26.90
N VAL R 21 -16.42 -28.79 26.53
CA VAL R 21 -16.96 -28.79 25.18
C VAL R 21 -18.48 -28.87 25.27
N THR R 22 -19.15 -28.24 24.32
CA THR R 22 -20.60 -28.29 24.24
C THR R 22 -21.03 -29.63 23.65
N GLU R 23 -22.20 -30.10 24.07
CA GLU R 23 -22.67 -31.43 23.66
C GLU R 23 -22.84 -31.49 22.15
N GLY R 24 -22.34 -32.57 21.55
CA GLY R 24 -22.36 -32.76 20.11
C GLY R 24 -21.08 -32.38 19.40
N ASP R 25 -20.20 -31.64 20.05
CA ASP R 25 -18.95 -31.20 19.45
C ASP R 25 -17.85 -32.23 19.69
N ASN R 26 -16.92 -32.34 18.74
CA ASN R 26 -15.79 -33.25 18.95
C ASN R 26 -14.89 -32.73 20.05
N ALA R 27 -14.45 -33.64 20.92
CA ALA R 27 -13.45 -33.35 21.94
C ALA R 27 -12.24 -34.23 21.68
N THR R 28 -11.06 -33.60 21.65
CA THR R 28 -9.82 -34.29 21.32
C THR R 28 -8.78 -34.00 22.39
N PHE R 29 -8.08 -35.04 22.84
CA PHE R 29 -6.99 -34.85 23.78
C PHE R 29 -5.69 -35.16 23.04
N THR R 30 -4.57 -35.00 23.73
CA THR R 30 -3.25 -35.29 23.16
C THR R 30 -2.46 -36.16 24.13
N CYS R 31 -2.17 -37.38 23.73
CA CYS R 31 -1.33 -38.30 24.49
C CYS R 31 0.00 -38.44 23.78
N SER R 32 1.07 -38.00 24.44
CA SER R 32 2.41 -37.98 23.86
C SER R 32 3.30 -38.97 24.59
N PHE R 33 3.91 -39.88 23.84
CA PHE R 33 4.78 -40.92 24.38
C PHE R 33 6.03 -41.01 23.53
N SER R 34 7.19 -40.81 24.16
CA SER R 34 8.49 -40.94 23.50
C SER R 34 8.94 -42.38 23.63
N ASN R 35 8.80 -43.15 22.55
CA ASN R 35 9.14 -44.56 22.58
C ASN R 35 10.65 -44.78 22.66
N THR R 36 11.02 -45.91 23.25
CA THR R 36 12.36 -46.46 23.17
C THR R 36 12.48 -47.59 22.17
N SER R 37 11.38 -48.30 21.90
CA SER R 37 11.31 -49.34 20.89
C SER R 37 10.03 -49.12 20.08
N GLU R 38 9.92 -49.82 18.96
CA GLU R 38 8.72 -49.75 18.14
C GLU R 38 7.68 -50.78 18.56
N SER R 39 8.01 -51.66 19.50
CA SER R 39 7.06 -52.62 20.06
C SER R 39 6.38 -51.98 21.26
N PHE R 40 5.33 -51.21 20.97
CA PHE R 40 4.63 -50.48 22.01
C PHE R 40 3.21 -50.19 21.53
N VAL R 41 2.28 -50.10 22.48
CA VAL R 41 0.90 -49.73 22.20
C VAL R 41 0.49 -48.61 23.14
N LEU R 42 -0.44 -47.78 22.69
CA LEU R 42 -1.05 -46.76 23.52
C LEU R 42 -2.53 -47.07 23.68
N ASN R 43 -3.02 -47.02 24.90
CA ASN R 43 -4.41 -47.32 25.20
C ASN R 43 -5.13 -46.06 25.69
N TRP R 44 -6.45 -46.08 25.52
CA TRP R 44 -7.29 -44.91 25.77
C TRP R 44 -8.35 -45.32 26.80
N TYR R 45 -8.25 -44.76 28.01
CA TYR R 45 -8.96 -45.27 29.18
C TYR R 45 -9.91 -44.23 29.78
N ARG R 46 -11.04 -44.71 30.27
CA ARG R 46 -11.98 -43.97 31.11
C ARG R 46 -12.25 -44.75 32.39
N MET R 47 -12.52 -44.03 33.48
CA MET R 47 -12.77 -44.62 34.78
C MET R 47 -14.23 -45.09 34.88
N SER R 48 -14.44 -46.39 34.71
CA SER R 48 -15.76 -46.99 34.72
C SER R 48 -16.36 -46.95 36.14
N PRO R 49 -17.66 -47.23 36.27
CA PRO R 49 -18.23 -47.43 37.62
C PRO R 49 -17.59 -48.57 38.39
N SER R 50 -16.97 -49.53 37.70
CA SER R 50 -16.19 -50.59 38.33
C SER R 50 -14.89 -50.09 38.94
N ASN R 51 -14.63 -48.78 38.90
CA ASN R 51 -13.39 -48.19 39.39
C ASN R 51 -12.22 -48.85 38.67
N GLN R 52 -12.33 -48.91 37.34
CA GLN R 52 -11.36 -49.63 36.53
C GLN R 52 -11.22 -48.91 35.19
N THR R 53 -10.01 -48.98 34.63
CA THR R 53 -9.69 -48.36 33.36
C THR R 53 -10.35 -49.11 32.20
N ASP R 54 -11.37 -48.51 31.60
CA ASP R 54 -12.06 -49.12 30.46
C ASP R 54 -11.36 -48.68 29.20
N LYS R 55 -10.85 -49.64 28.43
CA LYS R 55 -10.09 -49.34 27.22
C LYS R 55 -11.05 -48.81 26.16
N LEU R 56 -11.03 -47.50 25.97
CA LEU R 56 -11.93 -46.86 25.02
C LEU R 56 -11.48 -47.11 23.59
N ALA R 57 -10.18 -46.98 23.34
CA ALA R 57 -9.57 -47.26 22.05
C ALA R 57 -8.11 -47.58 22.28
N ALA R 58 -7.44 -47.99 21.20
CA ALA R 58 -6.04 -48.38 21.30
C ALA R 58 -5.44 -48.41 19.91
N PHE R 59 -4.15 -48.12 19.83
CA PHE R 59 -3.46 -48.22 18.55
C PHE R 59 -2.04 -48.75 18.74
N PRO R 60 -1.69 -49.89 18.09
CA PRO R 60 -2.49 -50.66 17.10
C PRO R 60 -3.84 -51.20 17.59
N GLU R 61 -4.80 -51.22 16.67
CA GLU R 61 -6.17 -51.63 16.96
C GLU R 61 -6.23 -53.05 17.49
N ASP R 69 -16.82 -48.80 19.30
CA ASP R 69 -17.50 -47.52 19.15
C ASP R 69 -16.63 -46.53 18.40
N CYS R 70 -17.06 -46.15 17.20
CA CYS R 70 -16.33 -45.13 16.45
C CYS R 70 -16.41 -43.77 17.12
N ARG R 71 -17.18 -43.65 18.21
CA ARG R 71 -17.29 -42.41 18.94
C ARG R 71 -16.06 -42.13 19.80
N PHE R 72 -15.30 -43.18 20.11
CA PHE R 72 -14.05 -43.03 20.83
C PHE R 72 -12.99 -43.56 19.90
N ARG R 73 -12.07 -42.72 19.46
CA ARG R 73 -11.08 -43.16 18.47
C ARG R 73 -9.66 -42.62 18.70
N VAL R 74 -8.66 -43.31 18.16
CA VAL R 74 -7.27 -42.89 18.35
C VAL R 74 -6.56 -42.62 17.03
N THR R 75 -5.76 -41.56 16.98
CA THR R 75 -5.04 -41.20 15.78
C THR R 75 -3.59 -40.91 16.12
N GLN R 76 -2.69 -41.48 15.32
CA GLN R 76 -1.25 -41.23 15.42
C GLN R 76 -0.88 -40.02 14.56
N LEU R 77 -0.43 -38.96 15.20
CA LEU R 77 0.12 -37.85 14.45
C LEU R 77 1.43 -38.29 13.77
N PRO R 78 1.69 -37.81 12.56
CA PRO R 78 2.87 -38.29 11.83
C PRO R 78 4.19 -37.75 12.37
N ASN R 79 4.17 -37.13 13.56
CA ASN R 79 5.37 -36.59 14.18
C ASN R 79 6.20 -37.64 14.92
N GLY R 80 5.59 -38.77 15.25
CA GLY R 80 6.33 -39.87 15.87
C GLY R 80 6.22 -39.94 17.38
N ARG R 81 5.51 -39.02 18.00
CA ARG R 81 5.44 -38.95 19.46
C ARG R 81 4.03 -38.66 20.00
N ASP R 82 3.19 -37.95 19.26
CA ASP R 82 1.90 -37.50 19.75
C ASP R 82 0.78 -38.32 19.14
N PHE R 83 -0.15 -38.77 19.98
CA PHE R 83 -1.38 -39.38 19.48
C PHE R 83 -2.55 -38.50 19.94
N HIS R 84 -3.61 -38.49 19.14
CA HIS R 84 -4.81 -37.72 19.47
C HIS R 84 -5.88 -38.67 19.95
N MET R 85 -6.26 -38.52 21.22
CA MET R 85 -7.37 -39.25 21.80
C MET R 85 -8.62 -38.39 21.64
N SER R 86 -9.55 -38.83 20.80
CA SER R 86 -10.68 -38.00 20.44
C SER R 86 -11.98 -38.75 20.72
N VAL R 87 -12.95 -38.02 21.27
CA VAL R 87 -14.28 -38.53 21.52
C VAL R 87 -15.22 -37.70 20.66
N VAL R 88 -15.68 -38.26 19.55
CA VAL R 88 -16.56 -37.52 18.66
C VAL R 88 -17.96 -37.50 19.25
N ARG R 89 -18.78 -36.57 18.74
CA ARG R 89 -20.19 -36.46 19.11
C ARG R 89 -20.36 -36.52 20.64
N ALA R 90 -19.73 -35.56 21.31
CA ALA R 90 -19.68 -35.58 22.76
C ALA R 90 -21.07 -35.53 23.38
N ARG R 91 -21.32 -36.41 24.34
CA ARG R 91 -22.59 -36.46 25.06
C ARG R 91 -22.32 -36.20 26.54
N ARG R 92 -23.37 -35.78 27.25
CA ARG R 92 -23.20 -35.48 28.67
C ARG R 92 -22.76 -36.70 29.45
N ASN R 93 -23.09 -37.90 28.97
CA ASN R 93 -22.59 -39.12 29.59
C ASN R 93 -21.07 -39.23 29.47
N ASP R 94 -20.50 -38.60 28.43
CA ASP R 94 -19.07 -38.70 28.18
C ASP R 94 -18.22 -37.94 29.19
N SER R 95 -18.83 -37.07 30.00
CA SER R 95 -18.06 -36.31 30.97
C SER R 95 -17.47 -37.25 32.02
N GLY R 96 -16.26 -36.95 32.46
CA GLY R 96 -15.59 -37.77 33.45
C GLY R 96 -14.09 -37.54 33.41
N THR R 97 -13.37 -38.48 34.04
CA THR R 97 -11.92 -38.44 34.13
C THR R 97 -11.32 -39.53 33.26
N TYR R 98 -10.43 -39.16 32.35
CA TYR R 98 -9.85 -40.10 31.41
C TYR R 98 -8.33 -40.13 31.59
N LEU R 99 -7.68 -41.07 30.90
CA LEU R 99 -6.22 -41.14 30.88
C LEU R 99 -5.80 -41.98 29.69
N CYS R 100 -4.50 -41.92 29.38
CA CYS R 100 -3.89 -42.78 28.38
C CYS R 100 -2.71 -43.53 29.00
N GLY R 101 -2.38 -44.67 28.39
CA GLY R 101 -1.28 -45.48 28.87
C GLY R 101 -0.51 -46.19 27.76
N ALA R 102 0.81 -46.25 27.89
CA ALA R 102 1.67 -46.87 26.88
C ALA R 102 2.22 -48.18 27.42
N ILE R 103 2.12 -49.24 26.62
CA ILE R 103 2.56 -50.57 27.00
C ILE R 103 3.62 -51.02 25.99
N SER R 104 4.87 -51.10 26.43
CA SER R 104 5.90 -51.70 25.61
C SER R 104 5.58 -53.19 25.39
N LEU R 105 5.71 -53.65 24.15
CA LEU R 105 5.42 -55.05 23.83
C LEU R 105 6.51 -56.00 24.26
N ALA R 106 7.06 -55.82 25.44
CA ALA R 106 7.95 -56.86 25.85
C ALA R 106 7.28 -57.67 26.97
N PRO R 107 7.59 -58.97 27.08
CA PRO R 107 6.84 -59.83 28.00
C PRO R 107 6.79 -59.30 29.42
N LYS R 108 7.89 -58.74 29.91
CA LYS R 108 7.93 -58.26 31.28
C LYS R 108 7.52 -56.80 31.40
N ALA R 109 7.28 -56.12 30.27
CA ALA R 109 6.87 -54.73 30.30
C ALA R 109 5.44 -54.61 30.80
N GLN R 110 5.05 -53.40 31.17
CA GLN R 110 3.75 -53.15 31.76
C GLN R 110 3.24 -51.81 31.25
N ILE R 111 2.28 -51.22 31.97
CA ILE R 111 1.57 -50.03 31.53
C ILE R 111 2.21 -48.82 32.18
N LYS R 112 2.54 -47.81 31.38
CA LYS R 112 2.97 -46.52 31.89
C LYS R 112 1.78 -45.57 31.80
N GLU R 113 1.22 -45.21 32.95
CA GLU R 113 -0.03 -44.46 33.02
C GLU R 113 0.26 -42.97 33.04
N SER R 114 -0.33 -42.25 32.08
CA SER R 114 -0.22 -40.81 32.05
C SER R 114 -1.09 -40.19 33.14
N LEU R 115 -0.89 -38.90 33.39
CA LEU R 115 -1.76 -38.21 34.33
C LEU R 115 -3.17 -38.11 33.78
N ARG R 116 -4.13 -37.96 34.69
CA ARG R 116 -5.53 -37.98 34.29
C ARG R 116 -5.97 -36.60 33.83
N ALA R 117 -7.06 -36.56 33.08
CA ALA R 117 -7.67 -35.33 32.62
C ALA R 117 -9.18 -35.44 32.76
N GLU R 118 -9.84 -34.29 32.76
CA GLU R 118 -11.29 -34.23 32.90
C GLU R 118 -11.92 -33.72 31.61
N LEU R 119 -13.06 -34.31 31.26
CA LEU R 119 -13.86 -33.87 30.13
C LEU R 119 -15.22 -33.43 30.67
N ARG R 120 -15.68 -32.27 30.23
CA ARG R 120 -16.94 -31.70 30.70
C ARG R 120 -17.81 -31.36 29.49
N VAL R 121 -19.00 -31.95 29.43
CA VAL R 121 -19.94 -31.71 28.34
C VAL R 121 -21.03 -30.77 28.83
N THR R 122 -21.25 -29.69 28.10
CA THR R 122 -22.18 -28.63 28.48
C THR R 122 -23.50 -28.85 27.73
N GLU R 123 -24.39 -27.86 27.81
CA GLU R 123 -25.66 -27.83 27.07
C GLU R 123 -25.54 -28.28 25.62
N ASP S 1 -24.80 5.69 75.39
CA ASP S 1 -23.78 4.97 74.65
C ASP S 1 -23.44 5.73 73.38
N ILE S 2 -22.39 5.30 72.68
CA ILE S 2 -22.03 5.88 71.39
C ILE S 2 -22.73 5.05 70.33
N GLN S 3 -23.87 5.54 69.86
CA GLN S 3 -24.71 4.81 68.92
C GLN S 3 -24.02 4.67 67.58
N MET S 4 -23.94 3.44 67.08
CA MET S 4 -23.33 3.14 65.80
C MET S 4 -24.41 2.80 64.79
N THR S 5 -24.52 3.61 63.74
CA THR S 5 -25.43 3.37 62.63
C THR S 5 -24.60 3.10 61.38
N GLN S 6 -24.93 2.01 60.68
CA GLN S 6 -24.09 1.50 59.60
C GLN S 6 -24.92 1.38 58.33
N SER S 7 -24.49 2.09 57.28
CA SER S 7 -25.24 2.19 56.04
C SER S 7 -24.37 1.78 54.86
N PRO S 8 -24.91 0.99 53.93
CA PRO S 8 -26.28 0.44 53.91
C PRO S 8 -26.39 -0.83 54.75
N SER S 9 -27.57 -1.43 54.82
CA SER S 9 -27.72 -2.69 55.53
C SER S 9 -27.28 -3.87 54.67
N SER S 10 -27.53 -3.80 53.36
CA SER S 10 -27.08 -4.81 52.43
C SER S 10 -26.73 -4.15 51.11
N LEU S 11 -25.97 -4.87 50.29
CA LEU S 11 -25.56 -4.34 48.98
C LEU S 11 -25.16 -5.50 48.10
N SER S 12 -25.31 -5.30 46.79
CA SER S 12 -24.98 -6.32 45.79
C SER S 12 -24.11 -5.67 44.72
N ALA S 13 -22.91 -6.23 44.51
CA ALA S 13 -21.99 -5.74 43.50
C ALA S 13 -21.28 -6.93 42.86
N SER S 14 -20.82 -6.73 41.63
CA SER S 14 -20.15 -7.78 40.88
C SER S 14 -18.65 -7.78 41.20
N VAL S 15 -17.93 -8.72 40.60
CA VAL S 15 -16.50 -8.86 40.85
C VAL S 15 -15.75 -7.67 40.27
N GLY S 16 -14.96 -7.01 41.10
CA GLY S 16 -14.18 -5.87 40.67
C GLY S 16 -14.81 -4.52 40.87
N ASP S 17 -15.87 -4.44 41.66
CA ASP S 17 -16.57 -3.18 41.89
C ASP S 17 -16.12 -2.57 43.22
N ARG S 18 -16.10 -1.24 43.27
CA ARG S 18 -15.76 -0.53 44.49
C ARG S 18 -17.01 -0.44 45.37
N VAL S 19 -16.99 -1.11 46.51
CA VAL S 19 -18.09 -1.08 47.45
C VAL S 19 -17.72 -0.16 48.60
N THR S 20 -18.74 0.46 49.21
CA THR S 20 -18.53 1.44 50.25
C THR S 20 -19.51 1.21 51.39
N ILE S 21 -18.99 1.11 52.60
CA ILE S 21 -19.78 0.94 53.81
C ILE S 21 -19.47 2.10 54.75
N THR S 22 -20.51 2.81 55.18
CA THR S 22 -20.37 3.99 56.02
C THR S 22 -20.78 3.67 57.45
N CYS S 23 -19.91 4.01 58.39
CA CYS S 23 -20.19 3.88 59.82
C CYS S 23 -20.27 5.27 60.43
N ARG S 24 -21.40 5.58 61.04
CA ARG S 24 -21.66 6.89 61.64
C ARG S 24 -21.90 6.72 63.13
N ALA S 25 -21.18 7.48 63.93
CA ALA S 25 -21.22 7.37 65.38
C ALA S 25 -21.99 8.53 66.00
N SER S 26 -22.62 8.27 67.13
CA SER S 26 -23.32 9.31 67.88
C SER S 26 -22.33 10.37 68.37
N GLN S 27 -21.37 9.96 69.19
CA GLN S 27 -20.32 10.84 69.67
C GLN S 27 -19.04 10.59 68.88
N SER S 28 -18.14 11.58 68.91
CA SER S 28 -16.86 11.42 68.23
C SER S 28 -16.00 10.40 68.97
N ILE S 29 -15.36 9.52 68.22
CA ILE S 29 -14.56 8.44 68.77
C ILE S 29 -13.09 8.59 68.40
N SER S 30 -12.68 9.79 68.00
CA SER S 30 -11.30 10.09 67.58
C SER S 30 -10.98 9.17 66.41
N SER S 31 -9.96 8.31 66.50
CA SER S 31 -9.65 7.34 65.46
C SER S 31 -9.88 5.91 65.93
N TYR S 32 -10.63 5.73 67.02
CA TYR S 32 -10.81 4.42 67.64
C TYR S 32 -12.00 3.71 67.00
N LEU S 33 -11.78 3.17 65.81
CA LEU S 33 -12.79 2.37 65.14
C LEU S 33 -12.14 1.23 64.38
N ASN S 34 -12.79 0.07 64.42
CA ASN S 34 -12.27 -1.14 63.80
C ASN S 34 -13.35 -1.77 62.92
N TRP S 35 -12.90 -2.43 61.86
CA TRP S 35 -13.79 -3.13 60.93
C TRP S 35 -13.55 -4.62 61.03
N TYR S 36 -14.62 -5.41 60.96
CA TYR S 36 -14.54 -6.84 61.16
C TYR S 36 -15.26 -7.59 60.04
N GLN S 37 -14.65 -8.66 59.57
CA GLN S 37 -15.23 -9.55 58.57
C GLN S 37 -15.74 -10.82 59.24
N GLN S 38 -17.03 -11.10 59.10
CA GLN S 38 -17.62 -12.34 59.63
C GLN S 38 -18.22 -13.12 58.46
N LYS S 39 -17.47 -14.08 57.95
CA LYS S 39 -18.02 -15.03 56.99
C LYS S 39 -19.12 -15.86 57.67
N PRO S 40 -20.08 -16.37 56.92
CA PRO S 40 -21.22 -17.07 57.54
C PRO S 40 -20.76 -18.30 58.31
N GLY S 41 -21.25 -18.42 59.54
CA GLY S 41 -20.89 -19.54 60.40
C GLY S 41 -19.45 -19.57 60.83
N LYS S 42 -18.82 -18.40 61.00
CA LYS S 42 -17.43 -18.32 61.38
C LYS S 42 -17.25 -17.18 62.37
N ALA S 43 -16.05 -17.09 62.94
CA ALA S 43 -15.70 -16.02 63.87
C ALA S 43 -15.36 -14.75 63.11
N PRO S 44 -15.53 -13.58 63.73
CA PRO S 44 -15.15 -12.33 63.06
C PRO S 44 -13.66 -12.24 62.87
N LYS S 45 -13.27 -11.51 61.84
CA LYS S 45 -11.87 -11.31 61.48
C LYS S 45 -11.58 -9.82 61.46
N LEU S 46 -10.50 -9.42 62.12
CA LEU S 46 -10.13 -8.00 62.13
C LEU S 46 -9.58 -7.61 60.77
N LEU S 47 -10.14 -6.54 60.19
CA LEU S 47 -9.72 -6.04 58.90
C LEU S 47 -8.97 -4.73 59.03
N ILE S 48 -9.63 -3.68 59.49
CA ILE S 48 -9.05 -2.36 59.63
C ILE S 48 -9.03 -1.99 61.10
N TYR S 49 -7.89 -1.48 61.56
CA TYR S 49 -7.75 -0.98 62.92
C TYR S 49 -7.24 0.45 62.87
N ALA S 50 -7.53 1.20 63.94
CA ALA S 50 -7.17 2.61 64.05
C ALA S 50 -7.73 3.39 62.86
N ALA S 51 -9.01 3.17 62.56
CA ALA S 51 -9.77 3.89 61.55
C ALA S 51 -9.31 3.57 60.13
N SER S 52 -8.00 3.47 59.90
CA SER S 52 -7.49 3.33 58.54
C SER S 52 -6.35 2.34 58.39
N SER S 53 -5.72 1.86 59.46
CA SER S 53 -4.61 0.94 59.32
C SER S 53 -5.11 -0.46 58.93
N LEU S 54 -4.29 -1.16 58.16
CA LEU S 54 -4.63 -2.48 57.65
C LEU S 54 -3.98 -3.56 58.50
N GLN S 55 -4.79 -4.50 58.98
CA GLN S 55 -4.27 -5.62 59.76
C GLN S 55 -3.45 -6.55 58.86
N SER S 56 -2.39 -7.12 59.43
CA SER S 56 -1.58 -8.07 58.69
C SER S 56 -2.39 -9.28 58.28
N GLY S 57 -2.06 -9.84 57.12
CA GLY S 57 -2.80 -10.96 56.58
C GLY S 57 -4.12 -10.60 55.92
N VAL S 58 -4.50 -9.33 55.95
CA VAL S 58 -5.73 -8.88 55.30
C VAL S 58 -5.36 -8.37 53.91
N PRO S 59 -6.06 -8.78 52.85
CA PRO S 59 -5.70 -8.32 51.51
C PRO S 59 -5.81 -6.81 51.38
N SER S 60 -4.91 -6.24 50.57
CA SER S 60 -4.79 -4.80 50.46
C SER S 60 -6.02 -4.14 49.87
N ARG S 61 -6.91 -4.91 49.23
CA ARG S 61 -8.09 -4.30 48.61
C ARG S 61 -9.02 -3.66 49.64
N PHE S 62 -9.03 -4.16 50.87
CA PHE S 62 -9.86 -3.54 51.90
C PHE S 62 -9.17 -2.29 52.41
N SER S 63 -9.89 -1.16 52.42
CA SER S 63 -9.33 0.12 52.80
C SER S 63 -10.25 0.81 53.79
N GLY S 64 -9.65 1.48 54.78
CA GLY S 64 -10.39 2.23 55.77
C GLY S 64 -10.07 3.72 55.67
N SER S 65 -11.10 4.54 55.86
CA SER S 65 -10.94 5.99 55.80
C SER S 65 -12.04 6.64 56.64
N GLY S 66 -11.64 7.58 57.48
CA GLY S 66 -12.60 8.26 58.33
C GLY S 66 -11.96 9.12 59.42
N SER S 67 -12.59 10.25 59.70
CA SER S 67 -12.13 11.16 60.75
C SER S 67 -13.33 11.69 61.52
N GLY S 68 -13.21 11.71 62.84
CA GLY S 68 -14.29 12.22 63.67
C GLY S 68 -15.39 11.22 63.92
N THR S 69 -16.50 11.38 63.23
CA THR S 69 -17.69 10.55 63.42
C THR S 69 -17.92 9.53 62.33
N ASP S 70 -17.81 9.90 61.05
CA ASP S 70 -18.11 8.99 59.96
C ASP S 70 -16.82 8.36 59.44
N PHE S 71 -16.77 7.03 59.46
CA PHE S 71 -15.64 6.31 58.89
C PHE S 71 -16.20 5.44 57.77
N THR S 72 -15.31 4.93 56.93
CA THR S 72 -15.73 4.24 55.72
C THR S 72 -14.85 3.03 55.45
N LEU S 73 -15.48 1.90 55.13
CA LEU S 73 -14.80 0.73 54.61
C LEU S 73 -14.95 0.70 53.10
N THR S 74 -13.89 0.31 52.40
CA THR S 74 -13.87 0.28 50.95
C THR S 74 -13.08 -0.92 50.47
N ILE S 75 -13.71 -1.76 49.65
CA ILE S 75 -13.04 -2.87 48.99
C ILE S 75 -12.67 -2.42 47.59
N SER S 76 -11.37 -2.46 47.28
CA SER S 76 -10.88 -2.01 45.98
C SER S 76 -11.52 -2.80 44.85
N SER S 77 -11.19 -4.09 44.75
CA SER S 77 -11.74 -4.99 43.74
C SER S 77 -12.44 -6.13 44.46
N LEU S 78 -13.77 -6.12 44.44
CA LEU S 78 -14.54 -7.12 45.17
C LEU S 78 -14.29 -8.50 44.59
N GLN S 79 -14.13 -9.47 45.48
CA GLN S 79 -13.79 -10.85 45.14
C GLN S 79 -14.91 -11.78 45.58
N PRO S 80 -15.03 -12.94 44.93
CA PRO S 80 -16.14 -13.86 45.29
C PRO S 80 -16.10 -14.31 46.74
N GLU S 81 -14.91 -14.54 47.29
CA GLU S 81 -14.81 -14.99 48.68
C GLU S 81 -14.98 -13.87 49.69
N ASP S 82 -15.22 -12.64 49.24
CA ASP S 82 -15.47 -11.52 50.15
C ASP S 82 -16.92 -11.46 50.61
N PHE S 83 -17.72 -12.48 50.30
CA PHE S 83 -19.08 -12.58 50.81
C PHE S 83 -19.07 -12.74 52.33
N ALA S 84 -19.44 -11.69 53.05
CA ALA S 84 -19.47 -11.71 54.50
C ALA S 84 -20.24 -10.48 54.97
N THR S 85 -20.44 -10.38 56.28
CA THR S 85 -21.07 -9.22 56.89
C THR S 85 -20.01 -8.45 57.67
N TYR S 86 -20.03 -7.12 57.54
CA TYR S 86 -18.97 -6.27 58.04
C TYR S 86 -19.53 -5.33 59.10
N TYR S 87 -18.89 -5.31 60.28
CA TYR S 87 -19.34 -4.48 61.39
C TYR S 87 -18.28 -3.44 61.69
N CYS S 88 -18.71 -2.31 62.25
CA CYS S 88 -17.81 -1.29 62.75
C CYS S 88 -17.93 -1.22 64.27
N GLN S 89 -16.79 -0.97 64.93
CA GLN S 89 -16.68 -1.09 66.38
C GLN S 89 -15.80 0.03 66.91
N GLN S 90 -16.12 0.50 68.12
CA GLN S 90 -15.38 1.60 68.72
C GLN S 90 -14.40 1.08 69.76
N ASP S 91 -13.33 1.83 69.95
CA ASP S 91 -12.39 1.58 71.04
C ASP S 91 -12.31 2.76 72.00
N TYR S 92 -13.19 3.74 71.84
CA TYR S 92 -13.08 4.98 72.61
C TYR S 92 -13.47 4.79 74.07
N GLY S 93 -14.66 4.24 74.32
CA GLY S 93 -15.13 4.13 75.69
C GLY S 93 -16.15 3.02 75.85
N LEU S 94 -16.48 2.77 77.12
CA LEU S 94 -17.46 1.80 77.58
C LEU S 94 -18.86 2.41 77.58
N PRO S 95 -19.91 1.65 77.26
CA PRO S 95 -19.89 0.25 76.80
C PRO S 95 -19.40 0.15 75.36
N PHE S 96 -18.76 -0.96 74.99
CA PHE S 96 -18.31 -1.14 73.62
C PHE S 96 -19.49 -1.44 72.72
N THR S 97 -19.62 -0.70 71.63
CA THR S 97 -20.78 -0.77 70.75
C THR S 97 -20.31 -1.13 69.35
N PHE S 98 -21.08 -1.97 68.67
CA PHE S 98 -20.79 -2.31 67.28
C PHE S 98 -21.91 -1.74 66.40
N GLY S 99 -21.66 -1.74 65.09
CA GLY S 99 -22.69 -1.35 64.14
C GLY S 99 -23.68 -2.46 63.91
N GLN S 100 -24.75 -2.12 63.18
CA GLN S 100 -25.78 -3.11 62.86
C GLN S 100 -25.21 -4.23 62.00
N GLY S 101 -24.32 -3.90 61.08
CA GLY S 101 -23.75 -4.87 60.17
C GLY S 101 -24.21 -4.62 58.74
N THR S 102 -23.30 -4.81 57.79
CA THR S 102 -23.58 -4.64 56.38
C THR S 102 -23.22 -5.93 55.66
N LYS S 103 -24.22 -6.53 55.00
CA LYS S 103 -24.03 -7.79 54.28
C LYS S 103 -23.68 -7.48 52.83
N VAL S 104 -22.45 -7.81 52.44
CA VAL S 104 -21.99 -7.63 51.06
C VAL S 104 -22.23 -8.93 50.30
N GLU S 105 -22.95 -8.86 49.19
CA GLU S 105 -23.32 -10.02 48.40
C GLU S 105 -22.67 -9.92 47.02
N ILE S 106 -22.19 -11.06 46.52
CA ILE S 106 -21.52 -11.10 45.24
C ILE S 106 -22.56 -11.23 44.12
N LYS S 107 -22.27 -10.59 42.99
CA LYS S 107 -23.14 -10.64 41.82
C LYS S 107 -22.53 -11.55 40.76
N ARG S 108 -23.37 -12.38 40.14
CA ARG S 108 -22.91 -13.38 39.19
C ARG S 108 -23.84 -13.38 37.98
N THR S 109 -23.37 -13.99 36.90
CA THR S 109 -24.24 -14.32 35.79
C THR S 109 -25.35 -15.26 36.24
N VAL S 110 -26.49 -15.22 35.54
CA VAL S 110 -27.64 -16.01 35.90
C VAL S 110 -27.35 -17.49 35.68
N ALA S 111 -27.56 -18.30 36.72
CA ALA S 111 -27.29 -19.73 36.69
C ALA S 111 -28.59 -20.52 36.71
N ALA S 112 -28.66 -21.55 35.87
CA ALA S 112 -29.85 -22.40 35.82
C ALA S 112 -29.81 -23.41 36.96
N PRO S 113 -30.90 -23.57 37.72
CA PRO S 113 -30.89 -24.50 38.84
C PRO S 113 -30.91 -25.95 38.37
N SER S 114 -30.04 -26.77 38.96
CA SER S 114 -30.16 -28.22 38.85
C SER S 114 -31.05 -28.71 39.98
N VAL S 115 -32.16 -29.34 39.63
CA VAL S 115 -33.25 -29.60 40.57
C VAL S 115 -33.49 -31.10 40.65
N PHE S 116 -33.35 -31.66 41.84
CA PHE S 116 -33.61 -33.07 42.07
C PHE S 116 -34.68 -33.18 43.15
N ILE S 117 -35.34 -34.34 43.20
CA ILE S 117 -36.37 -34.63 44.20
C ILE S 117 -36.07 -36.00 44.79
N PHE S 118 -36.15 -36.10 46.12
CA PHE S 118 -35.85 -37.35 46.80
C PHE S 118 -37.11 -37.88 47.47
N PRO S 119 -37.43 -39.16 47.31
CA PRO S 119 -38.56 -39.74 48.04
C PRO S 119 -38.17 -40.05 49.47
N PRO S 120 -39.14 -40.16 50.38
CA PRO S 120 -38.82 -40.51 51.77
C PRO S 120 -38.35 -41.96 51.86
N SER S 121 -37.34 -42.18 52.70
CA SER S 121 -36.80 -43.52 52.87
C SER S 121 -37.80 -44.40 53.63
N ASP S 122 -37.70 -45.70 53.39
CA ASP S 122 -38.56 -46.65 54.10
C ASP S 122 -38.35 -46.59 55.60
N GLU S 123 -37.17 -46.14 56.06
CA GLU S 123 -36.93 -46.01 57.49
C GLU S 123 -37.85 -44.97 58.11
N GLN S 124 -38.01 -43.82 57.44
CA GLN S 124 -38.87 -42.77 57.98
C GLN S 124 -40.34 -43.16 57.97
N LEU S 125 -40.76 -43.95 56.98
CA LEU S 125 -42.13 -44.46 56.98
C LEU S 125 -42.40 -45.31 58.23
N LYS S 126 -41.41 -46.11 58.64
CA LYS S 126 -41.57 -46.85 59.89
C LYS S 126 -41.66 -45.92 61.09
N SER S 127 -41.06 -44.73 60.99
CA SER S 127 -41.13 -43.78 62.09
C SER S 127 -42.53 -43.18 62.23
N GLY S 128 -43.29 -43.11 61.14
CA GLY S 128 -44.64 -42.61 61.15
C GLY S 128 -44.90 -41.44 60.23
N THR S 129 -43.87 -40.69 59.87
CA THR S 129 -44.01 -39.56 58.95
C THR S 129 -43.26 -39.83 57.65
N ALA S 130 -43.58 -39.03 56.64
CA ALA S 130 -42.93 -39.10 55.34
C ALA S 130 -42.52 -37.71 54.90
N SER S 131 -41.34 -37.60 54.30
CA SER S 131 -40.80 -36.31 53.87
C SER S 131 -40.18 -36.46 52.49
N VAL S 132 -40.79 -35.83 51.50
CA VAL S 132 -40.19 -35.69 50.17
C VAL S 132 -39.37 -34.41 50.15
N VAL S 133 -38.12 -34.52 49.70
CA VAL S 133 -37.17 -33.41 49.70
C VAL S 133 -36.84 -33.08 48.25
N CYS S 134 -36.88 -31.78 47.92
CA CYS S 134 -36.55 -31.29 46.58
C CYS S 134 -35.35 -30.37 46.70
N LEU S 135 -34.33 -30.64 45.89
CA LEU S 135 -33.04 -29.96 45.99
C LEU S 135 -32.84 -29.04 44.80
N LEU S 136 -32.38 -27.82 45.07
CA LEU S 136 -32.00 -26.86 44.04
C LEU S 136 -30.55 -26.49 44.30
N ASN S 137 -29.65 -26.98 43.47
CA ASN S 137 -28.21 -26.82 43.67
C ASN S 137 -27.61 -25.86 42.65
N ASN S 138 -26.72 -24.99 43.13
CA ASN S 138 -25.89 -24.12 42.30
C ASN S 138 -26.75 -23.32 41.31
N PHE S 139 -27.46 -22.35 41.87
CA PHE S 139 -28.31 -21.48 41.08
C PHE S 139 -28.13 -20.04 41.51
N TYR S 140 -28.36 -19.12 40.57
CA TYR S 140 -28.28 -17.70 40.82
C TYR S 140 -29.21 -17.03 39.82
N PRO S 141 -30.01 -16.04 40.22
CA PRO S 141 -30.08 -15.39 41.54
C PRO S 141 -30.62 -16.27 42.67
N ARG S 142 -30.64 -15.73 43.89
CA ARG S 142 -31.07 -16.49 45.05
C ARG S 142 -32.55 -16.84 44.99
N GLU S 143 -33.36 -15.96 44.41
CA GLU S 143 -34.81 -16.10 44.48
C GLU S 143 -35.28 -17.18 43.52
N ALA S 144 -36.10 -18.10 44.04
CA ALA S 144 -36.68 -19.17 43.24
C ALA S 144 -38.02 -19.54 43.87
N LYS S 145 -38.89 -20.11 43.05
CA LYS S 145 -40.24 -20.46 43.47
C LYS S 145 -40.38 -21.98 43.45
N VAL S 146 -40.53 -22.57 44.63
CA VAL S 146 -40.71 -24.02 44.76
C VAL S 146 -42.16 -24.27 45.12
N GLN S 147 -42.85 -25.05 44.29
CA GLN S 147 -44.24 -25.42 44.55
C GLN S 147 -44.36 -26.93 44.48
N TRP S 148 -45.02 -27.51 45.48
CA TRP S 148 -45.24 -28.95 45.56
C TRP S 148 -46.64 -29.28 45.05
N LYS S 149 -46.72 -30.27 44.16
CA LYS S 149 -47.99 -30.66 43.54
C LYS S 149 -48.16 -32.16 43.75
N VAL S 150 -48.80 -32.54 44.84
CA VAL S 150 -49.11 -33.94 45.12
C VAL S 150 -50.40 -34.28 44.37
N ASP S 151 -50.30 -35.18 43.39
CA ASP S 151 -51.40 -35.50 42.48
C ASP S 151 -51.88 -34.25 41.76
N ASN S 152 -50.91 -33.45 41.28
CA ASN S 152 -51.17 -32.20 40.56
C ASN S 152 -51.99 -31.23 41.40
N ALA S 153 -51.86 -31.30 42.72
CA ALA S 153 -52.55 -30.39 43.64
C ALA S 153 -51.51 -29.67 44.48
N LEU S 154 -51.52 -28.34 44.43
CA LEU S 154 -50.54 -27.56 45.16
C LEU S 154 -50.72 -27.72 46.67
N GLN S 155 -49.63 -28.02 47.36
CA GLN S 155 -49.66 -28.19 48.80
C GLN S 155 -49.31 -26.88 49.49
N SER S 156 -49.90 -26.67 50.67
CA SER S 156 -49.66 -25.46 51.43
C SER S 156 -49.51 -25.80 52.90
N GLY S 157 -48.54 -25.14 53.55
CA GLY S 157 -48.30 -25.34 54.96
C GLY S 157 -47.64 -26.65 55.32
N ASN S 158 -47.37 -27.51 54.35
CA ASN S 158 -46.74 -28.79 54.59
C ASN S 158 -45.31 -28.85 54.07
N SER S 159 -44.77 -27.73 53.59
CA SER S 159 -43.44 -27.68 53.00
C SER S 159 -42.57 -26.68 53.74
N GLN S 160 -41.27 -26.96 53.79
CA GLN S 160 -40.33 -26.10 54.49
C GLN S 160 -39.03 -26.04 53.70
N GLU S 161 -38.40 -24.86 53.67
CA GLU S 161 -37.27 -24.60 52.79
C GLU S 161 -36.08 -24.05 53.55
N SER S 162 -34.89 -24.27 53.00
CA SER S 162 -33.65 -23.69 53.52
C SER S 162 -32.70 -23.44 52.35
N VAL S 163 -32.03 -22.29 52.38
CA VAL S 163 -31.17 -21.84 51.29
C VAL S 163 -29.73 -21.79 51.78
N THR S 164 -28.81 -22.33 50.98
CA THR S 164 -27.40 -22.27 51.32
C THR S 164 -26.86 -20.87 51.11
N GLU S 165 -25.89 -20.49 51.95
CA GLU S 165 -25.22 -19.22 51.75
C GLU S 165 -24.42 -19.24 50.45
N GLN S 166 -24.05 -18.05 49.99
CA GLN S 166 -23.37 -17.93 48.70
C GLN S 166 -21.99 -18.55 48.77
N ASP S 167 -21.68 -19.39 47.80
CA ASP S 167 -20.39 -20.07 47.78
C ASP S 167 -19.29 -19.07 47.47
N SER S 168 -18.16 -19.19 48.17
CA SER S 168 -17.04 -18.30 47.94
C SER S 168 -16.35 -18.59 46.62
N LYS S 169 -16.47 -19.81 46.11
CA LYS S 169 -15.75 -20.23 44.91
C LYS S 169 -16.48 -19.89 43.62
N ASP S 170 -17.79 -20.09 43.56
CA ASP S 170 -18.54 -19.86 42.31
C ASP S 170 -19.70 -18.88 42.45
N SER S 171 -19.97 -18.38 43.66
CA SER S 171 -20.97 -17.33 43.87
C SER S 171 -22.37 -17.78 43.44
N THR S 172 -22.70 -19.04 43.76
CA THR S 172 -24.02 -19.60 43.52
C THR S 172 -24.60 -20.07 44.86
N TYR S 173 -25.92 -20.25 44.91
CA TYR S 173 -26.55 -20.72 46.14
C TYR S 173 -27.17 -22.08 45.89
N SER S 174 -27.70 -22.67 46.95
CA SER S 174 -28.36 -23.96 46.89
C SER S 174 -29.59 -23.94 47.80
N LEU S 175 -30.68 -24.55 47.33
CA LEU S 175 -31.95 -24.55 48.05
C LEU S 175 -32.50 -25.97 48.14
N SER S 176 -33.16 -26.25 49.27
CA SER S 176 -33.88 -27.51 49.44
C SER S 176 -35.23 -27.24 50.07
N SER S 177 -36.28 -27.81 49.49
CA SER S 177 -37.62 -27.76 50.06
C SER S 177 -38.03 -29.16 50.49
N THR S 178 -38.61 -29.25 51.69
CA THR S 178 -39.01 -30.54 52.26
C THR S 178 -40.50 -30.49 52.57
N LEU S 179 -41.27 -31.35 51.91
CA LEU S 179 -42.70 -31.45 52.14
C LEU S 179 -42.94 -32.57 53.16
N THR S 180 -43.48 -32.21 54.32
CA THR S 180 -43.68 -33.15 55.41
C THR S 180 -45.13 -33.61 55.42
N LEU S 181 -45.32 -34.93 55.35
CA LEU S 181 -46.65 -35.53 55.39
C LEU S 181 -46.61 -36.72 56.34
N SER S 182 -47.79 -37.24 56.65
CA SER S 182 -47.89 -38.45 57.46
C SER S 182 -47.63 -39.68 56.60
N LYS S 183 -47.47 -40.83 57.26
CA LYS S 183 -47.29 -42.08 56.53
C LYS S 183 -48.52 -42.39 55.68
N ALA S 184 -49.71 -42.22 56.24
CA ALA S 184 -50.94 -42.46 55.48
C ALA S 184 -51.08 -41.48 54.32
N ASP S 185 -50.60 -40.25 54.49
CA ASP S 185 -50.65 -39.28 53.40
C ASP S 185 -49.75 -39.70 52.24
N TYR S 186 -48.60 -40.31 52.55
CA TYR S 186 -47.72 -40.78 51.49
C TYR S 186 -48.29 -42.00 50.79
N GLU S 187 -49.02 -42.85 51.51
CA GLU S 187 -49.60 -44.04 50.92
C GLU S 187 -50.85 -43.74 50.10
N LYS S 188 -51.50 -42.60 50.34
CA LYS S 188 -52.70 -42.24 49.60
C LYS S 188 -52.39 -41.91 48.15
N HIS S 189 -51.38 -41.09 47.92
CA HIS S 189 -51.08 -40.53 46.60
C HIS S 189 -49.95 -41.33 45.96
N LYS S 190 -49.79 -41.14 44.64
CA LYS S 190 -48.82 -41.92 43.88
C LYS S 190 -47.73 -41.08 43.23
N VAL S 191 -48.07 -39.94 42.62
CA VAL S 191 -47.09 -39.12 41.91
C VAL S 191 -46.93 -37.80 42.67
N TYR S 192 -45.70 -37.47 43.04
CA TYR S 192 -45.40 -36.21 43.71
C TYR S 192 -44.46 -35.41 42.83
N ALA S 193 -44.71 -34.11 42.72
CA ALA S 193 -43.98 -33.27 41.79
C ALA S 193 -43.36 -32.08 42.51
N CYS S 194 -42.28 -31.57 41.95
CA CYS S 194 -41.61 -30.37 42.43
C CYS S 194 -41.38 -29.45 41.24
N GLU S 195 -42.18 -28.39 41.15
CA GLU S 195 -42.08 -27.43 40.05
C GLU S 195 -41.30 -26.21 40.50
N VAL S 196 -40.25 -25.88 39.76
CA VAL S 196 -39.40 -24.74 40.06
C VAL S 196 -39.42 -23.78 38.88
N THR S 197 -39.65 -22.51 39.16
CA THR S 197 -39.63 -21.44 38.16
C THR S 197 -38.51 -20.48 38.54
N HIS S 198 -37.51 -20.36 37.66
CA HIS S 198 -36.34 -19.55 37.92
C HIS S 198 -36.01 -18.75 36.68
N GLN S 199 -35.20 -17.70 36.86
CA GLN S 199 -34.84 -16.85 35.73
C GLN S 199 -34.00 -17.62 34.71
N GLY S 200 -33.12 -18.49 35.17
CA GLY S 200 -32.29 -19.30 34.31
C GLY S 200 -32.97 -20.49 33.67
N LEU S 201 -34.30 -20.57 33.74
CA LEU S 201 -35.07 -21.66 33.16
C LEU S 201 -35.96 -21.10 32.07
N SER S 202 -35.83 -21.65 30.86
CA SER S 202 -36.70 -21.23 29.76
C SER S 202 -38.15 -21.64 30.03
N SER S 203 -38.36 -22.90 30.40
CA SER S 203 -39.65 -23.42 30.79
C SER S 203 -39.58 -23.95 32.22
N PRO S 204 -40.67 -23.88 32.98
CA PRO S 204 -40.65 -24.39 34.36
C PRO S 204 -40.31 -25.87 34.39
N VAL S 205 -39.42 -26.23 35.31
CA VAL S 205 -38.98 -27.61 35.47
C VAL S 205 -39.81 -28.29 36.54
N THR S 206 -40.30 -29.48 36.23
CA THR S 206 -41.13 -30.26 37.15
C THR S 206 -40.53 -31.65 37.29
N LYS S 207 -39.91 -31.92 38.43
CA LYS S 207 -39.37 -33.23 38.73
C LYS S 207 -40.38 -34.04 39.53
N SER S 208 -40.57 -35.29 39.15
CA SER S 208 -41.59 -36.12 39.75
C SER S 208 -41.09 -37.55 39.90
N PHE S 209 -41.77 -38.31 40.74
CA PHE S 209 -41.50 -39.73 40.93
C PHE S 209 -42.80 -40.44 41.21
N ASN S 210 -42.82 -41.75 40.97
CA ASN S 210 -43.99 -42.57 41.21
C ASN S 210 -43.76 -43.46 42.43
N ARG S 211 -44.78 -43.56 43.28
CA ARG S 211 -44.65 -44.32 44.52
C ARG S 211 -44.41 -45.80 44.26
N GLY S 212 -44.97 -46.33 43.16
CA GLY S 212 -44.79 -47.73 42.84
C GLY S 212 -43.46 -48.06 42.19
N GLU S 213 -42.77 -47.06 41.65
CA GLU S 213 -41.52 -47.29 40.95
C GLU S 213 -40.31 -47.01 41.84
N GLU T 1 0.96 -17.42 65.51
CA GLU T 1 -0.42 -17.76 65.19
C GLU T 1 -1.24 -17.94 66.47
N VAL T 2 -1.83 -16.84 66.95
CA VAL T 2 -2.68 -16.90 68.13
C VAL T 2 -3.83 -17.87 67.89
N GLN T 3 -4.07 -18.74 68.87
CA GLN T 3 -5.16 -19.71 68.82
C GLN T 3 -6.07 -19.49 70.02
N LEU T 4 -7.37 -19.36 69.76
CA LEU T 4 -8.37 -19.23 70.81
C LEU T 4 -9.53 -20.18 70.51
N LEU T 5 -9.95 -20.92 71.51
CA LEU T 5 -11.07 -21.85 71.38
C LEU T 5 -11.92 -21.79 72.64
N GLU T 6 -13.24 -21.84 72.45
CA GLU T 6 -14.19 -21.81 73.55
C GLU T 6 -14.67 -23.22 73.89
N SER T 7 -15.30 -23.34 75.05
CA SER T 7 -15.84 -24.62 75.52
C SER T 7 -16.79 -24.36 76.67
N GLY T 8 -17.69 -25.32 76.88
CA GLY T 8 -18.62 -25.27 77.99
C GLY T 8 -20.03 -24.82 77.65
N GLY T 9 -20.30 -24.51 76.38
CA GLY T 9 -21.64 -24.07 76.00
C GLY T 9 -22.56 -25.24 75.73
N GLY T 10 -23.84 -25.06 76.08
CA GLY T 10 -24.83 -26.09 75.86
C GLY T 10 -26.20 -25.60 76.24
N LEU T 11 -27.14 -26.54 76.36
CA LEU T 11 -28.50 -26.19 76.72
C LEU T 11 -28.58 -25.97 78.22
N VAL T 12 -29.06 -24.79 78.62
CA VAL T 12 -29.30 -24.47 80.02
C VAL T 12 -30.73 -23.97 80.16
N GLN T 13 -31.36 -24.30 81.27
CA GLN T 13 -32.71 -23.81 81.54
C GLN T 13 -32.67 -22.43 82.17
N PRO T 14 -33.71 -21.63 81.94
CA PRO T 14 -33.79 -20.29 82.54
C PRO T 14 -33.67 -20.30 84.05
N GLY T 15 -32.89 -19.35 84.57
CA GLY T 15 -32.57 -19.26 85.98
C GLY T 15 -31.35 -20.06 86.42
N GLY T 16 -30.86 -20.97 85.60
CA GLY T 16 -29.69 -21.74 85.94
C GLY T 16 -28.42 -20.94 85.73
N SER T 17 -27.30 -21.67 85.74
CA SER T 17 -25.99 -21.06 85.57
C SER T 17 -25.17 -21.91 84.61
N LEU T 18 -24.06 -21.34 84.12
CA LEU T 18 -23.18 -22.05 83.20
C LEU T 18 -21.85 -21.33 83.12
N ARG T 19 -20.77 -22.11 83.07
CA ARG T 19 -19.40 -21.61 82.98
C ARG T 19 -18.83 -21.86 81.60
N LEU T 20 -18.18 -20.85 81.03
CA LEU T 20 -17.53 -20.93 79.74
C LEU T 20 -16.02 -20.76 79.91
N SER T 21 -15.27 -21.42 79.04
CA SER T 21 -13.81 -21.37 79.08
C SER T 21 -13.26 -20.98 77.71
N CYS T 22 -12.07 -20.38 77.73
CA CYS T 22 -11.36 -19.97 76.51
C CYS T 22 -9.89 -20.31 76.63
N ALA T 23 -9.45 -21.33 75.90
CA ALA T 23 -8.05 -21.73 75.92
C ALA T 23 -7.23 -20.81 75.03
N ALA T 24 -6.15 -20.27 75.55
CA ALA T 24 -5.33 -19.29 74.86
C ALA T 24 -3.95 -19.85 74.57
N SER T 25 -3.44 -19.57 73.38
CA SER T 25 -2.09 -19.96 72.99
C SER T 25 -1.64 -19.05 71.86
N GLY T 26 -0.33 -19.04 71.62
CA GLY T 26 0.26 -18.19 70.61
C GLY T 26 0.73 -16.84 71.09
N PHE T 27 0.34 -16.44 72.31
CA PHE T 27 0.75 -15.16 72.85
C PHE T 27 0.87 -15.30 74.37
N THR T 28 1.43 -14.28 75.01
CA THR T 28 1.50 -14.22 76.46
C THR T 28 0.15 -13.79 77.00
N PHE T 29 -0.54 -14.70 77.68
CA PHE T 29 -1.94 -14.48 78.06
C PHE T 29 -2.10 -13.29 78.99
N SER T 30 -1.12 -13.03 79.85
CA SER T 30 -1.23 -11.93 80.80
C SER T 30 -1.03 -10.57 80.16
N SER T 31 -0.36 -10.51 79.00
CA SER T 31 0.05 -9.22 78.46
C SER T 31 -1.11 -8.46 77.84
N TYR T 32 -2.13 -9.15 77.32
CA TYR T 32 -3.21 -8.47 76.63
C TYR T 32 -4.51 -8.81 77.34
N ALA T 33 -5.43 -7.85 77.39
CA ALA T 33 -6.71 -8.09 78.03
C ALA T 33 -7.56 -9.03 77.19
N MET T 34 -8.56 -9.63 77.84
CA MET T 34 -9.47 -10.57 77.20
C MET T 34 -10.90 -10.10 77.38
N SER T 35 -11.76 -10.47 76.42
CA SER T 35 -13.14 -10.02 76.44
C SER T 35 -14.04 -11.11 75.89
N TRP T 36 -15.33 -11.00 76.21
CA TRP T 36 -16.37 -11.83 75.64
C TRP T 36 -17.31 -10.99 74.79
N VAL T 37 -17.81 -11.58 73.71
CA VAL T 37 -18.79 -10.96 72.83
C VAL T 37 -19.78 -12.02 72.38
N ARG T 38 -21.07 -11.73 72.53
CA ARG T 38 -22.13 -12.66 72.16
C ARG T 38 -22.88 -12.16 70.94
N GLN T 39 -23.52 -13.10 70.25
CA GLN T 39 -24.26 -12.78 69.03
C GLN T 39 -25.41 -13.77 68.91
N ALA T 40 -26.63 -13.31 69.16
CA ALA T 40 -27.81 -14.12 68.93
C ALA T 40 -27.97 -14.37 67.43
N PRO T 41 -28.60 -15.48 67.04
CA PRO T 41 -28.76 -15.77 65.62
C PRO T 41 -29.60 -14.70 64.93
N GLY T 42 -29.13 -14.26 63.76
CA GLY T 42 -29.78 -13.18 63.05
C GLY T 42 -29.65 -11.83 63.71
N LYS T 43 -28.67 -11.65 64.59
CA LYS T 43 -28.45 -10.40 65.30
C LYS T 43 -27.00 -9.97 65.12
N GLY T 44 -26.71 -8.74 65.54
CA GLY T 44 -25.36 -8.22 65.50
C GLY T 44 -24.55 -8.67 66.69
N LEU T 45 -23.28 -8.28 66.69
CA LEU T 45 -22.39 -8.62 67.78
C LEU T 45 -22.61 -7.66 68.94
N GLU T 46 -22.51 -8.18 70.16
CA GLU T 46 -22.79 -7.42 71.38
C GLU T 46 -21.70 -7.69 72.40
N TRP T 47 -21.06 -6.63 72.89
CA TRP T 47 -20.08 -6.77 73.96
C TRP T 47 -20.79 -7.08 75.27
N VAL T 48 -20.16 -7.95 76.08
CA VAL T 48 -20.78 -8.37 77.33
C VAL T 48 -19.85 -8.15 78.52
N SER T 49 -18.59 -8.58 78.42
CA SER T 49 -17.68 -8.48 79.54
C SER T 49 -16.25 -8.32 79.06
N ALA T 50 -15.39 -7.87 79.98
CA ALA T 50 -13.97 -7.70 79.71
C ALA T 50 -13.22 -7.67 81.04
N ILE T 51 -12.00 -8.17 81.02
CA ILE T 51 -11.15 -8.24 82.21
C ILE T 51 -9.76 -7.75 81.83
N SER T 52 -9.10 -7.11 82.78
CA SER T 52 -7.76 -6.58 82.53
C SER T 52 -6.75 -7.72 82.42
N GLY T 53 -5.54 -7.37 81.99
CA GLY T 53 -4.50 -8.37 81.79
C GLY T 53 -4.17 -9.13 83.06
N SER T 54 -3.88 -8.40 84.13
CA SER T 54 -3.64 -9.04 85.42
C SER T 54 -4.93 -9.55 86.04
N GLY T 55 -6.07 -8.97 85.68
CA GLY T 55 -7.34 -9.32 86.27
C GLY T 55 -7.79 -8.42 87.40
N GLY T 56 -7.03 -7.37 87.72
CA GLY T 56 -7.38 -6.49 88.82
C GLY T 56 -8.67 -5.73 88.62
N SER T 57 -9.11 -5.54 87.38
CA SER T 57 -10.33 -4.80 87.09
C SER T 57 -11.17 -5.58 86.08
N THR T 58 -12.45 -5.74 86.38
CA THR T 58 -13.41 -6.38 85.49
C THR T 58 -14.45 -5.37 85.04
N TYR T 59 -14.95 -5.56 83.81
CA TYR T 59 -15.90 -4.64 83.21
C TYR T 59 -17.09 -5.43 82.71
N TYR T 60 -18.30 -4.92 82.98
CA TYR T 60 -19.52 -5.63 82.64
C TYR T 60 -20.51 -4.66 81.98
N ALA T 61 -21.25 -5.15 81.00
CA ALA T 61 -22.33 -4.39 80.42
C ALA T 61 -23.52 -4.30 81.38
N ASP T 62 -24.39 -3.32 81.16
CA ASP T 62 -25.51 -3.10 82.06
C ASP T 62 -26.52 -4.24 82.00
N SER T 63 -26.62 -4.92 80.85
CA SER T 63 -27.58 -6.01 80.73
C SER T 63 -27.16 -7.22 81.55
N VAL T 64 -25.85 -7.52 81.55
CA VAL T 64 -25.33 -8.66 82.28
C VAL T 64 -24.77 -8.27 83.64
N LYS T 65 -24.97 -7.00 84.04
CA LYS T 65 -24.45 -6.54 85.32
C LYS T 65 -25.14 -7.28 86.47
N GLY T 66 -24.34 -7.69 87.45
CA GLY T 66 -24.84 -8.42 88.59
C GLY T 66 -25.21 -9.86 88.32
N ARG T 67 -25.02 -10.35 87.11
CA ARG T 67 -25.32 -11.75 86.78
C ARG T 67 -24.12 -12.50 86.22
N PHE T 68 -23.37 -11.90 85.32
CA PHE T 68 -22.18 -12.55 84.78
C PHE T 68 -20.94 -12.06 85.51
N THR T 69 -19.98 -12.96 85.68
CA THR T 69 -18.70 -12.63 86.30
C THR T 69 -17.59 -13.16 85.42
N ILE T 70 -16.69 -12.27 85.00
CA ILE T 70 -15.55 -12.63 84.16
C ILE T 70 -14.32 -12.81 85.05
N SER T 71 -13.52 -13.81 84.74
CA SER T 71 -12.33 -14.12 85.52
C SER T 71 -11.34 -14.86 84.64
N ARG T 72 -10.06 -14.81 85.05
CA ARG T 72 -9.00 -15.45 84.31
C ARG T 72 -8.06 -16.15 85.30
N ASP T 73 -7.45 -17.23 84.83
CA ASP T 73 -6.33 -17.88 85.51
C ASP T 73 -5.10 -17.72 84.63
N ASN T 74 -4.03 -17.19 85.22
CA ASN T 74 -2.82 -16.87 84.46
C ASN T 74 -1.88 -18.06 84.31
N SER T 75 -1.88 -18.98 85.28
CA SER T 75 -1.05 -20.16 85.14
C SER T 75 -1.62 -21.13 84.11
N LYS T 76 -2.94 -21.18 83.98
CA LYS T 76 -3.60 -22.05 83.02
C LYS T 76 -3.85 -21.40 81.67
N ASN T 77 -3.66 -20.08 81.56
CA ASN T 77 -3.87 -19.33 80.33
C ASN T 77 -5.28 -19.54 79.79
N THR T 78 -6.28 -19.19 80.61
CA THR T 78 -7.66 -19.44 80.22
C THR T 78 -8.56 -18.35 80.78
N LEU T 79 -9.49 -17.88 79.95
CA LEU T 79 -10.51 -16.91 80.34
C LEU T 79 -11.82 -17.61 80.65
N TYR T 80 -12.46 -17.23 81.75
CA TYR T 80 -13.69 -17.87 82.17
C TYR T 80 -14.82 -16.85 82.20
N LEU T 81 -16.03 -17.31 81.90
CA LEU T 81 -17.24 -16.49 82.02
C LEU T 81 -18.27 -17.28 82.80
N GLN T 82 -18.47 -16.91 84.07
CA GLN T 82 -19.48 -17.55 84.91
C GLN T 82 -20.80 -16.81 84.72
N MET T 83 -21.78 -17.47 84.12
CA MET T 83 -23.06 -16.88 83.79
C MET T 83 -24.09 -17.32 84.82
N ASN T 84 -24.79 -16.35 85.43
CA ASN T 84 -25.77 -16.64 86.46
C ASN T 84 -27.12 -16.02 86.09
N SER T 85 -28.18 -16.60 86.64
CA SER T 85 -29.55 -16.14 86.42
C SER T 85 -29.85 -16.03 84.93
N LEU T 86 -29.56 -17.10 84.21
CA LEU T 86 -29.67 -17.08 82.75
C LEU T 86 -31.11 -16.95 82.31
N ARG T 87 -31.32 -16.20 81.23
CA ARG T 87 -32.64 -15.96 80.65
C ARG T 87 -32.60 -16.32 79.17
N ALA T 88 -33.79 -16.41 78.58
CA ALA T 88 -33.91 -16.77 77.17
C ALA T 88 -33.17 -15.78 76.27
N GLU T 89 -33.05 -14.52 76.70
CA GLU T 89 -32.30 -13.53 75.94
C GLU T 89 -30.84 -13.94 75.76
N ASP T 90 -30.27 -14.63 76.75
CA ASP T 90 -28.85 -14.96 76.74
C ASP T 90 -28.47 -15.96 75.65
N THR T 91 -29.45 -16.54 74.97
CA THR T 91 -29.17 -17.49 73.89
C THR T 91 -28.37 -16.83 72.78
N ALA T 92 -27.11 -17.25 72.63
CA ALA T 92 -26.20 -16.68 71.64
C ALA T 92 -24.93 -17.51 71.66
N VAL T 93 -24.17 -17.39 70.59
CA VAL T 93 -22.82 -17.96 70.52
C VAL T 93 -21.84 -16.91 71.04
N TYR T 94 -21.12 -17.25 72.11
CA TYR T 94 -20.23 -16.31 72.77
C TYR T 94 -18.80 -16.57 72.32
N TYR T 95 -18.08 -15.52 71.95
CA TYR T 95 -16.72 -15.66 71.47
C TYR T 95 -15.80 -14.97 72.46
N CYS T 96 -14.64 -15.57 72.72
CA CYS T 96 -13.61 -14.93 73.52
C CYS T 96 -12.66 -14.19 72.59
N ALA T 97 -12.42 -12.90 72.87
CA ALA T 97 -11.65 -12.05 71.98
C ALA T 97 -10.56 -11.35 72.77
N LYS T 98 -9.32 -11.53 72.34
CA LYS T 98 -8.19 -10.82 72.93
C LYS T 98 -8.27 -9.33 72.60
N SER T 99 -7.68 -8.52 73.48
CA SER T 99 -7.71 -7.06 73.39
C SER T 99 -6.29 -6.53 73.32
N TYR T 100 -5.97 -5.77 72.27
CA TYR T 100 -4.69 -5.07 72.20
C TYR T 100 -4.84 -3.68 72.82
N ASN T 101 -5.32 -3.71 74.07
CA ASN T 101 -5.75 -2.53 74.82
C ASN T 101 -6.84 -1.77 74.06
N HIS T 102 -6.55 -0.59 73.48
CA HIS T 102 -7.60 0.09 72.71
C HIS T 102 -8.11 -0.81 71.59
N PRO T 103 -7.33 -1.15 70.53
CA PRO T 103 -7.88 -2.02 69.49
C PRO T 103 -8.31 -3.37 70.05
N MET T 104 -9.48 -3.41 70.67
CA MET T 104 -9.96 -4.64 71.25
C MET T 104 -10.42 -5.60 70.17
N PHE T 105 -10.71 -6.82 70.59
CA PHE T 105 -11.25 -7.86 69.72
C PHE T 105 -10.29 -8.11 68.56
N ASP T 106 -9.00 -8.11 68.87
CA ASP T 106 -7.99 -8.25 67.82
C ASP T 106 -8.04 -9.63 67.20
N TYR T 107 -8.23 -10.68 68.01
CA TYR T 107 -8.46 -12.02 67.47
C TYR T 107 -9.70 -12.59 68.14
N TRP T 108 -10.37 -13.49 67.43
CA TRP T 108 -11.68 -14.01 67.82
C TRP T 108 -11.65 -15.53 67.83
N GLY T 109 -12.14 -16.12 68.91
CA GLY T 109 -12.38 -17.55 68.92
C GLY T 109 -13.62 -17.91 68.14
N GLN T 110 -13.72 -19.18 67.75
CA GLN T 110 -14.86 -19.62 66.96
C GLN T 110 -16.17 -19.48 67.72
N GLY T 111 -16.12 -19.54 69.05
CA GLY T 111 -17.32 -19.29 69.83
C GLY T 111 -18.07 -20.57 70.15
N THR T 112 -18.67 -20.59 71.34
CA THR T 112 -19.50 -21.68 71.80
C THR T 112 -20.95 -21.20 71.92
N LEU T 113 -21.88 -22.11 71.63
CA LEU T 113 -23.29 -21.77 71.56
C LEU T 113 -23.96 -22.08 72.89
N VAL T 114 -24.71 -21.11 73.40
CA VAL T 114 -25.46 -21.26 74.65
C VAL T 114 -26.94 -21.19 74.33
N THR T 115 -27.66 -22.27 74.61
CA THR T 115 -29.10 -22.32 74.40
C THR T 115 -29.80 -22.23 75.75
N VAL T 116 -30.66 -21.24 75.91
CA VAL T 116 -31.42 -21.09 77.14
C VAL T 116 -32.88 -21.43 76.86
N SER T 117 -33.24 -22.70 77.03
CA SER T 117 -34.58 -23.18 76.74
C SER T 117 -35.00 -24.20 77.78
N SER T 118 -36.31 -24.31 77.98
CA SER T 118 -36.87 -25.30 78.90
C SER T 118 -37.07 -26.65 78.25
N ALA T 119 -37.10 -26.72 76.92
CA ALA T 119 -37.30 -27.98 76.22
C ALA T 119 -36.14 -28.93 76.49
N SER T 120 -36.43 -30.22 76.36
CA SER T 120 -35.45 -31.27 76.66
C SER T 120 -34.59 -31.55 75.43
N THR T 121 -33.37 -32.04 75.71
CA THR T 121 -32.47 -32.43 74.64
C THR T 121 -33.00 -33.66 73.92
N LYS T 122 -33.10 -33.57 72.60
CA LYS T 122 -33.55 -34.67 71.77
C LYS T 122 -32.48 -35.02 70.74
N GLY T 123 -32.28 -36.31 70.54
CA GLY T 123 -31.31 -36.78 69.58
C GLY T 123 -31.82 -36.70 68.16
N PRO T 124 -30.92 -36.50 67.20
CA PRO T 124 -31.32 -36.39 65.80
C PRO T 124 -31.68 -37.74 65.21
N SER T 125 -32.57 -37.69 64.22
CA SER T 125 -32.96 -38.86 63.44
C SER T 125 -32.41 -38.70 62.03
N VAL T 126 -31.47 -39.56 61.65
CA VAL T 126 -30.79 -39.48 60.37
C VAL T 126 -31.50 -40.44 59.41
N PHE T 127 -32.15 -39.88 58.39
CA PHE T 127 -32.80 -40.72 57.41
C PHE T 127 -32.07 -40.62 56.07
N PRO T 128 -31.92 -41.73 55.34
CA PRO T 128 -31.13 -41.68 54.10
C PRO T 128 -31.92 -41.01 52.98
N LEU T 129 -31.25 -40.10 52.28
CA LEU T 129 -31.78 -39.45 51.09
C LEU T 129 -31.03 -40.02 49.90
N ALA T 130 -31.39 -41.26 49.52
CA ALA T 130 -30.65 -42.00 48.53
C ALA T 130 -30.98 -41.51 47.12
N PRO T 131 -30.04 -41.65 46.17
CA PRO T 131 -30.38 -41.36 44.77
C PRO T 131 -31.43 -42.32 44.24
N SER T 132 -31.95 -41.98 43.06
CA SER T 132 -33.14 -42.59 42.43
C SER T 132 -33.69 -43.85 43.10
N GLY T 139 -24.11 -38.38 33.90
CA GLY T 139 -24.71 -37.17 34.44
C GLY T 139 -24.23 -36.83 35.84
N THR T 140 -25.04 -36.08 36.57
CA THR T 140 -24.73 -35.69 37.94
C THR T 140 -25.79 -36.26 38.87
N ALA T 141 -25.34 -36.98 39.89
CA ALA T 141 -26.23 -37.52 40.91
C ALA T 141 -26.09 -36.71 42.20
N ALA T 142 -27.11 -36.83 43.05
CA ALA T 142 -27.11 -36.16 44.35
C ALA T 142 -27.40 -37.18 45.43
N LEU T 143 -26.50 -37.27 46.40
CA LEU T 143 -26.67 -38.10 47.57
C LEU T 143 -26.77 -37.19 48.79
N GLY T 144 -27.66 -37.55 49.73
CA GLY T 144 -27.87 -36.68 50.86
C GLY T 144 -28.38 -37.45 52.07
N CYS T 145 -28.54 -36.72 53.17
CA CYS T 145 -29.08 -37.27 54.39
C CYS T 145 -29.91 -36.20 55.11
N LEU T 146 -30.94 -36.65 55.81
CA LEU T 146 -31.86 -35.76 56.52
C LEU T 146 -31.66 -35.91 58.02
N VAL T 147 -31.01 -34.92 58.63
CA VAL T 147 -30.89 -34.85 60.08
C VAL T 147 -32.13 -34.12 60.59
N LYS T 148 -33.05 -34.85 61.22
CA LYS T 148 -34.37 -34.33 61.51
C LYS T 148 -34.72 -34.54 62.98
N ASP T 149 -35.49 -33.58 63.51
CA ASP T 149 -36.10 -33.68 64.84
C ASP T 149 -35.04 -33.76 65.94
N TYR T 150 -34.19 -32.73 65.97
CA TYR T 150 -33.15 -32.61 66.98
C TYR T 150 -33.23 -31.27 67.67
N PHE T 151 -32.78 -31.23 68.92
CA PHE T 151 -32.74 -30.00 69.71
C PHE T 151 -31.77 -30.18 70.88
N PRO T 152 -30.88 -29.22 71.13
CA PRO T 152 -30.70 -27.99 70.35
C PRO T 152 -29.66 -28.14 69.25
N GLU T 153 -29.50 -27.11 68.43
CA GLU T 153 -28.40 -27.03 67.48
C GLU T 153 -27.10 -26.79 68.24
N PRO T 154 -25.93 -27.05 67.61
CA PRO T 154 -25.69 -27.41 66.20
C PRO T 154 -25.58 -28.90 65.92
N VAL T 155 -25.42 -29.23 64.64
CA VAL T 155 -25.12 -30.59 64.19
C VAL T 155 -24.01 -30.50 63.15
N THR T 156 -22.97 -31.30 63.32
CA THR T 156 -21.86 -31.36 62.38
C THR T 156 -22.09 -32.50 61.39
N VAL T 157 -21.98 -32.19 60.11
CA VAL T 157 -22.17 -33.18 59.05
C VAL T 157 -20.94 -33.17 58.15
N SER T 158 -20.33 -34.34 57.97
CA SER T 158 -19.23 -34.55 57.04
C SER T 158 -19.50 -35.82 56.24
N TRP T 159 -18.74 -35.99 55.17
CA TRP T 159 -18.92 -37.13 54.26
C TRP T 159 -17.62 -37.92 54.16
N ASN T 160 -17.72 -39.23 54.34
CA ASN T 160 -16.58 -40.14 54.27
C ASN T 160 -15.48 -39.73 55.26
N SER T 161 -15.91 -39.43 56.48
CA SER T 161 -15.00 -39.03 57.57
C SER T 161 -14.15 -37.83 57.19
N GLY T 162 -14.75 -36.88 56.46
CA GLY T 162 -14.08 -35.67 56.06
C GLY T 162 -13.30 -35.77 54.77
N ALA T 163 -13.17 -36.96 54.18
CA ALA T 163 -12.44 -37.11 52.93
C ALA T 163 -13.21 -36.54 51.74
N LEU T 164 -14.53 -36.43 51.84
CA LEU T 164 -15.38 -35.96 50.76
C LEU T 164 -15.87 -34.55 51.09
N THR T 165 -15.22 -33.55 50.50
CA THR T 165 -15.64 -32.16 50.67
C THR T 165 -15.95 -31.49 49.33
N SER T 166 -16.05 -32.26 48.24
CA SER T 166 -16.31 -31.71 46.92
C SER T 166 -17.80 -31.73 46.64
N GLY T 167 -18.37 -30.57 46.35
CA GLY T 167 -19.79 -30.47 46.05
C GLY T 167 -20.70 -30.82 47.20
N VAL T 168 -20.23 -30.71 48.44
CA VAL T 168 -21.03 -31.03 49.61
C VAL T 168 -21.73 -29.76 50.09
N HIS T 169 -23.06 -29.80 50.15
CA HIS T 169 -23.86 -28.67 50.60
C HIS T 169 -24.65 -29.11 51.84
N THR T 170 -24.27 -28.58 53.00
CA THR T 170 -24.97 -28.86 54.25
C THR T 170 -25.83 -27.64 54.58
N PHE T 171 -27.16 -27.81 54.57
CA PHE T 171 -27.94 -26.60 54.66
C PHE T 171 -28.16 -26.19 56.11
N PRO T 172 -28.43 -24.90 56.36
CA PRO T 172 -28.66 -24.45 57.74
C PRO T 172 -29.87 -25.13 58.36
N ALA T 173 -29.82 -25.24 59.69
CA ALA T 173 -30.94 -25.82 60.43
C ALA T 173 -32.15 -24.91 60.34
N VAL T 174 -33.30 -25.49 60.01
CA VAL T 174 -34.57 -24.76 59.97
C VAL T 174 -35.46 -25.33 61.07
N LEU T 175 -36.00 -24.43 61.90
CA LEU T 175 -36.88 -24.81 63.01
C LEU T 175 -38.26 -25.12 62.45
N GLN T 176 -38.67 -26.39 62.52
CA GLN T 176 -39.96 -26.79 62.00
C GLN T 176 -41.04 -26.64 63.07
N SER T 177 -42.30 -26.76 62.63
CA SER T 177 -43.42 -26.37 63.47
C SER T 177 -43.48 -27.14 64.78
N SER T 178 -42.93 -28.35 64.80
CA SER T 178 -42.91 -29.15 66.01
C SER T 178 -42.03 -28.55 67.10
N GLY T 179 -41.18 -27.58 66.76
CA GLY T 179 -40.24 -27.02 67.71
C GLY T 179 -38.88 -27.68 67.69
N LEU T 180 -38.58 -28.49 66.67
CA LEU T 180 -37.32 -29.20 66.56
C LEU T 180 -36.62 -28.77 65.27
N TYR T 181 -35.31 -28.66 65.32
CA TYR T 181 -34.59 -28.30 64.11
C TYR T 181 -34.46 -29.51 63.18
N SER T 182 -34.17 -29.22 61.91
CA SER T 182 -33.96 -30.28 60.93
C SER T 182 -33.25 -29.68 59.72
N LEU T 183 -32.15 -30.31 59.30
CA LEU T 183 -31.42 -29.90 58.12
C LEU T 183 -31.19 -31.10 57.22
N SER T 184 -30.76 -30.81 55.99
CA SER T 184 -30.40 -31.85 55.04
C SER T 184 -29.10 -31.45 54.37
N SER T 185 -28.18 -32.39 54.27
CA SER T 185 -26.87 -32.17 53.66
C SER T 185 -26.72 -33.11 52.47
N VAL T 186 -26.30 -32.56 51.33
CA VAL T 186 -26.24 -33.31 50.08
C VAL T 186 -24.85 -33.19 49.48
N VAL T 187 -24.52 -34.18 48.64
CA VAL T 187 -23.27 -34.21 47.90
C VAL T 187 -23.57 -34.52 46.44
N THR T 188 -22.92 -33.79 45.54
CA THR T 188 -23.12 -33.92 44.10
C THR T 188 -21.92 -34.63 43.50
N VAL T 189 -22.15 -35.81 42.93
CA VAL T 189 -21.09 -36.65 42.37
C VAL T 189 -21.54 -37.19 41.02
N PRO T 190 -20.57 -37.65 40.20
CA PRO T 190 -20.93 -38.24 38.92
C PRO T 190 -21.90 -39.41 39.05
N SER T 191 -22.74 -39.56 38.02
CA SER T 191 -23.80 -40.57 38.01
C SER T 191 -23.23 -41.98 38.09
N GLN T 197 -16.91 -46.77 44.69
CA GLN T 197 -16.71 -46.21 46.03
C GLN T 197 -18.00 -46.27 46.85
N THR T 198 -17.97 -45.68 48.04
CA THR T 198 -19.10 -45.73 48.96
C THR T 198 -19.12 -44.46 49.80
N TYR T 199 -20.29 -43.84 49.92
CA TYR T 199 -20.39 -42.49 50.49
C TYR T 199 -21.03 -42.60 51.86
N ILE T 200 -20.29 -42.23 52.90
CA ILE T 200 -20.73 -42.35 54.28
C ILE T 200 -21.03 -40.97 54.83
N CYS T 201 -22.09 -40.86 55.62
CA CYS T 201 -22.49 -39.61 56.25
C CYS T 201 -22.13 -39.62 57.73
N ASN T 202 -21.51 -38.55 58.20
CA ASN T 202 -21.04 -38.44 59.59
C ASN T 202 -21.83 -37.35 60.28
N VAL T 203 -22.74 -37.73 61.17
CA VAL T 203 -23.63 -36.81 61.88
C VAL T 203 -23.25 -36.80 63.35
N ASN T 204 -23.06 -35.60 63.90
CA ASN T 204 -22.72 -35.42 65.30
C ASN T 204 -23.67 -34.41 65.93
N HIS T 205 -24.25 -34.79 67.07
CA HIS T 205 -25.08 -33.89 67.88
C HIS T 205 -24.60 -34.00 69.32
N LYS T 206 -23.72 -33.09 69.74
CA LYS T 206 -23.09 -33.15 71.05
C LYS T 206 -24.06 -32.98 72.22
N PRO T 207 -25.05 -32.08 72.14
CA PRO T 207 -26.00 -31.97 73.28
C PRO T 207 -26.66 -33.29 73.64
N SER T 208 -26.93 -34.15 72.66
CA SER T 208 -27.40 -35.50 72.93
C SER T 208 -26.29 -36.54 72.88
N ASN T 209 -25.09 -36.14 72.44
CA ASN T 209 -23.93 -37.02 72.34
C ASN T 209 -24.27 -38.29 71.55
N THR T 210 -24.84 -38.08 70.36
CA THR T 210 -25.20 -39.17 69.46
C THR T 210 -24.48 -38.95 68.14
N LYS T 211 -23.66 -39.92 67.75
CA LYS T 211 -22.92 -39.89 66.49
C LYS T 211 -23.37 -41.07 65.64
N VAL T 212 -23.94 -40.76 64.47
CA VAL T 212 -24.51 -41.77 63.59
C VAL T 212 -23.80 -41.68 62.24
N ASP T 213 -23.36 -42.83 61.72
CA ASP T 213 -22.74 -42.93 60.41
C ASP T 213 -23.60 -43.86 59.55
N LYS T 214 -24.18 -43.31 58.49
CA LYS T 214 -25.08 -44.06 57.62
C LYS T 214 -24.61 -44.00 56.17
N LYS T 215 -24.61 -45.15 55.52
CA LYS T 215 -24.30 -45.25 54.10
C LYS T 215 -25.47 -44.75 53.27
N VAL T 216 -25.16 -44.21 52.09
CA VAL T 216 -26.17 -43.76 51.15
C VAL T 216 -26.13 -44.72 49.97
N GLU T 217 -27.07 -45.66 49.93
CA GLU T 217 -27.07 -46.70 48.93
C GLU T 217 -28.17 -46.49 47.89
N ARG U 7 -16.49 5.28 81.77
CA ARG U 7 -17.14 5.73 80.55
C ARG U 7 -16.14 6.14 79.46
N PRO U 8 -15.08 6.89 79.81
CA PRO U 8 -13.99 7.05 78.83
C PRO U 8 -12.93 5.96 78.98
N TRP U 9 -12.80 5.10 77.98
CA TRP U 9 -11.76 4.07 78.01
C TRP U 9 -10.45 4.73 77.61
N ASN U 10 -9.65 5.10 78.60
CA ASN U 10 -8.37 5.79 78.38
C ASN U 10 -7.23 4.94 78.92
N PRO U 11 -7.01 3.75 78.37
CA PRO U 11 -5.91 2.92 78.85
C PRO U 11 -4.58 3.55 78.49
N PRO U 12 -3.74 3.82 79.48
CA PRO U 12 -2.45 4.46 79.20
C PRO U 12 -1.62 3.65 78.22
N THR U 13 -0.73 4.34 77.52
CA THR U 13 0.23 3.69 76.62
C THR U 13 1.56 3.55 77.34
N PHE U 14 2.28 2.48 77.00
CA PHE U 14 3.47 2.09 77.75
C PHE U 14 4.55 1.70 76.74
N SER U 15 5.47 2.63 76.48
CA SER U 15 6.46 2.47 75.44
C SER U 15 7.86 2.66 76.00
N PRO U 16 8.87 2.03 75.40
CA PRO U 16 8.78 1.07 74.28
C PRO U 16 8.38 -0.33 74.71
N ALA U 17 8.16 -1.21 73.73
CA ALA U 17 7.76 -2.58 74.03
C ALA U 17 8.90 -3.38 74.61
N LEU U 18 10.13 -3.17 74.13
CA LEU U 18 11.29 -3.89 74.60
C LEU U 18 12.43 -2.92 74.87
N LEU U 19 13.16 -3.17 75.95
CA LEU U 19 14.26 -2.30 76.37
C LEU U 19 15.46 -3.14 76.74
N VAL U 20 16.59 -2.88 76.09
CA VAL U 20 17.87 -3.51 76.43
C VAL U 20 18.80 -2.43 76.98
N VAL U 21 19.29 -2.64 78.20
CA VAL U 21 20.25 -1.74 78.82
C VAL U 21 21.34 -2.57 79.49
N THR U 22 22.55 -2.04 79.50
CA THR U 22 23.66 -2.69 80.17
C THR U 22 23.56 -2.47 81.67
N GLU U 23 24.06 -3.44 82.44
CA GLU U 23 23.94 -3.39 83.89
C GLU U 23 24.65 -2.17 84.45
N GLY U 24 23.96 -1.46 85.36
CA GLY U 24 24.46 -0.24 85.95
C GLY U 24 23.95 1.03 85.32
N ASP U 25 23.38 0.95 84.11
CA ASP U 25 22.87 2.11 83.41
C ASP U 25 21.40 2.33 83.77
N ASN U 26 20.97 3.59 83.79
CA ASN U 26 19.56 3.86 84.04
C ASN U 26 18.72 3.42 82.86
N ALA U 27 17.58 2.80 83.15
CA ALA U 27 16.58 2.44 82.16
C ALA U 27 15.31 3.21 82.46
N THR U 28 14.75 3.86 81.43
CA THR U 28 13.61 4.75 81.59
C THR U 28 12.52 4.35 80.61
N PHE U 29 11.29 4.28 81.09
CA PHE U 29 10.14 4.01 80.22
C PHE U 29 9.31 5.29 80.13
N THR U 30 8.25 5.23 79.32
CA THR U 30 7.33 6.36 79.17
C THR U 30 5.90 5.86 79.29
N CYS U 31 5.21 6.31 80.34
CA CYS U 31 3.80 6.01 80.54
C CYS U 31 2.99 7.26 80.29
N SER U 32 2.13 7.23 79.28
CA SER U 32 1.34 8.38 78.87
C SER U 32 -0.14 8.11 79.12
N PHE U 33 -0.78 9.01 79.88
CA PHE U 33 -2.20 8.88 80.20
C PHE U 33 -2.86 10.24 80.04
N SER U 34 -3.88 10.30 79.19
CA SER U 34 -4.66 11.52 78.99
C SER U 34 -5.83 11.50 79.99
N ASN U 35 -5.69 12.27 81.05
CA ASN U 35 -6.68 12.29 82.12
C ASN U 35 -7.99 12.94 81.68
N THR U 36 -9.08 12.51 82.33
CA THR U 36 -10.35 13.20 82.28
C THR U 36 -10.62 14.04 83.52
N SER U 37 -10.04 13.66 84.66
CA SER U 37 -10.09 14.43 85.90
C SER U 37 -8.69 14.50 86.50
N GLU U 38 -8.52 15.38 87.48
CA GLU U 38 -7.25 15.46 88.19
C GLU U 38 -7.17 14.53 89.37
N SER U 39 -8.27 13.83 89.69
CA SER U 39 -8.28 12.83 90.75
C SER U 39 -7.87 11.50 90.14
N PHE U 40 -6.55 11.31 90.03
CA PHE U 40 -6.02 10.09 89.44
C PHE U 40 -4.59 9.87 89.94
N VAL U 41 -4.20 8.59 89.98
CA VAL U 41 -2.85 8.20 90.34
C VAL U 41 -2.34 7.26 89.26
N LEU U 42 -1.03 7.23 89.07
CA LEU U 42 -0.38 6.27 88.19
C LEU U 42 0.51 5.36 89.01
N ASN U 43 0.41 4.06 88.76
CA ASN U 43 1.19 3.07 89.47
C ASN U 43 2.21 2.45 88.52
N TRP U 44 3.30 1.95 89.11
CA TRP U 44 4.44 1.45 88.37
C TRP U 44 4.69 0.01 88.82
N TYR U 45 4.47 -0.92 87.90
CA TYR U 45 4.35 -2.34 88.23
C TYR U 45 5.43 -3.16 87.54
N ARG U 46 5.89 -4.18 88.24
CA ARG U 46 6.69 -5.25 87.67
C ARG U 46 6.01 -6.57 87.98
N MET U 47 6.04 -7.49 87.02
CA MET U 47 5.47 -8.81 87.27
C MET U 47 6.53 -9.62 87.98
N SER U 48 6.44 -9.68 89.30
CA SER U 48 7.42 -10.34 90.12
C SER U 48 7.39 -11.83 89.83
N PRO U 49 8.37 -12.59 90.34
CA PRO U 49 8.29 -14.05 90.22
C PRO U 49 7.01 -14.65 90.78
N SER U 50 6.34 -13.94 91.69
CA SER U 50 5.02 -14.36 92.14
C SER U 50 3.94 -14.21 91.07
N ASN U 51 4.29 -13.72 89.88
CA ASN U 51 3.35 -13.48 88.78
C ASN U 51 2.17 -12.63 89.25
N GLN U 52 2.50 -11.51 89.87
CA GLN U 52 1.51 -10.64 90.49
C GLN U 52 1.98 -9.20 90.32
N THR U 53 1.03 -8.28 90.21
CA THR U 53 1.34 -6.86 90.02
C THR U 53 1.97 -6.30 91.29
N ASP U 54 3.30 -6.16 91.26
CA ASP U 54 4.03 -5.58 92.38
C ASP U 54 4.20 -4.09 92.14
N LYS U 55 3.66 -3.27 93.04
CA LYS U 55 3.72 -1.82 92.88
C LYS U 55 5.13 -1.34 93.15
N LEU U 56 5.85 -1.00 92.08
CA LEU U 56 7.24 -0.57 92.23
C LEU U 56 7.30 0.86 92.75
N ALA U 57 6.51 1.76 92.16
CA ALA U 57 6.43 3.16 92.58
C ALA U 57 5.10 3.72 92.10
N ALA U 58 4.83 4.97 92.48
CA ALA U 58 3.58 5.61 92.10
C ALA U 58 3.70 7.11 92.30
N PHE U 59 3.02 7.86 91.44
CA PHE U 59 2.94 9.31 91.54
C PHE U 59 1.56 9.80 91.10
N PRO U 60 0.80 10.50 91.97
CA PRO U 60 1.19 11.03 93.31
C PRO U 60 1.66 9.99 94.32
N GLU U 61 2.58 10.45 95.18
CA GLU U 61 3.29 9.62 96.14
C GLU U 61 2.32 8.88 97.04
N ASP U 62 2.04 7.62 96.69
CA ASP U 62 1.10 6.77 97.42
C ASP U 62 1.86 6.01 98.51
N ARG U 63 2.27 6.75 99.53
CA ARG U 63 3.14 6.22 100.58
C ARG U 63 4.38 5.59 99.94
N SER U 64 4.90 6.26 98.92
CA SER U 64 6.06 5.75 98.18
C SER U 64 7.36 6.06 98.91
N GLN U 65 7.48 7.28 99.43
CA GLN U 65 8.66 7.68 100.21
C GLN U 65 9.03 6.69 101.31
N PRO U 66 8.11 6.18 102.14
CA PRO U 66 8.54 5.31 103.25
C PRO U 66 9.20 4.01 102.80
N GLY U 67 8.60 3.27 101.86
CA GLY U 67 9.06 1.92 101.60
C GLY U 67 9.25 1.50 100.16
N GLN U 68 9.39 2.46 99.25
CA GLN U 68 9.70 2.16 97.86
C GLN U 68 11.18 2.39 97.59
N ASP U 69 11.82 1.37 97.03
CA ASP U 69 13.18 1.43 96.51
C ASP U 69 13.42 2.72 95.77
N CYS U 70 14.34 3.54 96.26
CA CYS U 70 14.67 4.78 95.58
C CYS U 70 15.29 4.53 94.22
N ARG U 71 15.54 3.26 93.89
CA ARG U 71 16.07 2.85 92.60
C ARG U 71 15.00 2.86 91.50
N PHE U 72 13.71 2.83 91.85
CA PHE U 72 12.63 2.94 90.89
C PHE U 72 11.96 4.29 91.10
N ARG U 73 11.94 5.12 90.05
CA ARG U 73 11.45 6.48 90.12
C ARG U 73 10.37 6.74 89.08
N VAL U 74 9.48 7.68 89.38
CA VAL U 74 8.41 8.10 88.50
C VAL U 74 8.38 9.63 88.49
N THR U 75 8.48 10.22 87.30
CA THR U 75 8.55 11.66 87.12
C THR U 75 7.42 12.13 86.21
N GLN U 76 6.75 13.22 86.60
CA GLN U 76 5.71 13.84 85.76
C GLN U 76 6.38 14.82 84.83
N LEU U 77 6.32 14.54 83.54
CA LEU U 77 6.75 15.52 82.56
C LEU U 77 5.78 16.71 82.59
N PRO U 78 6.26 17.92 82.40
CA PRO U 78 5.40 19.10 82.56
C PRO U 78 4.39 19.29 81.44
N ASN U 79 4.25 18.29 80.55
CA ASN U 79 3.28 18.39 79.47
C ASN U 79 1.87 18.02 79.90
N GLY U 80 1.70 17.32 81.02
CA GLY U 80 0.39 17.01 81.54
C GLY U 80 -0.12 15.61 81.25
N ARG U 81 0.64 14.80 80.50
CA ARG U 81 0.19 13.48 80.12
C ARG U 81 1.25 12.39 80.19
N ASP U 82 2.53 12.73 80.02
CA ASP U 82 3.59 11.72 79.91
C ASP U 82 4.33 11.65 81.23
N PHE U 83 4.54 10.43 81.74
CA PHE U 83 5.38 10.22 82.91
C PHE U 83 6.55 9.32 82.52
N HIS U 84 7.68 9.49 83.20
CA HIS U 84 8.87 8.69 82.96
C HIS U 84 9.01 7.67 84.08
N MET U 85 8.90 6.39 83.72
CA MET U 85 9.14 5.30 84.65
C MET U 85 10.59 4.86 84.48
N SER U 86 11.41 5.10 85.50
CA SER U 86 12.85 4.91 85.39
C SER U 86 13.36 3.98 86.48
N VAL U 87 14.28 3.10 86.10
CA VAL U 87 14.95 2.17 87.00
C VAL U 87 16.43 2.54 86.99
N VAL U 88 16.89 3.17 88.08
CA VAL U 88 18.28 3.56 88.13
C VAL U 88 19.15 2.34 88.42
N ARG U 89 20.44 2.46 88.11
CA ARG U 89 21.44 1.45 88.44
C ARG U 89 20.94 0.05 88.10
N ALA U 90 20.69 -0.18 86.81
CA ALA U 90 20.04 -1.42 86.38
C ALA U 90 20.86 -2.64 86.83
N ARG U 91 20.17 -3.61 87.41
CA ARG U 91 20.76 -4.85 87.88
C ARG U 91 20.16 -6.00 87.11
N ARG U 92 20.87 -7.14 87.05
CA ARG U 92 20.37 -8.24 86.25
C ARG U 92 19.06 -8.80 86.81
N ASN U 93 18.87 -8.68 88.12
CA ASN U 93 17.65 -9.13 88.76
C ASN U 93 16.45 -8.38 88.24
N ASP U 94 16.64 -7.12 87.89
CA ASP U 94 15.53 -6.28 87.45
C ASP U 94 14.85 -6.77 86.18
N SER U 95 15.64 -7.26 85.23
CA SER U 95 15.08 -7.68 83.95
C SER U 95 13.77 -8.42 84.11
N GLY U 96 12.74 -7.98 83.39
CA GLY U 96 11.44 -8.62 83.48
C GLY U 96 10.37 -7.83 82.76
N THR U 97 9.13 -8.28 82.87
CA THR U 97 8.03 -7.57 82.23
C THR U 97 7.51 -6.49 83.14
N TYR U 98 7.34 -5.30 82.61
CA TYR U 98 6.85 -4.19 83.42
C TYR U 98 5.60 -3.62 82.78
N LEU U 99 4.82 -2.89 83.57
CA LEU U 99 3.62 -2.26 83.03
C LEU U 99 3.21 -1.07 83.87
N CYS U 100 2.44 -0.17 83.29
CA CYS U 100 1.96 1.00 84.02
C CYS U 100 0.45 1.07 83.94
N GLY U 101 -0.19 1.46 85.04
CA GLY U 101 -1.63 1.52 85.07
C GLY U 101 -2.19 2.84 85.55
N ALA U 102 -3.38 3.19 85.07
CA ALA U 102 -4.00 4.44 85.47
C ALA U 102 -5.20 4.18 86.33
N ILE U 103 -5.31 4.90 87.44
CA ILE U 103 -6.46 4.75 88.30
C ILE U 103 -7.06 6.09 88.62
N SER U 104 -8.25 6.35 88.11
CA SER U 104 -8.93 7.58 88.47
C SER U 104 -9.32 7.43 89.92
N LEU U 105 -9.60 8.54 90.59
CA LEU U 105 -9.93 8.47 92.01
C LEU U 105 -11.43 8.48 92.20
N ALA U 106 -12.16 8.14 91.15
CA ALA U 106 -13.62 8.09 91.26
C ALA U 106 -14.02 7.05 92.29
N PRO U 107 -15.22 7.21 92.88
CA PRO U 107 -15.65 6.29 93.92
C PRO U 107 -15.63 4.85 93.43
N LYS U 108 -16.05 4.63 92.19
CA LYS U 108 -16.10 3.27 91.66
C LYS U 108 -15.04 3.04 90.60
N ALA U 109 -14.06 3.92 90.53
CA ALA U 109 -13.03 3.79 89.51
C ALA U 109 -12.13 2.58 89.74
N GLN U 110 -11.79 1.89 88.66
CA GLN U 110 -10.88 0.75 88.77
C GLN U 110 -9.59 1.10 88.05
N ILE U 111 -8.89 0.12 87.51
CA ILE U 111 -7.60 0.41 86.89
C ILE U 111 -7.54 0.10 85.41
N LYS U 112 -6.83 0.94 84.65
CA LYS U 112 -6.67 0.68 83.24
C LYS U 112 -5.23 0.23 83.03
N GLU U 113 -5.06 -0.99 82.53
CA GLU U 113 -3.71 -1.53 82.39
C GLU U 113 -3.09 -1.26 81.03
N SER U 114 -1.83 -0.85 81.02
CA SER U 114 -1.15 -0.58 79.77
C SER U 114 -0.61 -1.84 79.17
N LEU U 115 -0.34 -1.81 77.87
CA LEU U 115 0.26 -2.96 77.24
C LEU U 115 1.60 -3.17 77.89
N ARG U 116 1.92 -4.41 78.23
CA ARG U 116 3.17 -4.68 78.95
C ARG U 116 4.42 -4.48 78.11
N ALA U 117 5.54 -4.20 78.77
CA ALA U 117 6.79 -4.04 78.06
C ALA U 117 7.88 -4.81 78.78
N GLU U 118 8.98 -5.10 78.11
CA GLU U 118 10.04 -5.89 78.72
C GLU U 118 11.29 -5.09 79.01
N LEU U 119 11.89 -5.32 80.16
CA LEU U 119 13.14 -4.64 80.48
C LEU U 119 14.24 -5.67 80.45
N ARG U 120 15.33 -5.35 79.76
CA ARG U 120 16.42 -6.30 79.63
C ARG U 120 17.74 -5.69 80.09
N VAL U 121 18.48 -6.43 80.89
CA VAL U 121 19.76 -5.94 81.37
C VAL U 121 20.89 -6.78 80.79
N THR U 122 21.78 -6.15 80.04
CA THR U 122 22.90 -6.86 79.45
C THR U 122 24.13 -6.76 80.35
N GLU U 123 25.02 -7.73 80.27
CA GLU U 123 26.23 -7.73 81.12
C GLU U 123 26.48 -6.38 81.78
N ASP V 1 -23.89 8.83 -85.55
CA ASP V 1 -22.99 9.07 -84.44
C ASP V 1 -23.53 8.42 -83.17
N ILE V 2 -22.72 8.40 -82.11
CA ILE V 2 -23.15 7.89 -80.82
C ILE V 2 -23.70 9.08 -80.04
N GLN V 3 -25.02 9.23 -80.07
CA GLN V 3 -25.66 10.38 -79.42
C GLN V 3 -25.54 10.26 -77.92
N MET V 4 -25.02 11.31 -77.29
CA MET V 4 -24.88 11.38 -75.84
C MET V 4 -25.89 12.38 -75.29
N THR V 5 -26.83 11.89 -74.49
CA THR V 5 -27.81 12.71 -73.80
C THR V 5 -27.56 12.61 -72.31
N GLN V 6 -27.49 13.77 -71.64
CA GLN V 6 -27.03 13.85 -70.26
C GLN V 6 -28.11 14.55 -69.43
N SER V 7 -28.60 13.85 -68.41
CA SER V 7 -29.72 14.33 -67.60
C SER V 7 -29.33 14.34 -66.13
N PRO V 8 -29.68 15.40 -65.40
CA PRO V 8 -30.41 16.60 -65.84
C PRO V 8 -29.47 17.62 -66.49
N SER V 9 -30.01 18.76 -66.94
CA SER V 9 -29.16 19.82 -67.49
C SER V 9 -28.52 20.65 -66.39
N SER V 10 -29.25 20.87 -65.30
CA SER V 10 -28.72 21.61 -64.15
C SER V 10 -29.33 21.03 -62.87
N LEU V 11 -28.66 21.30 -61.75
CA LEU V 11 -29.14 20.81 -60.46
C LEU V 11 -28.51 21.66 -59.35
N SER V 12 -29.22 21.74 -58.24
CA SER V 12 -28.78 22.51 -57.07
C SER V 12 -28.91 21.62 -55.84
N ALA V 13 -27.80 21.44 -55.12
CA ALA V 13 -27.78 20.66 -53.90
C ALA V 13 -26.87 21.31 -52.88
N SER V 14 -27.13 21.02 -51.60
CA SER V 14 -26.37 21.62 -50.51
C SER V 14 -25.11 20.79 -50.22
N VAL V 15 -24.33 21.28 -49.26
CA VAL V 15 -23.08 20.62 -48.90
C VAL V 15 -23.37 19.29 -48.21
N GLY V 16 -22.79 18.22 -48.74
CA GLY V 16 -22.96 16.90 -48.16
C GLY V 16 -24.09 16.08 -48.75
N ASP V 17 -24.63 16.47 -49.89
CA ASP V 17 -25.73 15.77 -50.52
C ASP V 17 -25.23 14.85 -51.63
N ARG V 18 -25.92 13.73 -51.82
CA ARG V 18 -25.60 12.80 -52.90
C ARG V 18 -26.25 13.30 -54.18
N VAL V 19 -25.45 13.70 -55.15
CA VAL V 19 -25.94 14.15 -56.45
C VAL V 19 -25.71 13.04 -57.46
N THR V 20 -26.57 13.00 -58.48
CA THR V 20 -26.55 11.95 -59.48
C THR V 20 -26.75 12.55 -60.86
N ILE V 21 -25.84 12.23 -61.78
CA ILE V 21 -25.91 12.68 -63.17
C ILE V 21 -25.94 11.45 -64.06
N THR V 22 -26.93 11.39 -64.95
CA THR V 22 -27.12 10.24 -65.82
C THR V 22 -26.67 10.57 -67.24
N CYS V 23 -25.83 9.71 -67.80
CA CYS V 23 -25.39 9.80 -69.18
C CYS V 23 -25.94 8.61 -69.95
N ARG V 24 -26.72 8.87 -70.99
CA ARG V 24 -27.37 7.85 -71.79
C ARG V 24 -26.87 7.93 -73.23
N ALA V 25 -26.44 6.79 -73.76
CA ALA V 25 -25.83 6.71 -75.08
C ALA V 25 -26.81 6.09 -76.08
N SER V 26 -26.67 6.52 -77.34
CA SER V 26 -27.47 5.94 -78.41
C SER V 26 -27.14 4.47 -78.60
N GLN V 27 -25.89 4.18 -78.94
CA GLN V 27 -25.40 2.81 -79.07
C GLN V 27 -24.59 2.44 -77.83
N SER V 28 -24.43 1.14 -77.62
CA SER V 28 -23.63 0.68 -76.50
C SER V 28 -22.16 0.99 -76.74
N ILE V 29 -21.49 1.48 -75.71
CA ILE V 29 -20.10 1.91 -75.80
C ILE V 29 -19.18 1.04 -74.93
N SER V 30 -19.64 -0.15 -74.56
CA SER V 30 -18.89 -1.08 -73.71
C SER V 30 -18.57 -0.36 -72.40
N SER V 31 -17.31 -0.19 -72.01
CA SER V 31 -16.95 0.57 -70.82
C SER V 31 -16.21 1.86 -71.16
N TYR V 32 -16.29 2.29 -72.42
CA TYR V 32 -15.52 3.45 -72.89
C TYR V 32 -16.33 4.72 -72.66
N LEU V 33 -16.31 5.19 -71.42
CA LEU V 33 -16.95 6.46 -71.09
C LEU V 33 -16.12 7.19 -70.03
N ASN V 34 -16.03 8.50 -70.18
CA ASN V 34 -15.22 9.34 -69.30
C ASN V 34 -16.04 10.52 -68.81
N TRP V 35 -15.74 10.96 -67.59
CA TRP V 35 -16.39 12.11 -66.98
C TRP V 35 -15.37 13.24 -66.82
N TYR V 36 -15.82 14.48 -67.06
CA TYR V 36 -14.94 15.64 -67.06
C TYR V 36 -15.53 16.75 -66.21
N GLN V 37 -14.67 17.40 -65.42
CA GLN V 37 -15.05 18.56 -64.62
C GLN V 37 -14.51 19.82 -65.30
N GLN V 38 -15.40 20.74 -65.63
CA GLN V 38 -15.02 22.03 -66.20
C GLN V 38 -15.52 23.14 -65.28
N LYS V 39 -14.64 23.62 -64.41
CA LYS V 39 -14.96 24.84 -63.65
C LYS V 39 -15.07 26.01 -64.61
N PRO V 40 -15.85 27.03 -64.26
CA PRO V 40 -16.08 28.14 -65.21
C PRO V 40 -14.78 28.87 -65.55
N GLY V 41 -14.57 29.07 -66.85
CA GLY V 41 -13.36 29.74 -67.32
C GLY V 41 -12.09 28.98 -67.10
N LYS V 42 -12.13 27.65 -67.15
CA LYS V 42 -10.96 26.81 -66.92
C LYS V 42 -11.00 25.64 -67.90
N ALA V 43 -9.89 24.89 -67.93
CA ALA V 43 -9.81 23.70 -68.76
C ALA V 43 -10.52 22.53 -68.10
N PRO V 44 -11.01 21.57 -68.89
CA PRO V 44 -11.66 20.40 -68.31
C PRO V 44 -10.67 19.54 -67.54
N LYS V 45 -11.20 18.84 -66.54
CA LYS V 45 -10.42 17.96 -65.69
C LYS V 45 -11.00 16.56 -65.77
N LEU V 46 -10.16 15.57 -66.01
CA LEU V 46 -10.63 14.19 -66.06
C LEU V 46 -10.96 13.70 -64.66
N LEU V 47 -12.17 13.18 -64.49
CA LEU V 47 -12.63 12.67 -63.21
C LEU V 47 -12.68 11.14 -63.20
N ILE V 48 -13.54 10.56 -64.03
CA ILE V 48 -13.73 9.11 -64.09
C ILE V 48 -13.31 8.64 -65.48
N TYR V 49 -12.53 7.57 -65.53
CA TYR V 49 -12.16 6.94 -66.79
C TYR V 49 -12.52 5.47 -66.73
N ALA V 50 -12.73 4.88 -67.92
CA ALA V 50 -13.15 3.50 -68.06
C ALA V 50 -14.44 3.24 -67.25
N ALA V 51 -15.41 4.14 -67.42
CA ALA V 51 -16.74 4.03 -66.85
C ALA V 51 -16.77 4.19 -65.34
N SER V 52 -15.81 3.59 -64.63
CA SER V 52 -15.86 3.58 -63.18
C SER V 52 -14.53 3.82 -62.47
N SER V 53 -13.40 3.79 -63.17
CA SER V 53 -12.12 4.01 -62.51
C SER V 53 -11.94 5.49 -62.16
N LEU V 54 -11.25 5.73 -61.05
CA LEU V 54 -11.03 7.09 -60.55
C LEU V 54 -9.63 7.54 -60.95
N GLN V 55 -9.55 8.71 -61.59
CA GLN V 55 -8.26 9.27 -61.95
C GLN V 55 -7.51 9.73 -60.70
N SER V 56 -6.19 9.58 -60.74
CA SER V 56 -5.36 10.01 -59.62
C SER V 56 -5.48 11.52 -59.41
N GLY V 57 -5.40 11.94 -58.15
CA GLY V 57 -5.56 13.33 -57.80
C GLY V 57 -6.99 13.83 -57.76
N VAL V 58 -7.96 12.98 -58.10
CA VAL V 58 -9.38 13.32 -58.04
C VAL V 58 -9.91 12.82 -56.70
N PRO V 59 -10.64 13.64 -55.94
CA PRO V 59 -11.13 13.20 -54.64
C PRO V 59 -12.04 11.98 -54.74
N SER V 60 -11.96 11.12 -53.73
CA SER V 60 -12.65 9.84 -53.75
C SER V 60 -14.17 9.97 -53.74
N ARG V 61 -14.69 11.15 -53.39
CA ARG V 61 -16.14 11.32 -53.33
C ARG V 61 -16.80 11.15 -54.70
N PHE V 62 -16.10 11.46 -55.78
CA PHE V 62 -16.66 11.27 -57.11
C PHE V 62 -16.65 9.79 -57.47
N SER V 63 -17.79 9.27 -57.90
CA SER V 63 -17.94 7.85 -58.20
C SER V 63 -18.60 7.67 -59.56
N GLY V 64 -18.14 6.68 -60.30
CA GLY V 64 -18.68 6.34 -61.61
C GLY V 64 -19.30 4.95 -61.59
N SER V 65 -20.42 4.81 -62.28
CA SER V 65 -21.12 3.53 -62.34
C SER V 65 -21.91 3.45 -63.64
N GLY V 66 -21.77 2.34 -64.34
CA GLY V 66 -22.48 2.17 -65.60
C GLY V 66 -22.04 0.97 -66.41
N SER V 67 -23.00 0.31 -67.06
CA SER V 67 -22.72 -0.81 -67.94
C SER V 67 -23.61 -0.69 -69.18
N GLY V 68 -23.03 -0.95 -70.34
CA GLY V 68 -23.79 -0.88 -71.58
C GLY V 68 -23.95 0.52 -72.11
N THR V 69 -25.15 1.09 -71.94
CA THR V 69 -25.48 2.39 -72.51
C THR V 69 -25.54 3.51 -71.48
N ASP V 70 -26.22 3.30 -70.35
CA ASP V 70 -26.41 4.37 -69.37
C ASP V 70 -25.39 4.25 -68.25
N PHE V 71 -24.60 5.30 -68.05
CA PHE V 71 -23.62 5.35 -66.97
C PHE V 71 -24.01 6.49 -66.04
N THR V 72 -23.39 6.52 -64.85
CA THR V 72 -23.78 7.46 -63.81
C THR V 72 -22.57 8.01 -63.08
N LEU V 73 -22.54 9.33 -62.90
CA LEU V 73 -21.60 9.99 -62.01
C LEU V 73 -22.28 10.27 -60.68
N THR V 74 -21.53 10.11 -59.59
CA THR V 74 -22.07 10.31 -58.25
C THR V 74 -21.02 10.97 -57.37
N ILE V 75 -21.40 12.11 -56.77
CA ILE V 75 -20.56 12.78 -55.78
C ILE V 75 -21.07 12.38 -54.41
N SER V 76 -20.18 11.78 -53.60
CA SER V 76 -20.57 11.30 -52.27
C SER V 76 -21.07 12.44 -51.39
N SER V 77 -20.17 13.36 -51.03
CA SER V 77 -20.51 14.51 -50.21
C SER V 77 -20.14 15.77 -51.00
N LEU V 78 -21.16 16.45 -51.52
CA LEU V 78 -20.93 17.61 -52.37
C LEU V 78 -20.25 18.73 -51.58
N GLN V 79 -19.27 19.36 -52.21
CA GLN V 79 -18.46 20.40 -51.59
C GLN V 79 -18.64 21.72 -52.34
N PRO V 80 -18.40 22.86 -51.66
CA PRO V 80 -18.64 24.15 -52.32
C PRO V 80 -17.80 24.37 -53.58
N GLU V 81 -16.56 23.91 -53.60
CA GLU V 81 -15.71 24.10 -54.77
C GLU V 81 -16.03 23.15 -55.91
N ASP V 82 -17.01 22.27 -55.76
CA ASP V 82 -17.42 21.38 -56.83
C ASP V 82 -18.40 22.03 -57.81
N PHE V 83 -18.60 23.35 -57.69
CA PHE V 83 -19.40 24.09 -58.66
C PHE V 83 -18.71 24.07 -60.02
N ALA V 84 -19.25 23.28 -60.96
CA ALA V 84 -18.68 23.16 -62.29
C ALA V 84 -19.72 22.47 -63.17
N THR V 85 -19.40 22.35 -64.46
CA THR V 85 -20.23 21.63 -65.41
C THR V 85 -19.53 20.34 -65.80
N TYR V 86 -20.29 19.25 -65.86
CA TYR V 86 -19.74 17.91 -66.00
C TYR V 86 -20.22 17.29 -67.31
N TYR V 87 -19.28 16.79 -68.11
CA TYR V 87 -19.61 16.20 -69.41
C TYR V 87 -19.25 14.72 -69.40
N CYS V 88 -19.98 13.94 -70.20
CA CYS V 88 -19.67 12.54 -70.44
C CYS V 88 -19.28 12.33 -71.90
N GLN V 89 -18.30 11.45 -72.13
CA GLN V 89 -17.69 11.24 -73.43
C GLN V 89 -17.40 9.77 -73.65
N GLN V 90 -17.55 9.29 -74.89
CA GLN V 90 -17.27 7.89 -75.17
C GLN V 90 -15.90 7.78 -75.84
N ASP V 91 -15.28 6.61 -75.66
CA ASP V 91 -14.02 6.29 -76.32
C ASP V 91 -14.17 5.15 -77.30
N TYR V 92 -15.41 4.73 -77.59
CA TYR V 92 -15.63 3.52 -78.37
C TYR V 92 -15.26 3.74 -79.84
N GLY V 93 -15.80 4.78 -80.47
CA GLY V 93 -15.56 4.97 -81.89
C GLY V 93 -15.68 6.41 -82.32
N LEU V 94 -15.30 6.64 -83.58
CA LEU V 94 -15.36 7.94 -84.23
C LEU V 94 -16.75 8.17 -84.82
N PRO V 95 -17.26 9.40 -84.82
CA PRO V 95 -16.67 10.62 -84.23
C PRO V 95 -16.80 10.61 -82.71
N PHE V 96 -15.86 11.24 -82.00
CA PHE V 96 -15.96 11.32 -80.56
C PHE V 96 -17.02 12.33 -80.17
N THR V 97 -17.96 11.92 -79.32
CA THR V 97 -19.11 12.72 -78.96
C THR V 97 -19.15 12.92 -77.46
N PHE V 98 -19.54 14.13 -77.03
CA PHE V 98 -19.70 14.40 -75.62
C PHE V 98 -21.18 14.62 -75.32
N GLY V 99 -21.51 14.62 -74.03
CA GLY V 99 -22.85 14.97 -73.62
C GLY V 99 -23.08 16.48 -73.64
N GLN V 100 -24.35 16.85 -73.43
CA GLN V 100 -24.69 18.27 -73.41
C GLN V 100 -24.00 18.99 -72.27
N GLY V 101 -23.89 18.33 -71.12
CA GLY V 101 -23.29 18.93 -69.95
C GLY V 101 -24.31 19.17 -68.85
N THR V 102 -23.88 18.96 -67.61
CA THR V 102 -24.74 19.14 -66.44
C THR V 102 -24.07 20.13 -65.50
N LYS V 103 -24.75 21.23 -65.22
CA LYS V 103 -24.24 22.28 -64.35
C LYS V 103 -24.67 22.01 -62.92
N VAL V 104 -23.71 21.69 -62.05
CA VAL V 104 -23.97 21.47 -60.63
C VAL V 104 -23.75 22.77 -59.89
N GLU V 105 -24.78 23.20 -59.13
CA GLU V 105 -24.76 24.45 -58.41
C GLU V 105 -24.83 24.17 -56.91
N ILE V 106 -24.07 24.94 -56.13
CA ILE V 106 -24.01 24.74 -54.69
C ILE V 106 -25.16 25.47 -54.00
N LYS V 107 -25.69 24.88 -52.95
CA LYS V 107 -26.77 25.45 -52.15
C LYS V 107 -26.26 25.99 -50.82
N ARG V 108 -26.70 27.19 -50.45
CA ARG V 108 -26.26 27.91 -49.26
C ARG V 108 -27.47 28.58 -48.62
N THR V 109 -27.29 29.02 -47.37
CA THR V 109 -28.23 29.91 -46.73
C THR V 109 -28.37 31.23 -47.49
N VAL V 110 -29.53 31.87 -47.32
CA VAL V 110 -29.83 33.11 -48.04
C VAL V 110 -28.93 34.23 -47.54
N ALA V 111 -28.26 34.92 -48.47
CA ALA V 111 -27.33 35.99 -48.16
C ALA V 111 -27.90 37.34 -48.59
N ALA V 112 -27.72 38.34 -47.72
CA ALA V 112 -28.21 39.69 -48.02
C ALA V 112 -27.23 40.41 -48.94
N PRO V 113 -27.71 41.05 -50.01
CA PRO V 113 -26.81 41.72 -50.95
C PRO V 113 -26.23 43.00 -50.37
N SER V 114 -24.93 43.19 -50.53
CA SER V 114 -24.29 44.48 -50.31
C SER V 114 -24.35 45.27 -51.60
N VAL V 115 -25.00 46.43 -51.57
CA VAL V 115 -25.39 47.15 -52.79
C VAL V 115 -24.76 48.53 -52.78
N PHE V 116 -23.92 48.81 -53.78
CA PHE V 116 -23.29 50.12 -53.92
C PHE V 116 -23.65 50.67 -55.30
N ILE V 117 -23.52 51.98 -55.45
CA ILE V 117 -23.77 52.66 -56.72
C ILE V 117 -22.60 53.59 -57.02
N PHE V 118 -22.12 53.55 -58.26
CA PHE V 118 -20.97 54.37 -58.64
C PHE V 118 -21.38 55.38 -59.69
N PRO V 119 -21.01 56.65 -59.55
CA PRO V 119 -21.28 57.63 -60.61
C PRO V 119 -20.28 57.51 -61.73
N PRO V 120 -20.62 57.98 -62.94
CA PRO V 120 -19.64 57.94 -64.03
C PRO V 120 -18.53 58.94 -63.80
N SER V 121 -17.31 58.53 -64.14
CA SER V 121 -16.16 59.41 -63.96
C SER V 121 -16.19 60.55 -64.97
N ASP V 122 -15.57 61.67 -64.58
CA ASP V 122 -15.49 62.82 -65.48
C ASP V 122 -14.77 62.50 -66.76
N GLU V 123 -13.89 61.49 -66.76
CA GLU V 123 -13.22 61.09 -67.99
C GLU V 123 -14.22 60.57 -69.00
N GLN V 124 -15.18 59.75 -68.56
CA GLN V 124 -16.17 59.22 -69.49
C GLN V 124 -17.10 60.29 -70.01
N LEU V 125 -17.38 61.32 -69.19
CA LEU V 125 -18.16 62.46 -69.68
C LEU V 125 -17.48 63.13 -70.86
N LYS V 126 -16.15 63.24 -70.82
CA LYS V 126 -15.42 63.78 -71.97
C LYS V 126 -15.56 62.88 -73.19
N SER V 127 -15.76 61.58 -72.97
CA SER V 127 -15.89 60.65 -74.11
C SER V 127 -17.23 60.83 -74.83
N GLY V 128 -18.26 61.28 -74.13
CA GLY V 128 -19.56 61.54 -74.71
C GLY V 128 -20.70 60.75 -74.10
N THR V 129 -20.42 59.61 -73.46
CA THR V 129 -21.43 58.80 -72.82
C THR V 129 -21.21 58.79 -71.31
N ALA V 130 -22.25 58.36 -70.59
CA ALA V 130 -22.19 58.22 -69.14
C ALA V 130 -22.74 56.87 -68.73
N SER V 131 -22.10 56.25 -67.74
CA SER V 131 -22.49 54.92 -67.28
C SER V 131 -22.49 54.91 -65.76
N VAL V 132 -23.67 54.78 -65.17
CA VAL V 132 -23.81 54.54 -63.74
C VAL V 132 -23.84 53.03 -63.50
N VAL V 133 -23.01 52.57 -62.56
CA VAL V 133 -22.86 51.14 -62.27
C VAL V 133 -23.37 50.88 -60.87
N CYS V 134 -24.20 49.85 -60.72
CA CYS V 134 -24.76 49.44 -59.43
C CYS V 134 -24.29 48.03 -59.13
N LEU V 135 -23.71 47.83 -57.96
CA LEU V 135 -23.05 46.58 -57.60
C LEU V 135 -23.83 45.83 -56.54
N LEU V 136 -23.95 44.52 -56.72
CA LEU V 136 -24.55 43.61 -55.76
C LEU V 136 -23.49 42.56 -55.41
N ASN V 137 -22.95 42.63 -54.20
CA ASN V 137 -21.82 41.79 -53.81
C ASN V 137 -22.25 40.72 -52.82
N ASN V 138 -21.79 39.49 -53.06
CA ASN V 138 -21.90 38.37 -52.12
C ASN V 138 -23.34 38.17 -51.64
N PHE V 139 -24.17 37.70 -52.56
CA PHE V 139 -25.57 37.44 -52.26
C PHE V 139 -26.02 36.12 -52.87
N TYR V 140 -26.99 35.50 -52.22
CA TYR V 140 -27.65 34.29 -52.71
C TYR V 140 -29.03 34.24 -52.05
N PRO V 141 -30.10 33.92 -52.82
CA PRO V 141 -30.09 33.42 -54.22
C PRO V 141 -29.56 34.28 -55.35
N ARG V 142 -29.41 33.63 -56.50
CA ARG V 142 -28.86 34.27 -57.68
C ARG V 142 -29.82 35.31 -58.21
N GLU V 143 -31.11 35.04 -58.10
CA GLU V 143 -32.12 35.88 -58.70
C GLU V 143 -32.31 37.12 -57.85
N ALA V 144 -32.26 38.27 -58.50
CA ALA V 144 -32.47 39.54 -57.82
C ALA V 144 -33.04 40.51 -58.84
N LYS V 145 -33.76 41.51 -58.35
CA LYS V 145 -34.44 42.46 -59.20
C LYS V 145 -33.79 43.84 -59.02
N VAL V 146 -33.12 44.30 -60.07
CA VAL V 146 -32.47 45.60 -60.07
C VAL V 146 -33.27 46.51 -60.97
N GLN V 147 -33.72 47.63 -60.41
CA GLN V 147 -34.49 48.61 -61.15
C GLN V 147 -33.91 50.00 -60.96
N TRP V 148 -33.77 50.74 -62.06
CA TRP V 148 -33.18 52.06 -62.10
C TRP V 148 -34.26 53.13 -62.10
N LYS V 149 -34.08 54.15 -61.26
CA LYS V 149 -35.03 55.24 -61.10
C LYS V 149 -34.29 56.57 -61.29
N VAL V 150 -34.25 57.04 -62.54
CA VAL V 150 -33.68 58.35 -62.85
C VAL V 150 -34.78 59.39 -62.62
N ASP V 151 -34.60 60.23 -61.60
CA ASP V 151 -35.62 61.17 -61.18
C ASP V 151 -36.92 60.46 -60.84
N ASN V 152 -36.81 59.34 -60.10
CA ASN V 152 -37.95 58.52 -59.69
C ASN V 152 -38.74 58.00 -60.88
N ALA V 153 -38.06 57.76 -62.00
CA ALA V 153 -38.68 57.23 -63.21
C ALA V 153 -38.00 55.91 -63.56
N LEU V 154 -38.80 54.85 -63.65
CA LEU V 154 -38.24 53.53 -63.94
C LEU V 154 -37.63 53.49 -65.33
N GLN V 155 -36.40 53.00 -65.42
CA GLN V 155 -35.69 52.93 -66.68
C GLN V 155 -35.87 51.56 -67.33
N SER V 156 -35.94 51.54 -68.66
CA SER V 156 -36.11 50.31 -69.41
C SER V 156 -35.26 50.35 -70.68
N GLY V 157 -34.61 49.24 -70.99
CA GLY V 157 -33.83 49.11 -72.20
C GLY V 157 -32.50 49.82 -72.21
N ASN V 158 -32.16 50.56 -71.16
CA ASN V 158 -30.90 51.27 -71.08
C ASN V 158 -29.93 50.66 -70.07
N SER V 159 -30.27 49.50 -69.51
CA SER V 159 -29.49 48.86 -68.47
C SER V 159 -29.08 47.46 -68.91
N GLN V 160 -27.93 47.01 -68.43
CA GLN V 160 -27.40 45.69 -68.76
C GLN V 160 -26.78 45.07 -67.52
N GLU V 161 -26.94 43.76 -67.38
CA GLU V 161 -26.56 43.05 -66.17
C GLU V 161 -25.62 41.89 -66.52
N SER V 162 -24.78 41.54 -65.55
CA SER V 162 -23.92 40.36 -65.64
C SER V 162 -23.72 39.79 -64.25
N VAL V 163 -23.78 38.47 -64.13
CA VAL V 163 -23.75 37.79 -62.83
C VAL V 163 -22.48 36.96 -62.74
N THR V 164 -21.80 37.08 -61.61
CA THR V 164 -20.58 36.31 -61.36
C THR V 164 -20.92 34.85 -61.07
N GLU V 165 -20.01 33.96 -61.45
CA GLU V 165 -20.15 32.55 -61.12
C GLU V 165 -20.08 32.35 -59.60
N GLN V 166 -20.54 31.19 -59.15
CA GLN V 166 -20.61 30.93 -57.72
C GLN V 166 -19.21 30.81 -57.12
N ASP V 167 -18.99 31.50 -56.01
CA ASP V 167 -17.68 31.47 -55.36
C ASP V 167 -17.45 30.10 -54.75
N SER V 168 -16.21 29.60 -54.89
CA SER V 168 -15.89 28.28 -54.38
C SER V 168 -15.77 28.27 -52.85
N LYS V 169 -15.41 29.39 -52.24
CA LYS V 169 -15.15 29.38 -50.80
C LYS V 169 -16.40 29.60 -49.96
N ASP V 170 -17.28 30.53 -50.36
CA ASP V 170 -18.44 30.85 -49.54
C ASP V 170 -19.78 30.69 -50.27
N SER V 171 -19.76 30.30 -51.55
CA SER V 171 -20.98 29.94 -52.28
C SER V 171 -21.96 31.10 -52.39
N THR V 172 -21.44 32.30 -52.69
CA THR V 172 -22.27 33.47 -52.94
C THR V 172 -22.01 33.98 -54.35
N TYR V 173 -22.94 34.78 -54.88
CA TYR V 173 -22.77 35.33 -56.21
C TYR V 173 -22.65 36.85 -56.11
N SER V 174 -22.37 37.47 -57.26
CA SER V 174 -22.25 38.92 -57.35
C SER V 174 -22.84 39.40 -58.67
N LEU V 175 -23.54 40.54 -58.62
CA LEU V 175 -24.22 41.10 -59.78
C LEU V 175 -23.89 42.58 -59.92
N SER V 176 -23.81 43.04 -61.17
CA SER V 176 -23.68 44.46 -61.46
C SER V 176 -24.60 44.82 -62.61
N SER V 177 -25.36 45.89 -62.43
CA SER V 177 -26.20 46.45 -63.48
C SER V 177 -25.66 47.83 -63.85
N THR V 178 -25.57 48.09 -65.15
CA THR V 178 -25.02 49.33 -65.66
C THR V 178 -26.06 50.02 -66.55
N LEU V 179 -26.48 51.21 -66.14
CA LEU V 179 -27.43 52.01 -66.91
C LEU V 179 -26.63 52.97 -67.78
N THR V 180 -26.75 52.82 -69.10
CA THR V 180 -25.99 53.62 -70.06
C THR V 180 -26.82 54.78 -70.56
N LEU V 181 -26.29 55.99 -70.43
CA LEU V 181 -26.94 57.20 -70.89
C LEU V 181 -25.92 58.07 -71.63
N SER V 182 -26.43 59.08 -72.31
CA SER V 182 -25.56 60.05 -72.97
C SER V 182 -25.05 61.08 -71.96
N LYS V 183 -24.10 61.89 -72.40
CA LYS V 183 -23.59 62.97 -71.54
C LYS V 183 -24.70 63.97 -71.23
N ALA V 184 -25.49 64.35 -72.24
CA ALA V 184 -26.59 65.27 -72.01
C ALA V 184 -27.66 64.65 -71.11
N ASP V 185 -27.86 63.34 -71.22
CA ASP V 185 -28.85 62.68 -70.36
C ASP V 185 -28.43 62.72 -68.90
N TYR V 186 -27.13 62.61 -68.63
CA TYR V 186 -26.66 62.71 -67.25
C TYR V 186 -26.74 64.14 -66.73
N GLU V 187 -26.57 65.13 -67.59
CA GLU V 187 -26.62 66.53 -67.18
C GLU V 187 -28.05 67.02 -66.93
N LYS V 188 -29.05 66.37 -67.53
CA LYS V 188 -30.43 66.79 -67.34
C LYS V 188 -30.91 66.51 -65.92
N HIS V 189 -30.66 65.30 -65.43
CA HIS V 189 -31.22 64.83 -64.18
C HIS V 189 -30.20 64.98 -63.05
N LYS V 190 -30.69 64.90 -61.81
CA LYS V 190 -29.82 65.15 -60.66
C LYS V 190 -29.68 63.97 -59.71
N VAL V 191 -30.77 63.26 -59.40
CA VAL V 191 -30.73 62.15 -58.46
C VAL V 191 -31.00 60.85 -59.21
N TYR V 192 -30.08 59.89 -59.10
CA TYR V 192 -30.23 58.59 -59.73
C TYR V 192 -30.26 57.52 -58.65
N ALA V 193 -31.16 56.56 -58.79
CA ALA V 193 -31.39 55.56 -57.76
C ALA V 193 -31.22 54.16 -58.33
N CYS V 194 -30.85 53.22 -57.44
CA CYS V 194 -30.74 51.80 -57.77
C CYS V 194 -31.50 51.03 -56.71
N GLU V 195 -32.68 50.53 -57.07
CA GLU V 195 -33.53 49.79 -56.14
C GLU V 195 -33.36 48.30 -56.38
N VAL V 196 -33.00 47.57 -55.33
CA VAL V 196 -32.79 46.13 -55.39
C VAL V 196 -33.75 45.46 -54.41
N THR V 197 -34.47 44.45 -54.89
CA THR V 197 -35.38 43.66 -54.07
C THR V 197 -34.90 42.22 -54.05
N HIS V 198 -34.54 41.72 -52.88
CA HIS V 198 -34.00 40.37 -52.73
C HIS V 198 -34.66 39.71 -51.53
N GLN V 199 -34.58 38.37 -51.48
CA GLN V 199 -35.21 37.64 -50.39
C GLN V 199 -34.55 37.97 -49.05
N GLY V 200 -33.24 38.14 -49.04
CA GLY V 200 -32.51 38.48 -47.84
C GLY V 200 -32.62 39.93 -47.40
N LEU V 201 -33.55 40.69 -47.97
CA LEU V 201 -33.75 42.09 -47.63
C LEU V 201 -35.13 42.25 -47.03
N SER V 202 -35.20 42.79 -45.80
CA SER V 202 -36.49 43.06 -45.17
C SER V 202 -37.26 44.13 -45.93
N SER V 203 -36.61 45.25 -46.22
CA SER V 203 -37.18 46.30 -47.04
C SER V 203 -36.30 46.53 -48.26
N PRO V 204 -36.88 46.94 -49.39
CA PRO V 204 -36.08 47.18 -50.60
C PRO V 204 -35.05 48.26 -50.35
N VAL V 205 -33.81 48.01 -50.78
CA VAL V 205 -32.71 48.93 -50.61
C VAL V 205 -32.57 49.79 -51.85
N THR V 206 -32.47 51.10 -51.66
CA THR V 206 -32.35 52.06 -52.75
C THR V 206 -31.14 52.95 -52.48
N LYS V 207 -30.06 52.73 -53.21
CA LYS V 207 -28.88 53.57 -53.11
C LYS V 207 -28.93 54.66 -54.16
N SER V 208 -28.61 55.89 -53.75
CA SER V 208 -28.75 57.04 -54.64
C SER V 208 -27.60 58.00 -54.43
N PHE V 209 -27.43 58.90 -55.39
CA PHE V 209 -26.44 59.95 -55.31
C PHE V 209 -27.00 61.18 -56.01
N ASN V 210 -26.45 62.34 -55.66
CA ASN V 210 -26.85 63.61 -56.24
C ASN V 210 -25.77 64.10 -57.20
N ARG V 211 -26.20 64.62 -58.36
CA ARG V 211 -25.25 65.04 -59.38
C ARG V 211 -24.40 66.21 -58.90
N GLY V 212 -24.97 67.07 -58.06
CA GLY V 212 -24.22 68.21 -57.53
C GLY V 212 -23.29 67.87 -56.39
N GLU V 213 -23.49 66.72 -55.74
CA GLU V 213 -22.69 66.33 -54.59
C GLU V 213 -21.57 65.37 -54.99
N GLU W 1 4.09 15.77 -63.77
CA GLU W 1 3.05 16.78 -63.97
C GLU W 1 3.01 17.23 -65.42
N VAL W 2 2.21 16.55 -66.23
CA VAL W 2 2.05 16.92 -67.64
C VAL W 2 1.55 18.37 -67.74
N GLN W 3 2.20 19.15 -68.59
CA GLN W 3 1.84 20.53 -68.83
C GLN W 3 1.54 20.73 -70.31
N LEU W 4 0.39 21.34 -70.61
CA LEU W 4 0.00 21.66 -71.97
C LEU W 4 -0.49 23.11 -72.01
N LEU W 5 0.00 23.88 -72.98
CA LEU W 5 -0.41 25.26 -73.16
C LEU W 5 -0.59 25.55 -74.64
N GLU W 6 -1.64 26.31 -74.95
CA GLU W 6 -1.96 26.69 -76.33
C GLU W 6 -1.44 28.09 -76.62
N SER W 7 -1.42 28.43 -77.92
CA SER W 7 -0.98 29.75 -78.37
C SER W 7 -1.39 29.93 -79.81
N GLY W 8 -1.50 31.19 -80.23
CA GLY W 8 -1.80 31.54 -81.60
C GLY W 8 -3.22 31.96 -81.89
N GLY W 9 -4.09 31.97 -80.88
CA GLY W 9 -5.49 32.35 -81.11
C GLY W 9 -5.68 33.85 -81.07
N GLY W 10 -6.58 34.33 -81.91
CA GLY W 10 -6.88 35.75 -81.96
C GLY W 10 -8.01 36.03 -82.93
N LEU W 11 -8.17 37.30 -83.25
CA LEU W 11 -9.23 37.73 -84.17
C LEU W 11 -8.81 37.46 -85.61
N VAL W 12 -9.65 36.74 -86.33
CA VAL W 12 -9.46 36.48 -87.75
C VAL W 12 -10.71 36.96 -88.48
N GLN W 13 -10.52 37.40 -89.72
CA GLN W 13 -11.68 37.85 -90.48
C GLN W 13 -12.40 36.62 -91.02
N PRO W 14 -13.71 36.70 -91.25
CA PRO W 14 -14.41 35.54 -91.82
C PRO W 14 -13.76 35.15 -93.14
N GLY W 15 -13.39 33.87 -93.25
CA GLY W 15 -12.61 33.43 -94.37
C GLY W 15 -11.15 33.77 -94.12
N GLY W 16 -10.27 32.79 -94.12
CA GLY W 16 -8.87 33.04 -93.87
C GLY W 16 -8.25 31.87 -93.14
N SER W 17 -7.07 32.11 -92.57
CA SER W 17 -6.34 31.06 -91.88
C SER W 17 -5.78 31.58 -90.57
N LEU W 18 -5.38 30.62 -89.72
CA LEU W 18 -4.77 30.88 -88.43
C LEU W 18 -4.16 29.58 -87.93
N ARG W 19 -2.97 29.66 -87.35
CA ARG W 19 -2.26 28.48 -86.85
C ARG W 19 -2.24 28.48 -85.33
N LEU W 20 -2.54 27.34 -84.74
CA LEU W 20 -2.52 27.15 -83.29
C LEU W 20 -1.41 26.17 -82.92
N SER W 21 -0.83 26.36 -81.75
CA SER W 21 0.24 25.51 -81.25
C SER W 21 -0.08 25.02 -79.85
N CYS W 22 0.50 23.87 -79.51
CA CYS W 22 0.32 23.26 -78.18
C CYS W 22 1.66 22.77 -77.68
N ALA W 23 2.23 23.46 -76.70
CA ALA W 23 3.52 23.07 -76.13
C ALA W 23 3.30 21.96 -75.11
N ALA W 24 4.05 20.87 -75.26
CA ALA W 24 3.88 19.67 -74.45
C ALA W 24 5.10 19.45 -73.56
N SER W 25 4.84 19.06 -72.32
CA SER W 25 5.90 18.70 -71.37
C SER W 25 5.31 17.80 -70.31
N GLY W 26 6.19 17.11 -69.58
CA GLY W 26 5.79 16.18 -68.56
C GLY W 26 5.65 14.75 -69.02
N PHE W 27 5.65 14.51 -70.33
CA PHE W 27 5.55 13.16 -70.86
C PHE W 27 6.31 13.10 -72.18
N THR W 28 6.49 11.88 -72.69
CA THR W 28 7.10 11.69 -73.99
C THR W 28 6.05 11.97 -75.06
N PHE W 29 6.26 13.05 -75.82
CA PHE W 29 5.22 13.56 -76.72
C PHE W 29 4.84 12.55 -77.79
N SER W 30 5.79 11.71 -78.22
CA SER W 30 5.49 10.73 -79.26
C SER W 30 4.65 9.58 -78.76
N SER W 31 4.66 9.31 -77.45
CA SER W 31 4.05 8.08 -76.95
C SER W 31 2.53 8.12 -76.95
N TYR W 32 1.92 9.30 -76.82
CA TYR W 32 0.47 9.38 -76.71
C TYR W 32 -0.05 10.26 -77.83
N ALA W 33 -1.24 9.92 -78.33
CA ALA W 33 -1.83 10.72 -79.39
C ALA W 33 -2.29 12.06 -78.84
N MET W 34 -2.50 13.02 -79.74
CA MET W 34 -2.92 14.36 -79.37
C MET W 34 -4.19 14.73 -80.12
N SER W 35 -4.98 15.61 -79.52
CA SER W 35 -6.27 15.98 -80.10
C SER W 35 -6.57 17.45 -79.79
N TRP W 36 -7.47 18.02 -80.58
CA TRP W 36 -8.04 19.33 -80.34
C TRP W 36 -9.52 19.20 -80.05
N VAL W 37 -10.03 20.07 -79.19
CA VAL W 37 -11.45 20.14 -78.84
C VAL W 37 -11.84 21.59 -78.69
N ARG W 38 -12.90 22.01 -79.36
CA ARG W 38 -13.37 23.38 -79.31
C ARG W 38 -14.67 23.49 -78.53
N GLN W 39 -14.92 24.70 -78.02
CA GLN W 39 -16.11 24.96 -77.21
C GLN W 39 -16.50 26.42 -77.39
N ALA W 40 -17.58 26.65 -78.14
CA ALA W 40 -18.13 27.99 -78.24
C ALA W 40 -18.68 28.42 -76.88
N PRO W 41 -18.72 29.73 -76.61
CA PRO W 41 -19.22 30.19 -75.30
C PRO W 41 -20.68 29.80 -75.10
N GLY W 42 -20.98 29.29 -73.91
CA GLY W 42 -22.30 28.78 -73.63
C GLY W 42 -22.67 27.52 -74.39
N LYS W 43 -21.67 26.76 -74.87
CA LYS W 43 -21.90 25.55 -75.62
C LYS W 43 -21.10 24.41 -75.00
N GLY W 44 -21.38 23.19 -75.44
CA GLY W 44 -20.66 22.03 -74.99
C GLY W 44 -19.35 21.85 -75.73
N LEU W 45 -18.61 20.83 -75.30
CA LEU W 45 -17.34 20.50 -75.95
C LEU W 45 -17.60 19.68 -77.21
N GLU W 46 -16.80 19.92 -78.24
CA GLU W 46 -16.96 19.28 -79.54
C GLU W 46 -15.61 18.81 -80.04
N TRP W 47 -15.52 17.53 -80.39
CA TRP W 47 -14.29 17.02 -80.98
C TRP W 47 -14.11 17.57 -82.39
N VAL W 48 -12.87 17.90 -82.74
CA VAL W 48 -12.60 18.50 -84.04
C VAL W 48 -11.52 17.73 -84.79
N SER W 49 -10.41 17.43 -84.13
CA SER W 49 -9.30 16.76 -84.82
C SER W 49 -8.52 15.90 -83.83
N ALA W 50 -7.74 14.99 -84.40
CA ALA W 50 -6.88 14.10 -83.63
C ALA W 50 -5.79 13.55 -84.55
N ILE W 51 -4.61 13.32 -83.98
CA ILE W 51 -3.48 12.80 -84.74
C ILE W 51 -2.83 11.68 -83.93
N SER W 52 -2.31 10.68 -84.64
CA SER W 52 -1.67 9.55 -84.01
C SER W 52 -0.33 9.96 -83.39
N GLY W 53 0.25 9.06 -82.61
CA GLY W 53 1.50 9.36 -81.93
C GLY W 53 2.63 9.68 -82.89
N SER W 54 2.85 8.79 -83.87
CA SER W 54 3.86 9.07 -84.88
C SER W 54 3.40 10.14 -85.86
N GLY W 55 2.09 10.31 -86.02
CA GLY W 55 1.55 11.24 -86.98
C GLY W 55 1.19 10.64 -88.33
N GLY W 56 1.35 9.33 -88.50
CA GLY W 56 1.06 8.70 -89.77
C GLY W 56 -0.40 8.77 -90.18
N SER W 57 -1.30 8.96 -89.22
CA SER W 57 -2.73 9.02 -89.49
C SER W 57 -3.33 10.20 -88.76
N THR W 58 -4.10 11.01 -89.49
CA THR W 58 -4.82 12.14 -88.92
C THR W 58 -6.32 11.90 -89.04
N TYR W 59 -7.08 12.42 -88.07
CA TYR W 59 -8.52 12.21 -88.02
C TYR W 59 -9.21 13.56 -87.88
N TYR W 60 -10.26 13.76 -88.66
CA TYR W 60 -10.96 15.04 -88.72
C TYR W 60 -12.47 14.80 -88.64
N ALA W 61 -13.16 15.71 -87.95
CA ALA W 61 -14.61 15.69 -87.96
C ALA W 61 -15.13 16.18 -89.32
N ASP W 62 -16.38 15.83 -89.62
CA ASP W 62 -16.94 16.17 -90.93
C ASP W 62 -17.16 17.67 -91.08
N SER W 63 -17.36 18.40 -89.97
CA SER W 63 -17.60 19.83 -90.07
C SER W 63 -16.33 20.58 -90.48
N VAL W 64 -15.18 20.18 -89.95
CA VAL W 64 -13.91 20.83 -90.26
C VAL W 64 -13.15 20.07 -91.35
N LYS W 65 -13.76 19.05 -91.94
CA LYS W 65 -13.10 18.27 -92.97
C LYS W 65 -12.83 19.14 -94.19
N GLY W 66 -11.63 19.01 -94.74
CA GLY W 66 -11.23 19.81 -95.88
C GLY W 66 -10.90 21.25 -95.56
N ARG W 67 -10.95 21.65 -94.30
CA ARG W 67 -10.61 23.01 -93.90
C ARG W 67 -9.52 23.07 -92.85
N PHE W 68 -9.59 22.23 -91.83
CA PHE W 68 -8.54 22.20 -90.81
C PHE W 68 -7.57 21.06 -91.09
N THR W 69 -6.30 21.29 -90.76
CA THR W 69 -5.26 20.27 -90.89
C THR W 69 -4.49 20.21 -89.57
N ILE W 70 -4.45 19.02 -88.98
CA ILE W 70 -3.74 18.79 -87.73
C ILE W 70 -2.37 18.21 -88.03
N SER W 71 -1.37 18.62 -87.26
CA SER W 71 0.00 18.17 -87.48
C SER W 71 0.78 18.31 -86.17
N ARG W 72 1.86 17.53 -86.07
CA ARG W 72 2.72 17.54 -84.90
C ARG W 72 4.18 17.51 -85.34
N ASP W 73 5.02 18.13 -84.52
CA ASP W 73 6.47 18.00 -84.64
C ASP W 73 6.99 17.29 -83.40
N ASN W 74 7.77 16.23 -83.60
CA ASN W 74 8.24 15.39 -82.51
C ASN W 74 9.52 15.91 -81.87
N SER W 75 10.36 16.61 -82.63
CA SER W 75 11.56 17.20 -82.05
C SER W 75 11.24 18.41 -81.18
N LYS W 76 10.19 19.16 -81.54
CA LYS W 76 9.78 20.33 -80.78
C LYS W 76 8.74 20.02 -79.72
N ASN W 77 8.17 18.82 -79.73
CA ASN W 77 7.14 18.41 -78.79
C ASN W 77 5.97 19.39 -78.79
N THR W 78 5.38 19.56 -79.98
CA THR W 78 4.32 20.55 -80.13
C THR W 78 3.30 20.08 -81.15
N LEU W 79 2.02 20.27 -80.84
CA LEU W 79 0.91 19.96 -81.72
C LEU W 79 0.41 21.22 -82.40
N TYR W 80 0.17 21.12 -83.72
CA TYR W 80 -0.25 22.29 -84.49
C TYR W 80 -1.61 22.01 -85.12
N LEU W 81 -2.44 23.05 -85.22
CA LEU W 81 -3.71 22.98 -85.94
C LEU W 81 -3.80 24.14 -86.92
N GLN W 82 -3.63 23.85 -88.20
CA GLN W 82 -3.74 24.86 -89.25
C GLN W 82 -5.21 24.94 -89.68
N MET W 83 -5.84 26.08 -89.39
CA MET W 83 -7.26 26.29 -89.65
C MET W 83 -7.42 27.11 -90.92
N ASN W 84 -8.21 26.60 -91.86
CA ASN W 84 -8.41 27.29 -93.13
C ASN W 84 -9.91 27.47 -93.38
N SER W 85 -10.24 28.47 -94.20
CA SER W 85 -11.62 28.79 -94.57
C SER W 85 -12.49 28.94 -93.34
N LEU W 86 -12.04 29.77 -92.41
CA LEU W 86 -12.72 29.94 -91.13
C LEU W 86 -14.08 30.59 -91.32
N ARG W 87 -15.05 30.18 -90.51
CA ARG W 87 -16.41 30.68 -90.54
C ARG W 87 -16.80 31.21 -89.18
N ALA W 88 -17.91 31.94 -89.14
CA ALA W 88 -18.38 32.52 -87.88
C ALA W 88 -18.68 31.45 -86.84
N GLU W 89 -19.12 30.26 -87.29
CA GLU W 89 -19.35 29.17 -86.35
C GLU W 89 -18.06 28.77 -85.62
N ASP W 90 -16.92 28.89 -86.29
CA ASP W 90 -15.66 28.39 -85.74
C ASP W 90 -15.19 29.18 -84.53
N THR W 91 -15.85 30.29 -84.19
CA THR W 91 -15.49 31.06 -83.01
C THR W 91 -15.67 30.21 -81.76
N ALA W 92 -14.56 29.88 -81.11
CA ALA W 92 -14.57 29.04 -79.91
C ALA W 92 -13.16 29.03 -79.34
N VAL W 93 -13.07 28.64 -78.08
CA VAL W 93 -11.79 28.40 -77.42
C VAL W 93 -11.40 26.94 -77.65
N TYR W 94 -10.26 26.73 -78.29
CA TYR W 94 -9.82 25.38 -78.67
C TYR W 94 -8.77 24.92 -77.67
N TYR W 95 -8.93 23.68 -77.18
CA TYR W 95 -8.01 23.14 -76.20
C TYR W 95 -7.28 21.96 -76.82
N CYS W 96 -5.99 21.83 -76.53
CA CYS W 96 -5.24 20.64 -76.94
C CYS W 96 -5.24 19.63 -75.80
N ALA W 97 -5.61 18.39 -76.13
CA ALA W 97 -5.81 17.33 -75.15
C ALA W 97 -5.06 16.08 -75.58
N LYS W 98 -4.19 15.58 -74.69
CA LYS W 98 -3.49 14.34 -74.92
C LYS W 98 -4.44 13.15 -74.92
N SER W 99 -4.07 12.10 -75.66
CA SER W 99 -4.90 10.91 -75.86
C SER W 99 -4.16 9.66 -75.38
N TYR W 100 -4.77 8.94 -74.44
CA TYR W 100 -4.28 7.65 -73.96
C TYR W 100 -4.97 6.50 -74.70
N ASN W 101 -4.91 6.53 -76.04
CA ASN W 101 -5.76 5.68 -76.88
C ASN W 101 -7.23 5.81 -76.51
N HIS W 102 -7.82 4.78 -75.91
CA HIS W 102 -9.23 4.90 -75.53
C HIS W 102 -9.44 6.08 -74.58
N PRO W 103 -8.96 6.05 -73.30
CA PRO W 103 -9.22 7.22 -72.43
C PRO W 103 -8.58 8.48 -72.96
N MET W 104 -9.21 9.06 -73.99
CA MET W 104 -8.69 10.27 -74.58
C MET W 104 -8.93 11.45 -73.66
N PHE W 105 -8.35 12.58 -74.05
CA PHE W 105 -8.53 13.84 -73.36
C PHE W 105 -8.10 13.68 -71.90
N ASP W 106 -7.01 12.94 -71.70
CA ASP W 106 -6.57 12.63 -70.35
C ASP W 106 -6.10 13.90 -69.64
N TYR W 107 -5.38 14.78 -70.34
CA TYR W 107 -5.07 16.08 -69.77
C TYR W 107 -5.46 17.14 -70.79
N TRP W 108 -5.78 18.33 -70.30
CA TRP W 108 -6.36 19.40 -71.09
C TRP W 108 -5.55 20.68 -70.90
N GLY W 109 -5.20 21.33 -72.00
CA GLY W 109 -4.64 22.66 -71.91
C GLY W 109 -5.72 23.69 -71.64
N GLN W 110 -5.29 24.86 -71.15
CA GLN W 110 -6.24 25.91 -70.82
C GLN W 110 -6.99 26.41 -72.04
N GLY W 111 -6.39 26.31 -73.21
CA GLY W 111 -7.10 26.65 -74.43
C GLY W 111 -6.91 28.11 -74.83
N THR W 112 -6.89 28.34 -76.14
CA THR W 112 -6.78 29.67 -76.71
C THR W 112 -8.07 30.01 -77.45
N LEU W 113 -8.43 31.28 -77.41
CA LEU W 113 -9.70 31.75 -77.94
C LEU W 113 -9.52 32.25 -79.36
N VAL W 114 -10.37 31.79 -80.27
CA VAL W 114 -10.36 32.20 -81.67
C VAL W 114 -11.66 32.94 -81.96
N THR W 115 -11.55 34.22 -82.33
CA THR W 115 -12.70 35.03 -82.70
C THR W 115 -12.73 35.16 -84.22
N VAL W 116 -13.84 34.75 -84.83
CA VAL W 116 -14.00 34.87 -86.28
C VAL W 116 -15.03 35.94 -86.56
N SER W 117 -14.58 37.18 -86.72
CA SER W 117 -15.47 38.31 -86.94
C SER W 117 -14.85 39.26 -87.96
N SER W 118 -15.71 39.99 -88.66
CA SER W 118 -15.26 40.98 -89.62
C SER W 118 -14.97 42.33 -88.99
N ALA W 119 -15.50 42.60 -87.81
CA ALA W 119 -15.25 43.87 -87.14
C ALA W 119 -13.76 44.01 -86.80
N SER W 120 -13.33 45.26 -86.69
CA SER W 120 -11.93 45.56 -86.43
C SER W 120 -11.64 45.51 -84.93
N THR W 121 -10.39 45.22 -84.60
CA THR W 121 -9.98 45.22 -83.21
C THR W 121 -10.03 46.63 -82.64
N LYS W 122 -10.72 46.79 -81.52
CA LYS W 122 -10.82 48.07 -80.83
C LYS W 122 -10.28 47.93 -79.42
N GLY W 123 -9.53 48.96 -78.99
CA GLY W 123 -8.95 48.96 -77.67
C GLY W 123 -9.95 49.32 -76.60
N PRO W 124 -9.75 48.80 -75.39
CA PRO W 124 -10.67 49.08 -74.29
C PRO W 124 -10.46 50.48 -73.73
N SER W 125 -11.55 51.03 -73.19
CA SER W 125 -11.52 52.30 -72.48
C SER W 125 -11.72 52.01 -70.99
N VAL W 126 -10.69 52.28 -70.20
CA VAL W 126 -10.70 51.98 -68.77
C VAL W 126 -11.11 53.24 -68.03
N PHE W 127 -12.27 53.21 -67.40
CA PHE W 127 -12.71 54.36 -66.63
C PHE W 127 -12.71 54.02 -65.14
N PRO W 128 -12.30 54.96 -64.28
CA PRO W 128 -12.22 54.65 -62.85
C PRO W 128 -13.60 54.62 -62.21
N LEU W 129 -13.85 53.58 -61.42
CA LEU W 129 -15.07 53.47 -60.63
C LEU W 129 -14.68 53.70 -59.18
N ALA W 130 -14.45 54.97 -58.83
CA ALA W 130 -13.91 55.31 -57.53
C ALA W 130 -15.01 55.28 -56.46
N PRO W 131 -14.64 54.99 -55.22
CA PRO W 131 -15.60 55.13 -54.12
C PRO W 131 -15.98 56.60 -53.91
N SER W 132 -17.03 56.78 -53.12
CA SER W 132 -17.75 58.05 -52.93
C SER W 132 -17.27 59.23 -53.79
N GLY W 139 -16.62 50.40 -42.08
CA GLY W 139 -17.45 49.61 -42.96
C GLY W 139 -16.68 48.98 -44.11
N THR W 140 -17.38 48.66 -45.19
CA THR W 140 -16.78 48.08 -46.38
C THR W 140 -17.01 49.01 -47.56
N ALA W 141 -15.92 49.37 -48.24
CA ALA W 141 -15.98 50.18 -49.45
C ALA W 141 -15.70 49.31 -50.67
N ALA W 142 -16.07 49.82 -51.84
CA ALA W 142 -15.84 49.13 -53.10
C ALA W 142 -15.10 50.04 -54.07
N LEU W 143 -13.98 49.55 -54.58
CA LEU W 143 -13.19 50.23 -55.60
C LEU W 143 -13.25 49.40 -56.87
N GLY W 144 -13.37 50.06 -58.01
CA GLY W 144 -13.52 49.31 -59.25
C GLY W 144 -13.05 50.11 -60.45
N CYS W 145 -13.12 49.45 -61.61
CA CYS W 145 -12.80 50.08 -62.89
C CYS W 145 -13.69 49.48 -63.97
N LEU W 146 -13.97 50.30 -64.98
CA LEU W 146 -14.86 49.94 -66.08
C LEU W 146 -14.05 49.76 -67.35
N VAL W 147 -13.84 48.51 -67.75
CA VAL W 147 -13.23 48.18 -69.03
C VAL W 147 -14.36 48.17 -70.06
N LYS W 148 -14.41 49.18 -70.92
CA LYS W 148 -15.56 49.41 -71.77
C LYS W 148 -15.14 49.59 -73.22
N ASP W 149 -16.01 49.14 -74.12
CA ASP W 149 -15.89 49.40 -75.56
C ASP W 149 -14.63 48.77 -76.14
N TYR W 150 -14.52 47.45 -75.97
CA TYR W 150 -13.39 46.69 -76.50
C TYR W 150 -13.88 45.52 -77.31
N PHE W 151 -13.08 45.11 -78.29
CA PHE W 151 -13.37 43.97 -79.14
C PHE W 151 -12.07 43.50 -79.78
N PRO W 152 -11.80 42.19 -79.79
CA PRO W 152 -12.59 41.12 -79.17
C PRO W 152 -12.16 40.82 -77.74
N GLU W 153 -12.90 39.93 -77.08
CA GLU W 153 -12.48 39.39 -75.80
C GLU W 153 -11.29 38.45 -76.01
N PRO W 154 -10.53 38.14 -74.94
CA PRO W 154 -10.72 38.45 -73.52
C PRO W 154 -9.98 39.70 -73.04
N VAL W 155 -10.18 40.05 -71.77
CA VAL W 155 -9.42 41.11 -71.10
C VAL W 155 -9.01 40.59 -69.73
N THR W 156 -7.72 40.73 -69.40
CA THR W 156 -7.18 40.33 -68.11
C THR W 156 -7.16 41.52 -67.18
N VAL W 157 -7.73 41.36 -65.98
CA VAL W 157 -7.77 42.41 -64.97
C VAL W 157 -7.20 41.88 -63.68
N SER W 158 -6.21 42.58 -63.13
CA SER W 158 -5.65 42.28 -61.83
C SER W 158 -5.52 43.59 -61.05
N TRP W 159 -5.29 43.48 -59.75
CA TRP W 159 -5.22 44.62 -58.86
C TRP W 159 -3.87 44.64 -58.14
N ASN W 160 -3.20 45.79 -58.20
CA ASN W 160 -1.89 45.99 -57.57
C ASN W 160 -0.88 44.98 -58.07
N SER W 161 -0.84 44.79 -59.39
CA SER W 161 0.09 43.89 -60.06
C SER W 161 -0.03 42.47 -59.51
N GLY W 162 -1.26 42.05 -59.23
CA GLY W 162 -1.53 40.71 -58.73
C GLY W 162 -1.40 40.54 -57.24
N ALA W 163 -0.92 41.55 -56.51
CA ALA W 163 -0.79 41.44 -55.06
C ALA W 163 -2.13 41.49 -54.34
N LEU W 164 -3.16 42.05 -54.97
CA LEU W 164 -4.48 42.21 -54.37
C LEU W 164 -5.44 41.24 -55.03
N THR W 165 -5.70 40.11 -54.35
CA THR W 165 -6.66 39.12 -54.81
C THR W 165 -7.77 38.87 -53.79
N SER W 166 -7.88 39.70 -52.76
CA SER W 166 -8.87 39.52 -51.70
C SER W 166 -10.13 40.30 -52.04
N GLY W 167 -11.26 39.61 -52.13
CA GLY W 167 -12.51 40.27 -52.43
C GLY W 167 -12.59 40.88 -53.81
N VAL W 168 -11.79 40.40 -54.75
CA VAL W 168 -11.75 40.94 -56.10
C VAL W 168 -12.75 40.17 -56.95
N HIS W 169 -13.70 40.89 -57.54
CA HIS W 169 -14.73 40.31 -58.39
C HIS W 169 -14.59 40.92 -59.78
N THR W 170 -14.14 40.12 -60.74
CA THR W 170 -14.01 40.54 -62.13
C THR W 170 -15.18 39.91 -62.90
N PHE W 171 -16.08 40.75 -63.40
CA PHE W 171 -17.28 40.13 -63.93
C PHE W 171 -17.10 39.72 -65.38
N PRO W 172 -17.88 38.75 -65.86
CA PRO W 172 -17.77 38.33 -67.26
C PRO W 172 -18.12 39.47 -68.21
N ALA W 173 -17.53 39.41 -69.40
CA ALA W 173 -17.82 40.41 -70.42
C ALA W 173 -19.27 40.29 -70.87
N VAL W 174 -19.96 41.43 -70.91
CA VAL W 174 -21.33 41.49 -71.43
C VAL W 174 -21.31 42.30 -72.72
N LEU W 175 -21.87 41.72 -73.77
CA LEU W 175 -21.92 42.37 -75.08
C LEU W 175 -23.02 43.41 -75.07
N GLN W 176 -22.65 44.68 -75.16
CA GLN W 176 -23.64 45.75 -75.17
C GLN W 176 -24.12 46.02 -76.60
N SER W 177 -25.19 46.79 -76.72
CA SER W 177 -25.93 46.90 -77.98
C SER W 177 -25.06 47.41 -79.12
N SER W 178 -24.02 48.20 -78.80
CA SER W 178 -23.14 48.72 -79.84
C SER W 178 -22.33 47.65 -80.55
N GLY W 179 -22.29 46.43 -80.02
CA GLY W 179 -21.44 45.39 -80.57
C GLY W 179 -20.07 45.30 -79.93
N LEU W 180 -19.85 45.96 -78.81
CA LEU W 180 -18.58 45.98 -78.11
C LEU W 180 -18.75 45.37 -76.74
N TYR W 181 -17.76 44.62 -76.28
CA TYR W 181 -17.85 44.05 -74.95
C TYR W 181 -17.50 45.10 -73.89
N SER W 182 -17.89 44.82 -72.65
CA SER W 182 -17.58 45.69 -71.53
C SER W 182 -17.76 44.92 -70.24
N LEU W 183 -16.75 44.94 -69.39
CA LEU W 183 -16.82 44.31 -68.07
C LEU W 183 -16.40 45.31 -67.01
N SER W 184 -16.68 44.97 -65.76
CA SER W 184 -16.27 45.79 -64.63
C SER W 184 -15.70 44.88 -63.55
N SER W 185 -14.56 45.27 -63.00
CA SER W 185 -13.89 44.51 -61.95
C SER W 185 -13.80 45.38 -60.71
N VAL W 186 -14.20 44.81 -59.56
CA VAL W 186 -14.28 45.55 -58.31
C VAL W 186 -13.51 44.78 -57.24
N VAL W 187 -13.10 45.49 -56.21
CA VAL W 187 -12.39 44.93 -55.07
C VAL W 187 -13.08 45.41 -53.80
N THR W 188 -13.29 44.48 -52.86
CA THR W 188 -13.99 44.78 -51.61
C THR W 188 -12.98 44.83 -50.48
N VAL W 189 -12.83 46.02 -49.90
CA VAL W 189 -11.91 46.25 -48.79
C VAL W 189 -12.65 47.09 -47.76
N PRO W 190 -12.19 47.09 -46.51
CA PRO W 190 -12.84 47.94 -45.52
C PRO W 190 -12.83 49.40 -45.95
N SER W 191 -13.88 50.12 -45.58
CA SER W 191 -14.00 51.53 -45.96
C SER W 191 -12.87 52.34 -45.36
N SER W 192 -12.21 51.77 -44.35
CA SER W 192 -11.13 52.44 -43.65
C SER W 192 -9.84 52.44 -44.46
N SER W 193 -9.51 51.31 -45.10
CA SER W 193 -8.25 51.08 -45.79
C SER W 193 -8.04 51.98 -47.00
N LEU W 194 -9.05 52.80 -47.34
CA LEU W 194 -8.97 53.63 -48.55
C LEU W 194 -7.89 54.70 -48.44
N GLY W 195 -7.59 55.16 -47.23
CA GLY W 195 -6.62 56.21 -47.07
C GLY W 195 -5.17 55.76 -46.97
N THR W 196 -4.87 54.52 -47.40
CA THR W 196 -3.49 54.03 -47.33
C THR W 196 -3.06 53.10 -48.45
N GLN W 197 -3.41 51.81 -48.39
CA GLN W 197 -3.08 50.99 -49.56
C GLN W 197 -3.58 51.69 -50.80
N THR W 198 -2.94 51.42 -51.92
CA THR W 198 -3.23 52.12 -53.15
C THR W 198 -3.59 51.06 -54.16
N TYR W 199 -4.74 51.20 -54.77
CA TYR W 199 -5.33 50.10 -55.52
C TYR W 199 -5.20 50.45 -56.98
N ILE W 200 -4.40 49.67 -57.69
CA ILE W 200 -4.10 49.92 -59.08
C ILE W 200 -4.83 48.87 -59.89
N CYS W 201 -5.39 49.27 -61.02
CA CYS W 201 -6.08 48.33 -61.90
C CYS W 201 -5.17 48.01 -63.07
N ASN W 202 -5.03 46.72 -63.36
CA ASN W 202 -4.14 46.25 -64.41
C ASN W 202 -5.00 45.63 -65.49
N VAL W 203 -5.16 46.32 -66.61
CA VAL W 203 -6.02 45.89 -67.70
C VAL W 203 -5.14 45.54 -68.89
N ASN W 204 -5.38 44.35 -69.45
CA ASN W 204 -4.63 43.88 -70.60
C ASN W 204 -5.61 43.44 -71.68
N HIS W 205 -5.41 43.95 -72.90
CA HIS W 205 -6.18 43.54 -74.07
C HIS W 205 -5.18 43.24 -75.18
N LYS W 206 -4.81 41.97 -75.33
CA LYS W 206 -3.77 41.55 -76.25
C LYS W 206 -4.13 41.80 -77.73
N PRO W 207 -5.38 41.55 -78.17
CA PRO W 207 -5.69 41.82 -79.59
C PRO W 207 -5.40 43.25 -80.02
N SER W 208 -5.56 44.23 -79.14
CA SER W 208 -5.18 45.60 -79.42
C SER W 208 -3.82 45.96 -78.82
N ASN W 209 -3.23 45.08 -78.02
CA ASN W 209 -1.94 45.30 -77.38
C ASN W 209 -1.94 46.62 -76.61
N THR W 210 -2.95 46.80 -75.77
CA THR W 210 -3.07 47.98 -74.92
C THR W 210 -3.10 47.53 -73.47
N LYS W 211 -2.12 47.99 -72.69
CA LYS W 211 -2.02 47.69 -71.27
C LYS W 211 -2.11 49.01 -70.50
N VAL W 212 -3.14 49.14 -69.67
CA VAL W 212 -3.41 50.36 -68.92
C VAL W 212 -3.41 50.03 -67.44
N ASP W 213 -2.68 50.83 -66.67
CA ASP W 213 -2.65 50.72 -65.21
C ASP W 213 -3.18 52.01 -64.62
N LYS W 214 -4.32 51.94 -63.94
CA LYS W 214 -4.97 53.13 -63.39
C LYS W 214 -5.20 52.97 -61.89
N LYS W 215 -4.88 54.03 -61.16
CA LYS W 215 -5.14 54.09 -59.73
C LYS W 215 -6.62 54.37 -59.50
N VAL W 216 -7.13 53.91 -58.36
CA VAL W 216 -8.51 54.18 -57.96
C VAL W 216 -8.44 55.07 -56.72
N GLU W 217 -8.65 56.37 -56.93
CA GLU W 217 -8.55 57.37 -55.88
C GLU W 217 -9.93 57.89 -55.53
N PRO W 218 -10.29 57.94 -54.23
CA PRO W 218 -11.61 58.40 -53.79
C PRO W 218 -11.91 59.84 -54.23
N ARG X 7 -14.72 4.29 -88.02
CA ARG X 7 -15.95 4.33 -87.24
C ARG X 7 -15.83 3.57 -85.92
N PRO X 8 -15.26 2.36 -85.91
CA PRO X 8 -14.91 1.75 -84.63
C PRO X 8 -13.48 2.10 -84.21
N TRP X 9 -13.34 2.85 -83.11
CA TRP X 9 -12.01 3.17 -82.60
C TRP X 9 -11.52 1.97 -81.80
N ASN X 10 -10.71 1.12 -82.45
CA ASN X 10 -10.20 -0.10 -81.84
C ASN X 10 -8.67 -0.06 -81.77
N PRO X 11 -8.09 0.88 -81.03
CA PRO X 11 -6.63 0.93 -80.93
C PRO X 11 -6.12 -0.28 -80.19
N PRO X 12 -5.25 -1.08 -80.81
CA PRO X 12 -4.74 -2.28 -80.15
C PRO X 12 -4.05 -1.94 -78.84
N THR X 13 -4.02 -2.92 -77.94
CA THR X 13 -3.29 -2.79 -76.69
C THR X 13 -1.93 -3.45 -76.83
N PHE X 14 -0.95 -2.89 -76.14
CA PHE X 14 0.45 -3.27 -76.33
C PHE X 14 1.10 -3.36 -74.95
N SER X 15 1.23 -4.59 -74.45
CA SER X 15 1.67 -4.86 -73.10
C SER X 15 2.86 -5.82 -73.11
N PRO X 16 3.72 -5.76 -72.10
CA PRO X 16 3.73 -4.80 -70.97
C PRO X 16 4.35 -3.45 -71.32
N ALA X 17 4.29 -2.50 -70.39
CA ALA X 17 4.84 -1.17 -70.64
C ALA X 17 6.35 -1.19 -70.67
N LEU X 18 6.99 -1.99 -69.81
CA LEU X 18 8.44 -2.08 -69.73
C LEU X 18 8.86 -3.53 -69.67
N LEU X 19 9.95 -3.86 -70.37
CA LEU X 19 10.46 -5.23 -70.43
C LEU X 19 11.96 -5.21 -70.19
N VAL X 20 12.41 -5.95 -69.19
CA VAL X 20 13.82 -6.15 -68.92
C VAL X 20 14.17 -7.61 -69.19
N VAL X 21 15.12 -7.83 -70.09
CA VAL X 21 15.61 -9.16 -70.42
C VAL X 21 17.13 -9.12 -70.48
N THR X 22 17.75 -10.24 -70.10
CA THR X 22 19.20 -10.36 -70.19
C THR X 22 19.59 -10.62 -71.64
N GLU X 23 20.78 -10.13 -72.01
CA GLU X 23 21.22 -10.21 -73.40
C GLU X 23 21.33 -11.67 -73.84
N GLY X 24 20.79 -11.97 -75.03
CA GLY X 24 20.74 -13.30 -75.56
C GLY X 24 19.44 -14.04 -75.34
N ASP X 25 18.60 -13.56 -74.42
CA ASP X 25 17.33 -14.20 -74.11
C ASP X 25 16.23 -13.64 -75.00
N ASN X 26 15.25 -14.49 -75.31
CA ASN X 26 14.11 -14.02 -76.10
C ASN X 26 13.27 -13.04 -75.29
N ALA X 27 12.84 -11.96 -75.96
CA ALA X 27 11.89 -11.00 -75.41
C ALA X 27 10.65 -11.01 -76.27
N THR X 28 9.48 -11.13 -75.63
CA THR X 28 8.22 -11.29 -76.33
C THR X 28 7.22 -10.27 -75.81
N PHE X 29 6.51 -9.60 -76.71
CA PHE X 29 5.44 -8.69 -76.31
C PHE X 29 4.11 -9.33 -76.72
N THR X 30 3.01 -8.65 -76.37
CA THR X 30 1.68 -9.10 -76.75
C THR X 30 0.88 -7.93 -77.30
N CYS X 31 0.54 -7.99 -78.58
CA CYS X 31 -0.30 -6.98 -79.23
C CYS X 31 -1.67 -7.59 -79.48
N SER X 32 -2.71 -7.03 -78.85
CA SER X 32 -4.06 -7.56 -78.92
C SER X 32 -4.95 -6.57 -79.66
N PHE X 33 -5.61 -7.04 -80.72
CA PHE X 33 -6.49 -6.21 -81.54
C PHE X 33 -7.77 -6.97 -81.83
N SER X 34 -8.91 -6.38 -81.45
CA SER X 34 -10.22 -6.95 -81.73
C SER X 34 -10.69 -6.41 -83.07
N ASN X 35 -10.60 -7.24 -84.10
CA ASN X 35 -10.94 -6.82 -85.46
C ASN X 35 -12.44 -6.61 -85.64
N THR X 36 -12.77 -5.74 -86.58
CA THR X 36 -14.13 -5.62 -87.11
C THR X 36 -14.29 -6.30 -88.46
N SER X 37 -13.22 -6.43 -89.23
CA SER X 37 -13.20 -7.16 -90.49
C SER X 37 -11.98 -8.07 -90.52
N GLU X 38 -11.95 -9.00 -91.47
CA GLU X 38 -10.79 -9.86 -91.64
C GLU X 38 -9.75 -9.26 -92.58
N SER X 39 -10.05 -8.12 -93.19
CA SER X 39 -9.09 -7.42 -94.04
C SER X 39 -8.32 -6.44 -93.14
N PHE X 40 -7.28 -6.97 -92.51
CA PHE X 40 -6.48 -6.16 -91.59
C PHE X 40 -5.10 -6.78 -91.47
N VAL X 41 -4.11 -5.93 -91.19
CA VAL X 41 -2.75 -6.35 -90.95
C VAL X 41 -2.28 -5.71 -89.65
N LEU X 42 -1.34 -6.38 -88.98
CA LEU X 42 -0.68 -5.83 -87.80
C LEU X 42 0.79 -5.65 -88.09
N ASN X 43 1.33 -4.50 -87.73
CA ASN X 43 2.71 -4.16 -87.96
C ASN X 43 3.46 -4.10 -86.64
N TRP X 44 4.77 -4.33 -86.73
CA TRP X 44 5.65 -4.45 -85.57
C TRP X 44 6.72 -3.38 -85.70
N TYR X 45 6.69 -2.39 -84.81
CA TYR X 45 7.42 -1.15 -84.96
C TYR X 45 8.40 -0.95 -83.82
N ARG X 46 9.56 -0.39 -84.17
CA ARG X 46 10.49 0.17 -83.20
C ARG X 46 10.77 1.61 -83.60
N MET X 47 10.89 2.48 -82.61
CA MET X 47 11.26 3.85 -82.88
C MET X 47 12.78 3.86 -82.92
N SER X 48 13.32 3.79 -84.13
CA SER X 48 14.75 3.70 -84.29
C SER X 48 15.37 5.00 -83.80
N PRO X 49 16.68 5.04 -83.65
CA PRO X 49 17.35 6.33 -83.40
C PRO X 49 17.05 7.31 -84.53
N SER X 50 16.60 6.78 -85.67
CA SER X 50 16.07 7.66 -86.70
C SER X 50 14.75 8.32 -86.29
N ASN X 51 14.22 7.97 -85.11
CA ASN X 51 13.00 8.58 -84.56
C ASN X 51 11.84 8.53 -85.54
N GLN X 52 11.63 7.33 -86.10
CA GLN X 52 10.61 7.11 -87.11
C GLN X 52 10.11 5.68 -86.94
N THR X 53 8.84 5.45 -87.27
CA THR X 53 8.26 4.12 -87.16
C THR X 53 8.89 3.20 -88.19
N ASP X 54 9.84 2.38 -87.74
CA ASP X 54 10.52 1.41 -88.60
C ASP X 54 9.79 0.08 -88.49
N LYS X 55 9.30 -0.42 -89.62
CA LYS X 55 8.53 -1.66 -89.64
C LYS X 55 9.48 -2.83 -89.40
N LEU X 56 9.45 -3.37 -88.18
CA LEU X 56 10.35 -4.48 -87.83
C LEU X 56 9.85 -5.78 -88.45
N ALA X 57 8.56 -6.05 -88.33
CA ALA X 57 7.93 -7.24 -88.91
C ALA X 57 6.45 -6.94 -89.09
N ALA X 58 5.74 -7.88 -89.69
CA ALA X 58 4.32 -7.70 -89.97
C ALA X 58 3.70 -9.06 -90.27
N PHE X 59 2.43 -9.20 -89.91
CA PHE X 59 1.68 -10.40 -90.23
C PHE X 59 0.25 -10.05 -90.62
N PRO X 60 -0.21 -10.43 -91.82
CA PRO X 60 0.43 -11.31 -92.83
C PRO X 60 1.79 -10.84 -93.34
N GLU X 61 2.65 -11.80 -93.68
CA GLU X 61 4.01 -11.50 -94.10
C GLU X 61 4.03 -10.56 -95.30
N ASP X 62 4.72 -9.43 -95.15
CA ASP X 62 4.89 -8.51 -96.26
C ASP X 62 5.76 -9.17 -97.32
N ARG X 63 5.17 -9.49 -98.47
CA ARG X 63 5.87 -10.23 -99.50
C ARG X 63 6.55 -9.33 -100.52
N SER X 64 6.51 -8.01 -100.33
CA SER X 64 7.22 -7.09 -101.21
C SER X 64 8.72 -7.12 -100.94
N GLN X 65 9.13 -7.00 -99.68
CA GLN X 65 10.53 -7.13 -99.30
C GLN X 65 10.73 -8.36 -98.44
N PRO X 66 10.88 -9.55 -99.03
CA PRO X 66 11.15 -10.74 -98.22
C PRO X 66 12.56 -10.75 -97.68
N GLY X 67 12.96 -11.86 -97.06
CA GLY X 67 14.29 -11.92 -96.48
C GLY X 67 14.51 -10.91 -95.36
N GLN X 68 13.47 -10.63 -94.58
CA GLN X 68 13.57 -9.70 -93.47
C GLN X 68 14.40 -10.35 -92.36
N ASP X 69 14.48 -9.68 -91.22
CA ASP X 69 15.19 -10.23 -90.08
C ASP X 69 14.29 -11.24 -89.39
N CYS X 70 14.67 -12.51 -89.46
CA CYS X 70 13.93 -13.55 -88.72
C CYS X 70 14.10 -13.40 -87.22
N ARG X 71 14.95 -12.46 -86.78
CA ARG X 71 15.15 -12.23 -85.36
C ARG X 71 13.99 -11.49 -84.72
N PHE X 72 13.15 -10.82 -85.51
CA PHE X 72 11.93 -10.21 -85.02
C PHE X 72 10.78 -11.00 -85.61
N ARG X 73 9.94 -11.59 -84.76
CA ARG X 73 8.89 -12.48 -85.19
C ARG X 73 7.53 -12.01 -84.66
N VAL X 74 6.49 -12.36 -85.41
CA VAL X 74 5.11 -12.05 -85.06
C VAL X 74 4.29 -13.32 -85.24
N THR X 75 3.60 -13.75 -84.18
CA THR X 75 2.84 -14.99 -84.18
C THR X 75 1.40 -14.69 -83.81
N GLN X 76 0.47 -15.27 -84.56
CA GLN X 76 -0.96 -15.14 -84.27
C GLN X 76 -1.36 -16.24 -83.30
N LEU X 77 -1.76 -15.85 -82.09
CA LEU X 77 -2.34 -16.82 -81.18
C LEU X 77 -3.68 -17.27 -81.72
N PRO X 78 -4.04 -18.55 -81.55
CA PRO X 78 -5.25 -19.07 -82.19
C PRO X 78 -6.56 -18.60 -81.55
N ASN X 79 -6.48 -17.60 -80.66
CA ASN X 79 -7.68 -17.09 -80.01
C ASN X 79 -8.42 -16.07 -80.87
N GLY X 80 -7.76 -15.50 -81.88
CA GLY X 80 -8.41 -14.58 -82.79
C GLY X 80 -8.16 -13.11 -82.51
N ARG X 81 -7.41 -12.78 -81.47
CA ARG X 81 -7.20 -11.38 -81.08
C ARG X 81 -5.78 -11.06 -80.65
N ASP X 82 -5.01 -12.00 -80.12
CA ASP X 82 -3.71 -11.72 -79.53
C ASP X 82 -2.60 -12.16 -80.47
N PHE X 83 -1.62 -11.28 -80.69
CA PHE X 83 -0.42 -11.64 -81.42
C PHE X 83 0.78 -11.49 -80.49
N HIS X 84 1.82 -12.30 -80.73
CA HIS X 84 3.06 -12.25 -79.96
C HIS X 84 4.14 -11.56 -80.78
N MET X 85 4.58 -10.40 -80.30
CA MET X 85 5.70 -9.68 -80.90
C MET X 85 6.97 -10.08 -80.15
N SER X 86 7.87 -10.80 -80.84
CA SER X 86 9.02 -11.40 -80.19
C SER X 86 10.31 -10.99 -80.88
N VAL X 87 11.34 -10.71 -80.08
CA VAL X 87 12.68 -10.37 -80.55
C VAL X 87 13.60 -11.47 -80.06
N VAL X 88 14.04 -12.35 -80.96
CA VAL X 88 14.92 -13.42 -80.53
C VAL X 88 16.34 -12.89 -80.34
N ARG X 89 17.14 -13.65 -79.60
CA ARG X 89 18.56 -13.37 -79.40
C ARG X 89 18.80 -11.90 -79.08
N ALA X 90 18.22 -11.46 -77.96
CA ALA X 90 18.23 -10.03 -77.62
C ALA X 90 19.66 -9.52 -77.50
N ARG X 91 19.91 -8.38 -78.13
CA ARG X 91 21.21 -7.73 -78.11
C ARG X 91 21.05 -6.35 -77.47
N ARG X 92 22.15 -5.80 -76.95
CA ARG X 92 22.06 -4.50 -76.30
C ARG X 92 21.62 -3.41 -77.28
N ASN X 93 21.91 -3.60 -78.57
CA ASN X 93 21.40 -2.68 -79.58
C ASN X 93 19.88 -2.72 -79.66
N ASP X 94 19.26 -3.83 -79.27
CA ASP X 94 17.81 -4.01 -79.38
C ASP X 94 17.02 -3.14 -78.42
N SER X 95 17.68 -2.56 -77.42
CA SER X 95 16.97 -1.73 -76.44
C SER X 95 16.37 -0.49 -77.10
N GLY X 96 15.19 -0.11 -76.63
CA GLY X 96 14.52 1.06 -77.17
C GLY X 96 13.03 1.01 -76.87
N THR X 97 12.29 1.86 -77.57
CA THR X 97 10.85 1.98 -77.40
C THR X 97 10.14 1.41 -78.62
N TYR X 98 9.21 0.48 -78.40
CA TYR X 98 8.53 -0.20 -79.49
C TYR X 98 7.04 0.05 -79.40
N LEU X 99 6.32 -0.35 -80.45
CA LEU X 99 4.86 -0.34 -80.45
C LEU X 99 4.38 -1.25 -81.58
N CYS X 100 3.07 -1.52 -81.58
CA CYS X 100 2.42 -2.25 -82.65
C CYS X 100 1.28 -1.39 -83.23
N GLY X 101 0.94 -1.68 -84.47
CA GLY X 101 -0.13 -0.97 -85.14
C GLY X 101 -0.93 -1.85 -86.08
N ALA X 102 -2.25 -1.69 -86.08
CA ALA X 102 -3.14 -2.48 -86.91
C ALA X 102 -3.73 -1.62 -88.02
N ILE X 103 -3.71 -2.12 -89.25
CA ILE X 103 -4.23 -1.41 -90.41
C ILE X 103 -5.35 -2.28 -90.98
N SER X 104 -6.60 -1.87 -90.75
CA SER X 104 -7.72 -2.51 -91.42
C SER X 104 -7.68 -2.20 -92.90
N LEU X 105 -7.82 -3.22 -93.74
CA LEU X 105 -7.82 -3.04 -95.19
C LEU X 105 -9.19 -2.52 -95.66
N ALA X 106 -9.49 -1.30 -95.25
CA ALA X 106 -10.66 -0.60 -95.71
C ALA X 106 -10.22 0.51 -96.67
N PRO X 107 -11.08 0.93 -97.60
CA PRO X 107 -10.59 1.78 -98.70
C PRO X 107 -9.80 3.01 -98.25
N LYS X 108 -10.29 3.73 -97.24
CA LYS X 108 -9.61 4.90 -96.74
C LYS X 108 -8.99 4.71 -95.36
N ALA X 109 -9.06 3.50 -94.79
CA ALA X 109 -8.60 3.27 -93.43
C ALA X 109 -7.09 3.51 -93.31
N GLN X 110 -6.63 3.61 -92.07
CA GLN X 110 -5.25 4.00 -91.76
C GLN X 110 -4.78 3.18 -90.57
N ILE X 111 -3.76 3.68 -89.89
CA ILE X 111 -3.06 2.94 -88.84
C ILE X 111 -3.63 3.33 -87.48
N LYS X 112 -3.98 2.34 -86.67
CA LYS X 112 -4.35 2.56 -85.27
C LYS X 112 -3.13 2.20 -84.42
N GLU X 113 -2.52 3.21 -83.81
CA GLU X 113 -1.25 3.03 -83.12
C GLU X 113 -1.52 2.68 -81.66
N SER X 114 -0.97 1.55 -81.22
CA SER X 114 -1.06 1.15 -79.82
C SER X 114 -0.13 2.00 -78.97
N LEU X 115 -0.29 1.89 -77.65
CA LEU X 115 0.62 2.57 -76.75
C LEU X 115 2.01 1.97 -76.86
N ARG X 116 3.01 2.77 -76.51
CA ARG X 116 4.40 2.35 -76.66
C ARG X 116 4.86 1.57 -75.44
N ALA X 117 5.93 0.80 -75.64
CA ALA X 117 6.57 0.06 -74.57
C ALA X 117 8.07 0.17 -74.74
N GLU X 118 8.79 -0.11 -73.64
CA GLU X 118 10.24 -0.03 -73.64
C GLU X 118 10.83 -1.42 -73.46
N LEU X 119 11.93 -1.69 -74.16
CA LEU X 119 12.69 -2.92 -74.02
C LEU X 119 14.09 -2.57 -73.52
N ARG X 120 14.55 -3.30 -72.50
CA ARG X 120 15.84 -3.04 -71.88
C ARG X 120 16.65 -4.32 -71.86
N VAL X 121 17.82 -4.29 -72.49
CA VAL X 121 18.73 -5.43 -72.54
C VAL X 121 19.87 -5.18 -71.57
N THR X 122 20.11 -6.14 -70.68
CA THR X 122 21.10 -6.02 -69.63
C THR X 122 22.38 -6.74 -70.09
N GLU X 123 23.32 -6.92 -69.17
CA GLU X 123 24.56 -7.66 -69.43
C GLU X 123 24.35 -8.94 -70.22
C1 NAG Y . 20.13 -9.07 91.89
C2 NAG Y . 20.14 -8.30 93.19
C3 NAG Y . 21.22 -7.24 93.17
C4 NAG Y . 22.54 -7.88 92.78
C5 NAG Y . 22.40 -8.64 91.46
C6 NAG Y . 23.71 -9.30 91.05
C7 NAG Y . 17.81 -8.35 93.89
C8 NAG Y . 16.46 -7.74 93.63
N2 NAG Y . 18.84 -7.67 93.41
O3 NAG Y . 21.33 -6.64 94.45
O4 NAG Y . 23.53 -6.86 92.68
O5 NAG Y . 21.41 -9.64 91.63
O6 NAG Y . 24.74 -8.31 90.88
O7 NAG Y . 17.94 -9.40 94.49
C1 NAG Y . 24.46 -7.00 93.78
C2 NAG Y . 25.54 -5.92 93.65
C3 NAG Y . 26.56 -6.11 94.75
C4 NAG Y . 25.88 -6.13 96.12
C5 NAG Y . 24.78 -7.18 96.11
C6 NAG Y . 24.01 -7.20 97.43
C7 NAG Y . 25.71 -5.32 91.32
C8 NAG Y . 26.21 -3.91 91.18
N2 NAG Y . 26.18 -5.99 92.36
O3 NAG Y . 27.51 -5.04 94.70
O4 NAG Y . 26.86 -6.44 97.12
O5 NAG Y . 23.85 -6.90 95.06
O6 NAG Y . 23.05 -8.26 97.40
O7 NAG Y . 24.92 -5.80 90.54
C1 BMA Y . 26.91 -5.41 98.12
C2 BMA Y . 27.73 -4.20 97.70
C3 BMA Y . 27.95 -3.30 98.89
C4 BMA Y . 26.60 -2.93 99.48
C5 BMA Y . 25.79 -4.17 99.80
C6 BMA Y . 24.41 -3.81 100.32
O2 BMA Y . 27.01 -3.46 96.69
O3 BMA Y . 28.64 -2.10 98.49
O4 BMA Y . 26.81 -2.17 100.69
O5 BMA Y . 25.65 -4.97 98.61
O6 BMA Y . 23.67 -5.00 100.58
C1 MAN Y . 29.81 -2.42 97.70
C2 MAN Y . 30.95 -1.44 97.98
C3 MAN Y . 30.61 -0.07 97.43
C4 MAN Y . 30.20 -0.18 95.96
C5 MAN Y . 29.11 -1.22 95.80
C6 MAN Y . 28.70 -1.38 94.34
O2 MAN Y . 32.14 -1.92 97.36
O3 MAN Y . 31.74 0.80 97.54
O4 MAN Y . 29.74 1.10 95.50
O5 MAN Y . 29.59 -2.46 96.29
O6 MAN Y . 27.67 -2.36 94.24
C1 NAG Z . 44.14 -41.09 31.47
C2 NAG Z . 44.98 -41.78 32.54
C3 NAG Z . 46.05 -42.65 31.90
C4 NAG Z . 45.38 -43.58 30.89
C5 NAG Z . 44.61 -42.77 29.86
C6 NAG Z . 43.96 -43.68 28.84
C7 NAG Z . 44.92 -40.19 34.36
C8 NAG Z . 45.66 -39.10 35.09
N2 NAG Z . 45.60 -40.79 33.39
O3 NAG Z . 46.68 -43.42 32.92
O4 NAG Z . 46.36 -44.44 30.23
O5 NAG Z . 43.61 -42.02 30.53
O6 NAG Z . 43.50 -42.93 27.70
O7 NAG Z . 43.78 -40.51 34.66
C1 NAG Z . 46.03 -45.86 30.33
C2 NAG Z . 47.01 -46.48 31.33
C3 NAG Z . 46.71 -47.98 31.49
C4 NAG Z . 45.24 -48.22 31.80
C5 NAG Z . 44.35 -47.48 30.80
C6 NAG Z . 42.87 -47.56 31.14
C7 NAG Z . 49.15 -45.30 31.43
C8 NAG Z . 50.56 -45.23 30.89
N2 NAG Z . 48.39 -46.27 30.93
O3 NAG Z . 47.53 -48.51 32.54
O4 NAG Z . 44.94 -49.61 31.77
O5 NAG Z . 44.69 -46.09 30.76
O6 NAG Z . 42.08 -47.60 29.97
O7 NAG Z . 48.74 -44.52 32.27
C1 BMA Z . 45.52 -50.26 30.61
C2 BMA Z . 45.90 -51.71 30.99
C3 BMA Z . 46.45 -52.44 29.77
C4 BMA Z . 45.55 -52.26 28.52
C5 BMA Z . 45.22 -50.78 28.30
C6 BMA Z . 44.28 -50.53 27.15
O2 BMA Z . 44.75 -52.43 31.42
O3 BMA Z . 46.63 -53.83 30.04
O4 BMA Z . 46.22 -52.77 27.38
O5 BMA Z . 44.62 -50.27 29.51
O6 BMA Z . 44.07 -49.13 27.02
C1 FUC Z . 42.09 -43.11 27.42
C2 FUC Z . 41.48 -44.50 27.62
C3 FUC Z . 40.95 -44.68 29.03
C4 FUC Z . 40.06 -43.51 29.41
C5 FUC Z . 40.82 -42.21 29.24
C6 FUC Z . 39.98 -41.02 29.64
O2 FUC Z . 42.43 -45.54 27.31
O3 FUC Z . 40.20 -45.90 29.12
O4 FUC Z . 38.90 -43.50 28.56
O5 FUC Z . 41.22 -42.07 27.87
C1 NAG AA . 20.03 -43.00 18.01
C2 NAG AA . 19.14 -43.97 17.24
C3 NAG AA . 19.19 -45.34 17.89
C4 NAG AA . 20.63 -45.81 18.05
C5 NAG AA . 21.48 -44.75 18.74
C6 NAG AA . 22.94 -45.13 18.68
C7 NAG AA . 17.36 -42.63 16.31
C8 NAG AA . 16.24 -41.73 16.72
N2 NAG AA . 17.78 -43.49 17.22
O3 NAG AA . 18.47 -46.26 17.06
O4 NAG AA . 20.66 -46.98 18.86
O5 NAG AA . 21.35 -43.51 18.07
O6 NAG AA . 23.39 -44.83 17.36
O7 NAG AA . 17.85 -42.59 15.20
C1 NAG AA . 20.74 -48.15 18.02
C2 NAG AA . 21.56 -49.22 18.73
C3 NAG AA . 21.59 -50.50 17.90
C4 NAG AA . 20.17 -50.95 17.55
C5 NAG AA . 19.41 -49.80 16.89
C6 NAG AA . 17.96 -50.13 16.62
C7 NAG AA . 23.24 -48.07 20.09
C8 NAG AA . 24.69 -47.68 20.22
N2 NAG AA . 22.91 -48.76 19.00
O3 NAG AA . 22.25 -51.52 18.63
O4 NAG AA . 20.21 -52.06 16.68
O5 NAG AA . 19.43 -48.64 17.73
O6 NAG AA . 17.25 -48.99 16.15
O7 NAG AA . 22.41 -47.75 20.94
C1 FUC AA . 24.56 -45.59 17.04
C2 FUC AA . 24.54 -45.81 15.53
C3 FUC AA . 24.53 -44.45 14.85
C4 FUC AA . 25.72 -43.64 15.32
C5 FUC AA . 25.74 -43.56 16.84
C6 FUC AA . 26.98 -42.82 17.32
O2 FUC AA . 23.37 -46.54 15.16
O3 FUC AA . 24.59 -44.63 13.43
O4 FUC AA . 26.92 -44.25 14.85
O5 FUC AA . 25.73 -44.88 17.39
C1 NAG BA . 36.31 16.98 -16.40
C2 NAG BA . 37.80 16.67 -16.46
C3 NAG BA . 38.50 17.22 -15.22
C4 NAG BA . 38.21 18.71 -15.05
C5 NAG BA . 36.70 18.97 -15.09
C6 NAG BA . 36.36 20.44 -15.13
C7 NAG BA . 38.23 14.67 -17.80
C8 NAG BA . 38.48 13.20 -17.77
N2 NAG BA . 38.05 15.25 -16.61
O3 NAG BA . 39.90 17.02 -15.34
O4 NAG BA . 38.69 19.10 -13.77
O5 NAG BA . 36.12 18.39 -16.27
O6 NAG BA . 34.98 20.67 -14.87
O7 NAG BA . 38.16 15.30 -18.85
C1 NAG BA . 39.53 20.28 -13.80
C2 NAG BA . 39.29 21.07 -12.50
C3 NAG BA . 40.21 22.29 -12.44
C4 NAG BA . 41.66 21.89 -12.67
C5 NAG BA . 41.78 21.08 -13.97
C6 NAG BA . 43.17 20.57 -14.20
C7 NAG BA . 37.30 21.70 -11.22
C8 NAG BA . 35.86 22.14 -11.27
N2 NAG BA . 37.90 21.48 -12.40
O3 NAG BA . 40.07 22.92 -11.18
O4 NAG BA . 42.48 23.04 -12.75
O5 NAG BA . 40.91 19.95 -13.92
O6 NAG BA . 43.38 20.28 -15.59
O7 NAG BA . 37.88 21.57 -10.15
C1 NAG CA . 14.90 31.84 -11.30
C2 NAG CA . 14.49 33.21 -10.77
C3 NAG CA . 15.46 34.27 -11.26
C4 NAG CA . 16.89 33.88 -10.90
C5 NAG CA . 17.20 32.48 -11.38
C6 NAG CA . 18.54 32.01 -10.86
C7 NAG CA . 12.09 33.21 -10.52
C8 NAG CA . 10.84 32.97 -11.30
N2 NAG CA . 13.16 33.54 -11.22
O3 NAG CA . 15.13 35.53 -10.67
O4 NAG CA . 17.80 34.77 -11.55
O5 NAG CA . 16.23 31.57 -10.88
O6 NAG CA . 18.35 31.45 -9.57
O7 NAG CA . 12.12 33.11 -9.31
C1 NAG CA . 18.28 35.76 -10.63
C2 NAG CA . 19.70 36.15 -11.07
C3 NAG CA . 20.23 37.31 -10.24
C4 NAG CA . 19.24 38.47 -10.21
C5 NAG CA . 17.87 37.96 -9.78
C6 NAG CA . 16.80 39.04 -9.84
C7 NAG CA . 20.72 34.10 -11.97
C8 NAG CA . 21.70 32.99 -11.73
N2 NAG CA . 20.60 35.02 -11.00
O3 NAG CA . 21.46 37.74 -10.81
O4 NAG CA . 19.67 39.46 -9.29
O5 NAG CA . 17.45 36.91 -10.65
O6 NAG CA . 15.58 38.60 -9.25
O7 NAG CA . 20.06 34.16 -13.01
C1 BMA CA . 22.39 38.15 -9.79
C2 BMA CA . 23.83 37.75 -10.23
C3 BMA CA . 24.85 38.32 -9.25
C4 BMA CA . 24.62 39.82 -9.02
C5 BMA CA . 23.17 40.07 -8.57
C6 BMA CA . 22.85 41.54 -8.39
O2 BMA CA . 24.12 38.29 -11.51
O3 BMA CA . 26.18 38.11 -9.71
O4 BMA CA . 25.50 40.30 -8.00
O5 BMA CA . 22.31 39.56 -9.59
O6 BMA CA . 21.47 41.67 -8.04
C1 FUC CA . 19.47 31.77 -8.72
C2 FUC CA . 18.91 32.44 -7.47
C3 FUC CA . 17.97 31.49 -6.77
C4 FUC CA . 18.66 30.17 -6.51
C5 FUC CA . 19.26 29.62 -7.79
C6 FUC CA . 20.01 28.32 -7.54
O2 FUC CA . 18.21 33.64 -7.84
O3 FUC CA . 17.55 32.05 -5.52
O4 FUC CA . 19.70 30.36 -5.54
O5 FUC CA . 20.16 30.58 -8.34
C1 NAG DA . -34.53 21.86 63.09
C2 NAG DA . -35.98 21.41 63.19
C3 NAG DA . -36.82 22.43 63.93
C4 NAG DA . -36.17 22.75 65.27
C5 NAG DA . -34.73 23.18 65.06
C6 NAG DA . -34.05 23.45 66.39
C7 NAG DA . -36.27 20.06 61.18
C8 NAG DA . -36.48 20.13 59.71
N2 NAG DA . -36.53 21.18 61.86
O3 NAG DA . -38.13 21.91 64.14
O4 NAG DA . -36.90 23.80 65.91
O5 NAG DA . -34.02 22.14 64.39
O6 NAG DA . -34.09 22.26 67.19
O7 NAG DA . -35.90 19.05 61.74
C1 FUC DA . -32.82 21.97 67.81
C2 FUC DA . -31.79 21.34 66.88
C3 FUC DA . -30.85 22.40 66.30
C4 FUC DA . -30.28 23.23 67.43
C5 FUC DA . -31.40 23.90 68.21
C6 FUC DA . -30.85 24.74 69.34
O2 FUC DA . -32.44 20.65 65.81
O3 FUC DA . -29.79 21.77 65.58
O4 FUC DA . -29.52 22.40 68.31
O5 FUC DA . -32.30 22.93 68.75
C1 NAG EA . -12.44 21.90 77.76
C2 NAG EA . -11.96 22.14 79.18
C3 NAG EA . -12.93 21.53 80.18
C4 NAG EA . -14.34 22.03 79.92
C5 NAG EA . -14.72 21.81 78.47
C6 NAG EA . -16.06 22.45 78.15
C7 NAG EA . -9.54 22.23 79.11
C8 NAG EA . -8.38 21.41 78.63
N2 NAG EA . -10.65 21.54 79.37
O3 NAG EA . -12.52 21.88 81.50
O4 NAG EA . -15.27 21.32 80.73
O5 NAG EA . -13.76 22.41 77.62
O6 NAG EA . -15.81 23.82 77.82
O7 NAG EA . -9.48 23.44 79.28
C1 NAG EA . -15.54 22.05 81.94
C2 NAG EA . -17.00 21.80 82.33
C3 NAG EA . -17.32 22.47 83.67
C4 NAG EA . -16.31 22.04 84.73
C5 NAG EA . -14.90 22.28 84.24
C6 NAG EA . -13.84 21.77 85.19
C7 NAG EA . -18.33 21.51 80.28
C8 NAG EA . -19.27 22.16 79.32
N2 NAG EA . -17.91 22.27 81.30
O3 NAG EA . -18.64 22.13 84.08
O4 NAG EA . -16.53 22.76 85.94
O5 NAG EA . -14.68 21.61 82.99
O6 NAG EA . -12.53 22.02 84.70
O7 NAG EA . -17.96 20.35 80.14
C1 FUC EA . -16.83 24.66 78.38
C2 FUC EA . -16.14 25.69 79.25
C3 FUC EA . -15.16 26.49 78.40
C4 FUC EA . -15.87 27.07 77.20
C5 FUC EA . -16.63 25.98 76.44
C6 FUC EA . -17.39 26.55 75.26
O2 FUC EA . -15.45 25.05 80.33
O3 FUC EA . -14.61 27.55 79.20
O4 FUC EA . -16.80 28.07 77.63
O5 FUC EA . -17.53 25.33 77.34
C1 NAG FA . -22.16 -11.52 -84.96
C2 NAG FA . -21.25 -12.11 -86.02
C3 NAG FA . -21.26 -11.29 -87.29
C4 NAG FA . -22.69 -10.94 -87.71
C5 NAG FA . -23.48 -10.39 -86.56
C6 NAG FA . -24.94 -10.16 -86.93
C7 NAG FA . -19.44 -13.14 -84.74
C8 NAG FA . -18.02 -13.02 -84.30
N2 NAG FA . -19.89 -12.18 -85.54
O3 NAG FA . -20.63 -12.02 -88.34
O4 NAG FA . -22.60 -9.92 -88.70
O5 NAG FA . -23.47 -11.32 -85.48
O6 NAG FA . -25.64 -11.38 -86.67
O7 NAG FA . -20.15 -14.07 -84.39
C1 NAG FA . -23.13 -10.40 -89.95
C2 NAG FA . -23.69 -9.18 -90.64
C3 NAG FA . -24.10 -9.45 -92.08
C4 NAG FA . -23.03 -10.24 -92.83
C5 NAG FA . -22.56 -11.43 -92.01
C6 NAG FA . -21.42 -12.14 -92.73
C7 NAG FA . -24.75 -7.66 -89.06
C8 NAG FA . -25.98 -6.82 -88.92
N2 NAG FA . -24.85 -8.67 -89.93
O3 NAG FA . -24.22 -8.17 -92.68
O4 NAG FA . -23.58 -10.70 -94.06
O5 NAG FA . -22.09 -10.99 -90.74
O6 NAG FA . -21.07 -13.33 -92.02
O7 NAG FA . -23.74 -7.45 -88.43
C1 BMA FA . -25.38 -8.08 -93.52
C2 BMA FA . -26.02 -6.73 -93.25
C3 BMA FA . -27.18 -6.48 -94.21
C4 BMA FA . -26.71 -6.66 -95.64
C5 BMA FA . -26.05 -8.02 -95.80
C6 BMA FA . -25.50 -8.19 -97.22
O2 BMA FA . -25.04 -5.70 -93.43
O3 BMA FA . -27.67 -5.15 -94.03
O4 BMA FA . -27.82 -6.55 -96.53
O5 BMA FA . -24.97 -8.15 -94.89
O6 BMA FA . -24.81 -9.45 -97.34
C1 MAN FA . -28.55 -5.02 -92.89
C2 MAN FA . -29.56 -3.92 -93.16
C3 MAN FA . -28.87 -2.59 -93.39
C4 MAN FA . -27.89 -2.30 -92.25
C5 MAN FA . -26.99 -3.50 -92.05
C6 MAN FA . -25.96 -3.27 -90.96
O2 MAN FA . -30.45 -3.81 -92.04
O3 MAN FA . -29.84 -1.54 -93.47
O4 MAN FA . -27.12 -1.14 -92.55
O5 MAN FA . -27.79 -4.63 -91.74
O6 MAN FA . -25.09 -4.41 -90.86
C1 MAN FA . -23.40 -9.22 -97.17
C2 MAN FA . -22.75 -8.92 -98.51
C3 MAN FA . -22.72 -10.15 -99.40
C4 MAN FA . -22.09 -11.31 -98.64
C5 MAN FA . -22.81 -11.52 -97.31
C6 MAN FA . -22.20 -12.67 -96.54
O2 MAN FA . -21.41 -8.47 -98.29
O3 MAN FA . -21.99 -9.89 -100.59
O4 MAN FA . -22.15 -12.49 -99.42
O5 MAN FA . -22.74 -10.31 -96.54
O6 MAN FA . -22.99 -12.92 -95.36
C1 FUC FA . -26.72 -11.53 -87.62
C2 FUC FA . -26.51 -12.89 -88.28
C3 FUC FA . -26.49 -13.97 -87.21
C4 FUC FA . -27.75 -13.88 -86.37
C5 FUC FA . -27.94 -12.46 -85.84
C6 FUC FA . -29.23 -12.33 -85.05
O2 FUC FA . -25.29 -12.90 -89.02
O3 FUC FA . -26.42 -15.25 -87.85
O4 FUC FA . -28.88 -14.24 -87.15
O5 FUC FA . -27.96 -11.55 -86.94
C1 NAG GA . 6.98 39.13 -14.47
C2 NAG GA . 7.91 39.31 -13.29
C3 NAG GA . 7.20 38.84 -12.02
C4 NAG GA . 5.83 39.49 -11.88
C5 NAG GA . 5.03 39.43 -13.16
C6 NAG GA . 3.82 40.36 -13.09
C7 NAG GA . 10.17 39.04 -14.16
C8 NAG GA . 11.26 39.64 -13.32
N2 NAG GA . 9.14 38.56 -13.48
O3 NAG GA . 8.00 39.17 -10.88
O4 NAG GA . 5.08 38.79 -10.89
O5 NAG GA . 5.80 39.88 -14.26
O6 NAG GA . 4.26 41.66 -13.51
O7 NAG GA . 10.23 39.00 -15.37
C1 NAG GA . 4.80 39.62 -9.75
C2 NAG GA . 3.39 39.32 -9.24
C3 NAG GA . 3.09 40.13 -8.01
C4 NAG GA . 4.15 39.86 -6.96
C5 NAG GA . 5.51 40.18 -7.54
C6 NAG GA . 6.64 39.95 -6.56
C7 NAG GA . 1.94 38.65 -11.06
C8 NAG GA . 0.56 38.89 -11.62
N2 NAG GA . 2.41 39.60 -10.27
O3 NAG GA . 1.79 39.79 -7.52
O4 NAG GA . 3.88 40.64 -5.79
O5 NAG GA . 5.74 39.37 -8.70
O6 NAG GA . 7.88 40.36 -7.15
O7 NAG GA . 2.57 37.64 -11.31
C1 BMA GA . 3.75 39.81 -4.62
C2 BMA GA . 2.35 39.27 -4.43
C3 BMA GA . 2.25 38.58 -3.08
C4 BMA GA . 3.32 37.51 -3.00
C5 BMA GA . 4.69 38.12 -3.27
C6 BMA GA . 5.79 37.07 -3.20
O2 BMA GA . 2.02 38.34 -5.45
O3 BMA GA . 0.96 37.98 -2.94
O4 BMA GA . 3.31 36.91 -1.70
O5 BMA GA . 4.68 38.73 -4.56
O6 BMA GA . 7.06 37.72 -3.36
C1 FUC GA . 3.77 42.66 -12.60
C2 FUC GA . 4.96 43.46 -12.10
C3 FUC GA . 5.69 44.10 -13.26
C4 FUC GA . 4.71 44.90 -14.10
C5 FUC GA . 3.51 44.05 -14.48
C6 FUC GA . 2.49 44.85 -15.28
O2 FUC GA . 5.86 42.62 -11.37
O3 FUC GA . 6.72 44.96 -12.78
O4 FUC GA . 4.28 46.04 -13.36
O5 FUC GA . 2.89 43.55 -13.29
C1 NAG HA . 8.94 -44.65 17.61
C2 NAG HA . 10.07 -45.31 16.85
C3 NAG HA . 10.17 -44.73 15.45
C4 NAG HA . 8.83 -44.80 14.74
C5 NAG HA . 7.72 -44.22 15.59
C6 NAG HA . 6.37 -44.56 14.97
C7 NAG HA . 11.71 -45.91 18.53
C8 NAG HA . 12.65 -45.32 19.53
N2 NAG HA . 11.32 -45.11 17.55
O3 NAG HA . 11.15 -45.45 14.71
O4 NAG HA . 8.89 -44.04 13.53
O5 NAG HA . 7.72 -44.79 16.88
O6 NAG HA . 6.14 -45.93 15.29
O7 NAG HA . 11.33 -47.06 18.60
C1 NAG HA . 8.92 -44.95 12.42
C2 NAG HA . 8.16 -44.32 11.24
C3 NAG HA . 8.20 -45.26 10.04
C4 NAG HA . 9.64 -45.63 9.70
C5 NAG HA . 10.35 -46.17 10.94
C6 NAG HA . 11.83 -46.42 10.71
C7 NAG HA . 6.40 -42.86 12.16
C8 NAG HA . 4.94 -42.72 12.44
N2 NAG HA . 6.78 -44.01 11.61
O3 NAG HA . 7.58 -44.62 8.93
O4 NAG HA . 9.65 -46.63 8.68
O5 NAG HA . 10.26 -45.23 12.01
O6 NAG HA . 12.48 -46.81 11.90
O7 NAG HA . 7.20 -41.97 12.41
C1 BMA HA . 10.12 -46.02 7.46
C2 BMA HA . 10.76 -47.12 6.59
C3 BMA HA . 11.16 -46.53 5.24
C4 BMA HA . 9.99 -45.76 4.59
C5 BMA HA . 9.43 -44.72 5.57
C6 BMA HA . 8.21 -43.99 5.02
O2 BMA HA . 9.82 -48.15 6.33
O3 BMA HA . 11.64 -47.53 4.35
O4 BMA HA . 10.45 -45.10 3.42
O5 BMA HA . 9.03 -45.40 6.77
O6 BMA HA . 7.81 -43.01 5.97
C1 FUC HA . 5.23 -46.50 14.33
C2 FUC HA . 5.60 -47.98 14.20
C3 FUC HA . 5.47 -48.65 15.57
C4 FUC HA . 4.08 -48.41 16.12
C5 FUC HA . 3.75 -46.93 16.12
C6 FUC HA . 2.34 -46.68 16.63
O2 FUC HA . 6.94 -48.11 13.73
O3 FUC HA . 5.71 -50.05 15.42
O4 FUC HA . 3.13 -49.11 15.32
O5 FUC HA . 3.89 -46.41 14.80
C1 NAG IA . 20.38 7.72 87.06
C2 NAG IA . 21.52 8.69 86.78
C3 NAG IA . 22.06 9.29 88.07
C4 NAG IA . 20.93 9.86 88.90
C5 NAG IA . 19.88 8.77 89.13
C6 NAG IA . 18.74 9.27 90.01
C7 NAG IA . 22.54 7.79 84.77
C8 NAG IA . 22.98 6.43 84.32
N2 NAG IA . 22.59 8.01 86.08
O3 NAG IA . 22.99 10.33 87.77
O4 NAG IA . 21.42 10.33 90.15
O5 NAG IA . 19.37 8.33 87.87
O6 NAG IA . 17.54 9.46 89.25
O7 NAG IA . 22.16 8.64 83.98
C1 FUC IA . 17.62 10.70 88.53
C2 FUC IA . 16.87 10.52 87.23
C3 FUC IA . 15.40 10.25 87.50
C4 FUC IA . 14.85 11.37 88.37
C5 FUC IA . 15.69 11.51 89.63
C6 FUC IA . 15.16 12.64 90.51
O2 FUC IA . 17.44 9.43 86.48
O3 FUC IA . 14.69 10.19 86.26
O4 FUC IA . 14.88 12.60 87.63
O5 FUC IA . 17.04 11.78 89.26
C1 NAG JA . -4.68 16.48 83.91
C2 NAG JA . -5.65 17.62 84.18
C3 NAG JA . -4.92 18.94 84.12
C4 NAG JA . -3.66 18.92 84.96
C5 NAG JA . -2.81 17.69 84.66
C6 NAG JA . -1.62 17.56 85.58
C7 NAG JA . -7.74 16.74 83.29
C8 NAG JA . -8.67 16.73 82.12
N2 NAG JA . -6.73 17.60 83.22
O3 NAG JA . -5.80 19.98 84.60
O4 NAG JA . -2.88 20.08 84.66
O5 NAG JA . -3.60 16.54 84.82
O6 NAG JA . -1.96 16.66 86.64
O7 NAG JA . -7.90 16.01 84.25
C1 NAG JA . -3.09 21.07 85.68
C2 NAG JA . -1.79 21.84 85.88
C3 NAG JA . -1.99 22.91 86.94
C4 NAG JA . -3.18 23.78 86.57
C5 NAG JA . -4.41 22.91 86.34
C6 NAG JA . -5.61 23.76 85.90
C7 NAG JA . 0.03 20.31 85.39
C8 NAG JA . 1.26 19.63 85.92
N2 NAG JA . -0.73 20.94 86.29
O3 NAG JA . -0.81 23.71 87.04
O4 NAG JA . -3.45 24.71 87.63
O5 NAG JA . -4.12 21.97 85.30
O6 NAG JA . -6.72 22.91 85.66
O7 NAG JA . -0.26 20.27 84.21
C1 FUC JA . -1.39 17.10 87.87
C2 FUC JA . -2.52 17.44 88.84
C3 FUC JA . -3.34 16.19 89.12
C4 FUC JA . -2.42 15.06 89.58
C5 FUC JA . -1.28 14.86 88.60
C6 FUC JA . -0.34 13.78 89.08
O2 FUC JA . -3.35 18.44 88.27
O3 FUC JA . -4.30 16.47 90.14
O4 FUC JA . -1.89 15.39 90.87
O5 FUC JA . -0.57 16.09 88.44
C1 NAG KA . -10.98 -11.59 -86.84
C2 NAG KA . -12.13 -12.08 -87.70
C3 NAG KA . -12.32 -13.57 -87.51
C4 NAG KA . -11.01 -14.28 -87.78
C5 NAG KA . -9.91 -13.72 -86.91
C6 NAG KA . -8.55 -14.30 -87.26
C7 NAG KA . -13.73 -10.27 -87.94
C8 NAG KA . -14.45 -9.29 -87.05
N2 NAG KA . -13.36 -11.40 -87.35
O3 NAG KA . -13.32 -14.04 -88.40
O4 NAG KA . -11.17 -15.67 -87.48
O5 NAG KA . -9.80 -12.32 -87.12
O6 NAG KA . -8.00 -13.53 -88.33
O7 NAG KA . -13.51 -10.05 -89.11
C1 NAG KA . -10.99 -16.38 -88.71
C2 NAG KA . -10.23 -17.67 -88.44
C3 NAG KA . -9.97 -18.37 -89.75
C4 NAG KA . -11.32 -18.61 -90.40
C5 NAG KA . -12.05 -17.29 -90.62
C6 NAG KA . -13.41 -17.55 -91.28
C7 NAG KA . -8.90 -17.35 -86.44
C8 NAG KA . -7.52 -17.43 -85.87
N2 NAG KA . -8.97 -17.40 -87.77
O3 NAG KA . -9.31 -19.62 -89.52
O4 NAG KA . -11.16 -19.30 -91.65
O5 NAG KA . -12.23 -16.65 -89.37
O6 NAG KA . -14.03 -16.30 -91.61
O7 NAG KA . -9.89 -17.24 -85.73
C1 BMA KA . -11.70 -20.65 -91.62
C2 BMA KA . -10.58 -21.64 -92.04
C3 BMA KA . -11.15 -23.07 -92.06
C4 BMA KA . -11.93 -23.41 -90.78
C5 BMA KA . -12.99 -22.32 -90.51
C6 BMA KA . -13.78 -22.56 -89.24
O2 BMA KA . -9.53 -21.64 -91.08
O3 BMA KA . -10.12 -24.03 -92.27
O4 BMA KA . -12.55 -24.66 -90.92
O5 BMA KA . -12.32 -21.06 -90.41
O6 BMA KA . -14.82 -21.59 -89.17
C1 FUC KA . -7.39 -14.40 -89.28
C2 FUC KA . -8.01 -14.12 -90.64
C3 FUC KA . -7.78 -12.66 -91.00
C4 FUC KA . -6.30 -12.32 -90.91
C5 FUC KA . -5.75 -12.74 -89.56
C6 FUC KA . -4.25 -12.48 -89.48
O2 FUC KA . -9.41 -14.39 -90.62
O3 FUC KA . -8.25 -12.42 -92.33
O4 FUC KA . -5.61 -13.01 -91.95
O5 FUC KA . -6.00 -14.14 -89.36
C1 NAG LA . 33.46 1.51 -9.19
C2 NAG LA . 33.10 1.74 -7.73
C3 NAG LA . 33.68 3.07 -7.24
C4 NAG LA . 35.19 3.12 -7.51
C5 NAG LA . 35.46 2.84 -8.99
C6 NAG LA . 36.93 2.77 -9.30
C7 NAG LA . 31.06 0.87 -6.68
C8 NAG LA . 29.57 0.98 -6.59
N2 NAG LA . 31.66 1.72 -7.52
O3 NAG LA . 33.43 3.22 -5.85
O4 NAG LA . 35.69 4.40 -7.18
O5 NAG LA . 34.88 1.59 -9.36
O6 NAG LA . 37.18 1.94 -10.44
O7 NAG LA . 31.69 0.06 -6.02
C1 NAG MA . -31.96 32.06 48.21
C2 NAG MA . -31.69 33.37 47.50
C3 NAG MA . -32.55 34.45 48.16
C4 NAG MA . -34.02 34.01 48.18
C5 NAG MA . -34.21 32.54 48.58
C6 NAG MA . -35.59 32.02 48.24
C7 NAG MA . -29.56 33.94 46.45
C8 NAG MA . -28.12 34.29 46.66
N2 NAG MA . -30.29 33.72 47.55
O3 NAG MA . -32.41 35.67 47.46
O4 NAG MA . -34.72 34.81 49.13
O5 NAG MA . -33.27 31.66 47.94
O6 NAG MA . -36.41 31.90 49.40
O7 NAG MA . -30.05 33.86 45.32
C1 NAG NA . -44.37 2.07 -79.62
C2 NAG NA . -45.24 3.13 -80.28
C3 NAG NA . -46.06 2.52 -81.40
C4 NAG NA . -45.16 1.78 -82.39
C5 NAG NA . -44.29 0.77 -81.65
C6 NAG NA . -43.28 0.09 -82.55
C7 NAG NA . -45.73 4.80 -78.54
C8 NAG NA . -46.76 5.32 -77.59
N2 NAG NA . -46.11 3.77 -79.31
O3 NAG NA . -46.78 3.55 -82.08
O4 NAG NA . -45.95 1.10 -83.36
O5 NAG NA . -43.55 1.43 -80.62
O6 NAG NA . -42.28 1.01 -82.99
O7 NAG NA . -44.61 5.29 -78.63
C1 NAG OA . -52.51 -6.06 -67.07
C2 NAG OA . -52.72 -7.49 -67.55
C3 NAG OA . -52.74 -7.55 -69.08
C4 NAG OA . -53.76 -6.57 -69.64
C5 NAG OA . -53.50 -5.17 -69.10
C6 NAG OA . -54.53 -4.16 -69.52
C7 NAG OA . -51.96 -9.39 -66.19
C8 NAG OA . -50.78 -10.20 -65.75
N2 NAG OA . -51.69 -8.38 -67.02
O3 NAG OA . -53.05 -8.87 -69.50
O4 NAG OA . -53.69 -6.55 -71.06
O5 NAG OA . -53.51 -5.19 -67.66
O6 NAG OA . -54.54 -3.03 -68.66
O7 NAG OA . -53.10 -9.65 -65.81
C1 NAG PA . -18.12 45.06 -21.20
C2 NAG PA . -19.51 45.04 -20.55
C3 NAG PA . -19.66 46.23 -19.60
C4 NAG PA . -18.52 46.27 -18.59
C5 NAG PA . -17.18 46.22 -19.31
C6 NAG PA . -16.00 46.12 -18.36
C7 NAG PA . -21.01 43.95 -22.16
C8 NAG PA . -22.09 44.16 -23.18
N2 NAG PA . -20.55 45.06 -21.57
O3 NAG PA . -20.91 46.14 -18.93
O4 NAG PA . -18.61 47.44 -17.80
O5 NAG PA . -17.11 45.09 -20.18
O6 NAG PA . -15.82 44.79 -17.91
O7 NAG PA . -20.59 42.84 -21.87
C1 NAG QA . -15.54 -35.17 14.34
C2 NAG QA . -16.55 -34.48 13.43
C3 NAG QA . -17.05 -35.46 12.38
C4 NAG QA . -15.89 -36.06 11.60
C5 NAG QA . -14.87 -36.67 12.56
C6 NAG QA . -13.60 -37.13 11.86
C7 NAG QA . -17.63 -32.64 14.63
C8 NAG QA . -18.85 -32.21 15.39
N2 NAG QA . -17.64 -33.90 14.19
O3 NAG QA . -17.92 -34.77 11.48
O4 NAG QA . -16.37 -37.08 10.73
O5 NAG QA . -14.46 -35.70 13.55
O6 NAG QA . -12.51 -36.28 12.17
O7 NAG QA . -16.68 -31.89 14.43
C1 NAG RA . 13.65 -17.87 -79.16
C2 NAG RA . 14.47 -19.10 -78.80
C3 NAG RA . 14.85 -19.88 -80.05
C4 NAG RA . 13.62 -20.21 -80.87
C5 NAG RA . 12.81 -18.94 -81.15
C6 NAG RA . 11.50 -19.22 -81.85
C7 NAG RA . 15.69 -18.59 -76.72
C8 NAG RA . 17.00 -18.18 -76.12
N2 NAG RA . 15.66 -18.72 -78.05
O3 NAG RA . 15.52 -21.08 -79.67
O4 NAG RA . 13.98 -20.82 -82.09
O5 NAG RA . 12.50 -18.27 -79.93
O6 NAG RA . 10.50 -19.67 -80.95
O7 NAG RA . 14.69 -18.78 -76.03
C1 NAG SA . 23.74 -4.58 -82.54
C2 NAG SA . 23.55 -4.24 -84.01
C3 NAG SA . 23.07 -5.48 -84.78
C4 NAG SA . 24.04 -6.63 -84.56
C5 NAG SA . 24.21 -6.89 -83.06
C6 NAG SA . 25.26 -7.95 -82.77
C7 NAG SA . 22.88 -2.04 -84.86
C8 NAG SA . 21.79 -1.01 -84.93
N2 NAG SA . 22.60 -3.15 -84.18
O3 NAG SA . 23.00 -5.17 -86.16
O4 NAG SA . 23.54 -7.82 -85.17
O5 NAG SA . 24.66 -5.68 -82.41
O6 NAG SA . 25.71 -7.87 -81.42
O7 NAG SA . 23.98 -1.86 -85.40
#